data_6CRD
#
_entry.id   6CRD
#
_cell.length_a   100.998
_cell.length_b   142.326
_cell.length_c   163.303
_cell.angle_alpha   90.00
_cell.angle_beta   91.48
_cell.angle_gamma   90.00
#
_symmetry.space_group_name_H-M   'P 1 21 1'
#
loop_
_entity.id
_entity.type
_entity.pdbx_description
1 polymer Tetrabrachion,Neuraminidase
2 branched alpha-D-mannopyranose-(1-2)-alpha-D-mannopyranose-(1-2)-alpha-D-mannopyranose-(1-3)-[alpha-D-mannopyranose-(1-3)-[alpha-D-mannopyranose-(1-6)]alpha-D-mannopyranose-(1-6)]beta-D-mannopyranose-(1-4)-2-acetamido-2-deoxy-beta-D-glucopyranose-(1-4)-2-acetamido-2-deoxy-beta-D-glucopyranose
3 branched 2-acetamido-2-deoxy-beta-D-glucopyranose-(1-4)-2-acetamido-2-deoxy-beta-D-glucopyranose
4 branched alpha-D-mannopyranose-(1-3)-beta-D-mannopyranose-(1-4)-2-acetamido-2-deoxy-beta-D-glucopyranose-(1-4)-2-acetamido-2-deoxy-beta-D-glucopyranose
5 non-polymer 2-acetamido-2-deoxy-beta-D-glucopyranose
6 water water
#
_entity_poly.entity_id   1
_entity_poly.type   'polypeptide(L)'
_entity_poly.pdbx_seq_one_letter_code
;MKFLVNVALVFMVVYISYIYADYKDDDDKLVPRGGGSIINETADDIVYRLTVIIDDRYESLKNLITLRADRLEMIINDNV
STILARDFNNLTKGLCTINSWHIYGKDNAVRIGEDSDVLVTREPYVSCDPDECRFYALSQGTTIRGKHSNGTIHDRSQYR
ALISWPLSSPPTVYNSRVECIGWSSTSCHDGKTRMSICISGPNNNASAVIWYNRRPVTEINTWARNILRTQESECVCHNG
VCPVVFTDGSATGPAETRIYYFKEGKILKWEPLAGTAKHIEECSCYGERAEITCTCRDNWQGSNRPVIRIDPVAMTHTSQ
YICSPVLTDNPRPNDPTVGKCNDPYPGNNNNGVKGFSYLDGVNTWLGRTISIASRSGYEMLKVPNALTDDKSKPTQGQTI
VLNTDWSGYSGSFMDYWAEGECYRACFYVELIRGRPKEDKVWWTSNSIVSMCSSTEFLGQWDWPDGAKIEYFL
;
_entity_poly.pdbx_strand_id   A,B,C,D,E,F,G,H
#
# COMPACT_ATOMS: atom_id res chain seq x y z
N GLY A 36 24.77 -55.89 103.93
CA GLY A 36 25.02 -54.55 104.56
C GLY A 36 25.41 -54.67 106.03
N SER A 37 25.79 -53.53 106.64
CA SER A 37 26.15 -53.39 108.04
C SER A 37 26.14 -51.91 108.45
N ILE A 38 26.91 -51.57 109.49
CA ILE A 38 26.90 -50.24 110.13
C ILE A 38 27.48 -49.20 109.19
N ILE A 39 28.54 -49.58 108.46
CA ILE A 39 29.25 -48.71 107.51
C ILE A 39 28.47 -48.64 106.19
N ASN A 40 27.78 -49.73 105.84
CA ASN A 40 26.91 -49.77 104.67
C ASN A 40 25.84 -48.70 104.80
N GLU A 41 25.23 -48.58 106.00
CA GLU A 41 24.05 -47.75 106.18
C GLU A 41 24.45 -46.28 106.37
N THR A 42 25.74 -45.98 106.16
CA THR A 42 26.26 -44.64 106.40
C THR A 42 26.71 -44.04 105.06
N ALA A 43 27.46 -44.85 104.32
CA ALA A 43 27.71 -44.60 102.91
C ALA A 43 26.34 -44.49 102.22
N ASP A 44 25.48 -45.48 102.46
CA ASP A 44 24.18 -45.52 101.81
C ASP A 44 23.46 -44.19 102.02
N ASP A 45 23.70 -43.58 103.19
CA ASP A 45 23.05 -42.33 103.52
C ASP A 45 23.93 -41.14 103.16
N ILE A 46 24.92 -41.38 102.29
CA ILE A 46 25.68 -40.29 101.74
C ILE A 46 25.37 -40.21 100.25
N VAL A 47 25.10 -41.38 99.66
CA VAL A 47 24.64 -41.44 98.29
C VAL A 47 23.31 -40.70 98.23
N TYR A 48 22.34 -41.22 99.00
CA TYR A 48 21.00 -40.69 99.08
C TYR A 48 21.02 -39.16 99.19
N ARG A 49 21.44 -38.63 100.34
CA ARG A 49 21.36 -37.20 100.62
C ARG A 49 22.04 -36.41 99.51
N LEU A 50 22.99 -37.02 98.80
CA LEU A 50 23.69 -36.29 97.75
C LEU A 50 23.03 -36.47 96.38
N THR A 51 22.36 -37.60 96.17
CA THR A 51 21.52 -37.77 94.98
C THR A 51 20.38 -36.76 95.00
N VAL A 52 19.62 -36.70 96.11
CA VAL A 52 18.46 -35.85 96.25
C VAL A 52 18.84 -34.42 95.86
N ILE A 53 19.87 -33.91 96.52
CA ILE A 53 20.37 -32.56 96.34
C ILE A 53 20.70 -32.30 94.86
N ILE A 54 21.50 -33.17 94.25
CA ILE A 54 21.88 -33.05 92.84
C ILE A 54 20.62 -32.96 91.98
N ASP A 55 19.63 -33.80 92.31
CA ASP A 55 18.41 -33.91 91.54
C ASP A 55 17.64 -32.60 91.60
N ASP A 56 17.42 -32.09 92.81
CA ASP A 56 16.71 -30.84 93.03
C ASP A 56 17.37 -29.73 92.22
N ARG A 57 18.67 -29.92 91.97
CA ARG A 57 19.41 -28.91 91.24
C ARG A 57 19.30 -29.17 89.74
N TYR A 58 19.30 -30.44 89.36
CA TYR A 58 19.11 -30.80 87.96
C TYR A 58 17.76 -30.29 87.48
N GLU A 59 16.70 -30.66 88.21
CA GLU A 59 15.36 -30.22 87.89
C GLU A 59 15.29 -28.70 87.82
N SER A 60 15.91 -28.03 88.80
CA SER A 60 15.92 -26.57 88.83
C SER A 60 16.64 -26.01 87.61
N LEU A 61 17.61 -26.76 87.07
CA LEU A 61 18.38 -26.27 85.94
C LEU A 61 17.68 -26.64 84.63
N LYS A 62 17.34 -27.92 84.46
CA LYS A 62 16.53 -28.34 83.32
C LYS A 62 15.37 -27.37 83.11
N ASN A 63 14.56 -27.15 84.17
CA ASN A 63 13.35 -26.32 84.13
C ASN A 63 13.64 -24.93 83.56
N LEU A 64 14.81 -24.37 83.91
CA LEU A 64 15.16 -23.03 83.47
C LEU A 64 15.52 -23.03 81.98
N ILE A 65 16.43 -23.92 81.59
CA ILE A 65 16.94 -23.92 80.22
C ILE A 65 15.76 -24.10 79.27
N THR A 66 14.77 -24.89 79.73
CA THR A 66 13.54 -25.15 79.02
C THR A 66 12.80 -23.84 78.79
N LEU A 67 12.60 -23.08 79.88
CA LEU A 67 11.72 -21.93 79.92
C LEU A 67 12.22 -20.86 78.95
N ARG A 68 13.53 -20.64 78.95
CA ARG A 68 14.04 -19.51 78.22
C ARG A 68 14.12 -19.86 76.73
N ALA A 69 14.42 -21.14 76.48
CA ALA A 69 14.27 -21.75 75.17
C ALA A 69 12.87 -21.45 74.65
N ASP A 70 11.86 -21.64 75.52
CA ASP A 70 10.45 -21.47 75.18
C ASP A 70 10.16 -19.98 75.06
N ARG A 71 10.58 -19.20 76.06
CA ARG A 71 10.54 -17.74 76.03
C ARG A 71 10.93 -17.22 74.64
N LEU A 72 12.10 -17.64 74.15
CA LEU A 72 12.63 -17.13 72.89
C LEU A 72 11.67 -17.44 71.74
N GLU A 73 11.65 -18.70 71.30
CA GLU A 73 10.90 -19.16 70.12
C GLU A 73 9.61 -18.36 69.95
N MET A 74 8.83 -18.33 71.04
CA MET A 74 7.56 -17.64 71.18
C MET A 74 7.72 -16.15 70.83
N ILE A 75 8.57 -15.44 71.60
CA ILE A 75 9.00 -14.10 71.26
C ILE A 75 9.43 -14.07 69.79
N ILE A 76 10.27 -15.02 69.36
CA ILE A 76 10.81 -15.06 68.00
C ILE A 76 9.65 -15.16 67.02
N ASN A 77 8.86 -16.23 67.13
CA ASN A 77 7.77 -16.42 66.17
C ASN A 77 6.93 -15.16 66.08
N ASP A 78 6.42 -14.70 67.23
CA ASP A 78 5.59 -13.51 67.30
C ASP A 78 6.27 -12.36 66.56
N ASN A 79 7.40 -11.91 67.10
CA ASN A 79 8.22 -10.84 66.55
C ASN A 79 8.60 -11.10 65.10
N VAL A 80 8.47 -12.34 64.62
CA VAL A 80 8.70 -12.66 63.21
C VAL A 80 7.40 -12.41 62.44
N SER A 81 6.30 -12.94 63.02
CA SER A 81 4.96 -12.89 62.44
C SER A 81 4.52 -11.44 62.20
N THR A 82 5.02 -10.52 63.05
CA THR A 82 4.68 -9.11 63.02
C THR A 82 5.23 -8.44 61.74
N ILE A 83 6.00 -9.21 60.96
CA ILE A 83 6.78 -8.72 59.85
C ILE A 83 6.07 -9.04 58.53
N LEU A 84 4.88 -9.67 58.67
CA LEU A 84 3.70 -9.45 57.84
C LEU A 84 2.46 -9.77 58.68
N ALA A 85 1.45 -10.35 58.01
CA ALA A 85 0.27 -11.01 58.58
C ALA A 85 -0.98 -10.50 57.84
N ARG A 86 -2.15 -11.08 58.15
CA ARG A 86 -3.41 -10.79 57.45
C ARG A 86 -4.41 -11.89 57.75
N ASP A 87 -5.38 -11.60 58.64
CA ASP A 87 -6.40 -12.55 59.03
C ASP A 87 -7.74 -12.19 58.43
N PHE A 88 -8.61 -13.19 58.32
CA PHE A 88 -9.98 -12.98 57.87
C PHE A 88 -10.67 -12.00 58.80
N ASN A 89 -11.52 -11.17 58.20
CA ASN A 89 -12.27 -10.18 58.94
C ASN A 89 -13.40 -10.87 59.70
N ASN A 90 -13.72 -10.31 60.89
CA ASN A 90 -14.80 -10.79 61.71
C ASN A 90 -15.65 -9.62 62.19
N LEU A 91 -16.92 -9.63 61.76
CA LEU A 91 -17.96 -8.70 62.18
C LEU A 91 -18.20 -8.83 63.68
N THR A 92 -17.41 -8.05 64.44
CA THR A 92 -17.36 -8.17 65.88
C THR A 92 -17.85 -6.86 66.49
N LYS A 93 -18.43 -5.98 65.69
CA LYS A 93 -18.87 -4.71 66.28
C LYS A 93 -20.26 -4.39 65.77
N GLY A 94 -21.02 -3.68 66.61
CA GLY A 94 -22.31 -3.15 66.22
C GLY A 94 -22.09 -1.86 65.44
N LEU A 95 -23.19 -1.21 65.03
CA LEU A 95 -23.13 0.01 64.25
C LEU A 95 -22.90 1.22 65.15
N CYS A 96 -22.27 2.27 64.60
CA CYS A 96 -22.15 3.49 65.36
C CYS A 96 -23.52 4.16 65.37
N THR A 97 -23.87 4.83 66.49
CA THR A 97 -25.16 5.47 66.64
C THR A 97 -25.27 6.54 65.55
N ILE A 98 -26.31 6.42 64.71
CA ILE A 98 -26.52 7.33 63.59
C ILE A 98 -27.43 8.47 64.04
N ASN A 99 -26.85 9.68 64.13
CA ASN A 99 -27.49 10.91 64.56
C ASN A 99 -27.58 11.91 63.41
N SER A 100 -26.60 11.83 62.52
CA SER A 100 -26.62 12.59 61.28
C SER A 100 -25.75 11.85 60.29
N TRP A 101 -25.93 12.17 59.01
CA TRP A 101 -25.03 11.67 58.00
C TRP A 101 -24.08 12.81 57.66
N HIS A 102 -22.91 12.50 57.09
CA HIS A 102 -21.88 13.45 56.68
C HIS A 102 -21.24 12.94 55.39
N ILE A 103 -20.75 13.85 54.55
CA ILE A 103 -20.18 13.55 53.24
C ILE A 103 -18.85 12.80 53.32
N TYR A 104 -18.48 12.19 52.19
CA TYR A 104 -17.46 11.14 52.17
C TYR A 104 -16.80 11.09 50.79
N GLY A 105 -17.64 10.97 49.77
CA GLY A 105 -17.16 10.95 48.40
C GLY A 105 -18.16 11.62 47.46
N LYS A 106 -17.68 11.99 46.28
CA LYS A 106 -18.47 12.44 45.15
C LYS A 106 -17.48 12.57 44.00
N ASP A 107 -17.82 12.07 42.81
CA ASP A 107 -16.90 12.22 41.70
C ASP A 107 -17.29 13.35 40.75
N ASN A 108 -18.57 13.71 40.67
CA ASN A 108 -19.09 14.71 39.74
C ASN A 108 -18.80 14.28 38.31
N ALA A 109 -18.84 12.97 38.07
CA ALA A 109 -18.17 12.32 36.95
C ALA A 109 -18.60 12.97 35.66
N VAL A 110 -19.90 13.28 35.61
CA VAL A 110 -20.55 13.69 34.37
C VAL A 110 -20.08 15.08 34.00
N ARG A 111 -19.81 15.87 35.05
CA ARG A 111 -19.42 17.26 34.88
C ARG A 111 -18.02 17.30 34.30
N ILE A 112 -17.13 16.48 34.83
CA ILE A 112 -15.79 16.38 34.27
C ILE A 112 -15.91 15.82 32.86
N GLY A 113 -16.83 14.87 32.67
CA GLY A 113 -17.00 14.13 31.43
C GLY A 113 -17.35 15.03 30.26
N GLU A 114 -18.04 16.16 30.51
CA GLU A 114 -18.37 17.16 29.50
C GLU A 114 -17.23 17.28 28.49
N ASP A 115 -16.01 17.46 29.01
CA ASP A 115 -14.77 17.51 28.23
C ASP A 115 -13.72 16.67 28.97
N SER A 116 -13.70 15.37 28.69
CA SER A 116 -12.65 14.48 29.19
C SER A 116 -13.05 13.02 29.06
N ASP A 117 -12.06 12.16 28.84
CA ASP A 117 -12.29 10.74 28.66
C ASP A 117 -12.70 10.10 29.98
N VAL A 118 -13.95 10.30 30.42
CA VAL A 118 -14.62 9.53 31.46
C VAL A 118 -15.45 8.43 30.77
N LEU A 119 -15.57 7.29 31.48
CA LEU A 119 -16.31 6.17 30.95
C LEU A 119 -17.79 6.33 31.32
N VAL A 120 -18.69 5.90 30.40
CA VAL A 120 -20.12 5.79 30.67
C VAL A 120 -20.34 4.56 31.54
N THR A 121 -21.09 4.71 32.62
CA THR A 121 -21.19 3.72 33.69
C THR A 121 -22.58 3.81 34.31
N ARG A 122 -22.93 2.83 35.16
CA ARG A 122 -24.14 2.83 35.98
C ARG A 122 -24.01 1.79 37.08
N GLU A 123 -25.04 1.62 37.89
CA GLU A 123 -25.01 0.53 38.85
C GLU A 123 -23.76 0.62 39.72
N PRO A 124 -23.39 1.78 40.31
CA PRO A 124 -22.08 1.92 40.95
C PRO A 124 -22.12 1.36 42.35
N TYR A 125 -20.96 1.34 43.00
CA TYR A 125 -20.98 1.31 44.45
C TYR A 125 -19.66 1.79 45.02
N VAL A 126 -19.51 1.65 46.35
CA VAL A 126 -18.25 1.78 47.07
C VAL A 126 -18.04 0.50 47.87
N SER A 127 -16.76 0.11 48.01
CA SER A 127 -16.31 -1.03 48.79
C SER A 127 -14.83 -0.86 49.16
N CYS A 128 -14.49 -1.22 50.41
CA CYS A 128 -13.16 -1.03 50.99
C CYS A 128 -12.34 -2.31 50.94
N ASP A 129 -11.04 -2.14 50.67
CA ASP A 129 -10.01 -3.09 51.05
C ASP A 129 -9.49 -2.71 52.43
N PRO A 130 -8.64 -3.52 53.09
CA PRO A 130 -8.19 -3.19 54.44
C PRO A 130 -7.35 -1.92 54.52
N ASP A 131 -6.94 -1.43 53.35
CA ASP A 131 -6.01 -0.30 53.31
C ASP A 131 -6.47 0.82 52.37
N GLU A 132 -7.77 0.89 52.05
CA GLU A 132 -8.18 1.70 50.90
C GLU A 132 -9.58 1.31 50.45
N CYS A 133 -10.45 2.32 50.19
CA CYS A 133 -11.83 2.18 49.75
C CYS A 133 -12.05 2.83 48.38
N ARG A 134 -12.63 2.07 47.44
CA ARG A 134 -12.73 2.49 46.04
C ARG A 134 -14.18 2.54 45.57
N PHE A 135 -14.50 3.48 44.68
CA PHE A 135 -15.79 3.49 44.01
C PHE A 135 -15.77 2.40 42.94
N TYR A 136 -16.89 1.67 42.79
CA TYR A 136 -17.01 0.58 41.84
C TYR A 136 -18.21 0.86 40.93
N ALA A 137 -18.19 0.37 39.67
CA ALA A 137 -19.35 0.46 38.78
C ALA A 137 -19.19 -0.40 37.53
N LEU A 138 -20.17 -0.30 36.60
CA LEU A 138 -20.12 -1.05 35.34
C LEU A 138 -19.96 -0.07 34.18
N SER A 139 -18.75 -0.06 33.61
CA SER A 139 -18.41 0.63 32.38
C SER A 139 -19.43 0.22 31.31
N GLN A 140 -19.58 1.05 30.26
CA GLN A 140 -20.43 0.68 29.13
C GLN A 140 -19.58 0.48 27.89
N GLY A 141 -18.25 0.54 28.11
CA GLY A 141 -17.23 0.36 27.07
C GLY A 141 -17.03 1.60 26.18
N THR A 142 -17.40 2.79 26.68
CA THR A 142 -17.40 4.02 25.90
C THR A 142 -17.38 5.23 26.84
N THR A 143 -16.98 6.38 26.27
CA THR A 143 -16.91 7.64 27.01
C THR A 143 -18.24 8.37 26.85
N ILE A 144 -18.65 9.11 27.89
CA ILE A 144 -19.84 9.95 27.79
C ILE A 144 -19.77 10.82 26.55
N ARG A 145 -18.58 11.31 26.18
CA ARG A 145 -18.49 12.13 24.97
C ARG A 145 -18.25 11.28 23.73
N GLY A 146 -18.16 9.96 23.91
CA GLY A 146 -17.87 9.07 22.79
C GLY A 146 -19.16 8.70 22.10
N LYS A 147 -19.09 8.49 20.78
CA LYS A 147 -20.30 8.24 19.99
C LYS A 147 -20.99 6.93 20.42
N HIS A 148 -20.18 5.93 20.78
CA HIS A 148 -20.72 4.73 21.38
C HIS A 148 -21.32 5.02 22.76
N SER A 149 -21.73 6.26 23.04
CA SER A 149 -22.64 6.39 24.16
C SER A 149 -24.07 6.28 23.66
N ASN A 150 -24.24 6.34 22.34
CA ASN A 150 -25.57 6.22 21.78
C ASN A 150 -26.12 4.86 22.16
N GLY A 151 -27.10 4.86 23.07
CA GLY A 151 -27.87 3.66 23.35
C GLY A 151 -27.46 2.95 24.64
N THR A 152 -26.77 3.67 25.54
CA THR A 152 -26.29 3.06 26.77
C THR A 152 -27.41 2.86 27.78
N ILE A 153 -28.67 3.10 27.37
CA ILE A 153 -29.84 2.86 28.21
C ILE A 153 -30.00 1.36 28.46
N HIS A 154 -29.46 0.56 27.54
CA HIS A 154 -29.56 -0.88 27.59
C HIS A 154 -28.65 -1.44 28.67
N ASP A 155 -29.20 -2.39 29.44
CA ASP A 155 -28.61 -2.85 30.68
C ASP A 155 -27.49 -3.89 30.48
N ARG A 156 -27.40 -4.52 29.30
CA ARG A 156 -26.57 -5.72 29.21
C ARG A 156 -26.01 -5.82 27.80
N SER A 157 -24.67 -5.74 27.68
CA SER A 157 -24.05 -6.05 26.40
C SER A 157 -22.67 -6.66 26.62
N GLN A 158 -22.07 -7.13 25.53
CA GLN A 158 -20.75 -7.76 25.53
C GLN A 158 -19.65 -6.77 25.93
N TYR A 159 -20.00 -5.53 26.32
CA TYR A 159 -18.99 -4.47 26.38
C TYR A 159 -18.98 -3.78 27.74
N ARG A 160 -19.66 -4.40 28.73
CA ARG A 160 -19.75 -3.92 30.09
C ARG A 160 -18.77 -4.68 31.00
N ALA A 161 -18.19 -3.93 31.94
CA ALA A 161 -17.11 -4.42 32.77
C ALA A 161 -17.34 -3.85 34.15
N LEU A 162 -17.06 -4.66 35.18
CA LEU A 162 -17.03 -4.16 36.54
C LEU A 162 -15.75 -3.34 36.66
N ILE A 163 -15.77 -2.28 37.48
CA ILE A 163 -14.60 -1.43 37.65
C ILE A 163 -14.57 -0.86 39.06
N SER A 164 -13.36 -0.75 39.59
CA SER A 164 -13.07 0.08 40.76
C SER A 164 -12.25 1.28 40.31
N TRP A 165 -12.23 2.34 41.13
CA TRP A 165 -11.29 3.42 40.91
C TRP A 165 -11.19 4.31 42.15
N PRO A 166 -10.16 5.20 42.22
CA PRO A 166 -9.96 6.05 43.39
C PRO A 166 -11.19 6.79 43.91
N LEU A 167 -11.37 6.67 45.22
CA LEU A 167 -12.51 7.21 45.95
C LEU A 167 -12.59 8.72 45.69
N SER A 168 -13.66 9.14 45.00
CA SER A 168 -14.07 10.53 44.73
C SER A 168 -13.56 11.07 43.40
N SER A 169 -12.69 10.31 42.73
CA SER A 169 -12.23 10.73 41.40
C SER A 169 -13.07 10.05 40.32
N PRO A 170 -12.94 10.37 39.02
CA PRO A 170 -13.94 9.95 38.05
C PRO A 170 -13.52 8.66 37.35
N PRO A 171 -14.49 7.88 36.81
CA PRO A 171 -14.18 6.67 36.07
C PRO A 171 -13.54 6.94 34.72
N THR A 172 -12.26 7.22 34.72
CA THR A 172 -11.58 7.48 33.46
C THR A 172 -11.03 6.16 32.90
N VAL A 173 -10.85 6.15 31.59
CA VAL A 173 -10.25 5.01 30.91
C VAL A 173 -8.95 4.65 31.60
N TYR A 174 -8.22 5.67 32.04
CA TYR A 174 -6.82 5.58 32.37
C TYR A 174 -6.60 5.18 33.83
N ASN A 175 -7.60 5.42 34.69
CA ASN A 175 -7.40 5.21 36.12
C ASN A 175 -8.27 4.05 36.62
N SER A 176 -9.20 3.58 35.77
CA SER A 176 -10.23 2.61 36.12
C SER A 176 -9.78 1.20 35.75
N ARG A 177 -9.68 0.31 36.74
CA ARG A 177 -9.15 -1.03 36.53
C ARG A 177 -10.30 -2.02 36.46
N VAL A 178 -10.35 -2.83 35.41
CA VAL A 178 -11.40 -3.83 35.33
C VAL A 178 -11.15 -4.93 36.39
N GLU A 179 -12.11 -5.06 37.31
CA GLU A 179 -12.16 -6.15 38.27
C GLU A 179 -12.50 -7.44 37.52
N CYS A 180 -13.55 -7.41 36.67
CA CYS A 180 -13.95 -8.57 35.85
C CYS A 180 -15.00 -8.19 34.80
N ILE A 181 -15.31 -9.12 33.89
CA ILE A 181 -16.12 -8.83 32.71
C ILE A 181 -17.55 -9.35 32.90
N GLY A 182 -18.54 -8.46 32.75
CA GLY A 182 -19.94 -8.82 32.99
C GLY A 182 -20.87 -7.61 32.91
N TRP A 183 -22.19 -7.84 33.09
CA TRP A 183 -23.17 -6.77 33.02
C TRP A 183 -24.06 -6.75 34.26
N SER A 184 -23.60 -7.42 35.32
CA SER A 184 -24.15 -7.41 36.66
C SER A 184 -23.09 -7.98 37.62
N SER A 185 -22.93 -7.41 38.83
CA SER A 185 -21.82 -7.87 39.64
C SER A 185 -21.92 -7.48 41.12
N THR A 186 -20.83 -7.80 41.83
CA THR A 186 -20.66 -7.57 43.26
C THR A 186 -19.20 -7.80 43.62
N SER A 187 -18.81 -7.45 44.85
CA SER A 187 -17.41 -7.48 45.23
C SER A 187 -17.29 -7.33 46.73
N CYS A 188 -16.39 -8.12 47.33
CA CYS A 188 -16.11 -7.91 48.74
C CYS A 188 -14.75 -8.51 49.09
N HIS A 189 -14.22 -8.06 50.23
CA HIS A 189 -12.91 -8.44 50.73
C HIS A 189 -13.12 -9.04 52.11
N ASP A 190 -12.40 -10.14 52.36
CA ASP A 190 -12.48 -10.87 53.61
C ASP A 190 -11.42 -10.37 54.60
N GLY A 191 -10.73 -9.30 54.21
CA GLY A 191 -9.63 -8.85 55.06
C GLY A 191 -8.36 -9.61 54.72
N LYS A 192 -8.52 -10.77 54.08
CA LYS A 192 -7.36 -11.41 53.49
C LYS A 192 -7.15 -10.89 52.07
N THR A 193 -8.10 -11.18 51.17
CA THR A 193 -8.08 -10.62 49.82
C THR A 193 -9.52 -10.32 49.41
N ARG A 194 -9.82 -10.21 48.11
CA ARG A 194 -11.10 -9.64 47.69
C ARG A 194 -11.77 -10.50 46.63
N MET A 195 -13.08 -10.68 46.78
CA MET A 195 -13.84 -11.47 45.83
C MET A 195 -14.64 -10.56 44.90
N SER A 196 -14.51 -10.77 43.58
CA SER A 196 -15.39 -10.11 42.61
C SER A 196 -16.21 -11.16 41.85
N ILE A 197 -17.43 -10.79 41.46
CA ILE A 197 -18.33 -11.69 40.72
C ILE A 197 -18.98 -10.91 39.57
N CYS A 198 -18.74 -11.37 38.35
CA CYS A 198 -19.32 -10.82 37.13
C CYS A 198 -20.23 -11.88 36.47
N ILE A 199 -21.48 -11.48 36.25
CA ILE A 199 -22.41 -12.29 35.50
C ILE A 199 -22.45 -11.77 34.07
N SER A 200 -22.38 -12.68 33.10
CA SER A 200 -22.53 -12.27 31.71
C SER A 200 -23.19 -13.38 30.88
N GLY A 201 -23.63 -13.04 29.64
CA GLY A 201 -24.14 -13.99 28.66
C GLY A 201 -25.49 -13.50 28.14
N PRO A 202 -26.15 -14.19 27.18
CA PRO A 202 -27.52 -13.82 26.80
C PRO A 202 -28.53 -14.10 27.92
N ASN A 203 -29.74 -13.54 27.77
CA ASN A 203 -30.80 -13.70 28.75
C ASN A 203 -30.95 -15.18 29.12
N ASN A 204 -30.83 -16.03 28.10
CA ASN A 204 -31.21 -17.43 28.27
C ASN A 204 -29.95 -18.28 28.46
N ASN A 205 -28.81 -17.67 28.80
CA ASN A 205 -27.62 -18.50 28.85
C ASN A 205 -26.51 -17.81 29.65
N ALA A 206 -26.86 -17.09 30.70
CA ALA A 206 -25.86 -16.29 31.39
C ALA A 206 -25.04 -17.20 32.31
N SER A 207 -23.99 -16.62 32.91
CA SER A 207 -22.91 -17.34 33.57
C SER A 207 -22.15 -16.38 34.48
N ALA A 208 -22.06 -16.72 35.78
CA ALA A 208 -21.31 -16.02 36.81
C ALA A 208 -19.88 -16.55 36.89
N VAL A 209 -18.90 -15.63 36.85
CA VAL A 209 -17.52 -15.96 37.15
C VAL A 209 -17.21 -15.36 38.51
N ILE A 210 -16.61 -16.17 39.41
CA ILE A 210 -16.20 -15.71 40.74
C ILE A 210 -14.68 -15.51 40.75
N TRP A 211 -14.26 -14.30 41.13
CA TRP A 211 -12.85 -13.94 41.16
C TRP A 211 -12.43 -13.86 42.63
N TYR A 212 -11.31 -14.50 42.94
CA TYR A 212 -10.71 -14.41 44.26
C TYR A 212 -9.24 -14.04 44.09
N ASN A 213 -8.85 -12.98 44.82
CA ASN A 213 -7.49 -12.48 44.80
C ASN A 213 -7.02 -12.26 43.35
N ARG A 214 -7.94 -11.83 42.48
CA ARG A 214 -7.64 -11.22 41.18
C ARG A 214 -7.47 -12.28 40.11
N ARG A 215 -7.87 -13.51 40.42
CA ARG A 215 -7.98 -14.56 39.42
C ARG A 215 -9.28 -15.35 39.62
N PRO A 216 -9.88 -15.87 38.53
CA PRO A 216 -11.05 -16.75 38.59
C PRO A 216 -10.86 -18.02 39.40
N VAL A 217 -11.84 -18.29 40.27
CA VAL A 217 -11.95 -19.50 41.07
C VAL A 217 -12.99 -20.43 40.46
N THR A 218 -14.26 -19.99 40.46
CA THR A 218 -15.43 -20.76 40.08
C THR A 218 -16.35 -19.97 39.13
N GLU A 219 -16.98 -20.74 38.22
CA GLU A 219 -18.13 -20.32 37.43
C GLU A 219 -19.39 -21.02 37.96
N ILE A 220 -20.57 -20.48 37.60
CA ILE A 220 -21.90 -20.98 37.93
C ILE A 220 -22.81 -20.65 36.74
N ASN A 221 -23.40 -21.68 36.10
CA ASN A 221 -24.35 -21.54 35.01
C ASN A 221 -25.69 -21.08 35.59
N THR A 222 -26.46 -20.32 34.78
CA THR A 222 -27.86 -19.97 35.01
C THR A 222 -28.71 -21.21 35.40
N TRP A 223 -29.69 -21.01 36.30
CA TRP A 223 -30.52 -22.12 36.77
C TRP A 223 -31.99 -22.02 36.38
N ALA A 224 -32.45 -20.80 36.17
CA ALA A 224 -33.83 -20.59 35.74
C ALA A 224 -33.81 -19.86 34.40
N ARG A 225 -32.59 -19.69 33.88
CA ARG A 225 -32.36 -19.23 32.51
C ARG A 225 -33.08 -17.93 32.22
N ASN A 226 -33.20 -17.07 33.23
CA ASN A 226 -33.85 -15.81 32.99
C ASN A 226 -33.04 -14.68 33.62
N ILE A 227 -32.01 -14.22 32.87
CA ILE A 227 -31.20 -13.10 33.26
C ILE A 227 -30.65 -13.34 34.67
N LEU A 228 -29.67 -14.25 34.81
CA LEU A 228 -29.02 -14.47 36.09
C LEU A 228 -28.53 -13.11 36.59
N ARG A 229 -28.76 -12.80 37.88
CA ARG A 229 -28.47 -11.45 38.37
C ARG A 229 -28.12 -11.49 39.85
N THR A 230 -27.42 -10.43 40.33
CA THR A 230 -27.01 -10.31 41.71
C THR A 230 -27.01 -8.87 42.23
N GLN A 231 -26.12 -8.63 43.22
CA GLN A 231 -26.33 -7.63 44.25
C GLN A 231 -26.26 -6.20 43.71
N GLU A 232 -25.27 -5.93 42.85
CA GLU A 232 -24.88 -4.63 42.31
C GLU A 232 -24.57 -3.59 43.41
N SER A 233 -24.16 -4.07 44.60
CA SER A 233 -23.40 -3.34 45.58
C SER A 233 -22.47 -4.35 46.26
N GLU A 234 -21.66 -3.91 47.23
CA GLU A 234 -20.61 -4.78 47.76
C GLU A 234 -21.21 -5.91 48.58
N CYS A 235 -20.50 -7.05 48.65
CA CYS A 235 -20.88 -8.07 49.62
C CYS A 235 -20.08 -7.96 50.92
N VAL A 236 -20.22 -8.97 51.80
CA VAL A 236 -19.82 -8.81 53.19
C VAL A 236 -19.34 -10.15 53.72
N CYS A 237 -18.12 -10.18 54.26
CA CYS A 237 -17.53 -11.44 54.72
C CYS A 237 -17.59 -11.52 56.23
N HIS A 238 -17.73 -12.76 56.72
CA HIS A 238 -17.45 -13.09 58.10
C HIS A 238 -16.57 -14.33 58.13
N ASN A 239 -15.46 -14.16 58.89
CA ASN A 239 -14.37 -15.12 59.03
C ASN A 239 -14.22 -15.98 57.79
N GLY A 240 -14.08 -15.33 56.63
CA GLY A 240 -13.88 -16.03 55.37
C GLY A 240 -15.14 -16.35 54.58
N VAL A 241 -16.32 -16.41 55.24
CA VAL A 241 -17.53 -16.71 54.48
C VAL A 241 -18.15 -15.40 53.98
N CYS A 242 -18.19 -15.28 52.66
CA CYS A 242 -18.86 -14.14 52.04
C CYS A 242 -20.11 -14.66 51.32
N PRO A 243 -21.33 -14.48 51.87
CA PRO A 243 -22.57 -14.82 51.19
C PRO A 243 -22.93 -13.83 50.08
N VAL A 244 -23.37 -14.34 48.95
CA VAL A 244 -23.95 -13.44 47.96
C VAL A 244 -25.36 -13.96 47.62
N VAL A 245 -26.30 -13.01 47.41
CA VAL A 245 -27.67 -13.27 46.96
C VAL A 245 -27.77 -13.00 45.46
N PHE A 246 -28.16 -14.03 44.69
CA PHE A 246 -28.46 -13.93 43.27
C PHE A 246 -29.95 -14.23 43.04
N THR A 247 -30.50 -13.70 41.93
CA THR A 247 -31.84 -14.01 41.42
C THR A 247 -31.74 -14.50 39.97
N ASP A 248 -32.62 -15.44 39.60
CA ASP A 248 -32.70 -15.97 38.24
C ASP A 248 -34.17 -16.35 37.97
N GLY A 249 -34.80 -15.59 37.07
CA GLY A 249 -36.19 -15.84 36.74
C GLY A 249 -36.94 -14.55 36.47
N SER A 250 -38.26 -14.61 36.66
CA SER A 250 -39.12 -13.48 36.33
C SER A 250 -38.70 -12.23 37.09
N ALA A 251 -38.77 -11.07 36.39
CA ALA A 251 -38.74 -9.75 37.03
C ALA A 251 -40.15 -9.19 37.17
N THR A 252 -41.10 -9.69 36.37
CA THR A 252 -42.49 -9.26 36.44
C THR A 252 -43.35 -10.24 37.27
N GLY A 253 -42.83 -11.45 37.54
CA GLY A 253 -43.56 -12.44 38.33
C GLY A 253 -42.67 -13.16 39.34
N PRO A 254 -43.01 -14.41 39.72
CA PRO A 254 -42.31 -15.14 40.79
C PRO A 254 -41.04 -15.87 40.33
N ALA A 255 -39.94 -15.76 41.10
CA ALA A 255 -38.62 -16.10 40.58
C ALA A 255 -37.84 -17.07 41.50
N GLU A 256 -36.74 -17.63 40.98
CA GLU A 256 -35.88 -18.52 41.77
C GLU A 256 -34.66 -17.73 42.24
N THR A 257 -34.57 -17.47 43.56
CA THR A 257 -33.48 -16.71 44.15
C THR A 257 -32.66 -17.63 45.05
N ARG A 258 -31.32 -17.56 44.99
CA ARG A 258 -30.47 -18.36 45.86
C ARG A 258 -29.47 -17.50 46.63
N ILE A 259 -29.16 -17.91 47.87
CA ILE A 259 -28.07 -17.31 48.65
C ILE A 259 -26.87 -18.25 48.65
N TYR A 260 -25.92 -18.00 47.74
CA TYR A 260 -24.66 -18.73 47.71
C TYR A 260 -23.73 -18.20 48.79
N TYR A 261 -22.94 -19.11 49.38
CA TYR A 261 -21.94 -18.84 50.41
C TYR A 261 -20.55 -19.16 49.86
N PHE A 262 -19.74 -18.11 49.64
CA PHE A 262 -18.37 -18.28 49.18
C PHE A 262 -17.39 -18.12 50.34
N LYS A 263 -16.35 -18.95 50.31
CA LYS A 263 -15.08 -18.76 50.98
C LYS A 263 -14.01 -19.02 49.93
N GLU A 264 -12.98 -18.14 49.90
CA GLU A 264 -11.89 -18.23 48.94
C GLU A 264 -12.43 -18.56 47.57
N GLY A 265 -13.50 -17.88 47.16
CA GLY A 265 -14.00 -18.01 45.79
C GLY A 265 -14.51 -19.41 45.46
N LYS A 266 -14.58 -20.28 46.48
CA LYS A 266 -15.13 -21.61 46.33
C LYS A 266 -16.48 -21.64 47.05
N ILE A 267 -17.42 -22.41 46.48
CA ILE A 267 -18.75 -22.46 47.05
C ILE A 267 -18.75 -23.49 48.16
N LEU A 268 -19.22 -23.05 49.34
CA LEU A 268 -19.35 -23.86 50.54
C LEU A 268 -20.78 -24.43 50.66
N LYS A 269 -21.75 -23.76 50.00
CA LYS A 269 -23.17 -24.02 50.21
C LYS A 269 -24.02 -23.01 49.43
N TRP A 270 -25.25 -23.40 49.05
CA TRP A 270 -26.25 -22.45 48.57
C TRP A 270 -27.68 -22.76 49.00
N GLU A 271 -28.20 -21.92 49.90
CA GLU A 271 -29.58 -22.00 50.39
C GLU A 271 -30.56 -21.35 49.41
N PRO A 272 -31.66 -22.04 49.04
CA PRO A 272 -32.74 -21.39 48.30
C PRO A 272 -33.44 -20.39 49.22
N LEU A 273 -33.96 -19.30 48.65
CA LEU A 273 -34.64 -18.24 49.37
C LEU A 273 -35.62 -18.84 50.37
N ALA A 274 -35.72 -18.29 51.57
CA ALA A 274 -36.71 -18.80 52.52
C ALA A 274 -37.42 -17.66 53.25
N GLY A 275 -38.41 -18.00 54.08
CA GLY A 275 -39.25 -17.05 54.80
C GLY A 275 -40.20 -16.29 53.86
N THR A 276 -40.65 -15.10 54.31
CA THR A 276 -41.91 -14.54 53.83
C THR A 276 -41.69 -13.40 52.85
N ALA A 277 -40.49 -13.31 52.27
CA ALA A 277 -40.25 -12.39 51.18
C ALA A 277 -40.60 -13.12 49.88
N LYS A 278 -41.10 -12.38 48.88
CA LYS A 278 -41.80 -13.02 47.78
C LYS A 278 -41.01 -12.82 46.49
N HIS A 279 -40.26 -11.72 46.44
CA HIS A 279 -39.44 -11.39 45.29
C HIS A 279 -38.22 -10.67 45.83
N ILE A 280 -37.05 -10.97 45.27
CA ILE A 280 -35.81 -10.37 45.73
C ILE A 280 -35.02 -9.83 44.54
N GLU A 281 -34.58 -8.56 44.65
CA GLU A 281 -33.66 -8.00 43.68
C GLU A 281 -32.73 -7.02 44.37
N GLU A 282 -31.47 -7.01 43.95
CA GLU A 282 -30.64 -5.82 44.15
C GLU A 282 -30.49 -5.56 45.65
N CYS A 283 -29.84 -6.51 46.32
CA CYS A 283 -29.74 -6.54 47.76
C CYS A 283 -28.56 -5.69 48.15
N SER A 284 -28.74 -4.96 49.24
CA SER A 284 -27.71 -4.10 49.76
C SER A 284 -27.43 -4.56 51.18
N CYS A 285 -26.20 -4.97 51.46
CA CYS A 285 -25.96 -5.62 52.75
C CYS A 285 -25.10 -4.78 53.69
N TYR A 286 -25.08 -5.17 54.97
CA TYR A 286 -24.13 -4.71 55.97
C TYR A 286 -23.93 -5.78 57.05
N GLY A 287 -22.90 -5.61 57.90
CA GLY A 287 -22.61 -6.55 58.97
C GLY A 287 -22.43 -5.87 60.33
N GLU A 288 -23.35 -6.17 61.26
CA GLU A 288 -23.24 -6.01 62.69
C GLU A 288 -23.01 -7.39 63.30
N ARG A 289 -22.83 -7.44 64.63
CA ARG A 289 -22.37 -8.60 65.37
C ARG A 289 -22.78 -9.91 64.72
N ALA A 290 -21.93 -10.38 63.79
CA ALA A 290 -21.94 -11.73 63.25
C ALA A 290 -23.22 -12.01 62.46
N GLU A 291 -24.06 -10.99 62.27
CA GLU A 291 -25.18 -11.08 61.36
C GLU A 291 -24.84 -10.31 60.09
N ILE A 292 -25.46 -10.67 58.97
CA ILE A 292 -25.40 -9.78 57.81
C ILE A 292 -26.85 -9.45 57.42
N THR A 293 -27.26 -8.18 57.61
CA THR A 293 -28.59 -7.72 57.21
C THR A 293 -28.53 -7.11 55.81
N CYS A 294 -29.27 -7.71 54.85
CA CYS A 294 -29.35 -7.20 53.48
C CYS A 294 -30.76 -6.75 53.13
N THR A 295 -30.90 -5.51 52.67
CA THR A 295 -32.20 -5.03 52.27
C THR A 295 -32.34 -5.06 50.77
N CYS A 296 -33.35 -5.77 50.30
CA CYS A 296 -33.45 -5.98 48.86
C CYS A 296 -34.61 -5.14 48.28
N ARG A 297 -35.11 -5.57 47.12
CA ARG A 297 -36.11 -4.86 46.34
C ARG A 297 -37.03 -5.93 45.78
N ASP A 298 -38.33 -5.76 46.09
CA ASP A 298 -39.41 -6.58 45.57
C ASP A 298 -39.94 -5.98 44.26
N ASN A 299 -39.53 -6.56 43.14
CA ASN A 299 -39.83 -6.00 41.84
C ASN A 299 -41.04 -6.69 41.21
N TRP A 300 -42.03 -7.11 42.03
CA TRP A 300 -43.20 -7.83 41.51
C TRP A 300 -44.47 -7.13 41.97
N GLN A 301 -44.75 -7.24 43.26
CA GLN A 301 -45.89 -6.57 43.89
C GLN A 301 -45.41 -5.78 45.11
N GLY A 302 -44.10 -5.52 45.17
CA GLY A 302 -43.54 -4.97 46.37
C GLY A 302 -43.33 -3.45 46.33
N SER A 303 -43.69 -2.80 47.43
CA SER A 303 -43.50 -1.38 47.55
C SER A 303 -42.95 -1.07 48.94
N ASN A 304 -42.97 -2.09 49.80
CA ASN A 304 -42.09 -2.22 50.96
C ASN A 304 -40.93 -3.11 50.54
N ARG A 305 -39.85 -3.10 51.35
CA ARG A 305 -38.62 -3.76 50.93
C ARG A 305 -38.43 -5.09 51.65
N PRO A 306 -38.05 -6.15 50.90
CA PRO A 306 -37.73 -7.44 51.52
C PRO A 306 -36.50 -7.25 52.38
N VAL A 307 -36.33 -8.16 53.35
CA VAL A 307 -35.13 -8.16 54.16
C VAL A 307 -34.57 -9.58 54.26
N ILE A 308 -33.24 -9.67 54.19
CA ILE A 308 -32.52 -10.94 54.32
C ILE A 308 -31.50 -10.78 55.43
N ARG A 309 -31.86 -11.22 56.64
CA ARG A 309 -30.96 -11.49 57.76
C ARG A 309 -30.35 -12.90 57.64
N ILE A 310 -29.03 -12.92 57.37
CA ILE A 310 -28.20 -14.08 57.12
C ILE A 310 -27.35 -14.28 58.36
N ASP A 311 -27.22 -15.56 58.74
CA ASP A 311 -26.28 -16.06 59.73
C ASP A 311 -25.09 -16.68 59.01
N PRO A 312 -23.92 -15.99 58.91
CA PRO A 312 -22.82 -16.43 58.06
C PRO A 312 -21.94 -17.56 58.60
N VAL A 313 -22.22 -18.00 59.84
CA VAL A 313 -21.46 -19.05 60.50
C VAL A 313 -22.19 -20.37 60.29
N ALA A 314 -23.45 -20.41 60.76
CA ALA A 314 -24.41 -21.46 60.45
C ALA A 314 -24.76 -21.45 58.97
N MET A 315 -24.25 -20.44 58.23
CA MET A 315 -24.49 -20.40 56.80
C MET A 315 -25.98 -20.63 56.51
N THR A 316 -26.84 -19.89 57.22
CA THR A 316 -28.28 -19.92 57.03
C THR A 316 -28.88 -18.51 56.92
N HIS A 317 -30.19 -18.46 56.62
CA HIS A 317 -30.89 -17.18 56.57
C HIS A 317 -32.33 -17.27 57.08
N THR A 318 -33.14 -16.32 56.59
CA THR A 318 -34.43 -15.90 57.08
C THR A 318 -34.74 -14.63 56.31
N SER A 319 -36.02 -14.29 56.15
CA SER A 319 -36.33 -13.12 55.34
C SER A 319 -37.71 -12.57 55.68
N GLN A 320 -37.94 -11.29 55.34
CA GLN A 320 -39.21 -10.63 55.57
C GLN A 320 -39.18 -9.29 54.83
N TYR A 321 -40.18 -8.44 55.10
CA TYR A 321 -40.14 -7.07 54.60
C TYR A 321 -39.97 -6.16 55.82
N ILE A 322 -39.59 -4.91 55.60
CA ILE A 322 -39.66 -3.92 56.67
C ILE A 322 -41.12 -3.61 56.99
N CYS A 323 -41.48 -3.76 58.28
CA CYS A 323 -42.83 -3.58 58.78
C CYS A 323 -43.31 -2.13 58.61
N SER A 324 -42.41 -1.14 58.83
CA SER A 324 -42.77 0.28 58.89
C SER A 324 -43.67 0.71 57.74
N PRO A 325 -44.65 1.60 58.02
CA PRO A 325 -45.46 2.21 56.98
C PRO A 325 -44.71 3.17 56.07
N VAL A 326 -43.42 3.37 56.33
CA VAL A 326 -42.69 4.34 55.51
C VAL A 326 -42.14 3.58 54.30
N LEU A 327 -42.94 3.44 53.25
CA LEU A 327 -42.52 2.61 52.14
C LEU A 327 -41.27 3.23 51.51
N THR A 328 -40.27 2.42 51.13
CA THR A 328 -39.04 2.99 50.61
C THR A 328 -38.66 2.42 49.24
N ASP A 329 -39.64 1.91 48.48
CA ASP A 329 -39.38 1.50 47.10
C ASP A 329 -39.47 2.72 46.20
N ASN A 330 -39.47 2.51 44.89
CA ASN A 330 -39.84 3.55 43.94
C ASN A 330 -40.07 2.90 42.59
N PRO A 331 -41.22 3.13 41.97
CA PRO A 331 -42.26 4.03 42.46
C PRO A 331 -42.97 3.32 43.60
N ARG A 332 -43.75 4.08 44.39
CA ARG A 332 -44.50 3.51 45.50
C ARG A 332 -45.88 4.17 45.68
N PRO A 333 -46.80 3.59 46.49
CA PRO A 333 -47.95 4.31 47.01
C PRO A 333 -47.60 5.31 48.13
N ASN A 334 -48.47 6.31 48.34
CA ASN A 334 -48.28 7.14 49.50
C ASN A 334 -48.32 6.21 50.70
N ASP A 335 -47.82 6.69 51.84
CA ASP A 335 -47.64 5.91 53.04
C ASP A 335 -48.92 5.87 53.88
N PRO A 336 -49.26 4.67 54.42
CA PRO A 336 -50.42 4.48 55.28
C PRO A 336 -50.03 4.68 56.73
N THR A 337 -50.91 4.26 57.64
CA THR A 337 -50.61 4.27 59.06
C THR A 337 -50.01 2.93 59.46
N VAL A 338 -50.18 1.93 58.57
CA VAL A 338 -49.76 0.58 58.91
C VAL A 338 -49.30 -0.13 57.63
N GLY A 339 -48.07 -0.70 57.70
CA GLY A 339 -47.45 -1.45 56.63
C GLY A 339 -47.62 -2.97 56.80
N LYS A 340 -46.63 -3.76 56.35
CA LYS A 340 -46.77 -5.21 56.28
C LYS A 340 -45.42 -5.90 56.47
N CYS A 341 -45.35 -6.71 57.53
CA CYS A 341 -44.11 -7.37 57.93
C CYS A 341 -43.82 -8.54 57.02
N ASN A 342 -44.82 -9.08 56.29
CA ASN A 342 -44.68 -10.42 55.73
C ASN A 342 -45.39 -10.65 54.41
N ASP A 343 -45.88 -9.61 53.74
CA ASP A 343 -46.15 -9.73 52.31
C ASP A 343 -45.75 -8.43 51.66
N PRO A 344 -45.66 -8.36 50.31
CA PRO A 344 -45.33 -7.11 49.61
C PRO A 344 -46.41 -6.13 49.99
N TYR A 345 -46.10 -4.84 49.96
CA TYR A 345 -47.15 -3.83 50.05
C TYR A 345 -47.69 -3.59 48.65
N PRO A 346 -49.01 -3.82 48.39
CA PRO A 346 -49.49 -3.87 47.03
C PRO A 346 -49.80 -2.42 46.68
N GLY A 347 -50.28 -2.21 45.46
CA GLY A 347 -50.53 -0.84 45.04
C GLY A 347 -49.58 -0.43 43.93
N ASN A 348 -48.41 -1.11 43.86
CA ASN A 348 -47.41 -0.85 42.83
C ASN A 348 -46.62 -2.10 42.47
N ASN A 349 -46.46 -2.30 41.15
CA ASN A 349 -46.30 -3.59 40.53
C ASN A 349 -45.21 -3.58 39.45
N ASN A 350 -44.35 -4.63 39.46
CA ASN A 350 -43.43 -4.97 38.39
C ASN A 350 -42.37 -3.90 38.19
N ASN A 351 -41.79 -3.42 39.28
CA ASN A 351 -40.86 -2.31 39.17
C ASN A 351 -40.37 -1.97 40.58
N GLY A 352 -39.31 -1.16 40.67
CA GLY A 352 -38.85 -0.61 41.95
C GLY A 352 -37.45 0.03 41.86
N VAL A 353 -36.83 0.21 43.03
CA VAL A 353 -35.50 0.77 42.95
C VAL A 353 -34.58 -0.04 43.85
N LYS A 354 -33.31 -0.07 43.50
CA LYS A 354 -32.35 -0.57 44.47
C LYS A 354 -32.19 0.45 45.60
N GLY A 355 -32.18 -0.06 46.83
CA GLY A 355 -31.89 0.83 47.92
C GLY A 355 -31.51 0.01 49.14
N PHE A 356 -31.60 0.65 50.31
CA PHE A 356 -31.02 0.03 51.46
C PHE A 356 -31.74 0.52 52.70
N SER A 357 -31.33 -0.07 53.82
CA SER A 357 -31.74 0.38 55.11
C SER A 357 -30.59 0.05 56.06
N TYR A 358 -30.63 0.66 57.24
CA TYR A 358 -29.86 0.19 58.39
C TYR A 358 -30.91 -0.03 59.46
N LEU A 359 -31.02 -1.27 59.94
CA LEU A 359 -32.04 -1.65 60.91
C LEU A 359 -31.32 -2.16 62.15
N ASP A 360 -31.25 -1.31 63.18
CA ASP A 360 -30.43 -1.57 64.35
C ASP A 360 -31.16 -1.11 65.60
N GLY A 361 -32.47 -1.42 65.65
CA GLY A 361 -33.34 -1.08 66.79
C GLY A 361 -33.81 0.36 66.67
N VAL A 362 -33.71 1.12 67.78
CA VAL A 362 -34.03 2.54 67.83
C VAL A 362 -33.05 3.34 66.96
N ASN A 363 -31.91 2.73 66.61
CA ASN A 363 -30.89 3.28 65.72
C ASN A 363 -31.15 2.89 64.26
N THR A 364 -32.42 2.94 63.81
CA THR A 364 -32.77 2.48 62.48
C THR A 364 -33.02 3.68 61.56
N TRP A 365 -32.35 3.70 60.40
CA TRP A 365 -32.43 4.79 59.42
C TRP A 365 -32.76 4.21 58.04
N LEU A 366 -33.62 4.85 57.25
CA LEU A 366 -33.92 4.31 55.93
C LEU A 366 -33.58 5.34 54.85
N GLY A 367 -33.31 4.85 53.65
CA GLY A 367 -33.20 5.74 52.50
C GLY A 367 -34.22 5.37 51.41
N ARG A 368 -34.65 6.40 50.68
CA ARG A 368 -35.65 6.25 49.63
C ARG A 368 -35.69 7.58 48.90
N THR A 369 -36.14 7.54 47.64
CA THR A 369 -36.39 8.73 46.85
C THR A 369 -37.52 9.47 47.55
N ILE A 370 -37.68 10.79 47.27
CA ILE A 370 -38.73 11.64 47.84
C ILE A 370 -39.94 11.60 46.91
N SER A 371 -39.68 11.50 45.60
CA SER A 371 -40.68 11.26 44.58
C SER A 371 -41.22 9.84 44.74
N ILE A 372 -42.52 9.71 44.98
CA ILE A 372 -43.18 8.41 45.06
C ILE A 372 -43.40 7.89 43.65
N ALA A 373 -42.95 8.65 42.63
CA ALA A 373 -43.32 8.29 41.26
C ALA A 373 -42.09 7.92 40.43
N SER A 374 -40.95 8.52 40.80
CA SER A 374 -39.81 8.56 39.89
C SER A 374 -38.53 8.58 40.69
N ARG A 375 -37.42 8.35 40.00
CA ARG A 375 -36.10 8.25 40.62
C ARG A 375 -35.59 9.67 40.90
N SER A 376 -36.18 10.30 41.93
CA SER A 376 -36.13 11.73 42.15
C SER A 376 -35.87 12.03 43.63
N GLY A 377 -34.78 12.77 43.89
CA GLY A 377 -34.46 13.17 45.25
C GLY A 377 -34.01 11.97 46.07
N TYR A 378 -33.42 12.24 47.25
CA TYR A 378 -33.10 11.20 48.22
C TYR A 378 -33.06 11.77 49.63
N GLU A 379 -33.67 11.04 50.59
CA GLU A 379 -33.71 11.43 52.00
C GLU A 379 -33.36 10.21 52.85
N MET A 380 -33.03 10.47 54.14
CA MET A 380 -32.83 9.45 55.18
C MET A 380 -33.78 9.76 56.34
N LEU A 381 -34.50 8.74 56.82
CA LEU A 381 -35.40 8.94 57.95
C LEU A 381 -35.00 7.97 59.05
N LYS A 382 -34.91 8.48 60.27
CA LYS A 382 -34.80 7.62 61.43
C LYS A 382 -36.21 7.08 61.68
N VAL A 383 -36.36 5.75 61.79
CA VAL A 383 -37.64 5.12 62.10
C VAL A 383 -37.37 4.02 63.12
N PRO A 384 -37.46 4.35 64.42
CA PRO A 384 -37.17 3.37 65.48
C PRO A 384 -37.96 2.06 65.33
N ASN A 385 -37.28 1.07 64.75
CA ASN A 385 -37.75 -0.31 64.68
C ASN A 385 -38.51 -0.54 63.38
N ALA A 386 -38.15 0.22 62.35
CA ALA A 386 -38.85 0.14 61.08
C ALA A 386 -39.18 -1.32 60.77
N LEU A 387 -38.17 -2.17 60.93
CA LEU A 387 -38.33 -3.57 60.61
C LEU A 387 -39.49 -4.21 61.37
N THR A 388 -39.58 -4.02 62.69
CA THR A 388 -40.39 -4.88 63.54
C THR A 388 -41.75 -4.30 63.97
N ASP A 389 -42.00 -3.00 63.73
CA ASP A 389 -43.25 -2.42 64.20
C ASP A 389 -43.92 -1.59 63.12
N ASP A 390 -45.00 -2.13 62.57
CA ASP A 390 -45.64 -1.63 61.37
C ASP A 390 -46.47 -0.38 61.66
N LYS A 391 -46.18 0.30 62.76
CA LYS A 391 -46.88 1.56 63.04
C LYS A 391 -45.86 2.70 63.13
N SER A 392 -44.59 2.34 62.96
CA SER A 392 -43.45 3.20 63.23
C SER A 392 -43.32 4.31 62.19
N LYS A 393 -43.05 5.53 62.67
CA LYS A 393 -42.84 6.71 61.82
C LYS A 393 -41.44 7.30 61.99
N PRO A 394 -41.13 8.46 61.38
CA PRO A 394 -39.91 9.22 61.69
C PRO A 394 -39.83 10.09 62.95
N THR A 395 -38.66 10.05 63.60
CA THR A 395 -38.37 10.89 64.75
C THR A 395 -37.20 11.83 64.44
N GLN A 396 -36.66 11.74 63.21
CA GLN A 396 -35.56 12.56 62.73
C GLN A 396 -35.36 12.31 61.23
N GLY A 397 -34.56 13.18 60.55
CA GLY A 397 -34.35 13.04 59.11
C GLY A 397 -33.12 13.75 58.55
N GLN A 398 -32.96 13.66 57.22
CA GLN A 398 -31.98 14.45 56.48
C GLN A 398 -32.19 14.25 54.98
N THR A 399 -31.91 15.30 54.22
CA THR A 399 -32.05 15.34 52.76
C THR A 399 -30.66 15.25 52.14
N ILE A 400 -30.58 14.49 51.06
CA ILE A 400 -29.31 14.24 50.39
C ILE A 400 -29.37 14.87 48.99
N VAL A 401 -30.52 14.70 48.31
CA VAL A 401 -30.78 15.23 46.98
C VAL A 401 -32.18 15.85 46.93
N LEU A 402 -32.30 17.15 46.65
CA LEU A 402 -33.63 17.73 46.53
C LEU A 402 -34.41 16.96 45.45
N ASN A 403 -35.75 16.92 45.58
CA ASN A 403 -36.63 16.27 44.61
C ASN A 403 -36.43 16.81 43.18
N THR A 404 -36.03 18.07 43.04
CA THR A 404 -35.83 18.62 41.70
C THR A 404 -34.43 18.34 41.21
N ASP A 405 -33.93 17.15 41.56
CA ASP A 405 -32.68 16.57 41.11
C ASP A 405 -32.85 15.05 41.07
N TRP A 406 -32.37 14.42 40.00
CA TRP A 406 -32.51 12.99 39.80
C TRP A 406 -31.63 12.27 40.81
N SER A 407 -31.97 11.01 41.09
CA SER A 407 -31.19 10.12 41.93
C SER A 407 -31.14 8.75 41.25
N GLY A 408 -31.29 7.68 42.05
CA GLY A 408 -31.41 6.33 41.52
C GLY A 408 -31.11 5.26 42.57
N TYR A 409 -30.35 4.25 42.12
CA TYR A 409 -29.89 3.13 42.93
C TYR A 409 -29.11 3.66 44.12
N SER A 410 -29.52 3.27 45.34
CA SER A 410 -28.74 3.44 46.57
C SER A 410 -28.19 2.08 46.99
N GLY A 411 -27.37 2.07 48.05
CA GLY A 411 -26.72 0.87 48.52
C GLY A 411 -25.86 1.15 49.75
N SER A 412 -25.36 0.08 50.43
CA SER A 412 -24.68 0.28 51.70
C SER A 412 -23.26 -0.32 51.73
N PHE A 413 -22.43 0.23 52.62
CA PHE A 413 -21.05 -0.18 52.86
C PHE A 413 -20.53 0.43 54.15
N MET A 414 -19.50 -0.20 54.72
CA MET A 414 -18.79 0.33 55.86
C MET A 414 -17.32 -0.01 55.68
N ASP A 415 -16.42 0.90 56.12
CA ASP A 415 -14.97 0.67 56.09
C ASP A 415 -14.61 -0.21 57.28
N TYR A 416 -14.70 -1.53 57.06
CA TYR A 416 -14.75 -2.57 58.07
C TYR A 416 -13.49 -2.57 58.95
N TRP A 417 -12.55 -1.66 58.66
CA TRP A 417 -11.22 -1.79 59.22
C TRP A 417 -10.73 -0.49 59.85
N ALA A 418 -11.68 0.36 60.27
CA ALA A 418 -11.33 1.56 60.99
C ALA A 418 -11.05 1.17 62.43
N GLU A 419 -10.17 1.92 63.09
CA GLU A 419 -10.01 1.82 64.53
C GLU A 419 -11.32 2.25 65.18
N GLY A 420 -11.63 1.71 66.35
CA GLY A 420 -12.78 2.17 67.09
C GLY A 420 -13.58 1.01 67.68
N GLU A 421 -14.78 1.32 68.19
CA GLU A 421 -15.61 0.40 68.96
C GLU A 421 -16.78 -0.13 68.12
N CYS A 422 -17.13 0.54 67.01
CA CYS A 422 -18.35 0.22 66.27
C CYS A 422 -18.09 0.40 64.78
N TYR A 423 -19.00 -0.04 63.90
CA TYR A 423 -18.83 0.29 62.49
C TYR A 423 -19.56 1.58 62.12
N ARG A 424 -19.02 2.28 61.12
CA ARG A 424 -19.63 3.49 60.60
C ARG A 424 -20.49 3.13 59.38
N ALA A 425 -21.81 3.21 59.54
CA ALA A 425 -22.75 3.01 58.46
C ALA A 425 -22.50 4.01 57.34
N CYS A 426 -22.21 3.54 56.11
CA CYS A 426 -22.14 4.44 54.95
C CYS A 426 -23.02 3.92 53.82
N PHE A 427 -23.28 4.82 52.88
CA PHE A 427 -24.14 4.52 51.75
C PHE A 427 -23.81 5.42 50.57
N TYR A 428 -24.32 5.07 49.40
CA TYR A 428 -24.07 5.81 48.19
C TYR A 428 -25.41 6.00 47.47
N VAL A 429 -25.50 7.07 46.66
CA VAL A 429 -26.67 7.37 45.84
C VAL A 429 -26.20 7.61 44.40
N GLU A 430 -26.44 6.66 43.51
CA GLU A 430 -26.17 6.81 42.10
C GLU A 430 -27.14 7.87 41.63
N LEU A 431 -26.76 8.69 40.67
CA LEU A 431 -27.53 9.85 40.26
C LEU A 431 -27.59 9.80 38.76
N ILE A 432 -28.65 9.18 38.20
CA ILE A 432 -28.67 8.85 36.79
C ILE A 432 -28.95 10.14 36.03
N ARG A 433 -28.35 10.24 34.84
CA ARG A 433 -28.51 11.37 33.95
C ARG A 433 -28.71 10.81 32.54
N GLY A 434 -29.64 11.41 31.80
CA GLY A 434 -29.87 11.07 30.41
C GLY A 434 -31.12 10.20 30.27
N ARG A 435 -31.25 9.52 29.12
CA ARG A 435 -32.43 8.68 28.92
C ARG A 435 -32.61 7.78 30.13
N PRO A 436 -33.87 7.43 30.42
CA PRO A 436 -34.98 7.87 29.59
C PRO A 436 -35.48 9.24 30.01
N LYS A 437 -35.00 9.75 31.14
CA LYS A 437 -35.61 10.95 31.70
C LYS A 437 -35.11 12.25 31.02
N GLU A 438 -34.01 12.16 30.25
CA GLU A 438 -33.50 13.28 29.47
C GLU A 438 -33.10 12.81 28.08
N ASP A 439 -34.09 12.63 27.19
CA ASP A 439 -33.82 12.17 25.83
C ASP A 439 -32.99 13.18 25.02
N LYS A 440 -32.87 14.41 25.53
CA LYS A 440 -32.01 15.39 24.88
C LYS A 440 -30.77 14.65 24.35
N VAL A 441 -30.09 13.92 25.24
CA VAL A 441 -28.94 13.12 24.87
C VAL A 441 -29.39 11.69 24.61
N TRP A 442 -28.55 10.98 23.88
CA TRP A 442 -28.86 9.64 23.44
C TRP A 442 -28.38 8.58 24.43
N TRP A 443 -28.15 8.95 25.69
CA TRP A 443 -27.27 8.14 26.49
C TRP A 443 -27.63 8.19 27.97
N THR A 444 -27.14 7.18 28.72
CA THR A 444 -27.39 7.06 30.14
C THR A 444 -26.08 6.74 30.84
N SER A 445 -25.82 7.46 31.94
CA SER A 445 -24.61 7.34 32.75
C SER A 445 -24.96 7.65 34.20
N ASN A 446 -23.97 8.07 34.98
CA ASN A 446 -24.20 8.38 36.37
C ASN A 446 -23.00 9.14 36.91
N SER A 447 -23.19 9.81 38.06
CA SER A 447 -22.15 10.24 38.98
C SER A 447 -22.60 9.70 40.34
N ILE A 448 -21.83 10.00 41.40
CA ILE A 448 -21.92 9.30 42.68
C ILE A 448 -21.72 10.29 43.82
N VAL A 449 -22.61 10.22 44.83
CA VAL A 449 -22.39 10.87 46.13
C VAL A 449 -22.48 9.81 47.25
N SER A 450 -21.84 10.05 48.40
CA SER A 450 -21.80 9.02 49.42
C SER A 450 -21.46 9.62 50.78
N MET A 451 -22.36 9.43 51.75
CA MET A 451 -22.19 9.84 53.13
C MET A 451 -21.90 8.64 54.03
N CYS A 452 -21.26 8.91 55.17
CA CYS A 452 -21.14 7.97 56.28
C CYS A 452 -21.82 8.58 57.50
N SER A 453 -22.03 7.77 58.54
CA SER A 453 -22.87 8.21 59.65
C SER A 453 -22.04 9.03 60.66
N SER A 454 -22.75 9.76 61.53
CA SER A 454 -22.11 10.61 62.50
C SER A 454 -22.98 10.72 63.74
N THR A 455 -22.29 10.65 64.88
CA THR A 455 -22.83 10.62 66.22
C THR A 455 -23.16 12.03 66.69
N GLU A 456 -22.76 13.02 65.89
CA GLU A 456 -23.19 14.38 66.14
C GLU A 456 -24.24 14.76 65.09
N PHE A 457 -25.09 15.73 65.46
CA PHE A 457 -26.15 16.20 64.60
C PHE A 457 -25.68 17.42 63.81
N LEU A 458 -25.32 17.17 62.54
CA LEU A 458 -24.69 18.15 61.66
C LEU A 458 -25.71 18.74 60.70
N GLY A 459 -25.46 20.00 60.29
CA GLY A 459 -26.20 20.62 59.22
C GLY A 459 -26.29 19.70 58.01
N GLN A 460 -27.18 20.03 57.08
CA GLN A 460 -27.49 19.16 55.95
C GLN A 460 -27.37 19.98 54.68
N TRP A 461 -26.84 19.32 53.63
CA TRP A 461 -26.68 19.91 52.32
C TRP A 461 -27.32 18.97 51.30
N ASP A 462 -27.49 19.46 50.07
CA ASP A 462 -28.01 18.66 48.98
C ASP A 462 -26.86 18.35 48.05
N TRP A 463 -26.87 17.13 47.48
CA TRP A 463 -25.69 16.71 46.76
C TRP A 463 -26.01 16.35 45.33
N PRO A 464 -26.56 17.33 44.55
CA PRO A 464 -27.08 17.07 43.20
C PRO A 464 -26.05 16.32 42.37
N ASP A 465 -26.42 15.85 41.17
CA ASP A 465 -25.36 15.41 40.28
C ASP A 465 -24.43 16.62 40.18
N GLY A 466 -24.71 17.52 39.22
CA GLY A 466 -24.06 18.80 39.02
C GLY A 466 -24.13 19.24 37.56
N ALA A 467 -24.35 18.28 36.66
CA ALA A 467 -24.14 18.50 35.24
C ALA A 467 -25.32 19.25 34.63
N LYS A 468 -25.04 19.94 33.52
CA LYS A 468 -26.03 20.65 32.75
C LYS A 468 -26.08 19.96 31.40
N ILE A 469 -27.16 19.22 31.18
CA ILE A 469 -27.33 18.43 29.96
C ILE A 469 -27.25 19.34 28.74
N GLU A 470 -27.68 20.60 28.91
CA GLU A 470 -27.61 21.60 27.84
C GLU A 470 -26.22 21.52 27.18
N TYR A 471 -25.17 21.59 27.99
CA TYR A 471 -23.79 21.49 27.53
C TYR A 471 -23.60 20.24 26.68
N PHE A 472 -24.37 19.20 26.97
CA PHE A 472 -24.10 17.96 26.29
C PHE A 472 -24.68 17.99 24.89
N LEU A 473 -25.61 18.94 24.66
CA LEU A 473 -26.36 19.02 23.42
C LEU A 473 -25.46 19.61 22.34
N GLY B 36 40.60 -54.30 100.57
CA GLY B 36 41.39 -54.86 101.70
C GLY B 36 40.98 -54.24 103.05
N SER B 37 39.94 -53.39 103.00
CA SER B 37 39.21 -52.86 104.15
C SER B 37 37.97 -52.11 103.64
N ILE B 38 36.87 -52.19 104.42
CA ILE B 38 35.60 -51.55 104.11
C ILE B 38 35.82 -50.03 104.09
N ILE B 39 36.45 -49.53 105.15
CA ILE B 39 36.70 -48.11 105.39
C ILE B 39 37.30 -47.46 104.14
N ASN B 40 37.71 -48.27 103.16
CA ASN B 40 38.42 -47.79 101.98
C ASN B 40 37.73 -48.30 100.72
N GLU B 41 36.83 -49.26 100.87
CA GLU B 41 36.06 -49.75 99.73
C GLU B 41 34.71 -49.05 99.65
N THR B 42 34.17 -48.63 100.81
CA THR B 42 32.95 -47.83 100.85
C THR B 42 33.26 -46.45 100.26
N ALA B 43 34.53 -46.05 100.35
CA ALA B 43 34.97 -44.77 99.83
C ALA B 43 35.06 -44.86 98.31
N ASP B 44 35.52 -46.01 97.80
CA ASP B 44 35.45 -46.28 96.38
C ASP B 44 34.00 -46.49 95.97
N ASP B 45 33.12 -46.76 96.95
CA ASP B 45 31.70 -46.97 96.69
C ASP B 45 30.95 -45.63 96.67
N ILE B 46 31.17 -44.75 97.66
CA ILE B 46 30.50 -43.46 97.72
C ILE B 46 30.85 -42.58 96.52
N VAL B 47 32.04 -42.78 95.95
CA VAL B 47 32.48 -42.02 94.79
C VAL B 47 31.81 -42.55 93.53
N TYR B 48 31.91 -43.87 93.27
CA TYR B 48 31.38 -44.46 92.04
C TYR B 48 29.87 -44.27 91.96
N ARG B 49 29.20 -44.27 93.12
CA ARG B 49 27.74 -44.21 93.18
C ARG B 49 27.27 -42.78 92.98
N LEU B 50 28.21 -41.83 93.09
CA LEU B 50 27.86 -40.43 92.89
C LEU B 50 28.33 -39.97 91.51
N THR B 51 29.28 -40.69 90.93
CA THR B 51 29.67 -40.40 89.55
C THR B 51 28.47 -40.57 88.64
N VAL B 52 28.01 -41.81 88.47
CA VAL B 52 27.06 -42.07 87.40
C VAL B 52 25.85 -41.12 87.49
N ILE B 53 25.52 -40.66 88.71
CA ILE B 53 24.53 -39.61 88.92
C ILE B 53 24.95 -38.38 88.12
N ILE B 54 26.05 -37.77 88.57
CA ILE B 54 26.64 -36.62 87.92
C ILE B 54 26.66 -36.88 86.43
N ASP B 55 27.23 -38.03 86.03
CA ASP B 55 27.52 -38.35 84.64
C ASP B 55 26.25 -38.49 83.80
N ASP B 56 25.11 -38.81 84.45
CA ASP B 56 23.86 -38.90 83.71
C ASP B 56 23.22 -37.51 83.65
N ARG B 57 23.19 -36.85 84.81
CA ARG B 57 22.53 -35.57 84.87
C ARG B 57 23.17 -34.65 83.83
N TYR B 58 24.51 -34.65 83.79
CA TYR B 58 25.27 -33.81 82.89
C TYR B 58 24.92 -34.16 81.46
N GLU B 59 24.73 -35.46 81.18
CA GLU B 59 24.47 -35.98 79.85
C GLU B 59 23.09 -35.49 79.39
N SER B 60 22.18 -35.45 80.38
CA SER B 60 20.82 -34.98 80.25
C SER B 60 20.79 -33.48 80.03
N LEU B 61 21.61 -32.75 80.78
CA LEU B 61 21.68 -31.31 80.61
C LEU B 61 22.42 -31.01 79.30
N LYS B 62 23.58 -31.65 79.14
CA LYS B 62 24.41 -31.54 77.95
C LYS B 62 23.53 -31.62 76.71
N ASN B 63 22.93 -32.81 76.51
CA ASN B 63 22.26 -33.12 75.26
C ASN B 63 21.02 -32.24 75.07
N LEU B 64 20.41 -31.79 76.17
CA LEU B 64 19.17 -31.04 76.04
C LEU B 64 19.46 -29.58 75.65
N ILE B 65 20.54 -29.00 76.21
CA ILE B 65 21.01 -27.68 75.82
C ILE B 65 21.34 -27.66 74.32
N THR B 66 21.90 -28.78 73.82
CA THR B 66 22.16 -28.96 72.40
C THR B 66 20.86 -28.85 71.60
N LEU B 67 19.85 -29.64 71.97
CA LEU B 67 18.64 -29.82 71.17
C LEU B 67 17.88 -28.50 71.08
N ARG B 68 17.82 -27.78 72.20
CA ARG B 68 17.16 -26.48 72.29
C ARG B 68 17.89 -25.45 71.42
N ALA B 69 19.22 -25.45 71.47
CA ALA B 69 20.01 -24.51 70.68
C ALA B 69 19.96 -24.86 69.20
N ASP B 70 19.79 -26.15 68.90
CA ASP B 70 19.63 -26.62 67.53
C ASP B 70 18.22 -26.29 67.06
N ARG B 71 17.28 -26.23 68.01
CA ARG B 71 15.92 -25.85 67.71
C ARG B 71 15.90 -24.40 67.21
N LEU B 72 16.48 -23.49 68.01
CA LEU B 72 16.40 -22.06 67.71
C LEU B 72 17.10 -21.73 66.40
N GLU B 73 18.27 -22.35 66.17
CA GLU B 73 19.09 -22.12 65.00
C GLU B 73 18.32 -22.43 63.72
N MET B 74 17.35 -23.35 63.80
CA MET B 74 16.58 -23.76 62.63
C MET B 74 15.36 -22.87 62.49
N ILE B 75 14.78 -22.48 63.63
CA ILE B 75 13.70 -21.52 63.69
C ILE B 75 14.12 -20.27 62.91
N ILE B 76 15.05 -19.51 63.50
CA ILE B 76 15.60 -18.32 62.87
C ILE B 76 15.76 -18.58 61.37
N ASN B 77 16.65 -19.51 61.03
CA ASN B 77 16.95 -19.84 59.65
C ASN B 77 15.69 -19.86 58.80
N ASP B 78 14.65 -20.55 59.25
CA ASP B 78 13.47 -20.65 58.42
C ASP B 78 12.79 -19.30 58.37
N ASN B 79 12.44 -18.78 59.55
CA ASN B 79 11.76 -17.50 59.70
C ASN B 79 12.55 -16.41 58.98
N VAL B 80 13.86 -16.64 58.78
CA VAL B 80 14.75 -15.68 58.16
C VAL B 80 14.78 -15.88 56.65
N SER B 81 14.76 -17.15 56.22
CA SER B 81 14.59 -17.51 54.82
C SER B 81 13.28 -16.89 54.34
N THR B 82 12.28 -16.92 55.21
CA THR B 82 10.92 -16.60 54.82
C THR B 82 10.75 -15.09 54.67
N ILE B 83 11.60 -14.31 55.36
CA ILE B 83 11.69 -12.87 55.16
C ILE B 83 12.13 -12.59 53.72
N LEU B 84 12.77 -13.57 53.05
CA LEU B 84 13.29 -13.34 51.70
C LEU B 84 12.36 -13.94 50.64
N ALA B 85 12.91 -14.33 49.47
CA ALA B 85 12.07 -14.69 48.34
C ALA B 85 12.86 -15.14 47.10
N ARG B 86 12.27 -14.92 45.91
CA ARG B 86 11.68 -15.91 45.01
C ARG B 86 12.59 -16.80 44.17
N ASP B 87 11.96 -17.85 43.63
CA ASP B 87 12.51 -18.93 42.80
C ASP B 87 11.79 -19.04 41.45
N PHE B 88 12.48 -19.70 40.50
CA PHE B 88 11.91 -20.08 39.21
C PHE B 88 10.72 -21.01 39.41
N ASN B 89 9.81 -21.00 38.42
CA ASN B 89 8.59 -21.77 38.47
C ASN B 89 8.79 -23.04 37.64
N ASN B 90 8.16 -24.12 38.08
CA ASN B 90 8.28 -25.41 37.42
C ASN B 90 6.91 -25.87 36.94
N LEU B 91 6.87 -26.43 35.72
CA LEU B 91 5.64 -26.91 35.11
C LEU B 91 5.19 -28.21 35.77
N THR B 92 4.76 -28.13 37.03
CA THR B 92 4.43 -29.34 37.75
C THR B 92 3.02 -29.80 37.39
N LYS B 93 2.07 -28.87 37.34
CA LYS B 93 0.70 -29.34 37.28
C LYS B 93 0.37 -29.67 35.83
N GLY B 94 -0.82 -30.23 35.63
CA GLY B 94 -1.30 -30.54 34.30
C GLY B 94 -2.52 -29.66 34.07
N LEU B 95 -3.15 -29.78 32.88
CA LEU B 95 -4.20 -28.83 32.58
C LEU B 95 -5.40 -29.25 33.40
N CYS B 96 -6.42 -28.38 33.47
CA CYS B 96 -7.70 -28.76 34.08
C CYS B 96 -8.61 -29.39 33.01
N THR B 97 -9.69 -30.03 33.44
CA THR B 97 -10.63 -30.56 32.46
C THR B 97 -11.37 -29.40 31.78
N ILE B 98 -11.38 -29.40 30.44
CA ILE B 98 -12.08 -28.33 29.75
C ILE B 98 -13.50 -28.79 29.41
N ASN B 99 -14.49 -28.10 29.99
CA ASN B 99 -15.86 -28.48 29.76
C ASN B 99 -16.59 -27.36 29.03
N SER B 100 -16.10 -26.13 29.22
CA SER B 100 -16.58 -24.93 28.53
C SER B 100 -15.55 -23.84 28.77
N TRP B 101 -15.68 -22.69 28.10
CA TRP B 101 -14.79 -21.57 28.38
C TRP B 101 -15.57 -20.39 28.93
N HIS B 102 -14.93 -19.65 29.85
CA HIS B 102 -15.48 -18.46 30.50
C HIS B 102 -14.58 -17.26 30.24
N ILE B 103 -15.17 -16.06 30.36
CA ILE B 103 -14.53 -14.82 29.94
C ILE B 103 -13.56 -14.29 31.02
N TYR B 104 -12.29 -14.15 30.61
CA TYR B 104 -11.21 -13.65 31.46
C TYR B 104 -11.20 -12.11 31.38
N GLY B 105 -11.02 -11.59 30.15
CA GLY B 105 -10.84 -10.16 29.93
C GLY B 105 -11.35 -9.71 28.56
N LYS B 106 -11.49 -8.38 28.38
CA LYS B 106 -11.85 -7.74 27.13
C LYS B 106 -11.42 -6.29 27.18
N ASP B 107 -10.76 -5.77 26.13
CA ASP B 107 -10.24 -4.42 26.26
C ASP B 107 -11.15 -3.38 25.60
N ASN B 108 -12.02 -3.83 24.71
CA ASN B 108 -12.93 -2.96 23.98
C ASN B 108 -12.18 -1.87 23.22
N ALA B 109 -10.84 -1.90 23.24
CA ALA B 109 -9.96 -0.89 22.65
C ALA B 109 -10.68 -0.02 21.61
N VAL B 110 -11.02 -0.60 20.47
CA VAL B 110 -11.57 0.16 19.36
C VAL B 110 -12.78 1.00 19.80
N ARG B 111 -13.72 0.41 20.55
CA ARG B 111 -14.92 1.13 20.99
C ARG B 111 -14.56 2.47 21.64
N ILE B 112 -13.74 2.43 22.71
CA ILE B 112 -13.44 3.53 23.62
C ILE B 112 -12.70 4.63 22.87
N GLY B 113 -11.67 4.22 22.10
CA GLY B 113 -10.77 5.12 21.39
C GLY B 113 -11.31 5.50 20.01
N GLU B 114 -12.63 5.59 19.93
CA GLU B 114 -13.23 6.53 19.02
C GLU B 114 -13.25 7.88 19.74
N ASP B 115 -12.88 7.88 21.02
CA ASP B 115 -12.96 9.14 21.74
C ASP B 115 -12.07 9.08 22.98
N SER B 116 -10.77 9.01 22.72
CA SER B 116 -9.79 8.67 23.73
C SER B 116 -8.51 8.31 23.02
N ASP B 117 -7.39 8.63 23.69
CA ASP B 117 -6.05 8.48 23.18
C ASP B 117 -5.62 7.03 23.47
N VAL B 118 -5.92 6.16 22.48
CA VAL B 118 -5.75 4.72 22.52
C VAL B 118 -4.85 4.36 21.33
N LEU B 119 -3.81 3.57 21.60
CA LEU B 119 -2.77 3.24 20.66
C LEU B 119 -3.28 2.29 19.58
N VAL B 120 -2.89 2.54 18.31
CA VAL B 120 -3.06 1.56 17.23
C VAL B 120 -2.07 0.41 17.43
N THR B 121 -2.61 -0.78 17.73
CA THR B 121 -1.83 -1.99 17.92
C THR B 121 -2.22 -2.99 16.84
N ARG B 122 -1.49 -4.11 16.80
CA ARG B 122 -1.94 -5.39 16.28
C ARG B 122 -1.05 -6.50 16.84
N GLU B 123 -1.38 -7.76 16.51
CA GLU B 123 -0.57 -8.90 16.84
C GLU B 123 -0.36 -9.04 18.35
N PRO B 124 -1.44 -9.11 19.18
CA PRO B 124 -1.30 -9.19 20.63
C PRO B 124 -1.48 -10.56 21.31
N TYR B 125 -1.42 -10.56 22.66
CA TYR B 125 -1.31 -11.75 23.46
C TYR B 125 -1.26 -11.46 24.97
N VAL B 126 -1.59 -12.48 25.75
CA VAL B 126 -1.72 -12.31 27.19
C VAL B 126 -0.60 -13.10 27.85
N SER B 127 -0.16 -12.62 29.01
CA SER B 127 0.91 -13.26 29.75
C SER B 127 0.80 -12.86 31.19
N CYS B 128 1.35 -13.68 32.08
CA CYS B 128 1.23 -13.40 33.49
C CYS B 128 2.61 -13.34 34.13
N ASP B 129 2.65 -12.76 35.32
CA ASP B 129 3.77 -12.71 36.24
C ASP B 129 3.28 -13.29 37.54
N PRO B 130 4.16 -13.56 38.52
CA PRO B 130 3.71 -14.14 39.78
C PRO B 130 2.39 -13.52 40.20
N ASP B 131 2.28 -12.19 40.09
CA ASP B 131 1.27 -11.48 40.86
C ASP B 131 0.42 -10.53 40.01
N GLU B 132 0.22 -10.85 38.72
CA GLU B 132 -0.53 -9.99 37.82
C GLU B 132 -0.54 -10.60 36.41
N CYS B 133 -1.66 -10.45 35.65
CA CYS B 133 -1.70 -10.71 34.22
C CYS B 133 -2.06 -9.42 33.46
N ARG B 134 -1.43 -9.21 32.30
CA ARG B 134 -1.55 -7.95 31.57
C ARG B 134 -1.74 -8.25 30.09
N PHE B 135 -2.34 -7.31 29.35
CA PHE B 135 -2.42 -7.49 27.90
C PHE B 135 -1.06 -7.12 27.33
N TYR B 136 -0.78 -7.55 26.09
CA TYR B 136 0.41 -7.20 25.32
C TYR B 136 -0.01 -7.07 23.85
N ALA B 137 0.71 -6.20 23.12
CA ALA B 137 0.50 -6.08 21.67
C ALA B 137 1.64 -5.31 21.02
N LEU B 138 1.65 -5.27 19.68
CA LEU B 138 2.63 -4.45 19.00
C LEU B 138 1.98 -3.12 18.61
N SER B 139 2.21 -2.11 19.46
CA SER B 139 1.93 -0.72 19.16
C SER B 139 2.46 -0.23 17.81
N GLN B 140 1.70 0.70 17.21
CA GLN B 140 1.94 1.09 15.82
C GLN B 140 2.41 2.52 15.78
N GLY B 141 2.55 3.14 16.97
CA GLY B 141 3.20 4.42 17.18
C GLY B 141 2.23 5.61 17.26
N THR B 142 0.96 5.40 16.91
CA THR B 142 0.00 6.50 16.91
C THR B 142 -1.17 6.12 17.81
N THR B 143 -2.06 7.09 18.12
CA THR B 143 -3.41 6.87 18.62
C THR B 143 -4.34 6.68 17.43
N ILE B 144 -5.49 6.01 17.62
CA ILE B 144 -6.30 5.51 16.51
C ILE B 144 -6.91 6.67 15.75
N ARG B 145 -7.36 7.70 16.50
CA ARG B 145 -7.88 8.91 15.87
C ARG B 145 -6.72 9.71 15.27
N GLY B 146 -5.53 9.67 15.90
CA GLY B 146 -4.40 10.39 15.37
C GLY B 146 -4.42 10.31 13.85
N LYS B 147 -3.87 11.31 13.17
CA LYS B 147 -3.86 11.24 11.71
C LYS B 147 -2.88 10.16 11.26
N HIS B 148 -1.69 10.16 11.87
CA HIS B 148 -0.62 9.21 11.62
C HIS B 148 -1.16 7.77 11.60
N SER B 149 -2.37 7.56 12.17
CA SER B 149 -2.94 6.22 12.14
C SER B 149 -3.36 5.85 10.71
N ASN B 150 -3.06 6.73 9.74
CA ASN B 150 -3.24 6.40 8.34
C ASN B 150 -2.15 5.38 7.99
N GLY B 151 -2.54 4.30 7.30
CA GLY B 151 -1.63 3.31 6.74
C GLY B 151 -0.96 2.43 7.80
N THR B 152 -1.63 2.24 8.94
CA THR B 152 -1.11 1.41 9.99
C THR B 152 -1.25 -0.07 9.65
N ILE B 153 -1.60 -0.40 8.40
CA ILE B 153 -1.85 -1.79 8.02
C ILE B 153 -0.52 -2.46 7.71
N HIS B 154 0.53 -1.64 7.52
CA HIS B 154 1.87 -2.17 7.36
C HIS B 154 2.30 -2.74 8.71
N ASP B 155 2.94 -3.91 8.65
CA ASP B 155 3.18 -4.72 9.83
C ASP B 155 4.43 -4.19 10.54
N ARG B 156 5.28 -3.52 9.77
CA ARG B 156 6.67 -3.28 10.16
C ARG B 156 7.06 -1.84 9.86
N SER B 157 7.59 -1.20 10.90
CA SER B 157 8.28 0.06 10.71
C SER B 157 9.04 0.42 11.99
N GLN B 158 9.55 1.65 12.04
CA GLN B 158 10.38 2.10 13.15
C GLN B 158 9.51 2.57 14.30
N TYR B 159 8.18 2.50 14.13
CA TYR B 159 7.26 3.09 15.10
C TYR B 159 6.56 2.05 15.99
N ARG B 160 6.76 0.74 15.72
CA ARG B 160 6.13 -0.37 16.44
C ARG B 160 6.95 -0.82 17.66
N ALA B 161 6.25 -1.36 18.69
CA ALA B 161 6.92 -1.63 19.96
C ALA B 161 6.12 -2.59 20.84
N LEU B 162 6.79 -3.58 21.41
CA LEU B 162 6.14 -4.42 22.39
C LEU B 162 5.83 -3.55 23.59
N ILE B 163 4.52 -3.35 23.80
CA ILE B 163 3.97 -2.78 25.02
C ILE B 163 3.00 -3.81 25.59
N SER B 164 2.89 -3.77 26.93
CA SER B 164 1.91 -4.44 27.77
C SER B 164 1.14 -3.38 28.53
N TRP B 165 -0.07 -3.68 29.01
CA TRP B 165 -0.84 -2.73 29.81
C TRP B 165 -1.82 -3.53 30.66
N PRO B 166 -2.43 -2.92 31.71
CA PRO B 166 -3.41 -3.60 32.58
C PRO B 166 -4.57 -4.34 31.93
N LEU B 167 -4.71 -5.62 32.27
CA LEU B 167 -5.80 -6.48 31.77
C LEU B 167 -7.13 -5.71 31.69
N SER B 168 -7.76 -5.75 30.50
CA SER B 168 -9.09 -5.18 30.30
C SER B 168 -9.09 -3.65 30.42
N SER B 169 -7.91 -3.04 30.26
CA SER B 169 -7.78 -1.62 29.97
C SER B 169 -7.37 -1.58 28.51
N PRO B 170 -7.48 -0.45 27.79
CA PRO B 170 -7.04 -0.41 26.40
C PRO B 170 -5.53 -0.18 26.34
N PRO B 171 -4.91 -0.27 25.15
CA PRO B 171 -3.55 0.25 24.97
C PRO B 171 -3.50 1.77 24.94
N THR B 172 -3.78 2.42 26.07
CA THR B 172 -3.87 3.87 26.03
C THR B 172 -2.46 4.42 25.99
N VAL B 173 -2.38 5.74 25.76
CA VAL B 173 -1.10 6.43 25.66
C VAL B 173 -0.51 6.48 27.07
N TYR B 174 -1.38 6.42 28.08
CA TYR B 174 -0.98 6.83 29.40
C TYR B 174 -0.79 5.64 30.32
N ASN B 175 -1.16 4.43 29.83
CA ASN B 175 -1.28 3.27 30.70
C ASN B 175 -0.41 2.11 30.22
N SER B 176 0.04 2.19 28.97
CA SER B 176 0.90 1.19 28.33
C SER B 176 2.36 1.39 28.71
N ARG B 177 3.06 0.26 28.95
CA ARG B 177 4.48 0.17 29.27
C ARG B 177 5.27 -0.42 28.11
N VAL B 178 6.16 0.37 27.50
CA VAL B 178 6.94 -0.15 26.39
C VAL B 178 7.91 -1.17 26.95
N GLU B 179 7.92 -2.38 26.37
CA GLU B 179 8.79 -3.43 26.84
C GLU B 179 10.02 -3.46 25.95
N CYS B 180 9.87 -3.16 24.66
CA CYS B 180 11.01 -2.93 23.78
C CYS B 180 10.56 -2.63 22.36
N ILE B 181 11.51 -2.19 21.51
CA ILE B 181 11.17 -1.59 20.24
C ILE B 181 11.23 -2.62 19.15
N GLY B 182 10.20 -2.65 18.30
CA GLY B 182 10.26 -3.38 17.04
C GLY B 182 8.90 -3.95 16.70
N TRP B 183 8.87 -4.81 15.68
CA TRP B 183 7.64 -5.34 15.12
C TRP B 183 7.54 -6.86 15.18
N SER B 184 8.09 -7.53 16.21
CA SER B 184 8.06 -9.00 16.29
C SER B 184 8.44 -9.49 17.69
N SER B 185 7.46 -9.93 18.46
CA SER B 185 7.68 -10.03 19.90
C SER B 185 7.43 -11.45 20.43
N THR B 186 8.00 -11.72 21.61
CA THR B 186 7.54 -12.69 22.58
C THR B 186 7.83 -12.09 23.95
N SER B 187 7.21 -12.64 24.98
CA SER B 187 7.49 -12.29 26.37
C SER B 187 6.97 -13.39 27.27
N CYS B 188 7.59 -13.52 28.44
CA CYS B 188 7.17 -14.49 29.44
C CYS B 188 7.97 -14.29 30.72
N HIS B 189 7.34 -14.59 31.86
CA HIS B 189 8.01 -14.59 33.14
C HIS B 189 8.58 -15.97 33.43
N ASP B 190 9.75 -15.99 34.08
CA ASP B 190 10.43 -17.24 34.40
C ASP B 190 10.21 -17.56 35.87
N GLY B 191 9.34 -16.79 36.52
CA GLY B 191 9.09 -17.00 37.94
C GLY B 191 9.89 -16.05 38.82
N LYS B 192 11.02 -15.56 38.29
CA LYS B 192 11.79 -14.54 38.99
C LYS B 192 11.41 -13.17 38.44
N THR B 193 11.63 -12.99 37.13
CA THR B 193 11.35 -11.75 36.43
C THR B 193 10.91 -12.12 35.02
N ARG B 194 10.85 -11.14 34.13
CA ARG B 194 10.34 -11.36 32.79
C ARG B 194 11.44 -11.19 31.74
N MET B 195 11.17 -11.77 30.58
CA MET B 195 12.00 -11.69 29.40
C MET B 195 11.09 -11.28 28.26
N SER B 196 11.50 -10.22 27.53
CA SER B 196 10.85 -9.83 26.30
C SER B 196 11.88 -9.87 25.17
N ILE B 197 11.42 -10.20 23.96
CA ILE B 197 12.27 -10.17 22.78
C ILE B 197 11.59 -9.37 21.66
N CYS B 198 12.24 -8.28 21.24
CA CYS B 198 11.78 -7.50 20.12
C CYS B 198 12.72 -7.67 18.93
N ILE B 199 12.09 -7.87 17.77
CA ILE B 199 12.81 -7.86 16.53
C ILE B 199 12.42 -6.58 15.81
N SER B 200 13.44 -5.84 15.34
CA SER B 200 13.27 -4.74 14.39
C SER B 200 14.36 -4.81 13.32
N GLY B 201 14.16 -4.06 12.24
CA GLY B 201 15.14 -3.93 11.17
C GLY B 201 14.50 -3.81 9.79
N PRO B 202 15.27 -3.60 8.69
CA PRO B 202 14.72 -3.69 7.35
C PRO B 202 14.50 -5.18 7.05
N ASN B 203 13.94 -5.53 5.89
CA ASN B 203 13.61 -6.91 5.60
C ASN B 203 14.85 -7.81 5.73
N ASN B 204 16.00 -7.27 5.29
CA ASN B 204 17.18 -8.05 4.98
C ASN B 204 18.29 -7.82 6.02
N ASN B 205 18.02 -7.11 7.13
CA ASN B 205 19.12 -6.78 8.02
C ASN B 205 18.60 -6.58 9.46
N ALA B 206 18.09 -7.66 10.04
CA ALA B 206 17.27 -7.57 11.23
C ALA B 206 17.96 -8.23 12.41
N SER B 207 17.68 -7.73 13.61
CA SER B 207 18.26 -8.26 14.82
C SER B 207 17.15 -8.59 15.81
N ALA B 208 17.46 -9.40 16.83
CA ALA B 208 16.59 -9.35 18.00
C ALA B 208 17.41 -9.00 19.25
N VAL B 209 16.73 -8.38 20.20
CA VAL B 209 17.35 -8.06 21.46
C VAL B 209 16.51 -8.78 22.50
N ILE B 210 17.22 -9.41 23.43
CA ILE B 210 16.58 -10.16 24.47
C ILE B 210 16.84 -9.36 25.72
N TRP B 211 15.75 -8.80 26.26
CA TRP B 211 15.77 -8.12 27.53
C TRP B 211 15.47 -9.14 28.61
N TYR B 212 16.32 -9.18 29.64
CA TYR B 212 15.99 -9.84 30.89
C TYR B 212 15.89 -8.74 31.94
N ASN B 213 15.01 -8.91 32.93
CA ASN B 213 14.88 -7.99 34.05
C ASN B 213 14.91 -6.56 33.54
N ARG B 214 14.33 -6.36 32.34
CA ARG B 214 14.09 -5.04 31.78
C ARG B 214 15.38 -4.43 31.23
N ARG B 215 16.51 -5.16 31.28
CA ARG B 215 17.68 -4.64 30.61
C ARG B 215 17.96 -5.55 29.42
N PRO B 216 18.61 -5.05 28.33
CA PRO B 216 19.05 -5.91 27.23
C PRO B 216 20.19 -6.80 27.67
N VAL B 217 20.32 -7.95 26.99
CA VAL B 217 21.31 -8.92 27.43
C VAL B 217 21.98 -9.50 26.19
N THR B 218 21.16 -9.82 25.18
CA THR B 218 21.58 -10.59 24.01
C THR B 218 20.96 -9.97 22.75
N GLU B 219 21.75 -9.90 21.69
CA GLU B 219 21.21 -9.52 20.40
C GLU B 219 21.58 -10.62 19.41
N ILE B 220 20.58 -11.31 18.87
CA ILE B 220 20.83 -12.24 17.78
C ILE B 220 20.67 -11.44 16.49
N ASN B 221 21.49 -11.75 15.48
CA ASN B 221 21.35 -11.11 14.17
C ASN B 221 20.70 -12.08 13.19
N THR B 222 19.94 -11.57 12.22
CA THR B 222 19.29 -12.44 11.24
C THR B 222 20.36 -13.35 10.63
N TRP B 223 19.94 -14.60 10.30
CA TRP B 223 20.79 -15.63 9.75
C TRP B 223 20.44 -15.91 8.29
N ALA B 224 19.19 -15.61 7.91
CA ALA B 224 18.79 -15.87 6.53
C ALA B 224 18.33 -14.58 5.86
N ARG B 225 18.34 -13.48 6.63
CA ARG B 225 18.21 -12.11 6.14
C ARG B 225 16.93 -11.94 5.30
N ASN B 226 15.84 -12.59 5.68
CA ASN B 226 14.55 -12.33 5.05
C ASN B 226 13.47 -12.28 6.13
N ILE B 227 13.40 -11.16 6.85
CA ILE B 227 12.33 -10.94 7.81
C ILE B 227 12.39 -12.01 8.89
N LEU B 228 13.42 -11.87 9.75
CA LEU B 228 13.49 -12.61 11.00
C LEU B 228 12.20 -12.33 11.74
N ARG B 229 11.55 -13.37 12.27
CA ARG B 229 10.29 -13.20 12.98
C ARG B 229 10.19 -14.24 14.09
N THR B 230 9.26 -14.01 15.02
CA THR B 230 8.99 -14.93 16.11
C THR B 230 7.49 -15.01 16.41
N GLN B 231 7.17 -15.29 17.70
CA GLN B 231 5.98 -15.99 18.13
C GLN B 231 4.74 -15.11 18.08
N GLU B 232 4.86 -13.89 18.64
CA GLU B 232 3.75 -12.96 18.72
C GLU B 232 2.72 -13.44 19.75
N SER B 233 3.16 -14.35 20.64
CA SER B 233 2.40 -14.75 21.81
C SER B 233 3.38 -15.20 22.92
N GLU B 234 2.87 -15.42 24.14
CA GLU B 234 3.74 -15.65 25.30
C GLU B 234 4.60 -16.90 25.12
N CYS B 235 5.75 -16.90 25.81
CA CYS B 235 6.54 -18.10 25.93
C CYS B 235 6.26 -18.69 27.31
N VAL B 236 6.98 -19.78 27.61
CA VAL B 236 6.77 -20.59 28.80
C VAL B 236 8.14 -21.01 29.30
N CYS B 237 8.34 -21.00 30.62
CA CYS B 237 9.62 -21.34 31.22
C CYS B 237 9.47 -22.47 32.22
N HIS B 238 10.33 -23.48 32.09
CA HIS B 238 10.52 -24.43 33.17
C HIS B 238 11.85 -24.15 33.84
N ASN B 239 11.83 -24.07 35.17
CA ASN B 239 13.06 -23.82 35.90
C ASN B 239 13.95 -22.96 35.02
N GLY B 240 13.51 -21.71 34.76
CA GLY B 240 14.38 -20.68 34.21
C GLY B 240 14.70 -20.86 32.71
N VAL B 241 14.42 -22.05 32.16
CA VAL B 241 14.67 -22.28 30.73
C VAL B 241 13.44 -21.84 29.94
N CYS B 242 13.61 -20.81 29.11
CA CYS B 242 12.47 -20.39 28.32
C CYS B 242 12.88 -20.51 26.87
N PRO B 243 12.40 -21.56 26.16
CA PRO B 243 12.68 -21.72 24.74
C PRO B 243 11.81 -20.76 23.95
N VAL B 244 12.16 -20.52 22.68
CA VAL B 244 11.38 -19.63 21.84
C VAL B 244 11.63 -20.09 20.41
N VAL B 245 10.65 -19.87 19.53
CA VAL B 245 10.71 -20.33 18.16
C VAL B 245 10.79 -19.15 17.21
N PHE B 246 11.86 -19.15 16.39
CA PHE B 246 12.06 -18.11 15.38
C PHE B 246 11.88 -18.77 14.03
N THR B 247 11.61 -17.96 13.00
CA THR B 247 11.73 -18.39 11.62
C THR B 247 12.49 -17.28 10.91
N ASP B 248 13.42 -17.64 10.02
CA ASP B 248 14.03 -16.67 9.12
C ASP B 248 14.05 -17.28 7.72
N GLY B 249 13.24 -16.73 6.81
CA GLY B 249 13.27 -17.17 5.43
C GLY B 249 11.96 -16.81 4.74
N SER B 250 11.75 -17.40 3.55
CA SER B 250 10.54 -17.20 2.78
C SER B 250 9.34 -17.34 3.72
N ALA B 251 8.31 -16.51 3.47
CA ALA B 251 7.06 -16.81 4.13
C ALA B 251 6.29 -17.83 3.29
N THR B 252 6.69 -17.97 2.01
CA THR B 252 6.02 -18.83 1.04
C THR B 252 6.95 -19.90 0.47
N GLY B 253 7.79 -20.50 1.33
CA GLY B 253 8.74 -21.54 0.96
C GLY B 253 9.56 -22.06 2.15
N PRO B 254 10.54 -22.97 1.94
CA PRO B 254 11.42 -23.39 3.03
C PRO B 254 12.13 -22.21 3.68
N ALA B 255 12.20 -22.29 5.01
CA ALA B 255 12.71 -21.30 5.93
C ALA B 255 13.68 -21.96 6.92
N GLU B 256 14.40 -21.15 7.72
CA GLU B 256 15.20 -21.80 8.74
C GLU B 256 14.70 -21.37 10.10
N THR B 257 13.96 -22.28 10.74
CA THR B 257 13.39 -22.13 12.06
C THR B 257 14.40 -22.66 13.06
N ARG B 258 14.43 -22.09 14.27
CA ARG B 258 15.41 -22.46 15.27
C ARG B 258 14.76 -22.40 16.65
N ILE B 259 15.18 -23.26 17.59
CA ILE B 259 14.48 -23.36 18.87
C ILE B 259 15.38 -22.84 20.02
N TYR B 260 15.74 -21.56 20.01
CA TYR B 260 16.71 -21.08 20.99
C TYR B 260 16.17 -21.27 22.40
N TYR B 261 17.01 -21.82 23.29
CA TYR B 261 16.65 -21.93 24.70
C TYR B 261 17.31 -20.82 25.52
N PHE B 262 16.50 -20.21 26.39
CA PHE B 262 16.83 -18.95 27.02
C PHE B 262 16.80 -19.13 28.52
N LYS B 263 17.82 -18.60 29.18
CA LYS B 263 17.82 -18.50 30.63
C LYS B 263 18.62 -17.25 30.99
N GLU B 264 17.97 -16.36 31.73
CA GLU B 264 18.61 -15.13 32.17
C GLU B 264 19.10 -14.34 30.96
N GLY B 265 18.40 -14.51 29.83
CA GLY B 265 18.56 -13.68 28.65
C GLY B 265 19.74 -14.15 27.81
N LYS B 266 20.54 -14.99 28.44
CA LYS B 266 21.71 -15.57 27.80
C LYS B 266 21.22 -16.74 26.93
N ILE B 267 21.93 -17.01 25.84
CA ILE B 267 21.64 -18.18 25.01
C ILE B 267 22.30 -19.42 25.60
N LEU B 268 21.49 -20.45 25.88
CA LEU B 268 21.98 -21.69 26.49
C LEU B 268 22.30 -22.72 25.40
N LYS B 269 21.67 -22.60 24.22
CA LYS B 269 21.73 -23.62 23.18
C LYS B 269 20.65 -23.34 22.14
N TRP B 270 20.91 -23.68 20.88
CA TRP B 270 19.91 -23.62 19.82
C TRP B 270 19.96 -24.88 18.95
N GLU B 271 18.80 -25.28 18.44
CA GLU B 271 18.62 -26.47 17.62
C GLU B 271 17.98 -26.05 16.31
N PRO B 272 18.49 -26.45 15.12
CA PRO B 272 17.74 -26.21 13.89
C PRO B 272 16.48 -27.05 14.03
N LEU B 273 15.36 -26.57 13.46
CA LEU B 273 14.09 -27.26 13.64
C LEU B 273 14.18 -28.64 12.99
N ALA B 274 13.59 -29.66 13.67
CA ALA B 274 13.55 -31.05 13.21
C ALA B 274 12.16 -31.66 13.35
N GLY B 275 11.90 -32.69 12.55
CA GLY B 275 10.60 -33.33 12.57
C GLY B 275 9.93 -33.19 11.21
N THR B 276 8.61 -33.22 11.19
CA THR B 276 7.89 -33.34 9.93
C THR B 276 7.02 -32.10 9.65
N ALA B 277 7.02 -31.13 10.58
CA ALA B 277 6.51 -29.82 10.22
C ALA B 277 7.42 -29.23 9.15
N LYS B 278 6.81 -28.67 8.10
CA LYS B 278 7.54 -28.26 6.92
C LYS B 278 7.69 -26.74 6.81
N HIS B 279 6.96 -25.99 7.65
CA HIS B 279 7.04 -24.55 7.70
C HIS B 279 6.68 -24.15 9.12
N ILE B 280 7.29 -23.09 9.66
CA ILE B 280 6.87 -22.69 10.99
C ILE B 280 6.71 -21.18 11.09
N GLU B 281 5.54 -20.76 11.61
CA GLU B 281 5.19 -19.37 11.85
C GLU B 281 4.42 -19.21 13.16
N GLU B 282 4.73 -18.15 13.88
CA GLU B 282 3.83 -17.52 14.82
C GLU B 282 3.27 -18.47 15.87
N CYS B 283 4.04 -19.50 16.28
CA CYS B 283 3.60 -20.50 17.25
C CYS B 283 2.88 -19.92 18.48
N SER B 284 1.97 -20.70 19.09
CA SER B 284 1.36 -20.33 20.36
C SER B 284 1.52 -21.50 21.30
N CYS B 285 1.96 -21.25 22.54
CA CYS B 285 2.64 -22.25 23.36
C CYS B 285 2.05 -22.32 24.76
N TYR B 286 2.17 -23.50 25.37
CA TYR B 286 1.74 -23.71 26.74
C TYR B 286 2.66 -24.79 27.27
N GLY B 287 2.53 -25.12 28.56
CA GLY B 287 3.36 -26.14 29.16
C GLY B 287 2.68 -26.79 30.37
N GLU B 288 3.02 -28.06 30.57
CA GLU B 288 2.39 -28.88 31.58
C GLU B 288 3.20 -30.15 31.67
N ARG B 289 3.31 -30.71 32.87
CA ARG B 289 4.06 -31.95 33.07
C ARG B 289 5.44 -31.88 32.39
N ALA B 290 6.11 -30.72 32.51
CA ALA B 290 7.46 -30.44 32.03
C ALA B 290 7.62 -30.71 30.53
N GLU B 291 6.68 -30.20 29.73
CA GLU B 291 6.71 -30.33 28.28
C GLU B 291 6.12 -29.05 27.72
N ILE B 292 6.77 -28.54 26.67
CA ILE B 292 6.29 -27.31 26.07
C ILE B 292 5.78 -27.62 24.68
N THR B 293 4.46 -27.61 24.56
CA THR B 293 3.79 -27.85 23.30
C THR B 293 3.44 -26.49 22.70
N CYS B 294 3.79 -26.29 21.44
CA CYS B 294 3.55 -25.03 20.74
C CYS B 294 2.78 -25.37 19.47
N THR B 295 1.90 -24.45 19.04
CA THR B 295 0.94 -24.81 18.01
C THR B 295 0.89 -23.68 17.00
N CYS B 296 1.52 -23.90 15.84
CA CYS B 296 1.99 -22.84 14.97
C CYS B 296 1.12 -22.72 13.72
N ARG B 297 1.60 -21.90 12.77
CA ARG B 297 0.92 -21.68 11.52
C ARG B 297 1.75 -22.20 10.37
N ASP B 298 1.14 -22.95 9.44
CA ASP B 298 1.79 -23.30 8.19
C ASP B 298 1.31 -22.36 7.09
N ASN B 299 2.26 -21.64 6.50
CA ASN B 299 1.93 -20.51 5.66
C ASN B 299 2.31 -20.86 4.25
N TRP B 300 2.81 -22.10 4.08
CA TRP B 300 3.38 -22.55 2.83
C TRP B 300 2.39 -23.42 2.04
N GLN B 301 2.09 -24.60 2.55
CA GLN B 301 1.13 -25.44 1.86
C GLN B 301 0.14 -25.94 2.90
N GLY B 302 0.44 -25.60 4.15
CA GLY B 302 -0.32 -26.13 5.28
C GLY B 302 -1.67 -25.43 5.40
N SER B 303 -2.64 -26.22 5.83
CA SER B 303 -3.93 -25.78 6.34
C SER B 303 -4.25 -26.57 7.60
N ASN B 304 -3.56 -27.70 7.77
CA ASN B 304 -3.39 -28.35 9.06
C ASN B 304 -2.23 -27.67 9.76
N ARG B 305 -2.45 -27.33 11.02
CA ARG B 305 -1.46 -26.64 11.82
C ARG B 305 -0.34 -27.61 12.16
N PRO B 306 0.93 -27.15 12.08
CA PRO B 306 2.06 -27.82 12.73
C PRO B 306 2.08 -27.67 14.26
N VAL B 307 2.86 -28.56 14.90
CA VAL B 307 2.93 -28.66 16.35
C VAL B 307 4.39 -28.86 16.73
N ILE B 308 4.81 -28.23 17.85
CA ILE B 308 6.15 -28.40 18.37
C ILE B 308 6.09 -28.96 19.79
N ARG B 309 6.76 -30.09 19.98
CA ARG B 309 6.89 -30.65 21.32
C ARG B 309 8.27 -30.28 21.85
N ILE B 310 8.35 -29.77 23.09
CA ILE B 310 9.63 -29.30 23.62
C ILE B 310 9.87 -29.80 25.04
N ASP B 311 11.09 -30.29 25.27
CA ASP B 311 11.54 -30.75 26.58
C ASP B 311 12.45 -29.67 27.15
N PRO B 312 11.94 -28.88 28.12
CA PRO B 312 12.65 -27.67 28.55
C PRO B 312 13.73 -28.09 29.53
N VAL B 313 14.17 -29.36 29.43
CA VAL B 313 15.20 -29.84 30.34
C VAL B 313 16.35 -30.40 29.52
N ALA B 314 16.03 -31.42 28.72
CA ALA B 314 17.03 -31.95 27.81
C ALA B 314 17.38 -30.82 26.85
N MET B 315 16.49 -29.82 26.82
CA MET B 315 16.43 -28.87 25.72
C MET B 315 16.36 -29.64 24.41
N THR B 316 15.27 -30.40 24.25
CA THR B 316 15.02 -31.17 23.04
C THR B 316 13.62 -30.89 22.50
N HIS B 317 13.45 -31.19 21.21
CA HIS B 317 12.20 -30.94 20.53
C HIS B 317 11.94 -32.00 19.45
N THR B 318 10.66 -32.39 19.30
CA THR B 318 10.17 -33.02 18.09
C THR B 318 9.17 -32.09 17.39
N SER B 319 8.69 -32.46 16.19
CA SER B 319 7.64 -31.71 15.54
C SER B 319 6.91 -32.56 14.49
N GLN B 320 5.70 -32.10 14.15
CA GLN B 320 4.74 -32.75 13.27
C GLN B 320 3.57 -31.79 13.11
N TYR B 321 2.44 -32.32 12.57
CA TYR B 321 1.19 -31.58 12.43
C TYR B 321 0.09 -32.27 13.23
N ILE B 322 -0.89 -31.48 13.66
CA ILE B 322 -2.10 -32.01 14.24
C ILE B 322 -2.61 -33.04 13.25
N CYS B 323 -3.02 -34.21 13.76
CA CYS B 323 -3.56 -35.22 12.88
C CYS B 323 -4.97 -34.82 12.49
N SER B 324 -5.76 -34.41 13.48
CA SER B 324 -7.21 -34.28 13.33
C SER B 324 -7.58 -33.74 11.96
N PRO B 325 -8.52 -34.38 11.23
CA PRO B 325 -8.93 -33.89 9.90
C PRO B 325 -9.55 -32.49 9.95
N VAL B 326 -9.75 -31.98 11.17
CA VAL B 326 -10.54 -30.78 11.40
C VAL B 326 -9.60 -29.59 11.31
N LEU B 327 -9.53 -28.98 10.11
CA LEU B 327 -8.57 -27.98 9.68
C LEU B 327 -8.72 -26.68 10.47
N THR B 328 -7.67 -26.26 11.20
CA THR B 328 -7.80 -25.12 12.09
C THR B 328 -7.07 -23.86 11.62
N ASP B 329 -6.34 -23.92 10.49
CA ASP B 329 -5.65 -22.75 9.95
C ASP B 329 -6.68 -21.75 9.39
N ASN B 330 -6.27 -20.92 8.43
CA ASN B 330 -7.19 -19.98 7.79
C ASN B 330 -6.47 -19.16 6.73
N PRO B 331 -6.83 -19.30 5.44
CA PRO B 331 -7.90 -20.15 4.92
C PRO B 331 -7.52 -21.62 4.91
N ARG B 332 -8.47 -22.45 4.45
CA ARG B 332 -8.42 -23.89 4.54
C ARG B 332 -9.43 -24.55 3.61
N PRO B 333 -9.18 -25.77 3.12
CA PRO B 333 -10.23 -26.61 2.55
C PRO B 333 -11.29 -26.96 3.59
N ASN B 334 -12.38 -27.61 3.14
CA ASN B 334 -13.44 -28.03 4.03
C ASN B 334 -12.93 -29.28 4.75
N ASP B 335 -13.29 -29.44 6.03
CA ASP B 335 -13.02 -30.64 6.79
C ASP B 335 -13.17 -31.88 5.89
N PRO B 336 -12.10 -32.72 5.77
CA PRO B 336 -12.23 -34.04 5.16
C PRO B 336 -12.76 -34.97 6.24
N THR B 337 -12.82 -36.28 5.91
CA THR B 337 -13.14 -37.37 6.84
C THR B 337 -11.92 -37.71 7.68
N VAL B 338 -10.77 -37.90 6.98
CA VAL B 338 -9.45 -38.26 7.52
C VAL B 338 -8.41 -37.22 7.06
N GLY B 339 -7.42 -36.89 7.93
CA GLY B 339 -6.39 -35.86 7.73
C GLY B 339 -4.94 -36.37 7.61
N LYS B 340 -3.97 -35.66 8.23
CA LYS B 340 -2.55 -35.96 8.11
C LYS B 340 -1.80 -35.54 9.38
N CYS B 341 -0.81 -36.37 9.76
CA CYS B 341 -0.04 -36.15 10.99
C CYS B 341 1.35 -35.57 10.74
N ASN B 342 2.01 -35.98 9.64
CA ASN B 342 3.42 -35.70 9.38
C ASN B 342 3.58 -35.16 7.97
N ASP B 343 2.48 -34.62 7.41
CA ASP B 343 2.59 -33.78 6.23
C ASP B 343 1.59 -32.64 6.27
N PRO B 344 1.69 -31.64 5.35
CA PRO B 344 0.79 -30.50 5.37
C PRO B 344 -0.48 -30.82 4.59
N TYR B 345 -1.62 -30.43 5.20
CA TYR B 345 -2.91 -30.59 4.54
C TYR B 345 -3.04 -29.64 3.36
N PRO B 346 -2.99 -30.19 2.12
CA PRO B 346 -2.98 -29.39 0.91
C PRO B 346 -4.35 -28.81 0.58
N GLY B 347 -4.38 -27.82 -0.30
CA GLY B 347 -5.59 -27.11 -0.65
C GLY B 347 -5.34 -25.61 -0.79
N ASN B 348 -4.68 -25.03 0.21
CA ASN B 348 -4.51 -23.59 0.34
C ASN B 348 -3.06 -23.32 0.75
N ASN B 349 -2.35 -22.50 -0.07
CA ASN B 349 -0.92 -22.27 0.11
C ASN B 349 -0.58 -20.79 0.21
N ASN B 350 0.49 -20.48 0.95
CA ASN B 350 0.95 -19.11 1.15
C ASN B 350 -0.07 -18.29 1.93
N ASN B 351 -0.65 -18.86 3.00
CA ASN B 351 -1.45 -18.00 3.84
C ASN B 351 -1.74 -18.73 5.13
N GLY B 352 -2.25 -17.97 6.11
CA GLY B 352 -2.82 -18.60 7.28
C GLY B 352 -3.06 -17.60 8.40
N VAL B 353 -3.46 -18.12 9.57
CA VAL B 353 -3.53 -17.22 10.70
C VAL B 353 -2.86 -17.91 11.87
N LYS B 354 -2.39 -17.09 12.81
CA LYS B 354 -1.90 -17.58 14.08
C LYS B 354 -3.10 -18.15 14.83
N GLY B 355 -2.94 -19.38 15.32
CA GLY B 355 -3.93 -20.07 16.14
C GLY B 355 -3.28 -20.98 17.17
N PHE B 356 -4.11 -21.61 18.03
CA PHE B 356 -3.53 -22.44 19.06
C PHE B 356 -4.32 -23.74 19.27
N SER B 357 -3.82 -24.59 20.16
CA SER B 357 -4.66 -25.58 20.80
C SER B 357 -4.10 -26.05 22.13
N TYR B 358 -4.97 -26.76 22.84
CA TYR B 358 -4.58 -27.50 24.02
C TYR B 358 -4.79 -28.97 23.66
N LEU B 359 -3.67 -29.67 23.54
CA LEU B 359 -3.67 -31.07 23.16
C LEU B 359 -3.34 -31.90 24.39
N ASP B 360 -4.39 -32.48 24.98
CA ASP B 360 -4.31 -33.15 26.27
C ASP B 360 -5.05 -34.50 26.21
N GLY B 361 -4.95 -35.21 25.08
CA GLY B 361 -5.62 -36.50 24.99
C GLY B 361 -7.08 -36.37 24.55
N VAL B 362 -8.03 -36.62 25.47
CA VAL B 362 -9.43 -36.36 25.16
C VAL B 362 -9.85 -34.95 25.62
N ASN B 363 -9.28 -34.47 26.72
CA ASN B 363 -9.50 -33.10 27.16
C ASN B 363 -8.94 -32.09 26.14
N THR B 364 -9.03 -32.43 24.84
CA THR B 364 -8.32 -31.72 23.78
C THR B 364 -9.28 -30.83 22.97
N TRP B 365 -8.99 -29.51 22.97
CA TRP B 365 -9.80 -28.51 22.30
C TRP B 365 -8.95 -27.78 21.26
N LEU B 366 -9.54 -27.53 20.08
CA LEU B 366 -8.86 -26.79 19.04
C LEU B 366 -9.62 -25.49 18.77
N GLY B 367 -8.94 -24.54 18.12
CA GLY B 367 -9.47 -23.21 17.84
C GLY B 367 -9.27 -22.79 16.38
N ARG B 368 -10.31 -22.22 15.78
CA ARG B 368 -10.32 -21.83 14.38
C ARG B 368 -11.27 -20.66 14.21
N THR B 369 -11.05 -19.88 13.15
CA THR B 369 -12.10 -19.16 12.48
C THR B 369 -13.23 -20.12 12.10
N ILE B 370 -14.44 -19.59 11.96
CA ILE B 370 -15.59 -20.36 11.47
C ILE B 370 -15.52 -20.46 9.94
N SER B 371 -14.88 -19.48 9.30
CA SER B 371 -14.85 -19.39 7.85
C SER B 371 -13.59 -20.05 7.30
N ILE B 372 -13.69 -20.55 6.07
CA ILE B 372 -12.61 -21.26 5.41
C ILE B 372 -12.13 -20.37 4.27
N ALA B 373 -12.43 -19.08 4.44
CA ALA B 373 -12.25 -18.05 3.42
C ALA B 373 -11.45 -16.91 3.97
N SER B 374 -11.82 -16.43 5.18
CA SER B 374 -11.36 -15.15 5.70
C SER B 374 -11.26 -15.20 7.23
N ARG B 375 -10.98 -14.03 7.83
CA ARG B 375 -10.64 -13.91 9.25
C ARG B 375 -11.85 -13.50 10.08
N SER B 376 -12.90 -14.35 10.09
CA SER B 376 -14.08 -14.01 10.85
C SER B 376 -14.65 -15.22 11.59
N GLY B 377 -15.36 -14.95 12.68
CA GLY B 377 -15.91 -15.99 13.53
C GLY B 377 -14.81 -16.74 14.27
N TYR B 378 -15.17 -17.30 15.43
CA TYR B 378 -14.24 -18.16 16.16
C TYR B 378 -15.02 -19.24 16.92
N GLU B 379 -14.47 -20.46 16.94
CA GLU B 379 -14.99 -21.48 17.84
C GLU B 379 -13.84 -22.21 18.53
N MET B 380 -14.26 -22.98 19.52
CA MET B 380 -13.43 -23.88 20.33
C MET B 380 -14.09 -25.24 20.25
N LEU B 381 -13.42 -26.14 19.54
CA LEU B 381 -13.92 -27.47 19.32
C LEU B 381 -13.16 -28.41 20.25
N LYS B 382 -13.90 -29.12 21.10
CA LYS B 382 -13.40 -30.36 21.66
C LYS B 382 -13.26 -31.37 20.51
N VAL B 383 -12.02 -31.64 20.09
CA VAL B 383 -11.81 -32.69 19.09
C VAL B 383 -10.83 -33.73 19.65
N PRO B 384 -11.31 -34.67 20.50
CA PRO B 384 -10.43 -35.52 21.32
C PRO B 384 -9.38 -36.22 20.46
N ASN B 385 -8.17 -36.31 21.04
CA ASN B 385 -7.00 -37.01 20.49
C ASN B 385 -6.52 -36.36 19.20
N ALA B 386 -6.84 -35.07 19.03
CA ALA B 386 -6.59 -34.37 17.76
C ALA B 386 -5.17 -34.58 17.26
N LEU B 387 -4.21 -34.54 18.18
CA LEU B 387 -2.80 -34.63 17.81
C LEU B 387 -2.52 -35.93 17.06
N THR B 388 -3.18 -37.03 17.49
CA THR B 388 -2.74 -38.39 17.21
C THR B 388 -3.68 -39.10 16.24
N ASP B 389 -4.96 -38.71 16.26
CA ASP B 389 -6.06 -39.44 15.67
C ASP B 389 -6.49 -38.72 14.39
N ASP B 390 -6.14 -39.31 13.25
CA ASP B 390 -6.26 -38.64 11.97
C ASP B 390 -7.69 -38.75 11.45
N LYS B 391 -8.64 -39.08 12.33
CA LYS B 391 -10.03 -39.21 11.89
C LYS B 391 -10.96 -38.66 12.97
N SER B 392 -10.36 -38.08 14.02
CA SER B 392 -11.09 -37.51 15.14
C SER B 392 -12.05 -36.46 14.60
N LYS B 393 -13.18 -36.25 15.27
CA LYS B 393 -14.10 -35.16 14.95
C LYS B 393 -14.70 -34.62 16.26
N PRO B 394 -15.45 -33.50 16.20
CA PRO B 394 -15.91 -32.79 17.39
C PRO B 394 -16.99 -33.51 18.19
N THR B 395 -16.87 -33.47 19.51
CA THR B 395 -17.87 -34.04 20.40
C THR B 395 -18.65 -32.93 21.09
N GLN B 396 -18.13 -31.69 21.05
CA GLN B 396 -18.63 -30.52 21.77
C GLN B 396 -18.02 -29.21 21.20
N GLY B 397 -18.68 -28.06 21.43
CA GLY B 397 -18.10 -26.77 21.06
C GLY B 397 -18.53 -25.55 21.90
N GLN B 398 -18.18 -24.36 21.39
CA GLN B 398 -18.50 -23.04 21.93
C GLN B 398 -18.08 -22.03 20.87
N THR B 399 -18.98 -21.12 20.47
CA THR B 399 -18.64 -20.02 19.58
C THR B 399 -18.07 -18.89 20.43
N ILE B 400 -17.08 -18.18 19.93
CA ILE B 400 -16.56 -17.07 20.71
C ILE B 400 -17.04 -15.77 20.07
N VAL B 401 -17.00 -15.77 18.74
CA VAL B 401 -17.35 -14.67 17.86
C VAL B 401 -18.16 -15.26 16.70
N LEU B 402 -19.22 -14.56 16.30
CA LEU B 402 -20.05 -15.03 15.20
C LEU B 402 -19.27 -14.86 13.90
N ASN B 403 -19.68 -15.62 12.88
CA ASN B 403 -18.96 -15.64 11.62
C ASN B 403 -19.33 -14.41 10.80
N THR B 404 -19.83 -13.38 11.49
CA THR B 404 -20.29 -12.16 10.84
C THR B 404 -19.41 -11.00 11.30
N ASP B 405 -18.95 -11.11 12.54
CA ASP B 405 -18.00 -10.20 13.16
C ASP B 405 -16.56 -10.62 12.84
N TRP B 406 -15.64 -9.64 12.79
CA TRP B 406 -14.26 -9.83 12.34
C TRP B 406 -13.40 -10.27 13.51
N SER B 407 -12.27 -10.90 13.18
CA SER B 407 -11.39 -11.54 14.16
C SER B 407 -9.96 -11.56 13.61
N GLY B 408 -9.05 -12.30 14.27
CA GLY B 408 -7.71 -12.49 13.75
C GLY B 408 -6.91 -13.62 14.40
N TYR B 409 -5.63 -13.32 14.67
CA TYR B 409 -4.69 -14.07 15.51
C TYR B 409 -5.37 -14.57 16.79
N SER B 410 -4.75 -15.53 17.46
CA SER B 410 -5.23 -16.09 18.72
C SER B 410 -4.19 -17.07 19.23
N GLY B 411 -3.92 -17.03 20.53
CA GLY B 411 -2.81 -17.78 21.10
C GLY B 411 -3.09 -18.19 22.55
N SER B 412 -2.09 -18.82 23.18
CA SER B 412 -2.29 -19.47 24.46
C SER B 412 -1.52 -18.75 25.56
N PHE B 413 -1.96 -19.03 26.78
CA PHE B 413 -1.22 -18.67 27.98
C PHE B 413 -1.99 -19.38 29.09
N MET B 414 -1.42 -19.41 30.31
CA MET B 414 -2.16 -19.83 31.49
C MET B 414 -1.60 -19.04 32.67
N ASP B 415 -2.43 -18.78 33.72
CA ASP B 415 -1.95 -18.19 34.96
C ASP B 415 -1.15 -19.27 35.69
N TYR B 416 0.14 -19.37 35.34
CA TYR B 416 1.06 -20.35 35.91
C TYR B 416 1.19 -20.14 37.41
N TRP B 417 0.76 -18.99 37.93
CA TRP B 417 1.00 -18.73 39.33
C TRP B 417 -0.32 -18.76 40.09
N ALA B 418 -1.39 -19.13 39.37
CA ALA B 418 -2.69 -19.39 39.99
C ALA B 418 -2.56 -20.43 41.09
N GLU B 419 -3.62 -20.50 41.92
CA GLU B 419 -3.67 -21.48 42.99
C GLU B 419 -4.15 -22.83 42.45
N GLY B 420 -4.29 -23.81 43.34
CA GLY B 420 -4.98 -25.05 43.05
C GLY B 420 -4.04 -26.15 42.59
N GLU B 421 -4.59 -27.20 41.96
CA GLU B 421 -3.77 -28.38 41.66
C GLU B 421 -3.60 -28.55 40.15
N CYS B 422 -4.31 -27.74 39.35
CA CYS B 422 -4.30 -27.88 37.91
C CYS B 422 -4.13 -26.52 37.23
N TYR B 423 -3.58 -26.52 36.01
CA TYR B 423 -3.41 -25.32 35.17
C TYR B 423 -4.71 -24.94 34.46
N ARG B 424 -5.24 -23.73 34.71
CA ARG B 424 -6.46 -23.29 34.05
C ARG B 424 -6.17 -22.78 32.66
N ALA B 425 -6.19 -23.70 31.69
CA ALA B 425 -6.19 -23.37 30.26
C ALA B 425 -6.99 -22.09 29.99
N CYS B 426 -6.43 -21.22 29.15
CA CYS B 426 -6.94 -19.89 28.80
C CYS B 426 -6.44 -19.54 27.41
N PHE B 427 -7.23 -18.75 26.66
CA PHE B 427 -6.80 -18.25 25.37
C PHE B 427 -7.32 -16.82 25.16
N TYR B 428 -6.67 -16.07 24.24
CA TYR B 428 -7.16 -14.79 23.75
C TYR B 428 -7.41 -14.89 22.24
N VAL B 429 -8.24 -13.97 21.71
CA VAL B 429 -8.48 -13.79 20.29
C VAL B 429 -8.46 -12.30 20.00
N GLU B 430 -7.89 -11.97 18.84
CA GLU B 430 -7.64 -10.61 18.38
C GLU B 430 -8.75 -10.28 17.40
N LEU B 431 -9.42 -9.14 17.66
CA LEU B 431 -10.55 -8.70 16.85
C LEU B 431 -10.07 -7.50 16.08
N ILE B 432 -9.91 -7.67 14.77
CA ILE B 432 -9.17 -6.78 13.88
C ILE B 432 -10.17 -5.97 13.06
N ARG B 433 -10.20 -4.67 13.36
CA ARG B 433 -10.96 -3.73 12.58
C ARG B 433 -9.97 -3.09 11.61
N GLY B 434 -10.48 -2.62 10.46
CA GLY B 434 -9.66 -1.83 9.57
C GLY B 434 -9.31 -2.61 8.31
N ARG B 435 -8.32 -2.08 7.58
CA ARG B 435 -7.85 -2.66 6.34
C ARG B 435 -7.31 -4.08 6.59
N PRO B 436 -7.53 -4.98 5.60
CA PRO B 436 -8.17 -4.66 4.33
C PRO B 436 -9.70 -4.75 4.27
N LYS B 437 -10.31 -5.20 5.38
CA LYS B 437 -11.68 -5.68 5.45
C LYS B 437 -12.67 -4.51 5.48
N GLU B 438 -12.54 -3.58 6.45
CA GLU B 438 -13.44 -2.44 6.42
C GLU B 438 -12.66 -1.19 6.01
N ASP B 439 -12.41 -1.07 4.69
CA ASP B 439 -11.38 -0.21 4.14
C ASP B 439 -11.88 1.23 3.93
N LYS B 440 -12.97 1.62 4.61
CA LYS B 440 -13.58 2.92 4.44
C LYS B 440 -13.08 3.81 5.58
N VAL B 441 -12.21 3.23 6.43
CA VAL B 441 -11.26 3.97 7.27
C VAL B 441 -9.87 3.61 6.76
N TRP B 442 -8.85 4.44 7.03
CA TRP B 442 -7.51 4.25 6.49
C TRP B 442 -6.62 3.43 7.42
N TRP B 443 -7.06 3.21 8.66
CA TRP B 443 -6.24 2.54 9.65
C TRP B 443 -6.40 1.02 9.66
N THR B 444 -5.61 0.37 10.53
CA THR B 444 -5.81 -1.02 10.93
C THR B 444 -5.32 -1.13 12.37
N SER B 445 -6.23 -1.41 13.29
CA SER B 445 -5.92 -1.66 14.69
C SER B 445 -6.77 -2.86 15.12
N ASN B 446 -6.99 -3.06 16.43
CA ASN B 446 -7.82 -4.18 16.86
C ASN B 446 -8.33 -3.98 18.28
N SER B 447 -9.12 -4.98 18.75
CA SER B 447 -9.34 -5.15 20.17
C SER B 447 -9.18 -6.62 20.58
N ILE B 448 -9.24 -6.91 21.89
CA ILE B 448 -8.86 -8.20 22.44
C ILE B 448 -10.02 -8.87 23.18
N VAL B 449 -10.10 -10.20 23.08
CA VAL B 449 -11.02 -10.96 23.92
C VAL B 449 -10.27 -12.17 24.44
N SER B 450 -10.36 -12.45 25.75
CA SER B 450 -9.66 -13.62 26.23
C SER B 450 -10.50 -14.38 27.25
N MET B 451 -10.28 -15.70 27.30
CA MET B 451 -11.18 -16.62 28.01
C MET B 451 -10.38 -17.72 28.67
N CYS B 452 -10.90 -18.26 29.77
CA CYS B 452 -10.21 -19.37 30.40
C CYS B 452 -11.11 -20.59 30.53
N SER B 453 -10.50 -21.76 30.67
CA SER B 453 -11.31 -22.99 30.68
C SER B 453 -12.24 -22.95 31.88
N SER B 454 -13.38 -23.63 31.76
CA SER B 454 -14.24 -23.99 32.89
C SER B 454 -14.34 -25.51 32.92
N THR B 455 -14.41 -26.08 34.13
CA THR B 455 -14.75 -27.49 34.29
C THR B 455 -16.26 -27.68 34.38
N GLU B 456 -17.01 -26.59 34.56
CA GLU B 456 -18.46 -26.68 34.46
C GLU B 456 -18.82 -26.62 32.97
N PHE B 457 -20.11 -26.67 32.63
CA PHE B 457 -20.59 -26.51 31.26
C PHE B 457 -21.49 -25.26 31.18
N LEU B 458 -20.94 -24.16 30.65
CA LEU B 458 -21.51 -22.83 30.82
C LEU B 458 -22.25 -22.40 29.56
N GLY B 459 -23.26 -21.55 29.77
CA GLY B 459 -23.86 -20.92 28.62
C GLY B 459 -22.86 -20.02 27.90
N GLN B 460 -22.77 -20.21 26.58
CA GLN B 460 -21.91 -19.39 25.72
C GLN B 460 -22.61 -18.08 25.34
N TRP B 461 -21.83 -16.99 25.25
CA TRP B 461 -22.20 -15.81 24.49
C TRP B 461 -21.29 -15.76 23.28
N ASP B 462 -21.44 -14.71 22.49
CA ASP B 462 -20.45 -14.35 21.49
C ASP B 462 -19.85 -13.03 21.95
N TRP B 463 -18.65 -12.70 21.44
CA TRP B 463 -17.89 -11.56 21.94
C TRP B 463 -17.23 -10.80 20.78
N PRO B 464 -17.93 -9.82 20.15
CA PRO B 464 -17.32 -9.01 19.08
C PRO B 464 -16.67 -7.71 19.54
N ASP B 465 -15.99 -7.06 18.59
CA ASP B 465 -15.23 -5.85 18.87
C ASP B 465 -16.12 -4.84 19.57
N GLY B 466 -17.24 -4.48 18.90
CA GLY B 466 -18.32 -3.71 19.50
C GLY B 466 -18.42 -2.29 18.97
N ALA B 467 -17.49 -1.97 18.06
CA ALA B 467 -17.35 -0.64 17.55
C ALA B 467 -18.03 -0.56 16.20
N LYS B 468 -18.64 0.61 15.92
CA LYS B 468 -19.33 0.89 14.67
C LYS B 468 -18.38 1.71 13.81
N ILE B 469 -17.87 1.08 12.75
CA ILE B 469 -16.85 1.64 11.87
C ILE B 469 -17.27 2.99 11.29
N GLU B 470 -18.58 3.24 11.19
CA GLU B 470 -19.15 4.42 10.57
C GLU B 470 -18.99 5.63 11.50
N TYR B 471 -18.98 5.38 12.80
CA TYR B 471 -18.67 6.39 13.80
C TYR B 471 -17.27 6.94 13.54
N PHE B 472 -16.46 6.17 12.79
CA PHE B 472 -15.05 6.45 12.68
C PHE B 472 -14.74 7.36 11.48
N LEU B 473 -15.79 7.76 10.73
CA LEU B 473 -15.67 8.54 9.51
C LEU B 473 -16.06 9.99 9.80
N ILE C 39 -12.63 65.72 17.02
CA ILE C 39 -11.63 64.99 17.88
C ILE C 39 -10.43 64.61 17.01
N ASN C 40 -9.30 64.40 17.70
CA ASN C 40 -8.05 63.95 17.10
C ASN C 40 -8.26 62.55 16.51
N GLU C 41 -9.00 61.71 17.24
CA GLU C 41 -8.93 60.26 17.11
C GLU C 41 -9.99 59.69 16.17
N THR C 42 -10.91 60.53 15.68
CA THR C 42 -12.04 60.07 14.88
C THR C 42 -11.57 59.28 13.66
N ALA C 43 -10.49 59.77 13.01
CA ALA C 43 -9.97 59.21 11.78
C ALA C 43 -9.22 57.91 12.02
N ASP C 44 -8.46 57.84 13.12
CA ASP C 44 -7.77 56.61 13.51
C ASP C 44 -8.79 55.50 13.76
N ASP C 45 -10.05 55.92 13.98
CA ASP C 45 -11.18 55.01 14.06
C ASP C 45 -11.64 54.69 12.64
N ILE C 46 -12.10 55.71 11.91
CA ILE C 46 -12.69 55.52 10.60
C ILE C 46 -11.84 54.55 9.79
N VAL C 47 -10.57 54.89 9.57
CA VAL C 47 -9.71 54.08 8.71
C VAL C 47 -9.59 52.67 9.29
N TYR C 48 -9.35 52.56 10.60
CA TYR C 48 -9.27 51.22 11.19
C TYR C 48 -10.50 50.42 10.78
N ARG C 49 -11.67 51.07 10.79
CA ARG C 49 -12.92 50.37 10.51
C ARG C 49 -12.99 49.94 9.04
N LEU C 50 -12.95 50.91 8.12
CA LEU C 50 -13.03 50.61 6.70
C LEU C 50 -11.96 49.60 6.25
N THR C 51 -10.79 49.57 6.91
CA THR C 51 -9.74 48.64 6.52
C THR C 51 -10.20 47.21 6.73
N VAL C 52 -10.60 46.86 7.96
CA VAL C 52 -10.97 45.47 8.21
C VAL C 52 -11.95 45.01 7.14
N ILE C 53 -12.80 45.94 6.64
CA ILE C 53 -13.81 45.65 5.65
C ILE C 53 -13.14 45.26 4.32
N ILE C 54 -12.25 46.14 3.85
CA ILE C 54 -11.53 45.98 2.59
C ILE C 54 -10.61 44.76 2.67
N ASP C 55 -10.13 44.43 3.88
CA ASP C 55 -9.35 43.23 4.11
C ASP C 55 -10.21 41.99 3.86
N ASP C 56 -11.41 41.95 4.46
CA ASP C 56 -12.21 40.74 4.42
C ASP C 56 -13.24 40.78 3.29
N ARG C 57 -12.86 41.41 2.17
CA ARG C 57 -13.41 41.12 0.84
C ARG C 57 -12.23 40.66 -0.03
N TYR C 58 -11.03 41.17 0.29
CA TYR C 58 -9.81 40.75 -0.37
C TYR C 58 -9.60 39.26 -0.08
N GLU C 59 -9.46 38.91 1.19
CA GLU C 59 -9.39 37.52 1.61
C GLU C 59 -10.53 36.72 0.97
N SER C 60 -11.72 37.33 0.90
CA SER C 60 -12.89 36.65 0.37
C SER C 60 -12.67 36.33 -1.10
N LEU C 61 -12.12 37.30 -1.84
CA LEU C 61 -11.90 37.15 -3.27
C LEU C 61 -10.65 36.30 -3.53
N LYS C 62 -9.57 36.55 -2.78
CA LYS C 62 -8.30 35.85 -2.95
C LYS C 62 -8.54 34.34 -2.93
N ASN C 63 -9.53 33.93 -2.12
CA ASN C 63 -9.68 32.53 -1.82
C ASN C 63 -10.77 31.93 -2.70
N LEU C 64 -11.72 32.79 -3.12
CA LEU C 64 -12.73 32.46 -4.11
C LEU C 64 -12.05 32.03 -5.41
N ILE C 65 -10.94 32.70 -5.71
CA ILE C 65 -10.22 32.55 -6.97
C ILE C 65 -9.24 31.39 -6.84
N THR C 66 -8.51 31.36 -5.71
CA THR C 66 -7.63 30.25 -5.42
C THR C 66 -8.43 28.95 -5.53
N LEU C 67 -9.58 28.89 -4.85
CA LEU C 67 -10.40 27.69 -4.74
C LEU C 67 -10.79 27.18 -6.13
N ARG C 68 -10.76 28.08 -7.11
CA ARG C 68 -11.28 27.72 -8.42
C ARG C 68 -10.15 27.21 -9.31
N ALA C 69 -9.08 28.00 -9.45
CA ALA C 69 -7.96 27.58 -10.29
C ALA C 69 -7.39 26.25 -9.81
N ASP C 70 -7.37 26.07 -8.48
CA ASP C 70 -7.00 24.79 -7.88
C ASP C 70 -7.91 23.69 -8.42
N ARG C 71 -9.23 23.95 -8.39
CA ARG C 71 -10.26 22.96 -8.72
C ARG C 71 -10.46 22.86 -10.24
N LEU C 72 -9.73 23.69 -10.99
CA LEU C 72 -9.81 23.70 -12.44
C LEU C 72 -8.51 23.10 -12.99
N GLU C 73 -7.46 23.18 -12.17
CA GLU C 73 -6.19 22.53 -12.48
C GLU C 73 -6.38 21.02 -12.27
N MET C 74 -7.22 20.65 -11.30
CA MET C 74 -7.60 19.26 -11.06
C MET C 74 -8.25 18.67 -12.30
N ILE C 75 -9.43 19.24 -12.64
CA ILE C 75 -10.35 18.68 -13.64
C ILE C 75 -9.58 18.33 -14.90
N ILE C 76 -8.62 19.18 -15.25
CA ILE C 76 -7.91 19.14 -16.51
C ILE C 76 -6.88 18.02 -16.45
N ASN C 77 -6.27 17.87 -15.27
CA ASN C 77 -5.19 16.90 -15.08
C ASN C 77 -5.78 15.50 -15.18
N ASP C 78 -6.92 15.32 -14.52
CA ASP C 78 -7.66 14.07 -14.47
C ASP C 78 -8.27 13.75 -15.84
N ASN C 79 -8.80 14.77 -16.51
CA ASN C 79 -9.53 14.59 -17.77
C ASN C 79 -8.57 14.31 -18.92
N VAL C 80 -7.33 14.83 -18.84
CA VAL C 80 -6.34 14.60 -19.89
C VAL C 80 -5.65 13.26 -19.66
N SER C 81 -5.33 12.98 -18.39
CA SER C 81 -4.75 11.70 -17.99
C SER C 81 -5.54 10.56 -18.60
N THR C 82 -6.74 10.90 -19.13
CA THR C 82 -7.78 9.97 -19.51
C THR C 82 -7.97 10.07 -21.01
N ILE C 83 -7.15 10.90 -21.65
CA ILE C 83 -7.11 10.88 -23.11
C ILE C 83 -5.95 9.99 -23.56
N LEU C 84 -4.94 9.79 -22.69
CA LEU C 84 -3.84 8.85 -22.88
C LEU C 84 -4.12 7.54 -22.11
N ALA C 85 -3.08 6.72 -21.79
CA ALA C 85 -3.26 5.46 -21.04
C ALA C 85 -1.93 4.82 -20.61
N ARG C 86 -2.00 3.54 -20.18
CA ARG C 86 -1.02 2.45 -20.26
C ARG C 86 -0.27 2.18 -18.95
N ASP C 87 -0.65 1.10 -18.25
CA ASP C 87 -0.07 0.73 -16.96
C ASP C 87 0.67 -0.61 -17.08
N PHE C 88 1.24 -1.06 -15.96
CA PHE C 88 1.99 -2.31 -15.92
C PHE C 88 1.09 -3.40 -15.33
N ASN C 89 0.98 -4.51 -16.04
CA ASN C 89 0.15 -5.59 -15.52
C ASN C 89 0.75 -6.15 -14.22
N ASN C 90 -0.15 -6.37 -13.25
CA ASN C 90 0.06 -7.13 -12.04
C ASN C 90 -0.99 -8.23 -11.96
N LEU C 91 -0.54 -9.38 -11.44
CA LEU C 91 -1.26 -10.63 -11.46
C LEU C 91 -2.16 -10.67 -10.23
N THR C 92 -3.35 -10.10 -10.38
CA THR C 92 -4.22 -9.80 -9.25
C THR C 92 -5.15 -10.98 -8.98
N LYS C 93 -5.36 -11.78 -10.03
CA LYS C 93 -6.41 -12.79 -10.05
C LYS C 93 -5.80 -14.18 -9.87
N GLY C 94 -6.60 -15.09 -9.30
CA GLY C 94 -6.32 -16.52 -9.27
C GLY C 94 -6.89 -17.14 -10.53
N LEU C 95 -6.72 -18.46 -10.69
CA LEU C 95 -7.08 -19.10 -11.94
C LEU C 95 -8.60 -19.26 -11.95
N CYS C 96 -9.21 -19.33 -13.13
CA CYS C 96 -10.57 -19.83 -13.26
C CYS C 96 -10.58 -21.34 -12.97
N THR C 97 -11.79 -21.91 -12.72
CA THR C 97 -11.92 -23.31 -12.34
C THR C 97 -11.82 -24.17 -13.58
N ILE C 98 -10.94 -25.19 -13.55
CA ILE C 98 -10.77 -25.99 -14.76
C ILE C 98 -11.67 -27.20 -14.65
N ASN C 99 -12.57 -27.32 -15.62
CA ASN C 99 -13.58 -28.36 -15.60
C ASN C 99 -13.57 -29.10 -16.93
N SER C 100 -12.65 -28.72 -17.81
CA SER C 100 -12.45 -29.31 -19.11
C SER C 100 -11.70 -28.28 -19.93
N TRP C 101 -11.46 -28.53 -21.21
CA TRP C 101 -10.73 -27.53 -21.96
C TRP C 101 -11.32 -27.40 -23.34
N HIS C 102 -11.39 -26.15 -23.82
CA HIS C 102 -11.96 -25.78 -25.09
C HIS C 102 -10.84 -25.43 -26.07
N ILE C 103 -11.07 -25.73 -27.36
CA ILE C 103 -10.23 -25.34 -28.48
C ILE C 103 -10.06 -23.83 -28.48
N TYR C 104 -8.97 -23.32 -29.08
CA TYR C 104 -8.60 -21.91 -28.99
C TYR C 104 -8.02 -21.43 -30.32
N GLY C 105 -6.90 -22.03 -30.67
CA GLY C 105 -6.34 -21.89 -31.99
C GLY C 105 -5.72 -23.20 -32.47
N LYS C 106 -5.51 -23.25 -33.78
CA LYS C 106 -4.84 -24.31 -34.51
C LYS C 106 -4.37 -23.69 -35.81
N ASP C 107 -3.13 -23.98 -36.21
CA ASP C 107 -2.49 -23.25 -37.30
C ASP C 107 -2.57 -24.08 -38.58
N ASN C 108 -2.78 -25.39 -38.38
CA ASN C 108 -2.82 -26.36 -39.46
C ASN C 108 -1.65 -26.12 -40.40
N ALA C 109 -0.45 -25.98 -39.81
CA ALA C 109 0.73 -25.49 -40.50
C ALA C 109 1.13 -26.46 -41.60
N VAL C 110 1.18 -27.73 -41.22
CA VAL C 110 1.82 -28.72 -42.06
C VAL C 110 0.87 -29.08 -43.19
N ARG C 111 -0.43 -29.26 -42.88
CA ARG C 111 -1.37 -29.44 -43.96
C ARG C 111 -1.22 -28.25 -44.91
N ILE C 112 -1.58 -27.04 -44.40
CA ILE C 112 -1.75 -25.88 -45.24
C ILE C 112 -0.49 -25.71 -46.08
N GLY C 113 0.67 -25.96 -45.44
CA GLY C 113 1.98 -25.63 -45.99
C GLY C 113 2.48 -26.60 -47.05
N GLU C 114 1.58 -27.49 -47.52
CA GLU C 114 1.89 -28.39 -48.62
C GLU C 114 1.87 -27.64 -49.95
N ASP C 115 1.05 -26.59 -50.08
CA ASP C 115 0.99 -25.89 -51.35
C ASP C 115 1.04 -24.39 -51.11
N SER C 116 1.87 -23.99 -50.14
CA SER C 116 2.03 -22.58 -49.83
C SER C 116 3.29 -22.40 -49.01
N ASP C 117 3.77 -21.16 -48.99
CA ASP C 117 5.07 -20.78 -48.50
C ASP C 117 4.98 -20.64 -46.98
N VAL C 118 5.07 -21.76 -46.28
CA VAL C 118 4.96 -21.83 -44.84
C VAL C 118 6.32 -22.26 -44.29
N LEU C 119 6.78 -21.56 -43.24
CA LEU C 119 8.17 -21.58 -42.81
C LEU C 119 8.41 -22.86 -42.01
N VAL C 120 9.60 -23.45 -42.19
CA VAL C 120 9.97 -24.48 -41.23
C VAL C 120 10.16 -23.82 -39.87
N THR C 121 9.48 -24.37 -38.86
CA THR C 121 9.54 -23.91 -37.48
C THR C 121 9.53 -25.12 -36.55
N ARG C 122 9.83 -24.87 -35.26
CA ARG C 122 9.61 -25.77 -34.13
C ARG C 122 9.73 -24.93 -32.86
N GLU C 123 9.47 -25.55 -31.70
CA GLU C 123 9.75 -24.97 -30.39
C GLU C 123 8.79 -23.82 -30.12
N PRO C 124 7.52 -23.89 -30.61
CA PRO C 124 6.55 -22.81 -30.46
C PRO C 124 6.07 -22.50 -29.05
N TYR C 125 5.16 -21.52 -28.99
CA TYR C 125 4.37 -21.15 -27.82
C TYR C 125 3.29 -20.12 -28.20
N VAL C 126 2.55 -19.63 -27.19
CA VAL C 126 1.64 -18.52 -27.37
C VAL C 126 1.78 -17.53 -26.22
N SER C 127 1.77 -16.23 -26.58
CA SER C 127 1.89 -15.07 -25.69
C SER C 127 1.02 -13.93 -26.22
N CYS C 128 0.37 -13.22 -25.31
CA CYS C 128 -0.52 -12.13 -25.67
C CYS C 128 0.10 -10.77 -25.33
N ASP C 129 -0.28 -9.75 -26.11
CA ASP C 129 -0.20 -8.35 -25.74
C ASP C 129 -1.58 -7.97 -25.23
N PRO C 130 -1.84 -6.74 -24.73
CA PRO C 130 -3.16 -6.38 -24.20
C PRO C 130 -4.36 -6.36 -25.16
N ASP C 131 -4.12 -6.49 -26.48
CA ASP C 131 -5.21 -6.52 -27.44
C ASP C 131 -5.02 -7.58 -28.54
N GLU C 132 -4.07 -8.51 -28.36
CA GLU C 132 -3.85 -9.56 -29.34
C GLU C 132 -3.23 -10.77 -28.65
N CYS C 133 -3.52 -11.97 -29.17
CA CYS C 133 -2.75 -13.15 -28.82
C CYS C 133 -2.20 -13.80 -30.08
N ARG C 134 -0.88 -14.01 -30.12
CA ARG C 134 -0.21 -14.41 -31.34
C ARG C 134 0.47 -15.77 -31.17
N PHE C 135 0.51 -16.53 -32.26
CA PHE C 135 1.39 -17.70 -32.24
C PHE C 135 2.81 -17.17 -32.32
N TYR C 136 3.77 -18.01 -31.83
CA TYR C 136 5.20 -17.78 -31.84
C TYR C 136 5.96 -19.11 -31.98
N ALA C 137 6.93 -19.18 -32.92
CA ALA C 137 7.80 -20.35 -32.95
C ALA C 137 9.22 -19.95 -33.32
N LEU C 138 10.12 -20.95 -33.27
CA LEU C 138 11.50 -20.82 -33.74
C LEU C 138 11.59 -21.27 -35.20
N SER C 139 11.87 -20.32 -36.10
CA SER C 139 11.89 -20.55 -37.54
C SER C 139 13.18 -21.23 -37.96
N GLN C 140 13.28 -21.50 -39.27
CA GLN C 140 14.39 -22.29 -39.79
C GLN C 140 15.01 -21.64 -41.03
N GLY C 141 14.45 -20.50 -41.45
CA GLY C 141 15.04 -19.72 -42.53
C GLY C 141 14.80 -20.38 -43.89
N THR C 142 13.69 -21.12 -44.00
CA THR C 142 13.33 -21.83 -45.22
C THR C 142 11.83 -22.20 -45.10
N THR C 143 11.16 -22.35 -46.26
CA THR C 143 9.76 -22.77 -46.26
C THR C 143 9.67 -24.29 -46.44
N ILE C 144 8.58 -24.89 -45.91
CA ILE C 144 8.35 -26.32 -45.74
C ILE C 144 8.68 -27.11 -47.00
N ARG C 145 8.33 -26.59 -48.18
CA ARG C 145 8.58 -27.36 -49.41
C ARG C 145 9.80 -26.82 -50.12
N GLY C 146 10.47 -25.83 -49.52
CA GLY C 146 11.73 -25.34 -50.05
C GLY C 146 12.86 -26.36 -49.87
N LYS C 147 13.75 -26.45 -50.85
CA LYS C 147 14.79 -27.45 -50.73
C LYS C 147 15.54 -27.32 -49.41
N HIS C 148 15.68 -26.10 -48.91
CA HIS C 148 16.50 -25.84 -47.73
C HIS C 148 15.89 -26.45 -46.48
N SER C 149 14.77 -27.19 -46.62
CA SER C 149 14.13 -27.86 -45.50
C SER C 149 14.94 -29.08 -45.10
N ASN C 150 15.39 -29.83 -46.10
CA ASN C 150 16.40 -30.84 -45.88
C ASN C 150 17.40 -30.36 -44.83
N GLY C 151 17.32 -30.88 -43.61
CA GLY C 151 18.32 -30.62 -42.60
C GLY C 151 17.76 -30.00 -41.32
N THR C 152 16.42 -29.88 -41.26
CA THR C 152 15.79 -29.00 -40.29
C THR C 152 15.67 -29.63 -38.91
N ILE C 153 15.95 -30.93 -38.81
CA ILE C 153 15.98 -31.61 -37.52
C ILE C 153 16.98 -30.94 -36.57
N HIS C 154 18.01 -30.28 -37.12
CA HIS C 154 19.09 -29.75 -36.30
C HIS C 154 18.59 -28.53 -35.53
N ASP C 155 19.04 -28.38 -34.28
CA ASP C 155 18.45 -27.40 -33.37
C ASP C 155 19.08 -26.00 -33.47
N ARG C 156 20.38 -25.90 -33.83
CA ARG C 156 21.07 -24.63 -33.69
C ARG C 156 21.78 -24.23 -34.97
N SER C 157 21.19 -23.31 -35.75
CA SER C 157 21.81 -22.82 -36.97
C SER C 157 21.70 -21.29 -37.07
N GLN C 158 22.47 -20.70 -37.99
CA GLN C 158 22.48 -19.26 -38.21
C GLN C 158 21.13 -18.79 -38.78
N TYR C 159 20.27 -19.75 -39.15
CA TYR C 159 19.08 -19.42 -39.90
C TYR C 159 17.79 -19.49 -39.08
N ARG C 160 17.89 -19.48 -37.74
CA ARG C 160 16.70 -19.58 -36.91
C ARG C 160 16.36 -18.22 -36.26
N ALA C 161 15.08 -17.98 -35.98
CA ALA C 161 14.64 -16.74 -35.38
C ALA C 161 13.33 -16.95 -34.63
N LEU C 162 13.14 -16.22 -33.53
CA LEU C 162 11.82 -16.14 -32.93
C LEU C 162 10.98 -15.24 -33.81
N ILE C 163 10.12 -15.88 -34.62
CA ILE C 163 8.99 -15.24 -35.26
C ILE C 163 7.76 -15.43 -34.36
N SER C 164 6.73 -14.63 -34.70
CA SER C 164 5.38 -14.67 -34.19
C SER C 164 4.47 -14.33 -35.36
N TRP C 165 3.20 -14.73 -35.26
CA TRP C 165 2.20 -14.43 -36.28
C TRP C 165 0.76 -14.38 -35.70
N PRO C 166 -0.26 -13.97 -36.50
CA PRO C 166 -1.65 -13.91 -36.04
C PRO C 166 -2.28 -15.19 -35.49
N LEU C 167 -2.88 -15.13 -34.28
CA LEU C 167 -3.43 -16.30 -33.60
C LEU C 167 -4.18 -17.18 -34.60
N SER C 168 -3.73 -18.43 -34.68
CA SER C 168 -4.36 -19.48 -35.45
C SER C 168 -4.29 -19.24 -36.95
N SER C 169 -3.30 -18.44 -37.41
CA SER C 169 -2.83 -18.41 -38.80
C SER C 169 -1.56 -19.27 -38.90
N PRO C 170 -1.04 -19.61 -40.09
CA PRO C 170 0.19 -20.39 -40.18
C PRO C 170 1.41 -19.49 -40.04
N PRO C 171 2.63 -20.06 -39.94
CA PRO C 171 3.85 -19.27 -40.04
C PRO C 171 4.32 -19.13 -41.48
N THR C 172 3.78 -18.16 -42.23
CA THR C 172 4.22 -18.01 -43.61
C THR C 172 5.32 -16.95 -43.73
N VAL C 173 5.97 -16.93 -44.89
CA VAL C 173 7.03 -15.98 -45.20
C VAL C 173 6.52 -14.57 -44.94
N TYR C 174 5.35 -14.28 -45.51
CA TYR C 174 4.79 -12.95 -45.52
C TYR C 174 4.25 -12.60 -44.14
N ASN C 175 3.15 -13.24 -43.73
CA ASN C 175 2.40 -12.85 -42.55
C ASN C 175 3.26 -12.67 -41.29
N SER C 176 4.51 -13.16 -41.28
CA SER C 176 5.24 -13.46 -40.03
C SER C 176 6.24 -12.36 -39.62
N ARG C 177 6.05 -11.83 -38.41
CA ARG C 177 6.87 -10.74 -37.87
C ARG C 177 8.08 -11.38 -37.18
N VAL C 178 9.26 -10.76 -37.29
CA VAL C 178 10.46 -11.34 -36.70
C VAL C 178 10.79 -10.62 -35.38
N GLU C 179 11.00 -11.40 -34.33
CA GLU C 179 11.14 -10.79 -33.02
C GLU C 179 12.61 -10.73 -32.61
N CYS C 180 13.45 -11.64 -33.14
CA CYS C 180 14.90 -11.63 -32.99
C CYS C 180 15.54 -12.87 -33.59
N ILE C 181 16.87 -12.79 -33.80
CA ILE C 181 17.61 -13.87 -34.43
C ILE C 181 18.25 -14.72 -33.34
N GLY C 182 18.10 -16.04 -33.48
CA GLY C 182 18.64 -16.98 -32.51
C GLY C 182 17.95 -18.34 -32.55
N TRP C 183 18.50 -19.28 -31.76
CA TRP C 183 18.02 -20.66 -31.77
C TRP C 183 17.37 -21.05 -30.45
N SER C 184 17.26 -20.09 -29.50
CA SER C 184 16.57 -20.25 -28.23
C SER C 184 15.81 -18.95 -27.91
N SER C 185 14.56 -19.07 -27.40
CA SER C 185 13.74 -17.88 -27.19
C SER C 185 12.88 -17.96 -25.94
N THR C 186 12.57 -16.77 -25.41
CA THR C 186 11.39 -16.49 -24.62
C THR C 186 10.90 -15.11 -25.02
N SER C 187 9.77 -14.66 -24.42
CA SER C 187 9.05 -13.44 -24.75
C SER C 187 7.85 -13.25 -23.84
N CYS C 188 7.62 -12.00 -23.39
CA CYS C 188 6.42 -11.63 -22.66
C CYS C 188 6.15 -10.12 -22.78
N HIS C 189 4.89 -9.75 -22.53
CA HIS C 189 4.40 -8.39 -22.49
C HIS C 189 4.04 -8.11 -21.04
N ASP C 190 4.42 -6.91 -20.57
CA ASP C 190 4.41 -6.53 -19.15
C ASP C 190 3.23 -5.60 -18.89
N GLY C 191 2.60 -5.15 -19.97
CA GLY C 191 1.48 -4.23 -19.89
C GLY C 191 1.74 -3.05 -20.80
N LYS C 192 3.02 -2.76 -21.04
CA LYS C 192 3.37 -1.54 -21.74
C LYS C 192 3.98 -1.87 -23.09
N THR C 193 4.83 -2.92 -23.15
CA THR C 193 5.28 -3.47 -24.43
C THR C 193 5.90 -4.84 -24.19
N ARG C 194 6.47 -5.41 -25.27
CA ARG C 194 6.91 -6.79 -25.27
C ARG C 194 8.42 -6.87 -25.07
N MET C 195 8.81 -7.71 -24.11
CA MET C 195 10.14 -8.22 -23.93
C MET C 195 10.29 -9.49 -24.76
N SER C 196 11.31 -9.53 -25.62
CA SER C 196 11.73 -10.75 -26.30
C SER C 196 13.22 -11.00 -26.12
N ILE C 197 13.61 -12.27 -26.02
CA ILE C 197 14.98 -12.70 -25.86
C ILE C 197 15.29 -13.78 -26.88
N CYS C 198 16.33 -13.61 -27.72
CA CYS C 198 16.93 -14.76 -28.40
C CYS C 198 18.36 -15.00 -27.92
N ILE C 199 18.75 -16.28 -27.88
CA ILE C 199 20.14 -16.72 -27.72
C ILE C 199 20.65 -17.21 -29.06
N SER C 200 21.88 -16.78 -29.41
CA SER C 200 22.64 -17.16 -30.60
C SER C 200 24.10 -17.43 -30.21
N GLY C 201 24.82 -18.09 -31.11
CA GLY C 201 26.23 -18.45 -30.92
C GLY C 201 26.53 -19.94 -31.07
N PRO C 202 27.82 -20.35 -31.21
CA PRO C 202 28.23 -21.75 -31.03
C PRO C 202 27.98 -22.21 -29.61
N ASN C 203 27.95 -23.53 -29.37
CA ASN C 203 27.55 -24.04 -28.05
C ASN C 203 28.50 -23.56 -26.96
N ASN C 204 29.75 -23.27 -27.31
CA ASN C 204 30.73 -22.86 -26.31
C ASN C 204 30.86 -21.34 -26.25
N ASN C 205 30.12 -20.61 -27.10
CA ASN C 205 30.37 -19.17 -27.22
C ASN C 205 29.08 -18.41 -27.56
N ALA C 206 28.04 -18.56 -26.73
CA ALA C 206 26.73 -18.07 -27.09
C ALA C 206 26.31 -16.89 -26.21
N SER C 207 25.35 -16.09 -26.69
CA SER C 207 24.98 -14.86 -26.01
C SER C 207 23.50 -14.58 -26.23
N ALA C 208 22.84 -14.19 -25.13
CA ALA C 208 21.44 -13.81 -25.14
C ALA C 208 21.39 -12.30 -25.33
N VAL C 209 20.36 -11.84 -26.05
CA VAL C 209 20.13 -10.43 -26.35
C VAL C 209 18.68 -10.10 -25.99
N ILE C 210 18.50 -9.16 -25.07
CA ILE C 210 17.16 -8.77 -24.65
C ILE C 210 16.73 -7.51 -25.40
N TRP C 211 15.56 -7.61 -26.03
CA TRP C 211 14.89 -6.50 -26.69
C TRP C 211 13.78 -5.98 -25.76
N TYR C 212 13.54 -4.68 -25.85
CA TYR C 212 12.37 -4.09 -25.22
C TYR C 212 11.75 -3.19 -26.28
N ASN C 213 10.43 -3.27 -26.43
CA ASN C 213 9.77 -2.31 -27.30
C ASN C 213 10.33 -2.41 -28.71
N ARG C 214 10.82 -3.61 -29.05
CA ARG C 214 11.53 -3.89 -30.30
C ARG C 214 12.89 -3.18 -30.39
N ARG C 215 13.49 -2.90 -29.23
CA ARG C 215 14.84 -2.38 -29.20
C ARG C 215 15.70 -3.35 -28.42
N PRO C 216 16.94 -3.66 -28.89
CA PRO C 216 17.88 -4.50 -28.15
C PRO C 216 18.46 -3.69 -26.99
N VAL C 217 18.17 -4.13 -25.77
CA VAL C 217 18.51 -3.34 -24.60
C VAL C 217 19.75 -3.92 -23.92
N THR C 218 19.64 -5.13 -23.32
CA THR C 218 20.72 -5.79 -22.59
C THR C 218 21.16 -7.06 -23.32
N GLU C 219 22.45 -7.44 -23.18
CA GLU C 219 23.01 -8.66 -23.75
C GLU C 219 23.72 -9.46 -22.65
N ILE C 220 23.59 -10.81 -22.66
CA ILE C 220 24.18 -11.67 -21.61
C ILE C 220 25.00 -12.80 -22.22
N ASN C 221 26.31 -12.82 -21.91
CA ASN C 221 27.23 -13.80 -22.49
C ASN C 221 27.24 -15.05 -21.63
N THR C 222 27.45 -16.20 -22.28
CA THR C 222 27.56 -17.52 -21.66
C THR C 222 28.45 -17.47 -20.41
N TRP C 223 28.05 -18.23 -19.39
CA TRP C 223 28.79 -18.20 -18.15
C TRP C 223 29.40 -19.58 -17.88
N ALA C 224 29.01 -20.56 -18.72
CA ALA C 224 29.46 -21.94 -18.62
C ALA C 224 29.62 -22.52 -20.01
N ARG C 225 29.65 -21.65 -21.02
CA ARG C 225 30.27 -21.96 -22.31
C ARG C 225 29.72 -23.25 -22.94
N ASN C 226 28.40 -23.51 -22.79
CA ASN C 226 27.79 -24.78 -23.16
C ASN C 226 26.28 -24.65 -23.30
N ILE C 227 25.81 -24.44 -24.55
CA ILE C 227 24.45 -24.13 -24.97
C ILE C 227 23.66 -23.27 -23.97
N LEU C 228 23.82 -21.94 -24.03
CA LEU C 228 22.90 -21.01 -23.39
C LEU C 228 21.52 -21.15 -24.02
N ARG C 229 20.49 -21.17 -23.16
CA ARG C 229 19.16 -21.61 -23.59
C ARG C 229 18.15 -21.24 -22.52
N THR C 230 16.89 -21.05 -22.97
CA THR C 230 15.81 -20.57 -22.14
C THR C 230 14.57 -21.44 -22.31
N GLN C 231 13.38 -20.83 -22.09
CA GLN C 231 12.14 -21.50 -21.71
C GLN C 231 11.34 -21.92 -22.92
N GLU C 232 11.73 -21.45 -24.11
CA GLU C 232 11.08 -21.84 -25.36
C GLU C 232 9.55 -21.77 -25.24
N SER C 233 9.05 -21.05 -24.21
CA SER C 233 7.69 -20.55 -24.10
C SER C 233 7.66 -19.17 -23.42
N GLU C 234 6.46 -18.58 -23.25
CA GLU C 234 6.28 -17.21 -22.77
C GLU C 234 6.69 -17.08 -21.31
N CYS C 235 7.32 -15.94 -20.99
CA CYS C 235 7.60 -15.55 -19.62
C CYS C 235 6.40 -14.75 -19.12
N VAL C 236 6.41 -14.43 -17.82
CA VAL C 236 5.31 -13.71 -17.21
C VAL C 236 5.89 -12.51 -16.46
N CYS C 237 5.32 -11.32 -16.72
CA CYS C 237 5.71 -10.09 -16.06
C CYS C 237 4.69 -9.71 -14.98
N HIS C 238 5.18 -9.03 -13.95
CA HIS C 238 4.32 -8.44 -12.92
C HIS C 238 4.98 -7.13 -12.50
N ASN C 239 4.18 -6.06 -12.46
CA ASN C 239 4.68 -4.76 -12.06
C ASN C 239 5.92 -4.43 -12.90
N GLY C 240 5.90 -4.91 -14.14
CA GLY C 240 6.93 -4.60 -15.12
C GLY C 240 8.20 -5.40 -14.88
N VAL C 241 8.15 -6.35 -13.94
CA VAL C 241 9.27 -7.25 -13.66
C VAL C 241 9.00 -8.63 -14.25
N CYS C 242 9.79 -9.00 -15.27
CA CYS C 242 9.61 -10.27 -15.97
C CYS C 242 10.78 -11.21 -15.65
N PRO C 243 10.67 -12.15 -14.69
CA PRO C 243 11.67 -13.20 -14.52
C PRO C 243 11.87 -14.03 -15.80
N VAL C 244 13.13 -14.39 -16.07
CA VAL C 244 13.45 -15.39 -17.08
C VAL C 244 14.41 -16.40 -16.45
N VAL C 245 14.19 -17.68 -16.79
CA VAL C 245 15.00 -18.79 -16.35
C VAL C 245 15.84 -19.22 -17.54
N PHE C 246 17.13 -19.48 -17.28
CA PHE C 246 18.07 -19.96 -18.28
C PHE C 246 18.84 -21.17 -17.72
N THR C 247 19.34 -22.03 -18.62
CA THR C 247 20.41 -22.94 -18.27
C THR C 247 21.61 -22.65 -19.18
N ASP C 248 22.81 -22.87 -18.62
CA ASP C 248 24.04 -22.98 -19.40
C ASP C 248 24.90 -24.06 -18.74
N GLY C 249 25.21 -25.11 -19.51
CA GLY C 249 26.07 -26.16 -18.96
C GLY C 249 25.72 -27.55 -19.48
N SER C 250 26.06 -28.55 -18.67
CA SER C 250 25.65 -29.90 -18.99
C SER C 250 24.13 -29.95 -19.15
N ALA C 251 23.72 -30.55 -20.28
CA ALA C 251 22.38 -31.01 -20.54
C ALA C 251 22.18 -32.35 -19.83
N THR C 252 23.30 -33.07 -19.63
CA THR C 252 23.30 -34.46 -19.20
C THR C 252 24.14 -34.61 -17.93
N GLY C 253 24.06 -33.58 -17.08
CA GLY C 253 24.77 -33.58 -15.80
C GLY C 253 24.40 -32.31 -15.05
N PRO C 254 25.08 -31.95 -13.94
CA PRO C 254 24.76 -30.71 -13.25
C PRO C 254 25.07 -29.59 -14.23
N ALA C 255 24.26 -28.55 -14.15
CA ALA C 255 24.39 -27.40 -15.02
C ALA C 255 24.15 -26.15 -14.21
N GLU C 256 24.36 -25.00 -14.86
CA GLU C 256 24.19 -23.69 -14.25
C GLU C 256 22.86 -23.12 -14.72
N THR C 257 21.91 -23.08 -13.79
CA THR C 257 20.59 -22.53 -14.04
C THR C 257 20.51 -21.17 -13.35
N ARG C 258 19.97 -20.18 -14.05
CA ARG C 258 19.84 -18.87 -13.41
C ARG C 258 18.51 -18.27 -13.81
N ILE C 259 17.94 -17.52 -12.86
CA ILE C 259 16.70 -16.77 -13.00
C ILE C 259 17.10 -15.30 -13.05
N TYR C 260 16.90 -14.68 -14.22
CA TYR C 260 17.22 -13.27 -14.37
C TYR C 260 15.92 -12.49 -14.26
N TYR C 261 15.93 -11.42 -13.43
CA TYR C 261 14.77 -10.57 -13.17
C TYR C 261 14.88 -9.24 -13.93
N PHE C 262 14.05 -9.10 -14.97
CA PHE C 262 14.13 -7.94 -15.86
C PHE C 262 13.04 -6.92 -15.53
N LYS C 263 13.33 -5.66 -15.84
CA LYS C 263 12.35 -4.59 -15.91
C LYS C 263 12.73 -3.71 -17.08
N GLU C 264 11.87 -3.67 -18.11
CA GLU C 264 12.13 -2.80 -19.25
C GLU C 264 13.47 -3.11 -19.92
N GLY C 265 13.83 -4.41 -19.94
CA GLY C 265 14.97 -4.90 -20.71
C GLY C 265 16.22 -5.03 -19.86
N LYS C 266 16.15 -4.43 -18.66
CA LYS C 266 17.32 -4.21 -17.81
C LYS C 266 17.38 -5.28 -16.72
N ILE C 267 18.56 -5.87 -16.53
CA ILE C 267 18.76 -6.71 -15.35
C ILE C 267 18.45 -5.87 -14.12
N LEU C 268 17.44 -6.29 -13.34
CA LEU C 268 17.26 -5.81 -11.97
C LEU C 268 17.95 -6.74 -10.97
N LYS C 269 18.18 -8.01 -11.36
CA LYS C 269 18.70 -9.04 -10.47
C LYS C 269 18.95 -10.30 -11.28
N TRP C 270 19.80 -11.18 -10.75
CA TRP C 270 19.74 -12.58 -11.15
C TRP C 270 20.14 -13.46 -9.98
N GLU C 271 19.59 -14.68 -9.94
CA GLU C 271 19.94 -15.63 -8.91
C GLU C 271 20.58 -16.86 -9.55
N PRO C 272 21.46 -17.59 -8.80
CA PRO C 272 21.63 -19.02 -9.03
C PRO C 272 20.41 -19.71 -8.42
N LEU C 273 19.81 -20.64 -9.19
CA LEU C 273 18.72 -21.49 -8.74
C LEU C 273 18.98 -22.04 -7.32
N ALA C 274 18.05 -21.76 -6.40
CA ALA C 274 17.96 -22.48 -5.13
C ALA C 274 16.85 -23.53 -5.20
N GLY C 275 16.84 -24.46 -4.24
CA GLY C 275 15.76 -25.44 -4.21
C GLY C 275 16.20 -26.84 -4.62
N THR C 276 15.28 -27.80 -4.50
CA THR C 276 15.62 -29.20 -4.57
C THR C 276 15.62 -29.71 -6.02
N ALA C 277 15.55 -28.80 -6.99
CA ALA C 277 15.53 -29.18 -8.40
C ALA C 277 16.95 -29.20 -8.96
N LYS C 278 17.29 -30.31 -9.62
CA LYS C 278 18.68 -30.67 -9.84
C LYS C 278 19.09 -30.45 -11.31
N HIS C 279 18.09 -30.30 -12.19
CA HIS C 279 18.36 -29.89 -13.56
C HIS C 279 17.16 -29.16 -14.11
N ILE C 280 17.35 -27.90 -14.52
CA ILE C 280 16.29 -27.14 -15.18
C ILE C 280 16.53 -27.09 -16.69
N GLU C 281 15.50 -27.51 -17.43
CA GLU C 281 15.43 -27.24 -18.86
C GLU C 281 14.02 -26.74 -19.20
N GLU C 282 13.96 -25.70 -20.03
CA GLU C 282 12.87 -25.41 -20.96
C GLU C 282 11.52 -25.15 -20.28
N CYS C 283 11.56 -24.51 -19.10
CA CYS C 283 10.42 -24.28 -18.23
C CYS C 283 9.21 -23.68 -18.95
N SER C 284 8.04 -23.83 -18.31
CA SER C 284 6.74 -23.32 -18.75
C SER C 284 6.05 -22.62 -17.60
N CYS C 285 5.87 -21.29 -17.73
CA CYS C 285 5.42 -20.47 -16.62
C CYS C 285 4.05 -19.85 -16.84
N TYR C 286 3.45 -19.44 -15.72
CA TYR C 286 2.19 -18.70 -15.67
C TYR C 286 2.13 -18.10 -14.28
N GLY C 287 1.50 -16.93 -14.13
CA GLY C 287 1.40 -16.30 -12.82
C GLY C 287 -0.04 -16.09 -12.37
N GLU C 288 -0.24 -16.18 -11.06
CA GLU C 288 -1.51 -15.89 -10.44
C GLU C 288 -1.19 -15.45 -9.01
N ARG C 289 -2.01 -14.56 -8.47
CA ARG C 289 -1.90 -14.15 -7.08
C ARG C 289 -0.48 -13.71 -6.74
N ALA C 290 0.13 -12.99 -7.69
CA ALA C 290 1.40 -12.30 -7.47
C ALA C 290 2.54 -13.29 -7.25
N GLU C 291 2.24 -14.56 -7.56
CA GLU C 291 3.28 -15.57 -7.65
C GLU C 291 3.38 -16.04 -9.10
N ILE C 292 4.59 -16.50 -9.48
CA ILE C 292 4.90 -17.01 -10.81
C ILE C 292 5.46 -18.42 -10.61
N THR C 293 4.88 -19.39 -11.35
CA THR C 293 5.10 -20.82 -11.20
C THR C 293 5.59 -21.34 -12.54
N CYS C 294 6.64 -22.17 -12.50
CA CYS C 294 7.25 -22.68 -13.72
C CYS C 294 7.42 -24.20 -13.58
N THR C 295 7.03 -24.95 -14.61
CA THR C 295 7.14 -26.39 -14.61
C THR C 295 8.13 -26.78 -15.70
N CYS C 296 9.20 -27.47 -15.30
CA CYS C 296 10.35 -27.51 -16.19
C CYS C 296 10.59 -28.94 -16.64
N ARG C 297 11.77 -29.15 -17.23
CA ARG C 297 12.19 -30.44 -17.71
C ARG C 297 13.48 -30.82 -16.98
N ASP C 298 13.40 -31.86 -16.16
CA ASP C 298 14.63 -32.44 -15.66
C ASP C 298 15.20 -33.40 -16.70
N ASN C 299 16.26 -32.93 -17.39
CA ASN C 299 16.88 -33.67 -18.49
C ASN C 299 17.85 -34.71 -17.96
N TRP C 300 18.19 -34.64 -16.67
CA TRP C 300 19.39 -35.32 -16.19
C TRP C 300 19.03 -36.72 -15.71
N GLN C 301 18.36 -36.82 -14.55
CA GLN C 301 17.91 -38.13 -14.10
C GLN C 301 16.44 -38.09 -13.64
N GLY C 302 15.69 -37.04 -14.02
CA GLY C 302 14.38 -36.81 -13.45
C GLY C 302 13.21 -37.16 -14.39
N SER C 303 12.13 -37.66 -13.80
CA SER C 303 10.96 -38.05 -14.57
C SER C 303 9.67 -37.48 -13.98
N ASN C 304 9.69 -37.04 -12.72
CA ASN C 304 8.79 -35.98 -12.30
C ASN C 304 9.25 -34.68 -12.94
N ARG C 305 8.36 -33.70 -13.03
CA ARG C 305 8.77 -32.46 -13.67
C ARG C 305 9.14 -31.47 -12.58
N PRO C 306 10.37 -30.90 -12.60
CA PRO C 306 10.81 -29.91 -11.61
C PRO C 306 10.11 -28.57 -11.74
N VAL C 307 9.79 -27.96 -10.60
CA VAL C 307 8.92 -26.80 -10.46
C VAL C 307 9.68 -25.71 -9.71
N ILE C 308 9.67 -24.52 -10.31
CA ILE C 308 10.27 -23.33 -9.73
C ILE C 308 9.12 -22.38 -9.46
N ARG C 309 9.18 -21.70 -8.32
CA ARG C 309 8.19 -20.69 -7.96
C ARG C 309 8.89 -19.38 -7.60
N ILE C 310 8.32 -18.27 -8.08
CA ILE C 310 9.00 -16.99 -8.09
C ILE C 310 8.10 -15.98 -7.39
N ASP C 311 8.69 -15.22 -6.48
CA ASP C 311 8.16 -13.98 -5.96
C ASP C 311 8.75 -12.87 -6.85
N PRO C 312 7.96 -12.22 -7.74
CA PRO C 312 8.52 -11.21 -8.63
C PRO C 312 8.60 -9.84 -7.95
N VAL C 313 8.21 -9.79 -6.68
CA VAL C 313 8.22 -8.54 -5.93
C VAL C 313 9.55 -8.47 -5.17
N ALA C 314 9.77 -9.46 -4.29
CA ALA C 314 11.00 -9.60 -3.55
C ALA C 314 12.06 -10.31 -4.40
N MET C 315 11.65 -10.76 -5.59
CA MET C 315 12.56 -11.27 -6.61
C MET C 315 13.37 -12.47 -6.11
N THR C 316 12.76 -13.21 -5.17
CA THR C 316 13.32 -14.44 -4.65
C THR C 316 12.67 -15.64 -5.34
N HIS C 317 13.04 -16.86 -4.91
CA HIS C 317 12.48 -18.06 -5.50
C HIS C 317 12.79 -19.30 -4.65
N THR C 318 12.34 -20.46 -5.15
CA THR C 318 12.41 -21.76 -4.50
C THR C 318 11.74 -22.78 -5.40
N SER C 319 12.38 -23.95 -5.55
CA SER C 319 12.03 -24.96 -6.53
C SER C 319 11.78 -26.30 -5.83
N GLN C 320 11.15 -27.22 -6.56
CA GLN C 320 11.00 -28.59 -6.12
C GLN C 320 10.56 -29.46 -7.28
N TYR C 321 9.85 -30.54 -6.97
CA TYR C 321 9.38 -31.47 -7.99
C TYR C 321 7.90 -31.69 -7.70
N ILE C 322 7.12 -31.94 -8.76
CA ILE C 322 5.77 -32.45 -8.61
C ILE C 322 5.86 -33.79 -7.87
N CYS C 323 5.19 -33.83 -6.70
CA CYS C 323 5.15 -34.97 -5.80
C CYS C 323 4.49 -36.18 -6.46
N SER C 324 3.43 -35.91 -7.23
CA SER C 324 2.55 -36.93 -7.80
C SER C 324 3.31 -38.03 -8.53
N PRO C 325 2.88 -39.30 -8.46
CA PRO C 325 3.45 -40.34 -9.31
C PRO C 325 2.85 -40.27 -10.72
N VAL C 326 2.03 -39.24 -10.98
CA VAL C 326 1.58 -39.02 -12.34
C VAL C 326 2.70 -38.26 -13.04
N LEU C 327 3.69 -39.03 -13.50
CA LEU C 327 4.88 -38.47 -14.10
C LEU C 327 4.50 -37.96 -15.48
N THR C 328 4.80 -36.68 -15.73
CA THR C 328 4.41 -36.01 -16.95
C THR C 328 5.67 -35.51 -17.68
N ASP C 329 6.72 -36.34 -17.70
CA ASP C 329 7.88 -36.06 -18.53
C ASP C 329 7.92 -37.12 -19.63
N ASN C 330 8.87 -37.01 -20.57
CA ASN C 330 8.98 -38.07 -21.56
C ASN C 330 10.34 -38.06 -22.26
N PRO C 331 11.05 -39.19 -22.28
CA PRO C 331 10.63 -40.50 -21.81
C PRO C 331 10.26 -40.52 -20.33
N ARG C 332 9.67 -41.62 -19.86
CA ARG C 332 9.38 -41.74 -18.44
C ARG C 332 9.18 -43.19 -18.01
N PRO C 333 9.41 -43.51 -16.71
CA PRO C 333 9.05 -44.80 -16.16
C PRO C 333 7.52 -44.92 -16.08
N ASN C 334 7.00 -46.15 -15.99
CA ASN C 334 5.58 -46.33 -15.73
C ASN C 334 5.29 -45.58 -14.44
N ASP C 335 4.03 -45.13 -14.26
CA ASP C 335 3.64 -44.37 -13.09
C ASP C 335 3.61 -45.31 -11.90
N PRO C 336 4.42 -45.07 -10.85
CA PRO C 336 4.42 -45.93 -9.67
C PRO C 336 3.21 -45.62 -8.80
N THR C 337 3.21 -46.25 -7.63
CA THR C 337 2.37 -45.93 -6.50
C THR C 337 2.65 -44.48 -6.13
N VAL C 338 3.78 -44.24 -5.43
CA VAL C 338 4.14 -42.94 -4.86
C VAL C 338 5.27 -42.28 -5.66
N GLY C 339 5.44 -40.95 -5.48
CA GLY C 339 6.39 -40.12 -6.21
C GLY C 339 7.45 -39.48 -5.30
N LYS C 340 8.24 -38.56 -5.88
CA LYS C 340 9.40 -37.97 -5.20
C LYS C 340 9.27 -36.45 -5.32
N CYS C 341 9.33 -35.76 -4.19
CA CYS C 341 8.84 -34.38 -4.15
C CYS C 341 10.00 -33.39 -4.21
N ASN C 342 11.17 -33.87 -3.75
CA ASN C 342 12.37 -33.05 -3.59
C ASN C 342 13.58 -33.74 -4.20
N ASP C 343 13.36 -34.74 -5.06
CA ASP C 343 14.44 -35.29 -5.85
C ASP C 343 13.83 -35.72 -7.16
N PRO C 344 14.65 -35.94 -8.21
CA PRO C 344 14.13 -36.50 -9.45
C PRO C 344 13.59 -37.90 -9.17
N TYR C 345 12.42 -38.20 -9.75
CA TYR C 345 11.95 -39.56 -9.79
C TYR C 345 12.80 -40.31 -10.80
N PRO C 346 13.45 -41.42 -10.40
CA PRO C 346 14.44 -42.07 -11.25
C PRO C 346 13.82 -43.12 -12.17
N GLY C 347 14.55 -43.41 -13.26
CA GLY C 347 14.21 -44.48 -14.15
C GLY C 347 14.71 -44.17 -15.54
N ASN C 348 14.75 -42.86 -15.85
CA ASN C 348 15.16 -42.39 -17.16
C ASN C 348 16.07 -41.19 -16.96
N ASN C 349 17.09 -41.11 -17.81
CA ASN C 349 18.25 -40.23 -17.69
C ASN C 349 18.58 -39.59 -19.03
N ASN C 350 19.20 -38.41 -18.98
CA ASN C 350 19.69 -37.68 -20.14
C ASN C 350 18.63 -37.57 -21.22
N ASN C 351 17.37 -37.33 -20.80
CA ASN C 351 16.29 -37.07 -21.74
C ASN C 351 15.08 -36.48 -21.03
N GLY C 352 14.20 -35.87 -21.81
CA GLY C 352 13.01 -35.18 -21.33
C GLY C 352 12.25 -34.51 -22.47
N VAL C 353 11.24 -33.74 -22.10
CA VAL C 353 10.45 -33.00 -23.06
C VAL C 353 9.90 -31.81 -22.29
N LYS C 354 9.63 -30.73 -23.04
CA LYS C 354 9.05 -29.49 -22.55
C LYS C 354 7.61 -29.74 -22.13
N GLY C 355 7.27 -29.35 -20.89
CA GLY C 355 5.90 -29.55 -20.43
C GLY C 355 5.44 -28.48 -19.43
N PHE C 356 4.18 -28.66 -19.00
CA PHE C 356 3.54 -27.64 -18.18
C PHE C 356 2.52 -28.30 -17.26
N SER C 357 2.39 -27.73 -16.07
CA SER C 357 1.30 -28.04 -15.18
C SER C 357 0.49 -26.77 -14.95
N TYR C 358 -0.72 -26.93 -14.38
CA TYR C 358 -1.33 -25.86 -13.59
C TYR C 358 -1.53 -26.41 -12.19
N LEU C 359 -1.09 -25.67 -11.16
CA LEU C 359 -0.93 -26.28 -9.86
C LEU C 359 -1.50 -25.34 -8.83
N ASP C 360 -2.58 -25.75 -8.15
CA ASP C 360 -3.45 -24.81 -7.46
C ASP C 360 -4.59 -25.57 -6.78
N GLY C 361 -4.42 -25.78 -5.47
CA GLY C 361 -5.38 -26.52 -4.67
C GLY C 361 -5.70 -27.87 -5.31
N VAL C 362 -7.01 -28.19 -5.27
CA VAL C 362 -7.58 -29.36 -5.91
C VAL C 362 -7.80 -29.05 -7.38
N ASN C 363 -7.54 -27.80 -7.79
CA ASN C 363 -7.81 -27.38 -9.16
C ASN C 363 -6.55 -27.59 -9.99
N THR C 364 -5.94 -28.76 -9.83
CA THR C 364 -4.63 -29.02 -10.38
C THR C 364 -4.75 -30.03 -11.53
N TRP C 365 -4.20 -29.63 -12.68
CA TRP C 365 -4.15 -30.36 -13.93
C TRP C 365 -2.70 -30.44 -14.41
N LEU C 366 -2.40 -31.50 -15.20
CA LEU C 366 -1.04 -31.95 -15.53
C LEU C 366 -1.01 -32.43 -16.98
N GLY C 367 -0.16 -31.83 -17.83
CA GLY C 367 -0.03 -32.30 -19.19
C GLY C 367 1.02 -33.41 -19.33
N ARG C 368 0.87 -34.22 -20.41
CA ARG C 368 1.85 -35.21 -20.80
C ARG C 368 1.46 -35.87 -22.12
N THR C 369 2.47 -36.34 -22.86
CA THR C 369 2.28 -37.33 -23.91
C THR C 369 1.74 -38.61 -23.27
N ILE C 370 1.09 -39.47 -24.08
CA ILE C 370 0.52 -40.72 -23.58
C ILE C 370 1.58 -41.82 -23.67
N SER C 371 2.34 -41.85 -24.78
CA SER C 371 3.48 -42.74 -24.89
C SER C 371 4.43 -42.44 -23.73
N ILE C 372 5.15 -43.47 -23.24
CA ILE C 372 6.17 -43.23 -22.22
C ILE C 372 7.53 -43.26 -22.91
N ALA C 373 7.51 -43.45 -24.24
CA ALA C 373 8.68 -43.86 -24.99
C ALA C 373 9.02 -42.85 -26.09
N SER C 374 7.99 -42.23 -26.70
CA SER C 374 8.18 -41.25 -27.77
C SER C 374 7.35 -39.97 -27.57
N ARG C 375 7.45 -39.07 -28.55
CA ARG C 375 6.70 -37.82 -28.54
C ARG C 375 5.43 -37.98 -29.36
N SER C 376 4.39 -38.59 -28.74
CA SER C 376 3.16 -38.92 -29.45
C SER C 376 1.98 -38.99 -28.50
N GLY C 377 0.85 -38.41 -28.92
CA GLY C 377 -0.31 -38.38 -28.07
C GLY C 377 -0.09 -37.43 -26.90
N TYR C 378 -1.18 -36.90 -26.35
CA TYR C 378 -1.11 -35.90 -25.29
C TYR C 378 -2.40 -36.03 -24.50
N GLU C 379 -2.34 -35.71 -23.21
CA GLU C 379 -3.55 -35.76 -22.43
C GLU C 379 -3.46 -34.73 -21.29
N MET C 380 -4.62 -34.44 -20.71
CA MET C 380 -4.67 -33.69 -19.48
C MET C 380 -5.26 -34.61 -18.42
N LEU C 381 -4.75 -34.46 -17.20
CA LEU C 381 -5.30 -35.16 -16.06
C LEU C 381 -5.50 -34.13 -14.95
N LYS C 382 -6.72 -34.10 -14.39
CA LYS C 382 -6.94 -33.44 -13.12
C LYS C 382 -6.37 -34.37 -12.06
N VAL C 383 -5.74 -33.78 -11.02
CA VAL C 383 -4.87 -34.48 -10.09
C VAL C 383 -4.74 -33.60 -8.84
N PRO C 384 -5.74 -33.58 -7.92
CA PRO C 384 -5.64 -32.77 -6.71
C PRO C 384 -4.22 -32.80 -6.14
N ASN C 385 -3.59 -31.62 -6.10
CA ASN C 385 -2.48 -31.30 -5.23
C ASN C 385 -1.23 -32.02 -5.70
N ALA C 386 -1.08 -32.17 -7.02
CA ALA C 386 0.03 -32.91 -7.59
C ALA C 386 1.33 -32.45 -6.95
N LEU C 387 1.50 -31.12 -6.92
CA LEU C 387 2.58 -30.42 -6.21
C LEU C 387 3.01 -31.20 -4.97
N THR C 388 2.04 -31.55 -4.11
CA THR C 388 2.25 -31.80 -2.70
C THR C 388 1.93 -33.25 -2.31
N ASP C 389 0.86 -33.82 -2.86
CA ASP C 389 0.41 -35.12 -2.41
C ASP C 389 1.01 -36.26 -3.23
N ASP C 390 1.79 -37.08 -2.55
CA ASP C 390 2.76 -37.90 -3.23
C ASP C 390 2.13 -39.24 -3.60
N LYS C 391 0.83 -39.37 -3.40
CA LYS C 391 0.11 -40.51 -3.95
C LYS C 391 -1.13 -40.10 -4.78
N SER C 392 -1.23 -38.81 -5.14
CA SER C 392 -2.34 -38.21 -5.88
C SER C 392 -2.53 -38.88 -7.24
N LYS C 393 -3.79 -39.23 -7.57
CA LYS C 393 -4.10 -39.91 -8.84
C LYS C 393 -5.20 -39.17 -9.60
N PRO C 394 -5.31 -39.36 -10.94
CA PRO C 394 -6.41 -38.80 -11.73
C PRO C 394 -7.77 -39.05 -11.10
N THR C 395 -8.53 -37.97 -10.90
CA THR C 395 -9.92 -38.05 -10.47
C THR C 395 -10.83 -37.67 -11.64
N GLN C 396 -10.21 -37.20 -12.74
CA GLN C 396 -10.94 -36.70 -13.91
C GLN C 396 -9.87 -36.30 -14.92
N GLY C 397 -10.24 -36.18 -16.21
CA GLY C 397 -9.23 -35.96 -17.23
C GLY C 397 -9.80 -35.78 -18.63
N GLN C 398 -8.89 -35.59 -19.60
CA GLN C 398 -9.21 -35.26 -20.98
C GLN C 398 -8.08 -35.70 -21.91
N THR C 399 -8.47 -36.28 -23.05
CA THR C 399 -7.56 -36.54 -24.16
C THR C 399 -7.54 -35.32 -25.06
N ILE C 400 -6.37 -35.07 -25.66
CA ILE C 400 -6.16 -33.88 -26.47
C ILE C 400 -5.70 -34.29 -27.87
N VAL C 401 -4.71 -35.18 -27.91
CA VAL C 401 -4.19 -35.76 -29.14
C VAL C 401 -4.07 -37.28 -28.96
N LEU C 402 -4.59 -38.03 -29.93
CA LEU C 402 -4.52 -39.49 -29.96
C LEU C 402 -3.06 -39.94 -30.06
N ASN C 403 -2.80 -41.12 -29.49
CA ASN C 403 -1.47 -41.67 -29.39
C ASN C 403 -1.00 -42.23 -30.73
N THR C 404 -1.83 -42.07 -31.76
CA THR C 404 -1.50 -42.49 -33.11
C THR C 404 -0.99 -41.28 -33.88
N ASP C 405 -1.04 -40.11 -33.21
CA ASP C 405 -0.50 -38.87 -33.73
C ASP C 405 0.60 -38.40 -32.77
N TRP C 406 1.56 -37.63 -33.32
CA TRP C 406 2.78 -37.14 -32.69
C TRP C 406 2.47 -35.86 -31.94
N SER C 407 3.09 -35.66 -30.78
CA SER C 407 3.03 -34.35 -30.17
C SER C 407 4.42 -33.73 -30.18
N GLY C 408 4.88 -33.24 -29.01
CA GLY C 408 6.17 -32.59 -28.91
C GLY C 408 6.25 -31.65 -27.71
N TYR C 409 6.61 -30.41 -28.00
CA TYR C 409 6.73 -29.41 -26.96
C TYR C 409 5.32 -28.94 -26.60
N SER C 410 5.18 -28.48 -25.35
CA SER C 410 3.92 -27.96 -24.85
C SER C 410 4.22 -27.09 -23.64
N GLY C 411 3.51 -25.96 -23.48
CA GLY C 411 3.78 -25.04 -22.38
C GLY C 411 2.65 -24.04 -22.10
N SER C 412 2.83 -23.27 -21.03
CA SER C 412 1.74 -22.47 -20.48
C SER C 412 1.57 -21.11 -21.17
N PHE C 413 0.33 -20.63 -21.13
CA PHE C 413 0.06 -19.20 -21.14
C PHE C 413 -1.28 -18.92 -20.45
N MET C 414 -1.59 -17.63 -20.40
CA MET C 414 -2.89 -17.13 -19.99
C MET C 414 -2.97 -15.72 -20.55
N ASP C 415 -4.19 -15.31 -20.94
CA ASP C 415 -4.46 -13.96 -21.39
C ASP C 415 -4.60 -13.07 -20.17
N TYR C 416 -3.52 -12.38 -19.77
CA TYR C 416 -3.57 -11.58 -18.56
C TYR C 416 -4.43 -10.34 -18.78
N TRP C 417 -4.92 -10.11 -20.00
CA TRP C 417 -5.65 -8.85 -20.19
C TRP C 417 -7.17 -9.01 -20.15
N ALA C 418 -7.66 -10.21 -20.47
CA ALA C 418 -9.06 -10.55 -20.61
C ALA C 418 -9.93 -9.99 -19.47
N GLU C 419 -11.25 -10.04 -19.68
CA GLU C 419 -12.23 -9.55 -18.72
C GLU C 419 -12.34 -10.52 -17.53
N GLY C 420 -13.34 -10.24 -16.69
CA GLY C 420 -13.81 -11.23 -15.73
C GLY C 420 -13.01 -11.28 -14.43
N GLU C 421 -13.32 -12.30 -13.62
CA GLU C 421 -12.85 -12.36 -12.24
C GLU C 421 -11.53 -13.11 -12.16
N CYS C 422 -11.19 -13.92 -13.16
CA CYS C 422 -10.02 -14.77 -13.01
C CYS C 422 -9.25 -14.88 -14.33
N TYR C 423 -8.19 -15.71 -14.34
CA TYR C 423 -7.41 -15.92 -15.56
C TYR C 423 -7.62 -17.33 -16.10
N ARG C 424 -8.15 -17.42 -17.34
CA ARG C 424 -8.41 -18.66 -18.05
C ARG C 424 -7.09 -19.33 -18.40
N ALA C 425 -6.60 -20.24 -17.53
CA ALA C 425 -5.44 -21.04 -17.90
C ALA C 425 -5.59 -21.49 -19.35
N CYS C 426 -4.49 -21.39 -20.10
CA CYS C 426 -4.41 -21.85 -21.48
C CYS C 426 -3.03 -22.49 -21.66
N PHE C 427 -2.93 -23.42 -22.63
CA PHE C 427 -1.73 -24.20 -22.93
C PHE C 427 -1.74 -24.71 -24.37
N TYR C 428 -0.57 -24.74 -25.03
CA TYR C 428 -0.52 -25.13 -26.44
C TYR C 428 0.18 -26.48 -26.58
N VAL C 429 -0.17 -27.23 -27.64
CA VAL C 429 0.58 -28.43 -27.97
C VAL C 429 1.18 -28.29 -29.35
N GLU C 430 2.49 -28.60 -29.42
CA GLU C 430 3.32 -28.68 -30.63
C GLU C 430 3.12 -30.07 -31.24
N LEU C 431 2.86 -30.11 -32.55
CA LEU C 431 2.73 -31.37 -33.24
C LEU C 431 3.88 -31.48 -34.25
N ILE C 432 4.85 -32.35 -33.90
CA ILE C 432 6.08 -32.54 -34.67
C ILE C 432 5.69 -33.37 -35.88
N ARG C 433 6.35 -33.11 -37.01
CA ARG C 433 6.16 -33.91 -38.21
C ARG C 433 7.48 -33.98 -38.96
N GLY C 434 7.68 -35.07 -39.71
CA GLY C 434 8.98 -35.35 -40.34
C GLY C 434 9.97 -35.91 -39.32
N ARG C 435 11.27 -35.89 -39.68
CA ARG C 435 12.37 -36.49 -38.93
C ARG C 435 12.26 -36.16 -37.45
N PRO C 436 12.70 -37.09 -36.58
CA PRO C 436 13.31 -38.33 -37.03
C PRO C 436 12.29 -39.46 -37.02
N LYS C 437 11.11 -39.18 -36.47
CA LYS C 437 10.04 -40.17 -36.36
C LYS C 437 9.50 -40.44 -37.76
N GLU C 438 9.60 -39.45 -38.65
CA GLU C 438 9.04 -39.56 -39.99
C GLU C 438 10.14 -39.21 -40.99
N ASP C 439 10.88 -40.25 -41.39
CA ASP C 439 12.16 -40.04 -42.03
C ASP C 439 12.03 -40.45 -43.49
N LYS C 440 10.78 -40.62 -43.92
CA LYS C 440 10.47 -40.69 -45.34
C LYS C 440 10.75 -39.33 -45.98
N VAL C 441 10.61 -38.26 -45.19
CA VAL C 441 10.95 -36.93 -45.68
C VAL C 441 12.25 -36.46 -45.02
N TRP C 442 12.81 -35.38 -45.54
CA TRP C 442 14.14 -34.96 -45.11
C TRP C 442 14.08 -33.76 -44.16
N TRP C 443 12.87 -33.31 -43.75
CA TRP C 443 12.78 -32.09 -42.95
C TRP C 443 12.41 -32.36 -41.50
N THR C 444 12.23 -31.28 -40.72
CA THR C 444 11.58 -31.31 -39.42
C THR C 444 10.78 -30.02 -39.20
N SER C 445 9.48 -30.17 -39.00
CA SER C 445 8.68 -29.03 -38.62
C SER C 445 7.49 -29.49 -37.79
N ASN C 446 6.50 -28.62 -37.65
CA ASN C 446 5.49 -28.79 -36.62
C ASN C 446 4.31 -27.92 -37.02
N SER C 447 3.15 -28.20 -36.39
CA SER C 447 2.03 -27.29 -36.36
C SER C 447 1.69 -27.02 -34.91
N ILE C 448 0.64 -26.22 -34.66
CA ILE C 448 0.23 -25.93 -33.29
C ILE C 448 -1.26 -26.14 -33.15
N VAL C 449 -1.65 -26.84 -32.07
CA VAL C 449 -3.01 -26.82 -31.55
C VAL C 449 -2.96 -26.17 -30.16
N SER C 450 -4.05 -25.47 -29.77
CA SER C 450 -4.11 -24.96 -28.41
C SER C 450 -5.53 -24.90 -27.85
N MET C 451 -5.60 -24.87 -26.51
CA MET C 451 -6.85 -24.98 -25.77
C MET C 451 -6.74 -24.10 -24.52
N CYS C 452 -7.89 -23.57 -24.06
CA CYS C 452 -8.04 -22.85 -22.79
C CYS C 452 -9.09 -23.59 -21.95
N SER C 453 -9.00 -23.42 -20.63
CA SER C 453 -9.90 -24.08 -19.68
C SER C 453 -11.35 -23.67 -19.90
N SER C 454 -12.25 -24.19 -19.05
CA SER C 454 -13.70 -24.04 -19.13
C SER C 454 -14.30 -24.28 -17.75
N THR C 455 -15.51 -23.77 -17.51
CA THR C 455 -16.19 -23.97 -16.25
C THR C 455 -17.25 -25.05 -16.46
N GLU C 456 -17.40 -25.45 -17.72
CA GLU C 456 -18.34 -26.48 -18.11
C GLU C 456 -17.53 -27.72 -18.48
N PHE C 457 -18.12 -28.91 -18.30
CA PHE C 457 -17.45 -30.15 -18.63
C PHE C 457 -17.93 -30.56 -20.00
N LEU C 458 -17.10 -30.21 -20.99
CA LEU C 458 -17.47 -30.24 -22.39
C LEU C 458 -16.94 -31.52 -23.01
N GLY C 459 -17.52 -31.87 -24.16
CA GLY C 459 -17.07 -33.02 -24.90
C GLY C 459 -15.65 -32.85 -25.43
N GLN C 460 -14.78 -33.80 -25.06
CA GLN C 460 -13.43 -33.90 -25.55
C GLN C 460 -13.49 -34.12 -27.06
N TRP C 461 -12.32 -34.01 -27.69
CA TRP C 461 -12.08 -34.45 -29.04
C TRP C 461 -10.57 -34.70 -29.12
N ASP C 462 -10.14 -35.25 -30.25
CA ASP C 462 -8.73 -35.55 -30.52
C ASP C 462 -8.21 -34.55 -31.54
N TRP C 463 -7.08 -33.90 -31.23
CA TRP C 463 -6.69 -32.82 -32.11
C TRP C 463 -5.45 -33.17 -32.92
N PRO C 464 -5.57 -33.92 -34.03
CA PRO C 464 -4.41 -34.45 -34.75
C PRO C 464 -3.70 -33.28 -35.39
N ASP C 465 -2.47 -33.53 -35.83
CA ASP C 465 -1.86 -32.54 -36.67
C ASP C 465 -2.70 -32.45 -37.93
N GLY C 466 -2.95 -33.62 -38.56
CA GLY C 466 -3.76 -33.76 -39.77
C GLY C 466 -2.99 -33.72 -41.09
N ALA C 467 -1.65 -33.61 -41.06
CA ALA C 467 -0.88 -33.72 -42.30
C ALA C 467 -0.70 -35.20 -42.68
N LYS C 468 -0.59 -35.49 -43.99
CA LYS C 468 -0.27 -36.83 -44.41
C LYS C 468 1.03 -36.83 -45.20
N ILE C 469 2.10 -37.34 -44.55
CA ILE C 469 3.45 -37.32 -45.10
C ILE C 469 3.40 -37.90 -46.52
N GLU C 470 2.63 -38.95 -46.69
CA GLU C 470 2.40 -39.54 -47.99
C GLU C 470 2.46 -38.41 -49.02
N TYR C 471 1.73 -37.31 -48.74
CA TYR C 471 1.53 -36.18 -49.62
C TYR C 471 2.82 -35.39 -49.87
N PHE C 472 3.86 -35.64 -49.07
CA PHE C 472 5.08 -34.83 -49.09
C PHE C 472 6.17 -35.42 -49.99
N LEU C 473 6.11 -36.73 -50.24
CA LEU C 473 7.09 -37.42 -51.08
C LEU C 473 6.68 -37.30 -52.56
N ILE D 39 -12.56 71.07 9.61
CA ILE D 39 -11.12 71.02 9.21
C ILE D 39 -10.96 69.90 8.18
N ASN D 40 -10.41 70.26 7.01
CA ASN D 40 -10.41 69.37 5.85
C ASN D 40 -9.01 68.85 5.55
N GLU D 41 -8.02 69.32 6.34
CA GLU D 41 -6.66 68.82 6.24
C GLU D 41 -6.69 67.32 6.54
N THR D 42 -7.35 66.95 7.65
CA THR D 42 -7.57 65.57 8.05
C THR D 42 -8.29 64.81 6.95
N ALA D 43 -9.26 65.46 6.28
CA ALA D 43 -10.14 64.80 5.33
C ALA D 43 -9.32 64.07 4.28
N ASP D 44 -8.14 64.62 3.95
CA ASP D 44 -7.28 64.05 2.93
C ASP D 44 -6.46 62.87 3.49
N ASP D 45 -6.29 62.82 4.82
CA ASP D 45 -5.61 61.72 5.49
C ASP D 45 -6.55 60.52 5.57
N ILE D 46 -7.85 60.81 5.58
CA ILE D 46 -8.90 59.81 5.57
C ILE D 46 -8.95 59.20 4.16
N VAL D 47 -8.77 60.06 3.15
CA VAL D 47 -8.74 59.65 1.76
C VAL D 47 -7.45 58.85 1.51
N TYR D 48 -6.31 59.50 1.80
CA TYR D 48 -5.00 59.04 1.36
C TYR D 48 -4.71 57.67 1.98
N ARG D 49 -5.34 57.39 3.12
CA ARG D 49 -4.99 56.20 3.88
C ARG D 49 -5.87 55.02 3.49
N LEU D 50 -6.95 55.27 2.74
CA LEU D 50 -7.75 54.16 2.25
C LEU D 50 -7.34 53.80 0.83
N THR D 51 -7.07 54.81 -0.01
CA THR D 51 -6.59 54.61 -1.37
C THR D 51 -5.40 53.64 -1.38
N VAL D 52 -4.53 53.73 -0.36
CA VAL D 52 -3.24 53.03 -0.34
C VAL D 52 -3.42 51.62 0.24
N ILE D 53 -4.49 51.44 1.04
CA ILE D 53 -4.93 50.08 1.36
C ILE D 53 -5.65 49.52 0.14
N ILE D 54 -6.51 50.34 -0.49
CA ILE D 54 -7.34 49.89 -1.61
C ILE D 54 -6.44 49.39 -2.73
N ASP D 55 -5.48 50.23 -3.18
CA ASP D 55 -4.67 49.94 -4.35
C ASP D 55 -3.80 48.68 -4.15
N ASP D 56 -3.37 48.44 -2.90
CA ASP D 56 -2.51 47.33 -2.52
C ASP D 56 -3.26 46.00 -2.59
N ARG D 57 -4.54 46.04 -2.18
CA ARG D 57 -5.43 44.91 -2.32
C ARG D 57 -5.76 44.69 -3.79
N TYR D 58 -5.94 45.79 -4.55
CA TYR D 58 -6.20 45.70 -5.98
C TYR D 58 -4.98 45.17 -6.71
N GLU D 59 -3.79 45.35 -6.12
CA GLU D 59 -2.54 44.86 -6.71
C GLU D 59 -2.54 43.34 -6.61
N SER D 60 -2.57 42.85 -5.38
CA SER D 60 -2.55 41.43 -5.07
C SER D 60 -3.63 40.69 -5.87
N LEU D 61 -4.81 41.30 -6.02
CA LEU D 61 -5.89 40.71 -6.80
C LEU D 61 -5.47 40.62 -8.27
N LYS D 62 -5.06 41.77 -8.83
CA LYS D 62 -4.62 41.82 -10.23
C LYS D 62 -3.58 40.72 -10.46
N ASN D 63 -2.53 40.73 -9.63
CA ASN D 63 -1.41 39.81 -9.76
C ASN D 63 -1.83 38.35 -9.64
N LEU D 64 -2.89 38.09 -8.86
CA LEU D 64 -3.23 36.71 -8.52
C LEU D 64 -3.96 36.04 -9.69
N ILE D 65 -4.93 36.73 -10.27
CA ILE D 65 -5.61 36.21 -11.45
C ILE D 65 -4.61 36.18 -12.60
N THR D 66 -3.89 37.30 -12.80
CA THR D 66 -2.91 37.41 -13.87
C THR D 66 -1.73 36.46 -13.65
N LEU D 67 -1.91 35.52 -12.70
CA LEU D 67 -0.96 34.44 -12.44
C LEU D 67 -1.63 33.13 -12.81
N ARG D 68 -2.90 33.01 -12.41
CA ARG D 68 -3.64 31.77 -12.52
C ARG D 68 -4.23 31.67 -13.92
N ALA D 69 -4.27 32.82 -14.61
CA ALA D 69 -4.72 32.90 -15.99
C ALA D 69 -3.63 32.29 -16.86
N ASP D 70 -2.39 32.55 -16.43
CA ASP D 70 -1.17 32.23 -17.14
C ASP D 70 -0.91 30.74 -16.98
N ARG D 71 -0.89 30.28 -15.73
CA ARG D 71 -0.80 28.86 -15.41
C ARG D 71 -1.71 28.04 -16.32
N LEU D 72 -3.03 28.25 -16.22
CA LEU D 72 -4.01 27.58 -17.08
C LEU D 72 -3.62 27.75 -18.54
N GLU D 73 -3.10 28.93 -18.92
CA GLU D 73 -2.64 29.13 -20.29
C GLU D 73 -1.45 28.21 -20.57
N MET D 74 -0.40 28.34 -19.75
CA MET D 74 0.77 27.49 -19.76
C MET D 74 0.32 26.05 -20.03
N ILE D 75 -0.27 25.42 -19.01
CA ILE D 75 -0.39 23.96 -18.96
C ILE D 75 -1.33 23.46 -20.04
N ILE D 76 -2.40 24.22 -20.33
CA ILE D 76 -3.37 23.80 -21.33
C ILE D 76 -2.62 23.51 -22.62
N ASN D 77 -1.73 24.43 -23.01
CA ASN D 77 -1.00 24.30 -24.25
C ASN D 77 -0.33 22.93 -24.34
N ASP D 78 0.32 22.54 -23.24
CA ASP D 78 1.29 21.47 -23.25
C ASP D 78 0.59 20.15 -22.97
N ASN D 79 -0.41 20.19 -22.08
CA ASN D 79 -1.32 19.08 -21.87
C ASN D 79 -2.00 18.69 -23.18
N VAL D 80 -2.03 19.60 -24.16
CA VAL D 80 -2.60 19.39 -25.49
C VAL D 80 -1.49 18.99 -26.48
N SER D 81 -0.31 19.64 -26.37
CA SER D 81 0.90 19.29 -27.12
C SER D 81 1.21 17.81 -26.97
N THR D 82 1.07 17.33 -25.72
CA THR D 82 1.30 15.94 -25.34
C THR D 82 0.37 14.98 -26.09
N ILE D 83 -0.65 15.50 -26.77
CA ILE D 83 -1.73 14.63 -27.24
C ILE D 83 -1.61 14.31 -28.73
N LEU D 84 -0.82 15.11 -29.47
CA LEU D 84 -0.20 14.71 -30.72
C LEU D 84 0.95 15.68 -30.95
N ALA D 85 2.10 15.26 -31.54
CA ALA D 85 3.31 16.08 -31.47
C ALA D 85 4.33 15.83 -32.59
N ARG D 86 5.62 15.75 -32.21
CA ARG D 86 6.78 15.32 -32.98
C ARG D 86 7.60 16.49 -33.53
N ASP D 87 8.91 16.41 -33.23
CA ASP D 87 9.93 17.45 -33.38
C ASP D 87 11.22 16.77 -33.86
N PHE D 88 11.96 17.49 -34.71
CA PHE D 88 13.19 17.03 -35.36
C PHE D 88 14.16 16.39 -34.37
N ASN D 89 15.12 15.60 -34.90
CA ASN D 89 16.09 14.91 -34.07
C ASN D 89 17.45 15.60 -34.10
N ASN D 90 18.18 15.47 -32.99
CA ASN D 90 19.36 16.27 -32.68
C ASN D 90 20.43 15.35 -32.11
N LEU D 91 21.53 15.20 -32.86
CA LEU D 91 22.70 14.38 -32.51
C LEU D 91 23.39 14.89 -31.24
N THR D 92 22.81 14.56 -30.07
CA THR D 92 23.21 15.16 -28.80
C THR D 92 24.09 14.19 -28.02
N LYS D 93 24.08 12.91 -28.44
CA LYS D 93 24.58 11.79 -27.65
C LYS D 93 25.78 11.18 -28.35
N GLY D 94 26.78 10.74 -27.57
CA GLY D 94 27.98 10.07 -28.06
C GLY D 94 27.80 8.57 -28.22
N LEU D 95 28.71 7.95 -28.99
CA LEU D 95 28.72 6.53 -29.30
C LEU D 95 28.95 5.73 -28.01
N CYS D 96 28.34 4.55 -27.96
CA CYS D 96 28.49 3.64 -26.85
C CYS D 96 29.87 2.97 -26.97
N THR D 97 30.43 2.52 -25.86
CA THR D 97 31.68 1.79 -25.94
C THR D 97 31.46 0.44 -26.63
N ILE D 98 32.01 0.33 -27.85
CA ILE D 98 31.83 -0.88 -28.63
C ILE D 98 32.87 -1.93 -28.21
N ASN D 99 32.50 -2.77 -27.23
CA ASN D 99 33.39 -3.80 -26.72
C ASN D 99 33.19 -5.11 -27.46
N SER D 100 31.95 -5.37 -27.88
CA SER D 100 31.63 -6.48 -28.77
C SER D 100 30.42 -6.14 -29.66
N TRP D 101 29.86 -7.17 -30.28
CA TRP D 101 28.90 -7.02 -31.37
C TRP D 101 27.83 -8.10 -31.21
N HIS D 102 26.56 -7.69 -31.22
CA HIS D 102 25.49 -8.66 -31.20
C HIS D 102 24.77 -8.66 -32.56
N ILE D 103 24.03 -9.76 -32.82
CA ILE D 103 23.22 -9.93 -34.02
C ILE D 103 21.99 -9.05 -33.87
N TYR D 104 21.54 -8.44 -34.97
CA TYR D 104 20.42 -7.51 -34.97
C TYR D 104 19.29 -8.10 -35.79
N GLY D 105 19.66 -8.65 -36.94
CA GLY D 105 18.66 -9.13 -37.88
C GLY D 105 19.33 -9.66 -39.14
N LYS D 106 18.62 -10.54 -39.83
CA LYS D 106 19.15 -11.37 -40.89
C LYS D 106 17.96 -11.98 -41.61
N ASP D 107 17.77 -11.63 -42.88
CA ASP D 107 16.54 -12.02 -43.54
C ASP D 107 16.61 -13.42 -44.20
N ASN D 108 17.71 -14.16 -44.06
CA ASN D 108 17.89 -15.44 -44.74
C ASN D 108 17.14 -15.45 -46.08
N ALA D 109 17.34 -14.41 -46.90
CA ALA D 109 16.43 -14.08 -47.98
C ALA D 109 16.42 -15.13 -49.09
N VAL D 110 17.63 -15.58 -49.49
CA VAL D 110 17.91 -16.44 -50.64
C VAL D 110 17.44 -17.88 -50.38
N ARG D 111 17.80 -18.43 -49.22
CA ARG D 111 17.34 -19.76 -48.85
C ARG D 111 15.83 -19.82 -49.05
N ILE D 112 15.16 -18.90 -48.32
CA ILE D 112 13.73 -18.68 -48.36
C ILE D 112 13.25 -18.53 -49.82
N GLY D 113 13.97 -17.71 -50.60
CA GLY D 113 13.57 -17.29 -51.93
C GLY D 113 13.62 -18.44 -52.94
N GLU D 114 14.38 -19.50 -52.60
CA GLU D 114 14.55 -20.65 -53.47
C GLU D 114 13.17 -21.20 -53.82
N ASP D 115 12.17 -20.80 -53.02
CA ASP D 115 10.85 -21.43 -53.08
C ASP D 115 9.74 -20.50 -52.58
N SER D 116 10.13 -19.39 -51.92
CA SER D 116 9.23 -18.27 -51.65
C SER D 116 9.20 -17.36 -52.86
N ASP D 117 8.45 -16.25 -52.78
CA ASP D 117 8.41 -15.28 -53.86
C ASP D 117 9.16 -14.04 -53.41
N VAL D 118 10.48 -14.16 -53.41
CA VAL D 118 11.38 -13.16 -52.87
C VAL D 118 11.93 -12.40 -54.06
N LEU D 119 12.07 -11.07 -53.88
CA LEU D 119 12.55 -10.17 -54.93
C LEU D 119 14.08 -10.26 -55.04
N VAL D 120 14.58 -10.02 -56.28
CA VAL D 120 16.01 -10.08 -56.59
C VAL D 120 16.59 -8.73 -56.19
N THR D 121 17.14 -8.64 -54.98
CA THR D 121 17.59 -7.33 -54.54
C THR D 121 19.09 -7.18 -54.80
N ARG D 122 19.60 -5.97 -54.52
CA ARG D 122 21.00 -5.75 -54.17
C ARG D 122 21.24 -4.32 -53.70
N GLU D 123 22.40 -4.10 -53.09
CA GLU D 123 22.81 -2.78 -52.61
C GLU D 123 21.89 -2.37 -51.47
N PRO D 124 21.87 -3.12 -50.33
CA PRO D 124 20.84 -2.97 -49.31
C PRO D 124 21.33 -2.15 -48.13
N TYR D 125 20.46 -2.00 -47.12
CA TYR D 125 20.83 -1.45 -45.84
C TYR D 125 19.62 -1.44 -44.94
N VAL D 126 19.83 -0.87 -43.75
CA VAL D 126 18.80 -0.66 -42.75
C VAL D 126 18.70 0.83 -42.50
N SER D 127 17.52 1.25 -42.03
CA SER D 127 17.28 2.60 -41.57
C SER D 127 16.09 2.59 -40.63
N CYS D 128 16.14 3.49 -39.66
CA CYS D 128 15.18 3.52 -38.57
C CYS D 128 14.25 4.71 -38.72
N ASP D 129 13.02 4.44 -38.32
CA ASP D 129 12.04 5.46 -38.03
C ASP D 129 11.97 5.57 -36.50
N PRO D 130 11.29 6.59 -35.96
CA PRO D 130 11.17 6.72 -34.53
C PRO D 130 10.38 5.56 -33.91
N ASP D 131 9.70 4.76 -34.75
CA ASP D 131 8.77 3.78 -34.22
C ASP D 131 8.97 2.39 -34.83
N GLU D 132 10.08 2.19 -35.54
CA GLU D 132 10.43 0.89 -36.09
C GLU D 132 11.60 1.13 -37.03
N CYS D 133 12.43 0.09 -37.25
CA CYS D 133 13.54 0.18 -38.19
C CYS D 133 13.29 -0.83 -39.33
N ARG D 134 13.75 -0.51 -40.55
CA ARG D 134 13.45 -1.41 -41.66
C ARG D 134 14.72 -1.76 -42.46
N PHE D 135 14.77 -2.99 -42.95
CA PHE D 135 15.65 -3.42 -44.04
C PHE D 135 15.18 -2.72 -45.32
N TYR D 136 16.14 -2.27 -46.12
CA TYR D 136 15.87 -1.49 -47.32
C TYR D 136 16.89 -1.96 -48.34
N ALA D 137 16.59 -1.77 -49.65
CA ALA D 137 17.47 -2.22 -50.72
C ALA D 137 16.79 -1.96 -52.04
N LEU D 138 17.49 -2.26 -53.16
CA LEU D 138 17.05 -1.96 -54.53
C LEU D 138 16.59 -3.21 -55.27
N SER D 139 15.29 -3.30 -55.57
CA SER D 139 14.81 -4.46 -56.30
C SER D 139 15.22 -4.40 -57.77
N GLN D 140 15.06 -5.53 -58.48
CA GLN D 140 15.35 -5.64 -59.91
C GLN D 140 14.09 -6.06 -60.62
N GLY D 141 12.96 -6.03 -59.87
CA GLY D 141 11.62 -6.21 -60.40
C GLY D 141 11.46 -7.56 -61.08
N THR D 142 11.82 -8.62 -60.33
CA THR D 142 11.79 -10.03 -60.70
C THR D 142 12.11 -10.81 -59.42
N THR D 143 11.63 -12.05 -59.37
CA THR D 143 11.87 -12.98 -58.26
C THR D 143 13.10 -13.80 -58.63
N ILE D 144 13.92 -14.19 -57.62
CA ILE D 144 15.05 -15.08 -57.86
C ILE D 144 14.62 -16.23 -58.76
N ARG D 145 13.40 -16.73 -58.51
CA ARG D 145 12.90 -17.84 -59.30
C ARG D 145 12.35 -17.28 -60.61
N GLY D 146 11.62 -16.18 -60.54
CA GLY D 146 11.15 -15.53 -61.75
C GLY D 146 12.20 -15.65 -62.85
N LYS D 147 11.73 -15.89 -64.08
CA LYS D 147 12.61 -16.15 -65.21
C LYS D 147 13.45 -14.92 -65.55
N HIS D 148 12.95 -13.74 -65.17
CA HIS D 148 13.64 -12.48 -65.38
C HIS D 148 14.73 -12.33 -64.34
N SER D 149 15.15 -13.43 -63.71
CA SER D 149 16.25 -13.29 -62.77
C SER D 149 17.56 -13.43 -63.53
N ASN D 150 17.44 -13.75 -64.83
CA ASN D 150 18.60 -13.87 -65.68
C ASN D 150 19.02 -12.50 -66.21
N GLY D 151 20.18 -12.02 -65.78
CA GLY D 151 20.77 -10.80 -66.28
C GLY D 151 21.05 -9.84 -65.14
N THR D 152 20.65 -10.23 -63.92
CA THR D 152 20.64 -9.35 -62.75
C THR D 152 22.05 -9.20 -62.18
N ILE D 153 23.04 -9.17 -63.09
CA ILE D 153 24.39 -8.77 -62.77
C ILE D 153 24.47 -7.26 -62.99
N HIS D 154 24.11 -6.83 -64.21
CA HIS D 154 23.99 -5.44 -64.57
C HIS D 154 23.37 -4.67 -63.41
N ASP D 155 23.84 -3.44 -63.18
CA ASP D 155 23.41 -2.64 -62.03
C ASP D 155 22.29 -1.65 -62.36
N ARG D 156 22.15 -1.28 -63.63
CA ARG D 156 21.30 -0.15 -64.01
C ARG D 156 20.22 -0.57 -65.00
N SER D 157 18.97 -0.68 -64.51
CA SER D 157 17.80 -0.95 -65.34
C SER D 157 16.62 -0.07 -64.93
N GLN D 158 15.71 0.08 -65.92
CA GLN D 158 14.44 0.78 -65.79
C GLN D 158 13.50 -0.01 -64.89
N TYR D 159 13.91 -1.22 -64.46
CA TYR D 159 13.07 -2.05 -63.63
C TYR D 159 13.58 -2.07 -62.19
N ARG D 160 14.29 -1.01 -61.79
CA ARG D 160 14.82 -0.99 -60.44
C ARG D 160 14.12 0.05 -59.57
N ALA D 161 13.97 -0.27 -58.27
CA ALA D 161 13.37 0.63 -57.31
C ALA D 161 14.01 0.44 -55.93
N LEU D 162 14.02 1.50 -55.11
CA LEU D 162 14.31 1.30 -53.70
C LEU D 162 13.05 0.75 -53.03
N ILE D 163 13.24 -0.28 -52.21
CA ILE D 163 12.16 -0.90 -51.47
C ILE D 163 12.62 -0.99 -50.03
N SER D 164 11.66 -1.05 -49.11
CA SER D 164 11.93 -1.31 -47.71
C SER D 164 10.93 -2.34 -47.17
N TRP D 165 11.38 -3.19 -46.26
CA TRP D 165 10.56 -4.26 -45.75
C TRP D 165 10.93 -4.54 -44.31
N PRO D 166 10.02 -5.12 -43.51
CA PRO D 166 10.23 -5.20 -42.05
C PRO D 166 11.57 -5.86 -41.70
N LEU D 167 12.16 -5.36 -40.61
CA LEU D 167 13.46 -5.82 -40.13
C LEU D 167 13.50 -7.35 -40.03
N SER D 168 14.32 -7.96 -40.89
CA SER D 168 14.71 -9.35 -40.83
C SER D 168 13.83 -10.24 -41.72
N SER D 169 12.62 -9.79 -42.06
CA SER D 169 11.80 -10.47 -43.06
C SER D 169 12.57 -10.43 -44.36
N PRO D 170 12.23 -11.20 -45.41
CA PRO D 170 13.00 -11.13 -46.64
C PRO D 170 12.27 -10.10 -47.47
N PRO D 171 12.87 -9.61 -48.59
CA PRO D 171 12.23 -8.68 -49.49
C PRO D 171 11.39 -9.37 -50.56
N THR D 172 10.08 -9.44 -50.34
CA THR D 172 9.20 -10.22 -51.19
C THR D 172 8.19 -9.32 -51.90
N VAL D 173 7.63 -9.87 -52.99
CA VAL D 173 6.67 -9.14 -53.81
C VAL D 173 5.61 -8.51 -52.92
N TYR D 174 5.18 -9.29 -51.92
CA TYR D 174 3.98 -9.07 -51.14
C TYR D 174 4.27 -8.22 -49.90
N ASN D 175 5.55 -8.17 -49.48
CA ASN D 175 5.85 -7.65 -48.16
C ASN D 175 6.75 -6.39 -48.22
N SER D 176 6.76 -5.71 -49.39
CA SER D 176 7.81 -4.76 -49.74
C SER D 176 7.27 -3.41 -50.16
N ARG D 177 7.45 -2.37 -49.32
CA ARG D 177 7.05 -1.01 -49.62
C ARG D 177 8.09 -0.36 -50.52
N VAL D 178 7.67 0.22 -51.67
CA VAL D 178 8.53 0.91 -52.64
C VAL D 178 8.74 2.38 -52.26
N GLU D 179 9.98 2.76 -51.90
CA GLU D 179 10.18 4.16 -51.49
C GLU D 179 10.22 5.09 -52.71
N CYS D 180 10.88 4.65 -53.80
CA CYS D 180 10.93 5.39 -55.06
C CYS D 180 11.30 4.50 -56.24
N ILE D 181 11.78 5.10 -57.34
CA ILE D 181 12.14 4.36 -58.54
C ILE D 181 13.52 4.82 -59.07
N GLY D 182 14.44 3.85 -59.20
CA GLY D 182 15.75 4.07 -59.82
C GLY D 182 16.78 3.01 -59.44
N TRP D 183 18.07 3.27 -59.71
CA TRP D 183 19.10 2.24 -59.61
C TRP D 183 20.24 2.65 -58.68
N SER D 184 19.98 3.68 -57.85
CA SER D 184 20.95 4.27 -56.94
C SER D 184 20.22 5.15 -55.92
N SER D 185 20.64 5.14 -54.65
CA SER D 185 19.66 5.59 -53.67
C SER D 185 20.25 5.92 -52.31
N THR D 186 19.46 6.63 -51.51
CA THR D 186 19.62 6.70 -50.08
C THR D 186 18.30 7.16 -49.45
N SER D 187 18.12 6.93 -48.14
CA SER D 187 16.92 7.31 -47.39
C SER D 187 17.32 7.64 -45.95
N CYS D 188 16.54 8.50 -45.27
CA CYS D 188 16.75 8.66 -43.83
C CYS D 188 15.68 9.57 -43.24
N HIS D 189 15.60 9.56 -41.91
CA HIS D 189 14.47 10.16 -41.24
C HIS D 189 15.01 11.22 -40.28
N ASP D 190 14.18 12.21 -39.94
CA ASP D 190 14.64 13.42 -39.25
C ASP D 190 13.93 13.62 -37.92
N GLY D 191 13.06 12.68 -37.55
CA GLY D 191 12.41 12.67 -36.26
C GLY D 191 10.94 12.98 -36.44
N LYS D 192 10.63 13.51 -37.61
CA LYS D 192 9.25 13.73 -38.03
C LYS D 192 8.91 12.72 -39.11
N THR D 193 9.63 12.78 -40.22
CA THR D 193 9.32 11.98 -41.38
C THR D 193 10.60 11.70 -42.18
N ARG D 194 10.49 10.75 -43.13
CA ARG D 194 11.61 10.20 -43.88
C ARG D 194 11.75 10.95 -45.19
N MET D 195 12.95 10.85 -45.78
CA MET D 195 13.25 11.36 -47.10
C MET D 195 13.96 10.24 -47.82
N SER D 196 13.59 10.01 -49.07
CA SER D 196 14.33 9.05 -49.86
C SER D 196 14.75 9.72 -51.15
N ILE D 197 15.91 9.28 -51.68
CA ILE D 197 16.37 9.63 -53.01
C ILE D 197 16.70 8.36 -53.79
N CYS D 198 16.11 8.27 -54.97
CA CYS D 198 16.47 7.31 -55.98
C CYS D 198 16.86 8.07 -57.25
N ILE D 199 17.91 7.57 -57.92
CA ILE D 199 18.30 8.15 -59.20
C ILE D 199 18.02 7.14 -60.32
N SER D 200 17.65 7.66 -61.49
CA SER D 200 17.28 6.87 -62.64
C SER D 200 17.93 7.50 -63.86
N GLY D 201 17.74 6.91 -65.05
CA GLY D 201 18.14 7.55 -66.30
C GLY D 201 19.19 6.75 -67.07
N PRO D 202 19.57 7.16 -68.30
CA PRO D 202 20.72 6.56 -68.98
C PRO D 202 21.96 7.18 -68.32
N ASN D 203 23.14 6.63 -68.66
CA ASN D 203 24.38 6.96 -67.98
C ASN D 203 24.79 8.40 -68.27
N ASN D 204 24.27 8.95 -69.39
CA ASN D 204 24.54 10.30 -69.85
C ASN D 204 23.34 11.21 -69.61
N ASN D 205 22.36 10.79 -68.77
CA ASN D 205 21.19 11.64 -68.53
C ASN D 205 20.42 11.31 -67.26
N ALA D 206 21.12 10.86 -66.22
CA ALA D 206 20.45 10.48 -64.98
C ALA D 206 19.94 11.72 -64.28
N SER D 207 18.95 11.54 -63.39
CA SER D 207 18.29 12.59 -62.62
C SER D 207 17.95 12.05 -61.23
N ALA D 208 18.18 12.86 -60.20
CA ALA D 208 17.94 12.45 -58.82
C ALA D 208 16.58 12.97 -58.38
N VAL D 209 15.74 12.10 -57.82
CA VAL D 209 14.45 12.56 -57.33
C VAL D 209 14.35 12.35 -55.82
N ILE D 210 14.17 13.47 -55.10
CA ILE D 210 14.10 13.45 -53.66
C ILE D 210 12.63 13.41 -53.26
N TRP D 211 12.24 12.31 -52.60
CA TRP D 211 10.94 12.25 -51.94
C TRP D 211 11.13 12.73 -50.50
N TYR D 212 10.27 13.65 -50.06
CA TYR D 212 10.13 13.89 -48.64
C TYR D 212 8.71 13.48 -48.25
N ASN D 213 8.58 12.80 -47.11
CA ASN D 213 7.28 12.34 -46.64
C ASN D 213 6.46 11.75 -47.80
N ARG D 214 7.01 10.76 -48.51
CA ARG D 214 6.26 9.86 -49.37
C ARG D 214 5.65 10.61 -50.56
N ARG D 215 6.13 11.85 -50.74
CA ARG D 215 5.86 12.63 -51.94
C ARG D 215 7.17 13.13 -52.55
N PRO D 216 7.24 13.26 -53.90
CA PRO D 216 8.37 13.94 -54.55
C PRO D 216 8.30 15.44 -54.35
N VAL D 217 9.48 16.06 -54.41
CA VAL D 217 9.78 17.46 -54.14
C VAL D 217 10.87 17.83 -55.15
N THR D 218 12.11 17.92 -54.67
CA THR D 218 13.20 18.35 -55.52
C THR D 218 13.64 17.24 -56.45
N GLU D 219 14.19 17.65 -57.60
CA GLU D 219 14.85 16.81 -58.58
C GLU D 219 16.17 17.49 -58.99
N ILE D 220 17.26 16.69 -59.06
CA ILE D 220 18.60 17.13 -59.47
C ILE D 220 19.02 16.35 -60.72
N ASN D 221 19.21 17.06 -61.84
CA ASN D 221 19.77 16.44 -63.04
C ASN D 221 21.24 16.06 -62.81
N THR D 222 21.85 15.47 -63.84
CA THR D 222 23.24 15.07 -63.89
C THR D 222 24.13 16.26 -64.25
N TRP D 223 25.29 16.40 -63.57
CA TRP D 223 26.20 17.49 -63.92
C TRP D 223 27.45 17.04 -64.68
N ALA D 224 27.74 15.73 -64.69
CA ALA D 224 28.91 15.22 -65.38
C ALA D 224 28.50 14.30 -66.53
N ARG D 225 27.22 13.91 -66.52
CA ARG D 225 26.59 13.04 -67.52
C ARG D 225 27.33 11.71 -67.56
N ASN D 226 27.87 11.32 -66.41
CA ASN D 226 28.52 10.03 -66.34
C ASN D 226 28.06 9.34 -65.07
N ILE D 227 26.80 8.86 -65.09
CA ILE D 227 26.31 8.06 -63.98
C ILE D 227 26.37 8.90 -62.71
N LEU D 228 25.35 9.74 -62.50
CA LEU D 228 25.10 10.36 -61.21
C LEU D 228 24.63 9.29 -60.23
N ARG D 229 24.96 9.45 -58.94
CA ARG D 229 24.88 8.33 -57.99
C ARG D 229 25.36 8.72 -56.60
N THR D 230 24.97 7.93 -55.59
CA THR D 230 25.04 8.28 -54.19
C THR D 230 25.18 7.02 -53.31
N GLN D 231 24.89 7.18 -52.00
CA GLN D 231 25.55 6.48 -50.90
C GLN D 231 25.28 4.97 -50.86
N GLU D 232 24.01 4.58 -51.03
CA GLU D 232 23.51 3.21 -50.85
C GLU D 232 23.55 2.77 -49.39
N SER D 233 23.54 3.72 -48.45
CA SER D 233 23.20 3.49 -47.06
C SER D 233 22.39 4.70 -46.58
N GLU D 234 21.73 4.52 -45.44
CA GLU D 234 21.02 5.62 -44.81
C GLU D 234 21.86 6.90 -44.84
N CYS D 235 21.18 8.04 -45.02
CA CYS D 235 21.73 9.32 -44.59
C CYS D 235 21.41 9.58 -43.12
N VAL D 236 21.77 10.78 -42.67
CA VAL D 236 21.76 11.10 -41.27
C VAL D 236 21.40 12.56 -41.18
N CYS D 237 20.52 12.88 -40.22
CA CYS D 237 19.90 14.19 -40.11
C CYS D 237 20.19 14.73 -38.73
N HIS D 238 20.62 16.00 -38.69
CA HIS D 238 20.65 16.82 -37.50
C HIS D 238 19.69 17.98 -37.70
N ASN D 239 18.72 18.08 -36.78
CA ASN D 239 17.84 19.23 -36.71
C ASN D 239 17.30 19.57 -38.10
N GLY D 240 16.94 18.50 -38.84
CA GLY D 240 16.18 18.66 -40.06
C GLY D 240 17.12 18.78 -41.25
N VAL D 241 18.39 19.09 -40.94
CA VAL D 241 19.38 19.10 -42.01
C VAL D 241 19.89 17.69 -42.20
N CYS D 242 19.68 17.17 -43.41
CA CYS D 242 20.09 15.83 -43.81
C CYS D 242 21.03 15.94 -45.01
N PRO D 243 22.37 15.92 -44.81
CA PRO D 243 23.31 15.90 -45.92
C PRO D 243 23.33 14.55 -46.64
N VAL D 244 23.81 14.59 -47.89
CA VAL D 244 23.95 13.40 -48.72
C VAL D 244 25.12 13.66 -49.66
N VAL D 245 25.84 12.60 -50.07
CA VAL D 245 27.04 12.71 -50.88
C VAL D 245 26.72 12.14 -52.26
N PHE D 246 26.95 12.95 -53.29
CA PHE D 246 26.74 12.48 -54.65
C PHE D 246 28.07 12.47 -55.40
N THR D 247 28.24 11.48 -56.29
CA THR D 247 29.36 11.43 -57.22
C THR D 247 28.87 11.35 -58.67
N ASP D 248 29.50 12.12 -59.54
CA ASP D 248 29.25 12.05 -60.97
C ASP D 248 30.56 12.27 -61.71
N GLY D 249 30.83 11.38 -62.67
CA GLY D 249 32.10 11.38 -63.38
C GLY D 249 32.79 10.02 -63.26
N SER D 250 34.01 9.94 -63.80
CA SER D 250 34.68 8.65 -63.93
C SER D 250 34.66 7.85 -62.63
N ALA D 251 34.63 6.51 -62.81
CA ALA D 251 34.81 5.54 -61.74
C ALA D 251 36.27 5.09 -61.63
N THR D 252 37.08 5.49 -62.62
CA THR D 252 38.46 5.05 -62.81
C THR D 252 39.37 6.27 -62.93
N GLY D 253 38.92 7.39 -62.35
CA GLY D 253 39.65 8.64 -62.44
C GLY D 253 39.17 9.65 -61.41
N PRO D 254 39.40 10.97 -61.65
CA PRO D 254 38.76 12.05 -60.91
C PRO D 254 37.31 12.28 -61.34
N ALA D 255 36.43 12.46 -60.35
CA ALA D 255 35.01 12.66 -60.54
C ALA D 255 34.60 13.94 -59.83
N GLU D 256 33.44 14.49 -60.20
CA GLU D 256 32.94 15.65 -59.50
C GLU D 256 31.92 15.19 -58.46
N THR D 257 32.37 15.09 -57.21
CA THR D 257 31.58 14.77 -56.02
C THR D 257 31.12 16.05 -55.31
N ARG D 258 29.85 16.04 -54.81
CA ARG D 258 29.19 17.18 -54.16
C ARG D 258 28.35 16.74 -52.95
N ILE D 259 28.54 17.40 -51.81
CA ILE D 259 27.75 17.16 -50.60
C ILE D 259 26.50 18.05 -50.69
N TYR D 260 25.33 17.41 -50.81
CA TYR D 260 24.07 18.15 -50.87
C TYR D 260 23.44 18.24 -49.49
N TYR D 261 23.04 19.45 -49.09
CA TYR D 261 22.34 19.67 -47.84
C TYR D 261 20.83 19.80 -48.07
N PHE D 262 20.10 18.73 -47.70
CA PHE D 262 18.66 18.71 -47.72
C PHE D 262 18.12 18.98 -46.32
N LYS D 263 17.07 19.78 -46.25
CA LYS D 263 16.16 19.81 -45.11
C LYS D 263 14.75 19.89 -45.69
N GLU D 264 13.88 18.99 -45.24
CA GLU D 264 12.50 18.92 -45.68
C GLU D 264 12.46 18.72 -47.20
N GLY D 265 13.46 17.99 -47.71
CA GLY D 265 13.49 17.56 -49.11
C GLY D 265 14.17 18.59 -50.01
N LYS D 266 14.20 19.84 -49.56
CA LYS D 266 14.65 20.97 -50.34
C LYS D 266 16.16 21.17 -50.11
N ILE D 267 16.88 21.59 -51.15
CA ILE D 267 18.33 21.79 -51.11
C ILE D 267 18.63 23.14 -50.44
N LEU D 268 19.31 23.10 -49.29
CA LEU D 268 19.76 24.31 -48.59
C LEU D 268 21.04 24.86 -49.23
N LYS D 269 21.97 23.97 -49.61
CA LYS D 269 23.31 24.37 -50.01
C LYS D 269 24.00 23.15 -50.61
N TRP D 270 25.07 23.36 -51.39
CA TRP D 270 25.90 22.25 -51.83
C TRP D 270 27.31 22.70 -52.17
N GLU D 271 28.30 21.89 -51.78
CA GLU D 271 29.73 22.17 -51.93
C GLU D 271 30.37 21.18 -52.91
N PRO D 272 31.45 21.56 -53.62
CA PRO D 272 32.37 20.57 -54.17
C PRO D 272 33.14 19.94 -53.00
N LEU D 273 33.27 18.61 -53.06
CA LEU D 273 34.19 17.84 -52.24
C LEU D 273 35.47 18.64 -52.02
N ALA D 274 35.76 18.93 -50.75
CA ALA D 274 36.97 19.63 -50.35
C ALA D 274 37.95 18.65 -49.71
N GLY D 275 38.79 19.14 -48.77
CA GLY D 275 39.84 18.35 -48.13
C GLY D 275 40.64 17.51 -49.15
N THR D 276 41.09 16.31 -48.72
CA THR D 276 42.24 15.65 -49.30
C THR D 276 41.91 14.29 -49.96
N ALA D 277 40.74 13.72 -49.69
CA ALA D 277 40.35 12.51 -50.41
C ALA D 277 40.18 12.81 -51.91
N LYS D 278 40.65 11.89 -52.75
CA LYS D 278 40.87 12.11 -54.17
C LYS D 278 39.71 11.59 -55.01
N HIS D 279 39.35 10.32 -54.84
CA HIS D 279 38.12 9.77 -55.40
C HIS D 279 37.19 9.41 -54.25
N ILE D 280 35.87 9.57 -54.48
CA ILE D 280 34.84 9.24 -53.50
C ILE D 280 33.68 8.56 -54.19
N GLU D 281 33.25 7.43 -53.61
CA GLU D 281 32.07 6.69 -54.05
C GLU D 281 31.41 6.11 -52.81
N GLU D 282 30.11 5.84 -52.94
CA GLU D 282 29.31 5.02 -52.04
C GLU D 282 29.65 5.26 -50.56
N CYS D 283 29.11 6.34 -49.98
CA CYS D 283 29.48 6.71 -48.62
C CYS D 283 28.56 6.03 -47.62
N SER D 284 29.13 5.61 -46.48
CA SER D 284 28.36 5.09 -45.36
C SER D 284 28.63 5.99 -44.17
N CYS D 285 27.56 6.39 -43.48
CA CYS D 285 27.57 7.50 -42.54
C CYS D 285 26.81 7.15 -41.26
N TYR D 286 27.16 7.85 -40.17
CA TYR D 286 26.38 7.91 -38.93
C TYR D 286 26.53 9.30 -38.33
N GLY D 287 25.80 9.57 -37.23
CA GLY D 287 25.83 10.87 -36.59
C GLY D 287 26.10 10.79 -35.08
N GLU D 288 26.76 11.84 -34.53
CA GLU D 288 27.11 11.84 -33.11
C GLU D 288 27.68 13.18 -32.70
N ARG D 289 27.31 13.62 -31.50
CA ARG D 289 27.77 14.87 -30.92
C ARG D 289 27.76 15.98 -31.96
N ALA D 290 26.74 15.98 -32.82
CA ALA D 290 26.53 17.00 -33.84
C ALA D 290 27.65 17.01 -34.86
N GLU D 291 28.30 15.85 -35.03
CA GLU D 291 29.16 15.60 -36.17
C GLU D 291 28.62 14.38 -36.92
N ILE D 292 28.73 14.41 -38.25
CA ILE D 292 28.40 13.27 -39.08
C ILE D 292 29.68 12.83 -39.79
N THR D 293 29.98 11.52 -39.75
CA THR D 293 31.18 10.97 -40.39
C THR D 293 30.81 9.95 -41.46
N CYS D 294 31.31 10.14 -42.69
CA CYS D 294 31.04 9.20 -43.78
C CYS D 294 32.32 8.52 -44.25
N THR D 295 32.22 7.20 -44.49
CA THR D 295 33.37 6.36 -44.75
C THR D 295 33.26 5.81 -46.18
N CYS D 296 34.08 6.35 -47.09
CA CYS D 296 33.71 6.23 -48.49
C CYS D 296 34.59 5.23 -49.24
N ARG D 297 34.44 5.19 -50.56
CA ARG D 297 35.17 4.27 -51.41
C ARG D 297 35.90 5.12 -52.45
N ASP D 298 37.19 4.82 -52.57
CA ASP D 298 38.07 5.47 -53.53
C ASP D 298 38.28 4.54 -54.72
N ASN D 299 37.42 4.62 -55.73
CA ASN D 299 37.44 3.59 -56.76
C ASN D 299 38.62 3.76 -57.72
N TRP D 300 39.34 4.87 -57.61
CA TRP D 300 40.33 5.19 -58.62
C TRP D 300 41.62 4.43 -58.31
N GLN D 301 42.09 4.58 -57.05
CA GLN D 301 43.48 4.31 -56.65
C GLN D 301 43.58 3.81 -55.20
N GLY D 302 42.63 4.20 -54.35
CA GLY D 302 42.78 4.05 -52.90
C GLY D 302 42.32 2.70 -52.36
N SER D 303 43.25 1.98 -51.74
CA SER D 303 42.93 0.78 -50.99
C SER D 303 42.66 1.15 -49.53
N ASN D 304 43.20 2.28 -49.10
CA ASN D 304 42.67 2.91 -47.89
C ASN D 304 41.36 3.61 -48.26
N ARG D 305 40.65 4.07 -47.23
CA ARG D 305 39.24 4.43 -47.36
C ARG D 305 39.02 5.92 -47.13
N PRO D 306 38.41 6.62 -48.10
CA PRO D 306 37.97 8.01 -47.90
C PRO D 306 37.13 8.25 -46.65
N VAL D 307 37.32 9.44 -46.04
CA VAL D 307 36.56 9.87 -44.87
C VAL D 307 36.11 11.32 -45.03
N ILE D 308 34.79 11.52 -45.05
CA ILE D 308 34.22 12.86 -44.98
C ILE D 308 33.63 13.07 -43.57
N ARG D 309 34.09 14.14 -42.88
CA ARG D 309 33.51 14.62 -41.63
C ARG D 309 32.74 15.91 -41.93
N ILE D 310 31.50 15.99 -41.40
CA ILE D 310 30.54 16.95 -41.87
C ILE D 310 29.90 17.70 -40.71
N ASP D 311 30.02 19.03 -40.79
CA ASP D 311 29.45 19.98 -39.87
C ASP D 311 28.09 20.43 -40.41
N PRO D 312 26.98 19.91 -39.85
CA PRO D 312 25.66 20.10 -40.45
C PRO D 312 24.93 21.33 -39.89
N VAL D 313 25.64 22.11 -39.07
CA VAL D 313 25.16 23.43 -38.65
C VAL D 313 25.77 24.47 -39.57
N ALA D 314 27.11 24.55 -39.57
CA ALA D 314 27.86 25.33 -40.55
C ALA D 314 27.57 24.80 -41.93
N MET D 315 26.92 23.64 -42.00
CA MET D 315 26.78 22.87 -43.21
C MET D 315 28.09 22.93 -43.99
N THR D 316 29.18 22.48 -43.35
CA THR D 316 30.50 22.36 -43.98
C THR D 316 31.07 20.98 -43.74
N HIS D 317 32.15 20.66 -44.48
CA HIS D 317 32.84 19.38 -44.39
C HIS D 317 34.33 19.51 -44.71
N THR D 318 35.08 18.49 -44.29
CA THR D 318 36.46 18.27 -44.65
C THR D 318 36.62 16.80 -45.05
N SER D 319 37.77 16.45 -45.64
CA SER D 319 38.01 15.09 -46.08
C SER D 319 39.46 14.73 -45.87
N GLN D 320 39.70 13.47 -45.49
CA GLN D 320 41.02 12.88 -45.55
C GLN D 320 40.91 11.41 -45.96
N TYR D 321 41.66 10.57 -45.25
CA TYR D 321 41.66 9.11 -45.40
C TYR D 321 41.81 8.55 -44.01
N ILE D 322 41.49 7.27 -43.81
CA ILE D 322 41.89 6.66 -42.56
C ILE D 322 43.40 6.41 -42.64
N CYS D 323 44.10 6.86 -41.60
CA CYS D 323 45.56 6.90 -41.56
C CYS D 323 46.11 5.52 -41.25
N SER D 324 45.47 4.82 -40.29
CA SER D 324 45.89 3.48 -39.89
C SER D 324 46.28 2.70 -41.11
N PRO D 325 47.32 1.83 -40.99
CA PRO D 325 47.77 0.96 -42.07
C PRO D 325 46.91 -0.27 -42.34
N VAL D 326 45.83 -0.44 -41.55
CA VAL D 326 44.89 -1.54 -41.73
C VAL D 326 43.92 -1.18 -42.85
N LEU D 327 44.23 -1.62 -44.08
CA LEU D 327 43.52 -1.10 -45.24
C LEU D 327 42.18 -1.80 -45.40
N THR D 328 41.11 -1.01 -45.47
CA THR D 328 39.79 -1.61 -45.39
C THR D 328 39.02 -1.41 -46.68
N ASP D 329 39.70 -1.45 -47.84
CA ASP D 329 38.98 -1.51 -49.10
C ASP D 329 38.96 -2.95 -49.56
N ASN D 330 38.49 -3.15 -50.80
CA ASN D 330 38.63 -4.43 -51.47
C ASN D 330 38.29 -4.27 -52.95
N PRO D 331 39.13 -4.81 -53.88
CA PRO D 331 40.43 -5.45 -53.62
C PRO D 331 41.54 -4.54 -53.08
N ARG D 332 42.51 -5.13 -52.37
CA ARG D 332 43.51 -4.33 -51.67
C ARG D 332 44.92 -4.93 -51.74
N PRO D 333 45.90 -4.27 -51.07
CA PRO D 333 47.16 -4.88 -50.67
C PRO D 333 47.16 -5.30 -49.20
N ASN D 334 48.11 -6.16 -48.88
CA ASN D 334 48.36 -6.60 -47.52
C ASN D 334 48.81 -5.40 -46.71
N ASP D 335 48.68 -5.51 -45.39
CA ASP D 335 48.85 -4.36 -44.54
C ASP D 335 50.33 -4.05 -44.39
N PRO D 336 50.74 -2.80 -44.64
CA PRO D 336 52.08 -2.34 -44.29
C PRO D 336 52.18 -1.93 -42.83
N THR D 337 53.41 -1.63 -42.40
CA THR D 337 53.60 -1.04 -41.08
C THR D 337 52.90 0.32 -40.96
N VAL D 338 52.86 1.11 -42.03
CA VAL D 338 52.38 2.50 -42.03
C VAL D 338 51.50 2.80 -43.25
N GLY D 339 50.32 3.42 -43.05
CA GLY D 339 49.39 3.77 -44.14
C GLY D 339 49.14 5.28 -44.29
N LYS D 340 48.64 5.71 -45.47
CA LYS D 340 48.63 7.10 -45.94
C LYS D 340 47.43 7.87 -45.39
N CYS D 341 47.59 9.20 -45.19
CA CYS D 341 46.60 10.03 -44.53
C CYS D 341 45.90 10.93 -45.55
N ASN D 342 46.70 11.51 -46.46
CA ASN D 342 46.15 12.54 -47.33
C ASN D 342 46.29 12.16 -48.81
N ASP D 343 46.41 10.86 -49.09
CA ASP D 343 46.49 10.33 -50.45
C ASP D 343 46.12 8.84 -50.44
N PRO D 344 45.67 8.29 -51.60
CA PRO D 344 45.25 6.88 -51.67
C PRO D 344 46.46 5.97 -51.58
N TYR D 345 46.34 4.92 -50.77
CA TYR D 345 47.32 3.86 -50.79
C TYR D 345 47.22 3.17 -52.15
N PRO D 346 48.35 3.18 -52.91
CA PRO D 346 48.38 2.69 -54.30
C PRO D 346 47.99 1.23 -54.46
N GLY D 347 48.62 0.55 -55.43
CA GLY D 347 48.64 -0.91 -55.52
C GLY D 347 47.39 -1.50 -56.18
N ASN D 348 46.28 -0.78 -56.02
CA ASN D 348 45.00 -1.30 -56.45
C ASN D 348 44.14 -0.18 -57.02
N ASN D 349 43.77 -0.35 -58.30
CA ASN D 349 43.26 0.69 -59.17
C ASN D 349 41.96 0.22 -59.80
N ASN D 350 40.92 1.06 -59.69
CA ASN D 350 39.72 0.95 -60.52
C ASN D 350 38.82 -0.16 -59.99
N ASN D 351 38.64 -0.14 -58.66
CA ASN D 351 37.72 -1.05 -58.01
C ASN D 351 37.70 -0.75 -56.52
N GLY D 352 36.92 -1.55 -55.78
CA GLY D 352 36.64 -1.37 -54.37
C GLY D 352 35.27 -1.93 -54.01
N VAL D 353 34.81 -1.61 -52.79
CA VAL D 353 33.58 -2.15 -52.24
C VAL D 353 33.05 -1.09 -51.28
N LYS D 354 31.73 -1.12 -51.05
CA LYS D 354 31.13 -0.21 -50.09
C LYS D 354 31.41 -0.75 -48.70
N GLY D 355 32.10 0.03 -47.89
CA GLY D 355 32.22 -0.39 -46.50
C GLY D 355 32.03 0.78 -45.55
N PHE D 356 32.50 0.62 -44.31
CA PHE D 356 32.29 1.62 -43.28
C PHE D 356 33.37 1.51 -42.21
N SER D 357 33.26 2.38 -41.20
CA SER D 357 34.06 2.34 -39.98
C SER D 357 33.39 3.24 -38.95
N TYR D 358 33.64 2.95 -37.68
CA TYR D 358 33.22 3.80 -36.58
C TYR D 358 34.49 4.34 -35.92
N LEU D 359 34.68 5.66 -35.99
CA LEU D 359 35.89 6.32 -35.53
C LEU D 359 35.53 7.26 -34.39
N ASP D 360 36.10 7.02 -33.20
CA ASP D 360 35.66 7.66 -31.97
C ASP D 360 36.80 7.58 -30.95
N GLY D 361 38.03 7.72 -31.48
CA GLY D 361 39.22 7.72 -30.65
C GLY D 361 39.64 6.31 -30.27
N VAL D 362 39.47 5.97 -29.00
CA VAL D 362 39.92 4.69 -28.48
C VAL D 362 38.90 3.64 -28.86
N ASN D 363 37.70 4.13 -29.18
CA ASN D 363 36.53 3.36 -29.55
C ASN D 363 36.40 3.29 -31.08
N THR D 364 37.52 3.02 -31.78
CA THR D 364 37.49 3.08 -33.23
C THR D 364 37.50 1.67 -33.81
N TRP D 365 36.42 1.29 -34.53
CA TRP D 365 36.22 -0.03 -35.11
C TRP D 365 36.08 0.09 -36.62
N LEU D 366 36.67 -0.82 -37.41
CA LEU D 366 36.60 -0.81 -38.87
C LEU D 366 36.05 -2.16 -39.35
N GLY D 367 35.51 -2.19 -40.57
CA GLY D 367 35.16 -3.44 -41.23
C GLY D 367 35.91 -3.63 -42.54
N ARG D 368 36.19 -4.90 -42.87
CA ARG D 368 36.78 -5.23 -44.16
C ARG D 368 36.38 -6.63 -44.60
N THR D 369 36.64 -6.92 -45.87
CA THR D 369 36.71 -8.29 -46.33
C THR D 369 37.98 -8.92 -45.74
N ILE D 370 37.92 -10.22 -45.42
CA ILE D 370 39.10 -10.91 -44.93
C ILE D 370 40.04 -11.14 -46.12
N SER D 371 39.46 -11.61 -47.23
CA SER D 371 40.14 -11.70 -48.51
C SER D 371 40.70 -10.34 -48.89
N ILE D 372 41.83 -10.34 -49.64
CA ILE D 372 42.37 -9.11 -50.20
C ILE D 372 42.18 -9.18 -51.70
N ALA D 373 41.34 -10.14 -52.12
CA ALA D 373 41.22 -10.45 -53.54
C ALA D 373 39.78 -10.32 -54.03
N SER D 374 38.86 -10.97 -53.30
CA SER D 374 37.45 -11.10 -53.64
C SER D 374 36.57 -10.55 -52.51
N ARG D 375 35.28 -10.35 -52.81
CA ARG D 375 34.34 -9.88 -51.79
C ARG D 375 33.97 -11.05 -50.87
N SER D 376 34.90 -11.38 -49.96
CA SER D 376 34.81 -12.60 -49.18
C SER D 376 35.06 -12.30 -47.71
N GLY D 377 34.37 -13.04 -46.83
CA GLY D 377 34.56 -12.98 -45.39
C GLY D 377 34.18 -11.61 -44.85
N TYR D 378 34.15 -11.43 -43.53
CA TYR D 378 34.08 -10.07 -43.03
C TYR D 378 34.52 -10.04 -41.57
N GLU D 379 35.22 -8.97 -41.19
CA GLU D 379 35.69 -8.85 -39.82
C GLU D 379 35.51 -7.41 -39.33
N MET D 380 35.42 -7.28 -37.99
CA MET D 380 35.54 -6.01 -37.29
C MET D 380 36.79 -6.03 -36.40
N LEU D 381 37.53 -4.93 -36.48
CA LEU D 381 38.76 -4.82 -35.72
C LEU D 381 38.65 -3.55 -34.89
N LYS D 382 38.70 -3.70 -33.56
CA LYS D 382 39.02 -2.54 -32.75
C LYS D 382 40.39 -2.09 -33.23
N VAL D 383 40.56 -0.79 -33.44
CA VAL D 383 41.77 -0.21 -33.99
C VAL D 383 41.83 1.22 -33.54
N PRO D 384 42.39 1.48 -32.34
CA PRO D 384 42.33 2.80 -31.70
C PRO D 384 42.89 3.90 -32.60
N ASN D 385 42.15 5.00 -32.73
CA ASN D 385 42.60 6.20 -33.42
C ASN D 385 42.98 5.88 -34.87
N ALA D 386 42.34 4.84 -35.43
CA ALA D 386 42.51 4.48 -36.84
C ALA D 386 42.48 5.71 -37.73
N LEU D 387 41.48 6.60 -37.57
CA LEU D 387 41.40 7.75 -38.47
C LEU D 387 42.72 8.52 -38.44
N THR D 388 43.32 8.66 -37.26
CA THR D 388 44.36 9.64 -37.03
C THR D 388 45.76 9.02 -37.04
N ASP D 389 45.83 7.70 -36.77
CA ASP D 389 47.08 7.08 -36.37
C ASP D 389 47.62 6.18 -37.48
N ASP D 390 48.59 6.72 -38.25
CA ASP D 390 49.16 6.09 -39.44
C ASP D 390 50.03 4.88 -39.09
N LYS D 391 49.94 4.39 -37.84
CA LYS D 391 50.74 3.26 -37.40
C LYS D 391 49.85 2.26 -36.69
N SER D 392 48.58 2.65 -36.46
CA SER D 392 47.70 1.92 -35.56
C SER D 392 47.40 0.52 -36.09
N LYS D 393 47.31 -0.42 -35.15
CA LYS D 393 47.07 -1.83 -35.45
C LYS D 393 45.97 -2.35 -34.52
N PRO D 394 45.32 -3.50 -34.83
CA PRO D 394 44.24 -4.02 -33.97
C PRO D 394 44.62 -4.39 -32.53
N THR D 395 43.66 -4.21 -31.61
CA THR D 395 43.81 -4.59 -30.21
C THR D 395 42.63 -5.44 -29.74
N GLN D 396 41.67 -5.64 -30.65
CA GLN D 396 40.50 -6.49 -30.47
C GLN D 396 39.94 -6.77 -31.87
N GLY D 397 39.31 -7.94 -32.06
CA GLY D 397 38.69 -8.31 -33.34
C GLY D 397 37.44 -9.18 -33.19
N GLN D 398 36.66 -9.29 -34.27
CA GLN D 398 35.46 -10.14 -34.30
C GLN D 398 35.16 -10.54 -35.75
N THR D 399 35.39 -11.80 -36.06
CA THR D 399 34.99 -12.36 -37.35
C THR D 399 33.47 -12.22 -37.49
N ILE D 400 32.99 -11.86 -38.67
CA ILE D 400 31.56 -11.76 -38.87
C ILE D 400 31.12 -12.80 -39.91
N VAL D 401 32.03 -13.19 -40.82
CA VAL D 401 31.76 -14.04 -41.97
C VAL D 401 33.09 -14.70 -42.37
N LEU D 402 33.15 -16.03 -42.24
CA LEU D 402 34.34 -16.79 -42.59
C LEU D 402 34.68 -16.50 -44.04
N ASN D 403 35.98 -16.55 -44.36
CA ASN D 403 36.47 -16.11 -45.66
C ASN D 403 36.18 -17.14 -46.74
N THR D 404 35.46 -18.22 -46.37
CA THR D 404 34.93 -19.17 -47.35
C THR D 404 33.46 -18.87 -47.61
N ASP D 405 32.97 -17.78 -47.00
CA ASP D 405 31.63 -17.31 -47.26
C ASP D 405 31.68 -15.91 -47.88
N TRP D 406 31.00 -15.77 -49.02
CA TRP D 406 30.82 -14.54 -49.78
C TRP D 406 30.23 -13.44 -48.93
N SER D 407 30.84 -12.24 -48.98
CA SER D 407 30.20 -11.06 -48.44
C SER D 407 29.87 -10.12 -49.60
N GLY D 408 30.08 -8.81 -49.37
CA GLY D 408 29.68 -7.76 -50.29
C GLY D 408 29.73 -6.35 -49.66
N TYR D 409 28.68 -5.56 -49.96
CA TYR D 409 28.58 -4.19 -49.48
C TYR D 409 28.33 -4.19 -47.97
N SER D 410 28.68 -3.08 -47.34
CA SER D 410 28.49 -2.90 -45.92
C SER D 410 28.39 -1.40 -45.64
N GLY D 411 27.77 -1.07 -44.53
CA GLY D 411 27.41 0.30 -44.27
C GLY D 411 26.83 0.44 -42.86
N SER D 412 26.63 1.68 -42.45
CA SER D 412 26.36 1.93 -41.05
C SER D 412 24.92 2.40 -40.90
N PHE D 413 24.40 2.27 -39.66
CA PHE D 413 23.17 2.93 -39.27
C PHE D 413 23.15 2.94 -37.76
N MET D 414 22.12 3.53 -37.18
CA MET D 414 21.93 3.57 -35.75
C MET D 414 20.46 3.92 -35.47
N ASP D 415 19.90 3.39 -34.38
CA ASP D 415 18.55 3.70 -33.90
C ASP D 415 18.58 4.91 -32.97
N TYR D 416 18.45 6.12 -33.55
CA TYR D 416 18.64 7.41 -32.89
C TYR D 416 17.43 7.75 -32.03
N TRP D 417 16.52 6.79 -31.82
CA TRP D 417 15.31 7.04 -31.04
C TRP D 417 15.21 6.06 -29.88
N ALA D 418 16.28 5.28 -29.69
CA ALA D 418 16.41 4.33 -28.58
C ALA D 418 16.55 5.15 -27.31
N GLU D 419 16.12 4.58 -26.19
CA GLU D 419 16.05 5.38 -24.99
C GLU D 419 17.30 5.12 -24.16
N GLY D 420 18.40 5.79 -24.52
CA GLY D 420 19.63 5.55 -23.79
C GLY D 420 20.64 6.71 -23.88
N GLU D 421 21.50 6.77 -22.85
CA GLU D 421 22.56 7.74 -22.70
C GLU D 421 23.53 7.77 -23.90
N CYS D 422 23.46 6.78 -24.82
CA CYS D 422 24.40 6.77 -25.95
C CYS D 422 23.80 6.12 -27.20
N TYR D 423 24.26 6.55 -28.40
CA TYR D 423 23.84 5.82 -29.59
C TYR D 423 24.60 4.51 -29.73
N ARG D 424 23.87 3.38 -29.59
CA ARG D 424 24.42 2.05 -29.86
C ARG D 424 24.74 1.94 -31.35
N ALA D 425 26.00 2.18 -31.73
CA ALA D 425 26.44 1.95 -33.10
C ALA D 425 25.85 0.66 -33.64
N CYS D 426 25.48 0.67 -34.93
CA CYS D 426 24.89 -0.49 -35.60
C CYS D 426 25.48 -0.60 -37.00
N PHE D 427 25.28 -1.75 -37.67
CA PHE D 427 25.72 -1.84 -39.06
C PHE D 427 25.14 -3.08 -39.74
N TYR D 428 25.36 -3.22 -41.07
CA TYR D 428 24.86 -4.34 -41.84
C TYR D 428 25.93 -4.87 -42.77
N VAL D 429 25.83 -6.15 -43.14
CA VAL D 429 26.61 -6.71 -44.24
C VAL D 429 25.63 -7.28 -45.28
N GLU D 430 26.03 -7.23 -46.58
CA GLU D 430 25.27 -7.74 -47.71
C GLU D 430 26.06 -8.91 -48.23
N LEU D 431 25.39 -10.07 -48.35
CA LEU D 431 26.04 -11.33 -48.65
C LEU D 431 25.65 -11.70 -50.07
N ILE D 432 26.58 -11.55 -51.02
CA ILE D 432 26.19 -11.72 -52.41
C ILE D 432 26.28 -13.18 -52.87
N ARG D 433 25.37 -13.54 -53.77
CA ARG D 433 25.34 -14.89 -54.32
C ARG D 433 25.20 -14.77 -55.84
N GLY D 434 25.52 -15.85 -56.53
CA GLY D 434 25.30 -15.89 -57.98
C GLY D 434 26.41 -15.13 -58.70
N ARG D 435 26.15 -14.85 -59.99
CA ARG D 435 27.10 -14.17 -60.84
C ARG D 435 27.55 -12.89 -60.13
N PRO D 436 28.86 -12.56 -60.22
CA PRO D 436 29.81 -13.21 -61.11
C PRO D 436 30.57 -14.39 -60.51
N LYS D 437 30.42 -14.61 -59.20
CA LYS D 437 31.28 -15.56 -58.49
C LYS D 437 30.72 -16.97 -58.56
N GLU D 438 29.39 -17.10 -58.52
CA GLU D 438 28.75 -18.40 -58.47
C GLU D 438 27.95 -18.60 -59.75
N ASP D 439 28.68 -18.66 -60.87
CA ASP D 439 28.15 -18.32 -62.18
C ASP D 439 27.38 -19.49 -62.79
N LYS D 440 27.24 -20.58 -62.03
CA LYS D 440 26.36 -21.68 -62.38
C LYS D 440 24.95 -21.17 -62.58
N VAL D 441 24.52 -20.22 -61.72
CA VAL D 441 23.26 -19.50 -61.91
C VAL D 441 23.48 -18.34 -62.87
N TRP D 442 22.37 -17.82 -63.42
CA TRP D 442 22.37 -16.72 -64.35
C TRP D 442 21.90 -15.44 -63.67
N TRP D 443 21.99 -15.41 -62.34
CA TRP D 443 21.41 -14.33 -61.55
C TRP D 443 22.36 -13.90 -60.43
N THR D 444 22.00 -12.79 -59.78
CA THR D 444 22.71 -12.25 -58.63
C THR D 444 21.69 -11.67 -57.67
N SER D 445 21.86 -11.95 -56.37
CA SER D 445 21.02 -11.36 -55.35
C SER D 445 21.72 -11.48 -54.01
N ASN D 446 21.02 -11.18 -52.91
CA ASN D 446 21.70 -10.91 -51.66
C ASN D 446 20.71 -11.08 -50.51
N SER D 447 21.15 -11.74 -49.44
CA SER D 447 20.46 -11.69 -48.18
C SER D 447 21.20 -10.65 -47.34
N ILE D 448 20.68 -10.31 -46.14
CA ILE D 448 21.26 -9.28 -45.28
C ILE D 448 21.58 -9.88 -43.92
N VAL D 449 22.68 -9.42 -43.32
CA VAL D 449 23.06 -9.81 -41.97
C VAL D 449 23.40 -8.54 -41.20
N SER D 450 22.80 -8.38 -40.01
CA SER D 450 22.90 -7.10 -39.33
C SER D 450 23.38 -7.27 -37.89
N MET D 451 24.28 -6.38 -37.46
CA MET D 451 24.89 -6.41 -36.13
C MET D 451 24.88 -5.01 -35.51
N CYS D 452 24.86 -4.95 -34.17
CA CYS D 452 24.87 -3.73 -33.40
C CYS D 452 25.79 -3.95 -32.19
N SER D 453 25.93 -2.95 -31.30
CA SER D 453 27.10 -3.00 -30.42
C SER D 453 26.73 -3.33 -28.98
N SER D 454 27.54 -4.19 -28.35
CA SER D 454 27.36 -4.45 -26.92
C SER D 454 28.45 -3.80 -26.06
N THR D 455 28.06 -3.36 -24.86
CA THR D 455 29.06 -2.94 -23.88
C THR D 455 29.82 -4.16 -23.34
N GLU D 456 29.22 -5.34 -23.46
CA GLU D 456 29.83 -6.56 -22.93
C GLU D 456 30.78 -7.15 -23.96
N PHE D 457 31.52 -8.18 -23.54
CA PHE D 457 32.47 -8.84 -24.43
C PHE D 457 31.91 -10.21 -24.77
N LEU D 458 31.33 -10.34 -25.97
CA LEU D 458 30.34 -11.36 -26.36
C LEU D 458 30.98 -12.39 -27.26
N GLY D 459 30.78 -13.67 -26.97
CA GLY D 459 31.32 -14.66 -27.88
C GLY D 459 30.89 -14.34 -29.30
N GLN D 460 31.64 -14.83 -30.30
CA GLN D 460 31.26 -14.51 -31.68
C GLN D 460 30.81 -15.77 -32.43
N TRP D 461 30.07 -15.52 -33.52
CA TRP D 461 29.61 -16.51 -34.48
C TRP D 461 29.70 -15.89 -35.88
N ASP D 462 30.28 -16.58 -36.85
CA ASP D 462 30.13 -16.17 -38.26
C ASP D 462 28.67 -16.29 -38.71
N TRP D 463 28.29 -15.56 -39.77
CA TRP D 463 26.87 -15.44 -40.13
C TRP D 463 26.69 -15.55 -41.65
N PRO D 464 26.84 -16.72 -42.29
CA PRO D 464 26.94 -16.76 -43.74
C PRO D 464 25.58 -16.56 -44.37
N ASP D 465 25.52 -16.62 -45.70
CA ASP D 465 24.25 -16.51 -46.41
C ASP D 465 23.34 -17.66 -46.00
N GLY D 466 23.85 -18.88 -46.16
CA GLY D 466 23.16 -20.09 -45.77
C GLY D 466 22.52 -20.85 -46.94
N ALA D 467 22.49 -20.24 -48.13
CA ALA D 467 21.92 -20.91 -49.29
C ALA D 467 22.95 -21.82 -49.96
N LYS D 468 22.40 -22.70 -50.82
CA LYS D 468 23.07 -23.80 -51.48
C LYS D 468 22.69 -23.74 -52.96
N ILE D 469 23.70 -23.42 -53.79
CA ILE D 469 23.53 -23.04 -55.18
C ILE D 469 22.93 -24.23 -55.92
N GLU D 470 23.51 -25.41 -55.73
CA GLU D 470 22.88 -26.67 -56.10
C GLU D 470 21.39 -26.45 -56.32
N TYR D 471 20.70 -25.98 -55.27
CA TYR D 471 19.25 -26.02 -55.23
C TYR D 471 18.63 -25.20 -56.36
N PHE D 472 19.40 -24.25 -56.90
CA PHE D 472 18.87 -23.24 -57.80
C PHE D 472 18.92 -23.72 -59.25
N LEU D 473 19.75 -24.73 -59.50
CA LEU D 473 20.07 -25.17 -60.85
C LEU D 473 19.10 -26.27 -61.29
N GLY E 36 47.70 -38.33 112.57
CA GLY E 36 46.42 -38.08 111.85
C GLY E 36 45.55 -39.33 111.69
N SER E 37 44.26 -39.13 111.37
CA SER E 37 43.30 -40.20 111.21
C SER E 37 43.25 -40.67 109.75
N ILE E 38 42.40 -41.66 109.48
CA ILE E 38 42.14 -42.13 108.13
C ILE E 38 40.62 -42.16 107.89
N ILE E 39 39.91 -41.40 108.74
CA ILE E 39 38.50 -41.09 108.57
C ILE E 39 38.40 -39.62 108.18
N ASN E 40 38.80 -38.73 109.11
CA ASN E 40 38.79 -37.29 108.89
C ASN E 40 39.54 -36.97 107.60
N GLU E 41 40.58 -37.76 107.34
CA GLU E 41 41.46 -37.60 106.18
C GLU E 41 40.91 -38.34 104.95
N THR E 42 40.03 -39.33 105.17
CA THR E 42 39.34 -40.01 104.08
C THR E 42 38.18 -39.13 103.58
N ALA E 43 37.44 -38.53 104.52
CA ALA E 43 36.40 -37.57 104.19
C ALA E 43 36.98 -36.57 103.19
N ASP E 44 37.99 -35.82 103.63
CA ASP E 44 38.70 -34.86 102.80
C ASP E 44 38.84 -35.42 101.38
N ASP E 45 39.08 -36.74 101.29
CA ASP E 45 39.43 -37.34 100.01
C ASP E 45 38.21 -37.49 99.11
N ILE E 46 37.11 -38.08 99.62
CA ILE E 46 35.94 -38.41 98.82
C ILE E 46 35.34 -37.14 98.22
N VAL E 47 35.43 -36.04 98.97
CA VAL E 47 34.98 -34.71 98.58
C VAL E 47 35.90 -34.15 97.50
N TYR E 48 37.21 -34.37 97.65
CA TYR E 48 38.19 -33.91 96.67
C TYR E 48 37.92 -34.56 95.30
N ARG E 49 37.80 -35.89 95.30
CA ARG E 49 37.71 -36.69 94.08
C ARG E 49 36.44 -36.33 93.33
N LEU E 50 35.33 -36.28 94.07
CA LEU E 50 34.04 -35.84 93.57
C LEU E 50 34.13 -34.38 93.12
N THR E 51 34.74 -33.52 93.95
CA THR E 51 34.92 -32.14 93.54
C THR E 51 35.50 -32.08 92.13
N VAL E 52 36.43 -33.00 91.84
CA VAL E 52 37.18 -32.99 90.59
C VAL E 52 36.22 -32.93 89.42
N ILE E 53 35.39 -33.97 89.31
CA ILE E 53 34.56 -34.18 88.15
C ILE E 53 33.41 -33.18 88.16
N ILE E 54 33.08 -32.64 89.34
CA ILE E 54 31.95 -31.72 89.42
C ILE E 54 32.34 -30.42 88.74
N ASP E 55 33.48 -29.86 89.13
CA ASP E 55 34.08 -28.78 88.39
C ASP E 55 34.24 -29.18 86.93
N ASP E 56 34.72 -30.41 86.73
CA ASP E 56 35.00 -30.82 85.37
C ASP E 56 33.71 -30.79 84.54
N ARG E 57 32.58 -31.14 85.16
CA ARG E 57 31.31 -31.19 84.43
C ARG E 57 30.66 -29.82 84.44
N TYR E 58 31.00 -29.01 85.45
CA TYR E 58 30.57 -27.62 85.52
C TYR E 58 31.08 -26.88 84.29
N GLU E 59 32.36 -27.10 83.96
CA GLU E 59 33.05 -26.29 82.96
C GLU E 59 32.72 -26.78 81.56
N SER E 60 32.51 -28.09 81.41
CA SER E 60 32.07 -28.60 80.12
C SER E 60 30.66 -28.12 79.78
N LEU E 61 29.83 -27.89 80.81
CA LEU E 61 28.50 -27.32 80.63
C LEU E 61 28.61 -25.79 80.50
N LYS E 62 29.46 -25.18 81.35
CA LYS E 62 29.76 -23.77 81.24
C LYS E 62 30.03 -23.48 79.77
N ASN E 63 31.16 -24.01 79.29
CA ASN E 63 31.75 -23.76 77.98
C ASN E 63 30.73 -23.91 76.86
N LEU E 64 29.69 -24.72 77.09
CA LEU E 64 28.73 -25.08 76.05
C LEU E 64 27.67 -24.00 75.85
N ILE E 65 27.07 -23.48 76.93
CA ILE E 65 26.11 -22.41 76.79
C ILE E 65 26.78 -21.26 76.03
N THR E 66 27.82 -20.69 76.63
CA THR E 66 28.77 -19.81 75.97
C THR E 66 28.85 -20.10 74.46
N LEU E 67 29.00 -21.38 74.06
CA LEU E 67 29.29 -21.71 72.67
C LEU E 67 28.07 -21.46 71.80
N ARG E 68 26.90 -21.94 72.25
CA ARG E 68 25.69 -21.80 71.45
C ARG E 68 25.22 -20.35 71.52
N ALA E 69 25.28 -19.77 72.72
CA ALA E 69 25.03 -18.34 72.89
C ALA E 69 25.77 -17.57 71.81
N ASP E 70 27.09 -17.77 71.74
CA ASP E 70 27.93 -17.10 70.77
C ASP E 70 27.55 -17.52 69.35
N ARG E 71 27.19 -18.79 69.17
CA ARG E 71 26.80 -19.29 67.86
C ARG E 71 25.42 -18.77 67.47
N LEU E 72 24.55 -18.48 68.45
CA LEU E 72 23.21 -17.99 68.17
C LEU E 72 23.25 -16.49 67.86
N GLU E 73 24.20 -15.81 68.50
CA GLU E 73 24.42 -14.38 68.38
C GLU E 73 25.06 -14.08 67.02
N MET E 74 25.76 -15.06 66.43
CA MET E 74 26.46 -14.86 65.17
C MET E 74 25.47 -14.97 64.01
N ILE E 75 24.45 -15.81 64.18
CA ILE E 75 23.51 -16.02 63.09
C ILE E 75 22.53 -14.84 63.04
N ILE E 76 22.21 -14.32 64.23
CA ILE E 76 21.14 -13.36 64.38
C ILE E 76 21.51 -12.08 63.64
N ASN E 77 22.80 -11.70 63.66
CA ASN E 77 23.19 -10.43 63.06
C ASN E 77 23.73 -10.60 61.65
N ASP E 78 24.31 -11.76 61.36
CA ASP E 78 24.51 -12.14 59.98
C ASP E 78 23.17 -12.13 59.25
N ASN E 79 22.09 -12.51 59.96
CA ASN E 79 20.79 -12.63 59.30
C ASN E 79 20.13 -11.25 59.17
N VAL E 80 20.23 -10.41 60.21
CA VAL E 80 19.61 -9.09 60.24
C VAL E 80 20.30 -8.14 59.26
N SER E 81 21.59 -8.38 59.00
CA SER E 81 22.40 -7.56 58.11
C SER E 81 21.87 -7.65 56.68
N THR E 82 21.52 -8.87 56.26
CA THR E 82 21.10 -9.19 54.90
C THR E 82 19.77 -8.52 54.59
N ILE E 83 19.14 -8.00 55.66
CA ILE E 83 17.80 -7.48 55.58
C ILE E 83 17.83 -5.98 55.33
N LEU E 84 19.05 -5.40 55.31
CA LEU E 84 19.25 -3.95 55.19
C LEU E 84 20.45 -3.61 54.30
N ALA E 85 20.51 -2.38 53.73
CA ALA E 85 21.68 -1.67 53.21
C ALA E 85 21.75 -1.59 51.67
N ARG E 86 22.46 -0.57 51.14
CA ARG E 86 22.59 -0.25 49.71
C ARG E 86 23.69 0.80 49.46
N ASP E 87 24.62 0.54 48.53
CA ASP E 87 25.89 1.26 48.51
C ASP E 87 26.11 2.08 47.25
N PHE E 88 27.10 2.99 47.31
CA PHE E 88 27.48 3.93 46.26
C PHE E 88 28.16 3.20 45.10
N ASN E 89 27.68 3.52 43.90
CA ASN E 89 28.20 2.98 42.65
C ASN E 89 29.65 3.41 42.43
N ASN E 90 30.50 2.43 42.12
CA ASN E 90 31.88 2.71 41.76
C ASN E 90 32.14 2.22 40.34
N LEU E 91 32.62 3.12 39.47
CA LEU E 91 32.87 2.83 38.06
C LEU E 91 34.01 1.82 37.93
N THR E 92 33.69 0.58 38.33
CA THR E 92 34.69 -0.47 38.51
C THR E 92 35.09 -1.08 37.17
N LYS E 93 34.24 -0.90 36.13
CA LYS E 93 34.33 -1.68 34.89
C LYS E 93 34.82 -0.83 33.74
N GLY E 94 35.52 -1.44 32.78
CA GLY E 94 35.76 -0.83 31.49
C GLY E 94 34.56 -1.06 30.58
N LEU E 95 34.67 -0.62 29.33
CA LEU E 95 33.54 -0.64 28.41
C LEU E 95 33.55 -1.95 27.64
N CYS E 96 32.37 -2.39 27.20
CA CYS E 96 32.28 -3.62 26.43
C CYS E 96 32.79 -3.36 25.01
N THR E 97 33.33 -4.38 24.36
CA THR E 97 33.64 -4.23 22.94
C THR E 97 32.37 -3.73 22.26
N ILE E 98 32.51 -2.65 21.49
CA ILE E 98 31.45 -2.16 20.62
C ILE E 98 31.74 -2.68 19.22
N ASN E 99 30.76 -3.39 18.62
CA ASN E 99 30.95 -3.98 17.30
C ASN E 99 29.79 -3.60 16.39
N SER E 100 28.66 -3.27 17.03
CA SER E 100 27.49 -2.68 16.39
C SER E 100 26.64 -2.01 17.46
N TRP E 101 25.47 -1.51 17.10
CA TRP E 101 24.57 -0.95 18.09
C TRP E 101 23.20 -1.50 17.81
N HIS E 102 22.52 -1.93 18.90
CA HIS E 102 21.15 -2.37 18.92
C HIS E 102 20.22 -1.25 19.38
N ILE E 103 18.98 -1.24 18.85
CA ILE E 103 17.97 -0.28 19.28
C ILE E 103 17.75 -0.52 20.77
N TYR E 104 17.46 0.56 21.49
CA TYR E 104 17.25 0.50 22.94
C TYR E 104 15.87 1.08 23.27
N GLY E 105 15.74 2.41 23.09
CA GLY E 105 14.51 3.14 23.39
C GLY E 105 14.08 4.03 22.21
N LYS E 106 12.78 4.34 22.17
CA LYS E 106 12.20 5.27 21.21
C LYS E 106 10.83 5.69 21.70
N ASP E 107 10.44 6.95 21.39
CA ASP E 107 9.19 7.45 21.96
C ASP E 107 8.20 7.83 20.86
N ASN E 108 8.68 8.14 19.67
CA ASN E 108 7.76 8.48 18.59
C ASN E 108 6.86 9.63 19.01
N ALA E 109 7.34 10.46 19.96
CA ALA E 109 6.58 11.48 20.69
C ALA E 109 5.79 12.36 19.72
N VAL E 110 6.50 12.89 18.73
CA VAL E 110 5.90 13.83 17.79
C VAL E 110 4.77 13.13 17.05
N ARG E 111 4.93 11.83 16.75
CA ARG E 111 3.89 11.02 16.12
C ARG E 111 2.66 10.92 17.04
N ILE E 112 2.86 10.51 18.28
CA ILE E 112 1.75 10.39 19.24
C ILE E 112 1.14 11.75 19.52
N GLY E 113 1.97 12.79 19.70
CA GLY E 113 1.52 14.08 20.21
C GLY E 113 0.69 14.85 19.19
N GLU E 114 0.56 14.26 18.01
CA GLU E 114 -0.25 14.82 16.93
C GLU E 114 -1.71 14.78 17.35
N ASP E 115 -1.99 13.98 18.38
CA ASP E 115 -3.34 13.70 18.87
C ASP E 115 -3.24 13.01 20.23
N SER E 116 -2.56 13.69 21.17
CA SER E 116 -2.41 13.21 22.54
C SER E 116 -1.68 14.28 23.33
N ASP E 117 -1.96 14.34 24.64
CA ASP E 117 -1.41 15.40 25.48
C ASP E 117 0.06 15.08 25.79
N VAL E 118 0.90 15.21 24.75
CA VAL E 118 2.35 15.15 24.82
C VAL E 118 2.90 16.57 25.03
N LEU E 119 3.87 16.68 25.94
CA LEU E 119 4.53 17.94 26.28
C LEU E 119 5.46 18.36 25.16
N VAL E 120 5.68 19.67 25.05
CA VAL E 120 6.69 20.21 24.17
C VAL E 120 8.00 19.99 24.92
N THR E 121 9.03 19.59 24.18
CA THR E 121 10.33 19.37 24.80
C THR E 121 11.39 19.60 23.74
N ARG E 122 12.63 19.41 24.21
CA ARG E 122 13.92 19.55 23.55
C ARG E 122 14.99 19.37 24.63
N GLU E 123 16.21 19.12 24.20
CA GLU E 123 17.34 18.84 25.09
C GLU E 123 17.03 17.61 25.91
N PRO E 124 16.67 16.46 25.27
CA PRO E 124 16.41 15.24 26.01
C PRO E 124 17.68 14.47 26.38
N TYR E 125 17.52 13.36 27.09
CA TYR E 125 18.56 12.38 27.33
C TYR E 125 17.95 11.22 28.10
N VAL E 126 18.79 10.28 28.51
CA VAL E 126 18.46 9.19 29.41
C VAL E 126 19.44 9.18 30.58
N SER E 127 18.98 8.58 31.69
CA SER E 127 19.76 8.33 32.89
C SER E 127 19.06 7.20 33.64
N CYS E 128 19.85 6.24 34.14
CA CYS E 128 19.31 5.08 34.82
C CYS E 128 19.33 5.29 36.33
N ASP E 129 18.41 4.60 37.02
CA ASP E 129 18.51 4.31 38.44
C ASP E 129 18.87 2.83 38.61
N PRO E 130 19.25 2.38 39.83
CA PRO E 130 19.41 0.95 40.12
C PRO E 130 18.25 0.08 39.64
N ASP E 131 17.05 0.68 39.51
CA ASP E 131 15.88 -0.15 39.21
C ASP E 131 15.11 0.31 37.98
N GLU E 132 15.55 1.34 37.22
CA GLU E 132 14.70 1.93 36.19
C GLU E 132 15.47 2.87 35.28
N CYS E 133 15.45 2.64 33.96
CA CYS E 133 15.88 3.69 33.03
C CYS E 133 14.68 4.52 32.53
N ARG E 134 14.91 5.82 32.36
CA ARG E 134 13.86 6.79 32.10
C ARG E 134 14.37 7.80 31.09
N PHE E 135 13.44 8.56 30.47
CA PHE E 135 13.73 9.61 29.51
C PHE E 135 13.62 10.98 30.18
N TYR E 136 14.54 11.90 29.82
CA TYR E 136 14.51 13.22 30.43
C TYR E 136 14.41 14.31 29.36
N ALA E 137 13.89 15.48 29.73
CA ALA E 137 13.93 16.58 28.77
C ALA E 137 13.69 17.89 29.46
N LEU E 138 13.86 18.96 28.68
CA LEU E 138 13.32 20.25 29.08
C LEU E 138 11.94 20.40 28.45
N SER E 139 10.93 20.43 29.32
CA SER E 139 9.54 20.70 28.97
C SER E 139 9.37 22.20 28.77
N GLN E 140 8.44 22.57 27.85
CA GLN E 140 8.11 23.97 27.69
C GLN E 140 6.69 24.27 28.17
N GLY E 141 6.26 23.55 29.22
CA GLY E 141 5.00 23.79 29.90
C GLY E 141 3.85 24.06 28.93
N THR E 142 3.72 23.21 27.88
CA THR E 142 2.59 23.21 26.96
C THR E 142 2.59 21.89 26.18
N THR E 143 1.41 21.47 25.71
CA THR E 143 1.24 20.32 24.84
C THR E 143 1.55 20.78 23.42
N ILE E 144 1.90 19.85 22.51
CA ILE E 144 2.32 20.22 21.17
C ILE E 144 1.17 20.86 20.43
N ARG E 145 -0.04 20.32 20.59
CA ARG E 145 -1.17 20.84 19.83
C ARG E 145 -1.74 22.05 20.55
N GLY E 146 -1.07 22.37 21.67
CA GLY E 146 -1.39 23.52 22.49
C GLY E 146 -1.07 24.83 21.78
N LYS E 147 -1.98 25.79 21.91
CA LYS E 147 -1.72 27.09 21.32
C LYS E 147 -0.39 27.62 21.88
N HIS E 148 -0.06 27.30 23.13
CA HIS E 148 1.18 27.79 23.71
C HIS E 148 2.40 27.18 23.03
N SER E 149 2.21 26.04 22.37
CA SER E 149 3.26 25.55 21.51
C SER E 149 3.80 26.69 20.63
N ASN E 150 3.14 27.85 20.61
CA ASN E 150 3.54 28.88 19.64
C ASN E 150 4.80 29.60 20.13
N GLY E 151 5.84 29.59 19.28
CA GLY E 151 7.13 30.15 19.64
C GLY E 151 7.78 29.28 20.71
N THR E 152 7.75 27.97 20.49
CA THR E 152 8.37 27.06 21.43
C THR E 152 9.83 26.89 21.06
N ILE E 153 10.23 27.54 19.97
CA ILE E 153 11.60 27.55 19.49
C ILE E 153 12.52 28.14 20.55
N HIS E 154 12.01 29.02 21.42
CA HIS E 154 12.85 29.70 22.39
C HIS E 154 13.44 28.69 23.35
N ASP E 155 14.53 29.07 24.04
CA ASP E 155 15.32 28.12 24.80
C ASP E 155 15.14 28.33 26.30
N ARG E 156 14.74 29.53 26.70
CA ARG E 156 14.66 29.88 28.12
C ARG E 156 13.42 30.75 28.34
N SER E 157 12.70 30.47 29.44
CA SER E 157 11.29 30.81 29.68
C SER E 157 10.96 30.36 31.11
N GLN E 158 9.98 30.99 31.74
CA GLN E 158 9.62 30.75 33.14
C GLN E 158 8.90 29.41 33.33
N TYR E 159 8.61 28.74 32.21
CA TYR E 159 7.61 27.68 32.12
C TYR E 159 8.28 26.35 31.84
N ARG E 160 9.62 26.35 31.68
CA ARG E 160 10.34 25.16 31.26
C ARG E 160 10.67 24.33 32.49
N ALA E 161 11.01 23.05 32.31
CA ALA E 161 11.41 22.26 33.46
C ALA E 161 11.99 20.92 33.03
N LEU E 162 12.83 20.33 33.91
CA LEU E 162 13.31 18.96 33.77
C LEU E 162 12.18 17.97 34.11
N ILE E 163 11.67 17.27 33.08
CA ILE E 163 10.77 16.14 33.34
C ILE E 163 11.52 14.82 33.12
N SER E 164 11.01 13.73 33.69
CA SER E 164 11.43 12.39 33.26
C SER E 164 10.23 11.46 33.14
N TRP E 165 10.37 10.39 32.34
CA TRP E 165 9.27 9.45 32.20
C TRP E 165 9.73 8.05 31.78
N PRO E 166 9.00 6.98 32.21
CA PRO E 166 9.15 5.63 31.69
C PRO E 166 9.62 5.65 30.25
N LEU E 167 10.70 4.86 30.04
CA LEU E 167 11.50 4.73 28.84
C LEU E 167 10.65 4.32 27.64
N SER E 168 10.76 5.12 26.57
CA SER E 168 10.08 4.82 25.31
C SER E 168 8.59 5.11 25.39
N SER E 169 8.15 5.73 26.50
CA SER E 169 6.89 6.47 26.50
C SER E 169 7.11 7.83 25.84
N PRO E 170 6.05 8.62 25.54
CA PRO E 170 6.21 9.99 25.10
C PRO E 170 6.05 10.87 26.33
N PRO E 171 6.68 12.06 26.38
CA PRO E 171 6.59 12.89 27.57
C PRO E 171 5.17 13.46 27.60
N THR E 172 4.36 13.01 28.57
CA THR E 172 2.97 13.39 28.60
C THR E 172 2.71 14.19 29.86
N VAL E 173 1.53 14.83 29.90
CA VAL E 173 1.10 15.64 31.01
C VAL E 173 0.74 14.76 32.20
N TYR E 174 0.42 13.49 31.94
CA TYR E 174 -0.17 12.70 33.01
C TYR E 174 0.82 11.72 33.62
N ASN E 175 1.97 11.49 32.96
CA ASN E 175 2.90 10.48 33.43
C ASN E 175 4.29 11.06 33.61
N SER E 176 4.43 12.37 33.35
CA SER E 176 5.75 12.99 33.39
C SER E 176 5.99 13.62 34.77
N ARG E 177 7.11 13.23 35.37
CA ARG E 177 7.47 13.67 36.71
C ARG E 177 8.38 14.88 36.57
N VAL E 178 8.06 15.94 37.29
CA VAL E 178 8.97 17.06 37.20
C VAL E 178 10.00 16.91 38.31
N GLU E 179 11.26 16.89 37.87
CA GLU E 179 12.36 16.86 38.81
C GLU E 179 12.62 18.28 39.30
N CYS E 180 12.76 19.24 38.37
CA CYS E 180 13.04 20.62 38.77
C CYS E 180 12.56 21.66 37.76
N ILE E 181 12.31 22.86 38.30
CA ILE E 181 12.04 24.04 37.49
C ILE E 181 13.34 24.69 37.02
N GLY E 182 13.47 24.80 35.69
CA GLY E 182 14.63 25.42 35.06
C GLY E 182 14.68 25.17 33.55
N TRP E 183 15.72 25.77 32.89
CA TRP E 183 15.91 25.77 31.44
C TRP E 183 17.31 25.29 31.04
N SER E 184 17.95 24.57 31.96
CA SER E 184 19.19 23.84 31.74
C SER E 184 19.33 22.89 32.93
N SER E 185 19.86 21.69 32.66
CA SER E 185 19.64 20.57 33.54
C SER E 185 20.75 19.53 33.36
N THR E 186 21.08 18.84 34.44
CA THR E 186 21.65 17.51 34.36
C THR E 186 21.09 16.70 35.53
N SER E 187 21.23 15.37 35.42
CA SER E 187 20.81 14.43 36.45
C SER E 187 21.73 13.22 36.41
N CYS E 188 21.90 12.58 37.58
CA CYS E 188 22.56 11.28 37.71
C CYS E 188 22.15 10.65 39.05
N HIS E 189 22.48 9.35 39.21
CA HIS E 189 22.22 8.54 40.40
C HIS E 189 23.54 8.16 41.08
N ASP E 190 23.64 8.46 42.39
CA ASP E 190 24.89 8.23 43.11
C ASP E 190 25.06 6.75 43.42
N GLY E 191 24.12 5.96 42.89
CA GLY E 191 24.04 4.55 43.24
C GLY E 191 23.15 4.32 44.45
N LYS E 192 22.98 5.36 45.28
CA LYS E 192 22.10 5.35 46.47
C LYS E 192 20.87 6.21 46.19
N THR E 193 21.09 7.49 45.81
CA THR E 193 20.00 8.33 45.33
C THR E 193 20.37 9.11 44.07
N ARG E 194 19.43 9.96 43.60
CA ARG E 194 19.61 10.69 42.35
C ARG E 194 19.84 12.19 42.57
N MET E 195 20.72 12.76 41.75
CA MET E 195 20.93 14.19 41.78
C MET E 195 20.32 14.79 40.53
N SER E 196 19.60 15.90 40.69
CA SER E 196 19.11 16.68 39.55
C SER E 196 19.51 18.14 39.71
N ILE E 197 20.09 18.74 38.66
CA ILE E 197 20.49 20.14 38.70
C ILE E 197 19.70 20.97 37.69
N CYS E 198 18.94 21.96 38.16
CA CYS E 198 18.30 22.88 37.23
C CYS E 198 18.81 24.31 37.40
N ILE E 199 18.74 25.06 36.29
CA ILE E 199 19.08 26.47 36.30
C ILE E 199 17.93 27.25 35.67
N SER E 200 17.61 28.41 36.28
CA SER E 200 16.52 29.28 35.88
C SER E 200 16.89 30.75 36.07
N GLY E 201 16.58 31.59 35.08
CA GLY E 201 16.59 33.02 35.35
C GLY E 201 16.78 33.88 34.10
N PRO E 202 16.99 35.21 34.29
CA PRO E 202 17.31 36.09 33.16
C PRO E 202 18.81 35.92 32.91
N ASN E 203 19.20 35.85 31.62
CA ASN E 203 20.57 35.66 31.18
C ASN E 203 21.58 36.06 32.25
N ASN E 204 21.33 37.21 32.89
CA ASN E 204 22.35 37.93 33.64
C ASN E 204 22.20 37.68 35.14
N ASN E 205 21.36 36.70 35.51
CA ASN E 205 20.95 36.55 36.91
C ASN E 205 20.51 35.10 37.19
N ALA E 206 21.01 34.17 36.37
CA ALA E 206 20.70 32.75 36.49
C ALA E 206 21.30 32.17 37.78
N SER E 207 20.64 31.15 38.34
CA SER E 207 21.18 30.41 39.47
C SER E 207 20.84 28.92 39.40
N ALA E 208 21.74 28.05 39.91
CA ALA E 208 21.48 26.62 39.88
C ALA E 208 20.82 26.16 41.17
N VAL E 209 19.88 25.20 41.09
CA VAL E 209 19.45 24.53 42.30
C VAL E 209 19.73 23.04 42.18
N ILE E 210 20.41 22.53 43.22
CA ILE E 210 20.83 21.15 43.26
C ILE E 210 19.89 20.39 44.18
N TRP E 211 19.19 19.41 43.57
CA TRP E 211 18.25 18.54 44.28
C TRP E 211 18.88 17.17 44.52
N TYR E 212 18.60 16.61 45.69
CA TYR E 212 19.11 15.29 46.02
C TYR E 212 18.07 14.67 46.95
N ASN E 213 17.70 13.41 46.60
CA ASN E 213 16.70 12.57 47.23
C ASN E 213 15.30 13.08 46.92
N ARG E 214 15.19 14.03 45.99
CA ARG E 214 13.92 14.63 45.58
C ARG E 214 13.67 15.94 46.32
N ARG E 215 14.70 16.47 46.99
CA ARG E 215 14.61 17.65 47.84
C ARG E 215 15.74 18.63 47.47
N PRO E 216 15.53 19.97 47.60
CA PRO E 216 16.56 20.95 47.21
C PRO E 216 17.70 20.96 48.22
N VAL E 217 18.95 21.14 47.74
CA VAL E 217 20.10 21.04 48.64
C VAL E 217 21.04 22.24 48.51
N THR E 218 21.69 22.41 47.34
CA THR E 218 22.71 23.44 47.18
C THR E 218 22.23 24.41 46.10
N GLU E 219 22.45 25.73 46.28
CA GLU E 219 22.20 26.65 45.18
C GLU E 219 23.48 27.42 44.85
N ILE E 220 23.64 27.81 43.57
CA ILE E 220 24.89 28.36 43.04
C ILE E 220 24.53 29.47 42.05
N ASN E 221 24.92 30.70 42.38
CA ASN E 221 24.55 31.87 41.58
C ASN E 221 25.48 32.01 40.37
N THR E 222 25.05 32.77 39.35
CA THR E 222 25.88 33.03 38.18
C THR E 222 27.13 33.78 38.62
N TRP E 223 28.24 33.56 37.91
CA TRP E 223 29.50 34.13 38.35
C TRP E 223 30.03 35.12 37.30
N ALA E 224 29.52 34.95 36.07
CA ALA E 224 29.91 35.76 34.91
C ALA E 224 28.71 36.50 34.33
N ARG E 225 27.55 36.36 34.97
CA ARG E 225 26.33 37.08 34.64
C ARG E 225 25.91 36.90 33.19
N ASN E 226 25.99 35.67 32.66
CA ASN E 226 25.64 35.46 31.26
C ASN E 226 25.26 34.00 31.00
N ILE E 227 24.03 33.65 31.36
CA ILE E 227 23.46 32.34 31.05
C ILE E 227 24.31 31.24 31.68
N LEU E 228 23.91 30.82 32.88
CA LEU E 228 24.50 29.63 33.48
C LEU E 228 24.00 28.39 32.74
N ARG E 229 24.91 27.47 32.42
CA ARG E 229 24.54 26.26 31.67
C ARG E 229 25.20 25.05 32.30
N THR E 230 24.87 23.86 31.74
CA THR E 230 25.36 22.57 32.21
C THR E 230 25.16 21.53 31.10
N GLN E 231 25.27 20.24 31.45
CA GLN E 231 25.55 19.17 30.51
C GLN E 231 24.41 19.00 29.49
N GLU E 232 23.14 19.15 29.93
CA GLU E 232 21.97 18.85 29.11
C GLU E 232 21.93 17.36 28.77
N SER E 233 22.61 16.57 29.61
CA SER E 233 22.64 15.12 29.54
C SER E 233 23.25 14.63 30.85
N GLU E 234 23.09 13.35 31.18
CA GLU E 234 23.19 12.93 32.56
C GLU E 234 24.64 12.98 33.01
N CYS E 235 24.86 13.40 34.27
CA CYS E 235 26.17 13.42 34.94
C CYS E 235 26.63 11.99 35.24
N VAL E 236 27.54 11.82 36.20
CA VAL E 236 28.16 10.52 36.46
C VAL E 236 28.79 10.56 37.84
N CYS E 237 28.76 9.41 38.52
CA CYS E 237 29.16 9.32 39.92
C CYS E 237 30.23 8.25 40.14
N HIS E 238 31.02 8.46 41.21
CA HIS E 238 31.98 7.49 41.70
C HIS E 238 32.23 7.74 43.18
N ASN E 239 31.59 6.92 44.02
CA ASN E 239 31.81 6.85 45.47
C ASN E 239 31.11 8.05 46.09
N GLY E 240 30.06 8.51 45.40
CA GLY E 240 29.19 9.59 45.86
C GLY E 240 29.57 10.95 45.28
N VAL E 241 30.80 11.03 44.75
CA VAL E 241 31.30 12.18 44.03
C VAL E 241 30.65 12.17 42.65
N CYS E 242 29.83 13.21 42.37
CA CYS E 242 29.28 13.37 41.04
C CYS E 242 29.72 14.71 40.43
N PRO E 243 30.83 14.75 39.67
CA PRO E 243 31.20 15.92 38.86
C PRO E 243 30.13 16.45 37.89
N VAL E 244 30.26 17.73 37.45
CA VAL E 244 29.32 18.43 36.56
C VAL E 244 29.98 19.68 35.94
N VAL E 245 29.93 19.77 34.59
CA VAL E 245 30.57 20.86 33.85
C VAL E 245 29.59 21.99 33.52
N PHE E 246 29.98 23.18 34.00
CA PHE E 246 29.16 24.39 34.10
C PHE E 246 29.80 25.54 33.29
N THR E 247 28.99 26.54 32.90
CA THR E 247 29.42 27.53 31.95
C THR E 247 28.56 28.77 32.03
N ASP E 248 29.23 29.93 31.89
CA ASP E 248 28.73 31.25 32.22
C ASP E 248 29.62 32.27 31.52
N GLY E 249 29.15 32.76 30.37
CA GLY E 249 29.90 33.69 29.56
C GLY E 249 29.39 33.73 28.12
N SER E 250 30.29 34.09 27.20
CA SER E 250 29.92 34.24 25.81
C SER E 250 29.71 32.86 25.18
N ALA E 251 28.78 32.78 24.21
CA ALA E 251 28.59 31.58 23.40
C ALA E 251 29.86 31.35 22.58
N THR E 252 30.46 32.45 22.13
CA THR E 252 31.81 32.43 21.62
C THR E 252 32.52 33.63 22.24
N GLY E 253 33.20 33.35 23.34
CA GLY E 253 34.47 33.97 23.70
C GLY E 253 35.41 32.90 24.23
N PRO E 254 36.37 33.29 25.09
CA PRO E 254 36.39 32.85 26.49
C PRO E 254 35.05 32.94 27.23
N ALA E 255 34.85 32.00 28.17
CA ALA E 255 33.69 31.91 29.03
C ALA E 255 34.15 31.41 30.39
N GLU E 256 33.29 31.40 31.42
CA GLU E 256 33.76 30.94 32.72
C GLU E 256 33.27 29.52 33.03
N THR E 257 33.68 28.53 32.23
CA THR E 257 33.42 27.13 32.57
C THR E 257 34.14 26.72 33.85
N ARG E 258 33.37 26.06 34.74
CA ARG E 258 33.87 25.49 35.99
C ARG E 258 33.48 24.01 36.06
N ILE E 259 34.28 23.19 36.76
CA ILE E 259 33.91 21.82 37.11
C ILE E 259 33.57 21.77 38.58
N TYR E 260 32.30 21.43 38.86
CA TYR E 260 31.84 21.20 40.22
C TYR E 260 31.90 19.71 40.57
N TYR E 261 32.42 19.41 41.78
CA TYR E 261 32.48 18.08 42.35
C TYR E 261 31.47 17.92 43.51
N PHE E 262 30.33 17.31 43.18
CA PHE E 262 29.20 17.18 44.10
C PHE E 262 29.28 15.86 44.85
N LYS E 263 28.50 15.75 45.93
CA LYS E 263 28.19 14.47 46.55
C LYS E 263 27.13 14.74 47.60
N GLU E 264 25.97 14.12 47.39
CA GLU E 264 24.87 14.26 48.32
C GLU E 264 24.24 15.62 48.11
N GLY E 265 24.40 16.12 46.88
CA GLY E 265 24.01 17.46 46.47
C GLY E 265 24.85 18.56 47.13
N LYS E 266 25.90 18.19 47.86
CA LYS E 266 26.70 19.20 48.52
C LYS E 266 27.99 19.41 47.75
N ILE E 267 28.63 20.56 47.99
CA ILE E 267 29.82 20.95 47.24
C ILE E 267 31.05 20.48 48.02
N LEU E 268 31.82 19.61 47.35
CA LEU E 268 33.06 19.14 47.93
C LEU E 268 34.15 20.05 47.41
N LYS E 269 33.94 20.55 46.19
CA LYS E 269 34.99 21.26 45.50
C LYS E 269 34.45 21.74 44.15
N TRP E 270 35.05 22.83 43.64
CA TRP E 270 34.94 23.22 42.23
C TRP E 270 36.30 23.79 41.82
N GLU E 271 36.57 23.79 40.51
CA GLU E 271 37.84 24.28 39.98
C GLU E 271 37.53 25.00 38.67
N PRO E 272 38.28 26.07 38.31
CA PRO E 272 38.14 26.69 36.99
C PRO E 272 38.43 25.62 35.95
N LEU E 273 38.09 25.86 34.68
CA LEU E 273 38.50 24.93 33.63
C LEU E 273 39.98 25.16 33.31
N ALA E 274 40.76 24.07 33.28
CA ALA E 274 42.13 24.10 32.79
C ALA E 274 42.21 23.45 31.41
N GLY E 275 43.44 23.29 30.88
CA GLY E 275 43.67 22.55 29.65
C GLY E 275 43.74 23.46 28.43
N THR E 276 43.53 22.88 27.23
CA THR E 276 43.72 23.64 26.00
C THR E 276 42.39 24.00 25.35
N ALA E 277 41.27 23.74 26.04
CA ALA E 277 39.97 23.89 25.42
C ALA E 277 39.62 25.37 25.27
N LYS E 278 39.51 25.83 24.02
CA LYS E 278 39.16 27.23 23.75
C LYS E 278 37.83 27.57 24.42
N HIS E 279 36.93 26.59 24.35
CA HIS E 279 35.54 26.78 24.72
C HIS E 279 34.90 25.43 25.06
N ILE E 280 33.90 25.46 25.97
CA ILE E 280 33.14 24.30 26.43
C ILE E 280 31.65 24.65 26.55
N GLU E 281 30.77 23.74 26.07
CA GLU E 281 29.40 23.65 26.56
C GLU E 281 28.86 22.23 26.39
N GLU E 282 27.79 21.90 27.15
CA GLU E 282 26.95 20.72 26.94
C GLU E 282 27.78 19.43 26.85
N CYS E 283 28.49 19.10 27.94
CA CYS E 283 29.33 17.91 27.89
C CYS E 283 28.48 16.65 27.91
N SER E 284 28.91 15.65 27.13
CA SER E 284 28.34 14.32 27.25
C SER E 284 29.37 13.43 27.90
N CYS E 285 29.09 13.01 29.15
CA CYS E 285 30.01 12.25 29.99
C CYS E 285 29.72 10.74 29.93
N TYR E 286 30.40 9.98 30.81
CA TYR E 286 30.28 8.54 31.00
C TYR E 286 31.51 7.98 31.70
N GLY E 287 31.32 6.84 32.42
CA GLY E 287 32.31 6.35 33.36
C GLY E 287 32.85 4.97 33.02
N GLU E 288 34.16 4.89 32.79
CA GLU E 288 34.86 3.61 32.82
C GLU E 288 35.82 3.63 34.01
N ARG E 289 36.33 2.44 34.37
CA ARG E 289 37.36 2.20 35.37
C ARG E 289 37.82 3.51 36.00
N ALA E 290 36.98 4.06 36.89
CA ALA E 290 37.28 5.13 37.82
C ALA E 290 37.75 6.42 37.11
N GLU E 291 37.04 6.78 36.05
CA GLU E 291 37.40 7.95 35.25
C GLU E 291 36.24 8.34 34.33
N ILE E 292 35.97 9.65 34.29
CA ILE E 292 34.87 10.22 33.53
C ILE E 292 35.42 11.00 32.34
N THR E 293 34.92 10.65 31.15
CA THR E 293 35.29 11.30 29.91
C THR E 293 34.08 12.04 29.34
N CYS E 294 34.20 13.38 29.22
CA CYS E 294 33.13 14.19 28.61
C CYS E 294 33.65 14.85 27.36
N THR E 295 32.98 14.50 26.25
CA THR E 295 33.09 15.16 24.97
C THR E 295 32.04 16.26 24.90
N CYS E 296 32.52 17.49 24.68
CA CYS E 296 31.73 18.70 24.76
C CYS E 296 31.65 19.37 23.39
N ARG E 297 31.19 20.62 23.37
CA ARG E 297 30.85 21.36 22.18
C ARG E 297 31.63 22.67 22.18
N ASP E 298 32.23 22.91 21.02
CA ASP E 298 33.13 24.01 20.76
C ASP E 298 32.43 24.99 19.82
N ASN E 299 32.10 26.19 20.31
CA ASN E 299 31.41 27.11 19.44
C ASN E 299 32.43 28.04 18.79
N TRP E 300 33.42 28.43 19.60
CA TRP E 300 34.50 29.36 19.28
C TRP E 300 35.25 28.96 17.99
N GLN E 301 35.37 27.65 17.68
CA GLN E 301 35.93 27.21 16.41
C GLN E 301 35.43 25.81 16.06
N GLY E 302 35.14 25.07 17.14
CA GLY E 302 34.90 23.64 17.20
C GLY E 302 34.22 23.05 15.97
N SER E 303 34.96 22.15 15.31
CA SER E 303 34.44 21.07 14.49
C SER E 303 35.20 19.80 14.91
N ASN E 304 36.28 20.04 15.67
CA ASN E 304 37.01 19.10 16.50
C ASN E 304 36.59 19.40 17.92
N ARG E 305 35.96 18.40 18.57
CA ARG E 305 35.34 18.56 19.86
C ARG E 305 36.42 18.57 20.95
N PRO E 306 36.17 19.22 22.11
CA PRO E 306 37.05 19.05 23.27
C PRO E 306 36.64 17.87 24.14
N VAL E 307 37.52 17.52 25.08
CA VAL E 307 37.28 16.38 25.92
C VAL E 307 37.82 16.73 27.30
N ILE E 308 36.89 17.00 28.21
CA ILE E 308 37.22 17.07 29.62
C ILE E 308 37.28 15.63 30.11
N ARG E 309 38.41 15.29 30.74
CA ARG E 309 38.63 14.02 31.39
C ARG E 309 38.83 14.29 32.87
N ILE E 310 38.06 13.60 33.71
CA ILE E 310 37.98 13.89 35.13
C ILE E 310 38.42 12.64 35.86
N ASP E 311 39.06 12.84 37.02
CA ASP E 311 39.28 11.79 38.00
C ASP E 311 38.49 12.17 39.25
N PRO E 312 37.38 11.46 39.55
CA PRO E 312 36.54 11.78 40.70
C PRO E 312 36.99 11.28 42.08
N VAL E 313 38.17 10.63 42.16
CA VAL E 313 38.78 10.39 43.46
C VAL E 313 39.75 11.50 43.81
N ALA E 314 40.67 11.83 42.89
CA ALA E 314 41.55 12.97 43.11
C ALA E 314 40.76 14.28 43.05
N MET E 315 39.66 14.28 42.26
CA MET E 315 38.72 15.40 42.11
C MET E 315 39.31 16.46 41.18
N THR E 316 39.83 16.01 40.01
CA THR E 316 40.61 16.86 39.13
C THR E 316 40.22 16.54 37.68
N HIS E 317 40.58 17.43 36.75
CA HIS E 317 40.18 17.28 35.36
C HIS E 317 41.32 17.65 34.41
N THR E 318 41.07 17.50 33.10
CA THR E 318 42.08 17.74 32.07
C THR E 318 41.45 17.71 30.67
N SER E 319 41.34 18.91 30.07
CA SER E 319 40.67 19.10 28.78
C SER E 319 41.67 19.05 27.63
N GLN E 320 41.20 18.55 26.49
CA GLN E 320 41.93 18.60 25.24
C GLN E 320 40.95 18.43 24.07
N TYR E 321 41.43 17.93 22.94
CA TYR E 321 40.61 17.81 21.75
C TYR E 321 40.66 16.36 21.28
N ILE E 322 39.71 16.01 20.41
CA ILE E 322 39.90 14.79 19.64
C ILE E 322 40.80 15.14 18.44
N CYS E 323 41.89 14.39 18.30
CA CYS E 323 42.92 14.66 17.30
C CYS E 323 42.35 14.43 15.90
N SER E 324 41.37 13.51 15.79
CA SER E 324 41.00 12.88 14.52
C SER E 324 40.56 13.89 13.46
N PRO E 325 40.84 13.61 12.16
CA PRO E 325 40.25 14.36 11.05
C PRO E 325 38.78 14.07 10.77
N VAL E 326 38.12 13.35 11.68
CA VAL E 326 36.71 13.09 11.48
C VAL E 326 35.93 14.02 12.39
N LEU E 327 35.57 15.17 11.82
CA LEU E 327 34.99 16.28 12.58
C LEU E 327 33.52 15.98 12.90
N THR E 328 33.19 16.00 14.21
CA THR E 328 31.92 15.54 14.71
C THR E 328 31.16 16.68 15.38
N ASP E 329 31.15 17.84 14.71
CA ASP E 329 30.42 18.97 15.21
C ASP E 329 29.60 19.46 14.01
N ASN E 330 28.57 20.26 14.29
CA ASN E 330 27.75 20.76 13.19
C ASN E 330 27.31 22.20 13.50
N PRO E 331 27.51 23.15 12.56
CA PRO E 331 28.08 22.90 11.25
C PRO E 331 29.58 22.64 11.33
N ARG E 332 30.15 22.08 10.25
CA ARG E 332 31.57 21.72 10.24
C ARG E 332 32.13 21.81 8.83
N PRO E 333 33.47 21.97 8.69
CA PRO E 333 34.13 21.85 7.39
C PRO E 333 34.05 20.41 6.94
N ASN E 334 34.29 20.16 5.66
CA ASN E 334 34.53 18.79 5.23
C ASN E 334 35.77 18.31 5.97
N ASP E 335 36.11 17.03 5.80
CA ASP E 335 37.11 16.40 6.64
C ASP E 335 38.49 16.62 6.02
N PRO E 336 39.55 16.87 6.84
CA PRO E 336 40.90 17.02 6.30
C PRO E 336 41.56 15.65 6.28
N THR E 337 42.74 15.53 5.67
CA THR E 337 43.43 14.24 5.74
C THR E 337 44.17 14.11 7.07
N VAL E 338 44.91 15.15 7.47
CA VAL E 338 45.37 15.25 8.85
C VAL E 338 44.70 16.44 9.51
N GLY E 339 44.34 16.32 10.80
CA GLY E 339 43.78 17.42 11.59
C GLY E 339 44.69 17.89 12.73
N LYS E 340 44.23 18.90 13.50
CA LYS E 340 44.99 19.54 14.57
C LYS E 340 44.82 18.71 15.84
N CYS E 341 45.90 18.51 16.60
CA CYS E 341 45.78 17.59 17.72
C CYS E 341 45.29 18.31 18.97
N ASN E 342 45.79 19.51 19.25
CA ASN E 342 45.34 20.15 20.49
C ASN E 342 45.24 21.66 20.35
N ASP E 343 44.68 22.07 19.19
CA ASP E 343 44.37 23.44 18.85
C ASP E 343 43.07 23.41 18.05
N PRO E 344 42.54 24.59 17.63
CA PRO E 344 41.37 24.67 16.75
C PRO E 344 41.59 25.11 15.30
N TYR E 345 41.11 24.25 14.38
CA TYR E 345 41.10 24.49 12.94
C TYR E 345 39.76 25.09 12.54
N PRO E 346 39.68 26.42 12.22
CA PRO E 346 38.42 27.10 11.97
C PRO E 346 37.37 26.30 11.21
N GLY E 347 37.51 26.28 9.87
CA GLY E 347 36.61 25.58 8.97
C GLY E 347 35.24 26.25 8.89
N ASN E 348 34.29 25.73 9.69
CA ASN E 348 33.07 26.44 10.03
C ASN E 348 33.11 26.78 11.53
N ASN E 349 32.41 27.85 11.90
CA ASN E 349 32.88 28.68 13.00
C ASN E 349 31.71 29.28 13.78
N ASN E 350 31.68 29.02 15.09
CA ASN E 350 30.92 29.80 16.06
C ASN E 350 29.59 29.14 16.41
N ASN E 351 29.11 28.23 15.56
CA ASN E 351 27.94 27.43 15.89
C ASN E 351 28.35 25.96 15.99
N GLY E 352 27.57 25.21 16.79
CA GLY E 352 27.80 23.80 17.00
C GLY E 352 26.51 23.02 17.17
N VAL E 353 26.57 22.03 18.07
CA VAL E 353 25.52 21.05 18.34
C VAL E 353 26.02 20.25 19.54
N LYS E 354 25.13 19.84 20.45
CA LYS E 354 25.56 18.92 21.49
C LYS E 354 25.90 17.57 20.88
N GLY E 355 26.68 16.75 21.59
CA GLY E 355 27.20 15.54 20.99
C GLY E 355 28.18 14.79 21.88
N PHE E 356 28.55 13.57 21.41
CA PHE E 356 29.21 12.59 22.26
C PHE E 356 30.23 11.79 21.45
N SER E 357 31.09 11.07 22.18
CA SER E 357 31.70 9.84 21.69
C SER E 357 32.15 8.98 22.86
N TYR E 358 32.69 7.81 22.50
CA TYR E 358 33.26 6.84 23.39
C TYR E 358 34.72 6.65 23.00
N LEU E 359 35.62 6.96 23.95
CA LEU E 359 37.04 7.01 23.70
C LEU E 359 37.76 5.96 24.54
N ASP E 360 38.25 4.93 23.85
CA ASP E 360 38.70 3.68 24.45
C ASP E 360 39.54 2.96 23.41
N GLY E 361 40.72 3.52 23.12
CA GLY E 361 41.69 2.94 22.21
C GLY E 361 41.04 2.44 20.92
N VAL E 362 41.30 1.16 20.57
CA VAL E 362 40.78 0.65 19.31
C VAL E 362 39.24 0.62 19.35
N ASN E 363 38.68 0.28 20.51
CA ASN E 363 37.24 0.21 20.70
C ASN E 363 36.70 1.62 20.89
N THR E 364 36.96 2.50 19.92
CA THR E 364 36.55 3.88 20.03
C THR E 364 35.49 4.21 18.99
N TRP E 365 34.48 4.95 19.43
CA TRP E 365 33.37 5.24 18.57
C TRP E 365 32.95 6.68 18.78
N LEU E 366 32.76 7.37 17.68
CA LEU E 366 32.23 8.71 17.76
C LEU E 366 31.16 8.87 16.69
N GLY E 367 30.13 9.67 17.02
CA GLY E 367 29.05 9.96 16.10
C GLY E 367 28.96 11.44 15.72
N ARG E 368 28.32 11.68 14.56
CA ARG E 368 28.14 12.99 13.97
C ARG E 368 26.92 12.95 13.05
N THR E 369 26.25 14.10 12.91
CA THR E 369 25.32 14.26 11.83
C THR E 369 26.04 13.97 10.51
N ILE E 370 25.33 13.34 9.57
CA ILE E 370 25.82 13.17 8.21
C ILE E 370 26.21 14.53 7.64
N SER E 371 25.41 15.55 7.95
CA SER E 371 25.46 16.84 7.27
C SER E 371 26.46 17.79 7.93
N ILE E 372 26.89 18.78 7.15
CA ILE E 372 27.77 19.83 7.64
C ILE E 372 27.01 21.16 7.66
N ALA E 373 25.92 21.24 6.91
CA ALA E 373 25.11 22.46 6.87
C ALA E 373 24.30 22.59 8.15
N SER E 374 23.71 21.47 8.60
CA SER E 374 22.48 21.50 9.38
C SER E 374 22.34 20.24 10.21
N ARG E 375 21.37 20.28 11.15
CA ARG E 375 21.17 19.27 12.17
C ARG E 375 20.36 18.08 11.65
N SER E 376 20.82 17.46 10.54
CA SER E 376 20.09 16.32 10.02
C SER E 376 21.01 15.13 9.66
N GLY E 377 20.42 13.92 9.78
CA GLY E 377 21.17 12.69 9.69
C GLY E 377 21.99 12.49 10.95
N TYR E 378 22.38 11.22 11.18
CA TYR E 378 23.28 10.83 12.25
C TYR E 378 23.93 9.50 11.91
N GLU E 379 25.28 9.48 11.95
CA GLU E 379 26.01 8.23 11.90
C GLU E 379 26.91 8.09 13.12
N MET E 380 27.35 6.85 13.35
CA MET E 380 28.34 6.51 14.35
C MET E 380 29.51 5.93 13.57
N LEU E 381 30.74 6.23 13.98
CA LEU E 381 31.85 5.80 13.14
C LEU E 381 32.94 5.20 14.01
N LYS E 382 33.49 4.06 13.59
CA LYS E 382 34.55 3.44 14.36
C LYS E 382 35.87 4.01 13.90
N VAL E 383 36.56 4.70 14.84
CA VAL E 383 37.81 5.39 14.53
C VAL E 383 38.87 5.07 15.60
N PRO E 384 39.60 3.93 15.48
CA PRO E 384 40.61 3.56 16.48
C PRO E 384 41.48 4.73 16.91
N ASN E 385 41.52 4.98 18.23
CA ASN E 385 42.45 5.91 18.86
C ASN E 385 42.24 7.33 18.35
N ALA E 386 40.98 7.71 18.07
CA ALA E 386 40.68 8.98 17.41
C ALA E 386 41.13 10.19 18.25
N LEU E 387 41.19 10.05 19.57
CA LEU E 387 41.46 11.20 20.42
C LEU E 387 42.93 11.61 20.25
N THR E 388 43.79 10.62 19.99
CA THR E 388 45.23 10.80 20.12
C THR E 388 45.92 10.76 18.75
N ASP E 389 45.21 10.25 17.74
CA ASP E 389 45.80 10.11 16.41
C ASP E 389 45.12 11.10 15.48
N ASP E 390 45.95 11.87 14.75
CA ASP E 390 45.52 13.01 13.98
C ASP E 390 45.40 12.60 12.52
N LYS E 391 45.62 11.31 12.27
CA LYS E 391 45.40 10.71 10.95
C LYS E 391 44.34 9.60 11.08
N SER E 392 43.73 9.46 12.26
CA SER E 392 42.84 8.34 12.51
C SER E 392 41.68 8.34 11.52
N LYS E 393 41.38 7.16 10.97
CA LYS E 393 40.39 7.06 9.92
C LYS E 393 39.29 6.08 10.29
N PRO E 394 38.10 6.14 9.65
CA PRO E 394 36.97 5.28 10.00
C PRO E 394 37.17 3.87 9.45
N THR E 395 36.86 2.89 10.29
CA THR E 395 37.06 1.48 9.99
C THR E 395 35.72 0.74 10.08
N GLN E 396 34.65 1.46 10.47
CA GLN E 396 33.29 0.93 10.57
C GLN E 396 32.26 2.05 10.67
N GLY E 397 30.99 1.72 10.31
CA GLY E 397 29.86 2.64 10.38
C GLY E 397 28.54 1.96 10.70
N GLN E 398 27.56 2.76 11.15
CA GLN E 398 26.16 2.39 11.34
C GLN E 398 25.32 3.66 11.25
N THR E 399 24.62 3.85 10.12
CA THR E 399 23.74 4.99 10.01
C THR E 399 22.66 4.82 11.07
N ILE E 400 22.24 5.92 11.69
CA ILE E 400 21.17 5.87 12.67
C ILE E 400 19.92 6.53 12.07
N VAL E 401 19.99 7.84 11.83
CA VAL E 401 19.01 8.57 11.04
C VAL E 401 19.70 8.92 9.72
N LEU E 402 19.01 8.65 8.60
CA LEU E 402 19.49 9.03 7.29
C LEU E 402 19.51 10.56 7.22
N ASN E 403 19.98 11.11 6.10
CA ASN E 403 20.26 12.55 6.03
C ASN E 403 19.15 13.29 5.29
N THR E 404 17.94 12.70 5.34
CA THR E 404 16.73 13.20 4.69
C THR E 404 15.63 13.23 5.74
N ASP E 405 15.96 12.67 6.91
CA ASP E 405 15.20 12.93 8.11
C ASP E 405 16.06 13.81 9.03
N TRP E 406 15.43 14.39 10.05
CA TRP E 406 16.11 15.30 10.97
C TRP E 406 16.68 14.55 12.18
N SER E 407 17.59 15.21 12.91
CA SER E 407 18.21 14.72 14.12
C SER E 407 18.46 15.94 15.00
N GLY E 408 19.43 15.87 15.92
CA GLY E 408 19.68 17.02 16.79
C GLY E 408 20.89 16.83 17.70
N TYR E 409 20.69 17.18 18.98
CA TYR E 409 21.65 16.93 20.04
C TYR E 409 21.81 15.42 20.16
N SER E 410 22.77 14.95 20.98
CA SER E 410 23.11 13.54 21.09
C SER E 410 24.12 13.38 22.21
N GLY E 411 24.16 12.21 22.86
CA GLY E 411 24.63 12.20 24.23
C GLY E 411 25.06 10.82 24.72
N SER E 412 25.71 10.83 25.89
CA SER E 412 26.18 9.60 26.50
C SER E 412 25.38 9.32 27.77
N PHE E 413 25.11 8.04 27.98
CA PHE E 413 24.66 7.49 29.25
C PHE E 413 25.02 6.00 29.27
N MET E 414 25.04 5.43 30.47
CA MET E 414 25.15 3.98 30.60
C MET E 414 24.35 3.55 31.83
N ASP E 415 24.01 2.25 31.82
CA ASP E 415 23.38 1.57 32.94
C ASP E 415 24.48 1.07 33.86
N TYR E 416 24.85 1.91 34.82
CA TYR E 416 25.89 1.52 35.76
C TYR E 416 25.39 0.39 36.66
N TRP E 417 24.28 -0.23 36.27
CA TRP E 417 23.67 -1.12 37.24
C TRP E 417 23.50 -2.55 36.72
N ALA E 418 23.44 -2.70 35.39
CA ALA E 418 23.30 -4.02 34.77
C ALA E 418 24.26 -5.02 35.42
N GLU E 419 24.38 -6.20 34.82
CA GLU E 419 25.37 -7.16 35.29
C GLU E 419 26.31 -7.46 34.13
N GLY E 420 27.34 -8.24 34.42
CA GLY E 420 28.35 -8.51 33.42
C GLY E 420 29.70 -7.96 33.90
N GLU E 421 30.67 -7.97 32.97
CA GLU E 421 32.07 -7.76 33.25
C GLU E 421 32.45 -6.34 32.84
N CYS E 422 31.63 -5.76 31.98
CA CYS E 422 31.87 -4.42 31.45
C CYS E 422 30.54 -3.68 31.39
N TYR E 423 30.62 -2.41 30.97
CA TYR E 423 29.50 -1.48 30.77
C TYR E 423 29.20 -1.42 29.29
N ARG E 424 27.93 -1.72 28.93
CA ARG E 424 27.44 -1.48 27.57
C ARG E 424 27.18 0.02 27.37
N ALA E 425 28.07 0.65 26.58
CA ALA E 425 27.91 1.98 26.01
C ALA E 425 26.52 2.15 25.40
N CYS E 426 25.93 3.32 25.65
CA CYS E 426 24.64 3.70 25.08
C CYS E 426 24.63 5.20 24.82
N PHE E 427 23.85 5.61 23.82
CA PHE E 427 23.61 7.01 23.57
C PHE E 427 22.18 7.22 23.07
N TYR E 428 21.67 8.41 23.33
CA TYR E 428 20.42 8.87 22.74
C TYR E 428 20.75 9.83 21.60
N VAL E 429 19.91 9.84 20.57
CA VAL E 429 19.87 10.95 19.64
C VAL E 429 18.53 11.66 19.72
N GLU E 430 18.61 13.00 19.79
CA GLU E 430 17.46 13.89 19.81
C GLU E 430 17.05 14.13 18.38
N LEU E 431 15.75 13.97 18.12
CA LEU E 431 15.21 14.13 16.77
C LEU E 431 14.27 15.34 16.75
N ILE E 432 14.70 16.39 16.04
CA ILE E 432 14.15 17.74 16.10
C ILE E 432 13.12 17.96 15.01
N ARG E 433 11.99 18.53 15.39
CA ARG E 433 10.94 18.86 14.43
C ARG E 433 10.56 20.31 14.69
N GLY E 434 9.85 20.93 13.75
CA GLY E 434 9.48 22.32 13.87
C GLY E 434 10.60 23.31 13.54
N ARG E 435 10.57 24.45 14.23
CA ARG E 435 11.48 25.55 13.99
C ARG E 435 12.87 25.19 14.49
N PRO E 436 13.90 25.50 13.67
CA PRO E 436 13.75 26.37 12.49
C PRO E 436 13.50 25.67 11.16
N LYS E 437 13.87 24.40 11.07
CA LYS E 437 14.00 23.80 9.76
C LYS E 437 12.63 23.54 9.13
N GLU E 438 11.58 23.38 9.96
CA GLU E 438 10.21 23.25 9.45
C GLU E 438 9.34 24.41 9.96
N ASP E 439 9.29 25.47 9.16
CA ASP E 439 8.79 26.75 9.64
C ASP E 439 7.29 26.80 9.40
N LYS E 440 6.83 25.91 8.51
CA LYS E 440 5.40 25.86 8.21
C LYS E 440 4.63 25.84 9.55
N VAL E 441 5.26 25.30 10.60
CA VAL E 441 4.62 25.14 11.89
C VAL E 441 5.16 26.21 12.81
N TRP E 442 4.51 26.39 13.97
CA TRP E 442 4.71 27.56 14.82
C TRP E 442 5.56 27.26 16.05
N TRP E 443 5.99 25.99 16.16
CA TRP E 443 6.57 25.41 17.34
C TRP E 443 7.78 24.54 17.00
N THR E 444 8.46 24.15 18.07
CA THR E 444 9.57 23.22 18.08
C THR E 444 9.38 22.25 19.25
N SER E 445 9.41 20.95 18.92
CA SER E 445 9.57 19.87 19.89
C SER E 445 10.55 18.81 19.36
N ASN E 446 10.51 17.63 19.98
CA ASN E 446 11.33 16.53 19.52
C ASN E 446 10.75 15.18 19.97
N SER E 447 11.19 14.11 19.31
CA SER E 447 11.16 12.78 19.93
C SER E 447 12.52 12.47 20.53
N ILE E 448 12.77 11.17 20.81
CA ILE E 448 14.05 10.67 21.26
C ILE E 448 14.28 9.33 20.59
N VAL E 449 15.55 9.01 20.30
CA VAL E 449 15.97 7.63 20.05
C VAL E 449 17.26 7.33 20.84
N SER E 450 17.45 6.05 21.22
CA SER E 450 18.69 5.62 21.88
C SER E 450 19.07 4.21 21.45
N MET E 451 20.35 4.01 21.14
CA MET E 451 20.90 2.67 20.94
C MET E 451 21.83 2.29 22.11
N CYS E 452 22.08 0.98 22.29
CA CYS E 452 23.24 0.55 23.07
C CYS E 452 24.15 -0.30 22.19
N SER E 453 25.36 -0.57 22.71
CA SER E 453 26.33 -1.34 21.94
C SER E 453 25.91 -2.81 21.92
N SER E 454 26.72 -3.62 21.24
CA SER E 454 26.47 -5.03 21.05
C SER E 454 27.85 -5.63 20.86
N THR E 455 28.03 -6.93 21.17
CA THR E 455 29.31 -7.61 20.93
C THR E 455 29.27 -8.29 19.56
N GLU E 456 28.14 -8.10 18.86
CA GLU E 456 27.89 -8.75 17.59
C GLU E 456 27.82 -7.64 16.55
N PHE E 457 28.03 -8.02 15.29
CA PHE E 457 27.89 -7.05 14.20
C PHE E 457 26.46 -7.04 13.66
N LEU E 458 25.56 -6.34 14.37
CA LEU E 458 24.14 -6.34 14.00
C LEU E 458 23.88 -5.45 12.77
N GLY E 459 22.92 -5.85 11.95
CA GLY E 459 22.54 -5.07 10.79
C GLY E 459 21.83 -3.78 11.21
N GLN E 460 22.01 -2.73 10.39
CA GLN E 460 21.64 -1.36 10.75
C GLN E 460 20.30 -1.01 10.12
N TRP E 461 19.41 -0.43 10.94
CA TRP E 461 18.25 0.29 10.44
C TRP E 461 18.45 1.77 10.73
N ASP E 462 17.72 2.61 10.00
CA ASP E 462 17.55 4.01 10.39
C ASP E 462 16.32 4.15 11.27
N TRP E 463 16.23 5.31 11.93
CA TRP E 463 15.27 5.49 13.00
C TRP E 463 14.76 6.94 12.97
N PRO E 464 13.87 7.28 12.01
CA PRO E 464 13.27 8.61 12.00
C PRO E 464 12.22 8.80 13.09
N ASP E 465 11.83 10.06 13.29
CA ASP E 465 10.84 10.41 14.30
C ASP E 465 9.50 9.84 13.87
N GLY E 466 9.26 9.93 12.55
CA GLY E 466 8.03 9.48 11.91
C GLY E 466 7.18 10.67 11.50
N ALA E 467 6.99 11.61 12.45
CA ALA E 467 6.07 12.73 12.32
C ALA E 467 5.87 13.14 10.86
N LYS E 468 4.62 13.51 10.54
CA LYS E 468 4.29 14.12 9.26
C LYS E 468 3.85 15.54 9.55
N ILE E 469 4.62 16.53 9.05
CA ILE E 469 4.41 17.91 9.41
C ILE E 469 3.01 18.37 8.97
N GLU E 470 2.63 18.04 7.71
CA GLU E 470 1.40 18.50 7.06
C GLU E 470 0.16 18.23 7.91
N TYR E 471 0.24 17.24 8.81
CA TYR E 471 -0.83 16.81 9.72
C TYR E 471 -1.05 17.85 10.82
N PHE E 472 -0.19 18.85 10.86
CA PHE E 472 -0.15 19.75 11.98
C PHE E 472 -0.56 21.14 11.51
N LEU E 473 -0.95 21.22 10.23
CA LEU E 473 -1.05 22.45 9.49
C LEU E 473 -2.53 22.88 9.37
N GLY F 36 -25.10 61.08 21.47
CA GLY F 36 -24.34 62.26 21.99
C GLY F 36 -24.05 63.28 20.88
N SER F 37 -22.81 63.23 20.37
CA SER F 37 -22.21 64.25 19.51
C SER F 37 -22.37 63.93 18.02
N ILE F 38 -22.02 64.93 17.19
CA ILE F 38 -22.09 64.86 15.73
C ILE F 38 -20.80 64.20 15.25
N ILE F 39 -20.15 63.45 16.15
CA ILE F 39 -18.92 62.75 15.85
C ILE F 39 -19.19 61.25 15.78
N ASN F 40 -19.82 60.69 16.82
CA ASN F 40 -20.27 59.32 16.72
C ASN F 40 -21.04 59.15 15.40
N GLU F 41 -21.99 60.07 15.17
CA GLU F 41 -22.86 60.04 14.00
C GLU F 41 -22.02 59.89 12.73
N THR F 42 -21.32 60.97 12.36
CA THR F 42 -20.75 61.21 11.04
C THR F 42 -19.66 60.18 10.70
N ALA F 43 -18.91 59.73 11.72
CA ALA F 43 -17.82 58.78 11.54
C ALA F 43 -18.34 57.35 11.49
N ASP F 44 -19.67 57.19 11.47
CA ASP F 44 -20.33 55.89 11.35
C ASP F 44 -21.15 55.91 10.08
N ASP F 45 -21.45 57.13 9.60
CA ASP F 45 -22.22 57.32 8.37
C ASP F 45 -21.30 57.13 7.18
N ILE F 46 -20.05 57.60 7.28
CA ILE F 46 -19.06 57.37 6.24
C ILE F 46 -18.56 55.93 6.32
N VAL F 47 -18.58 55.34 7.53
CA VAL F 47 -18.15 53.97 7.73
C VAL F 47 -19.26 53.02 7.30
N TYR F 48 -20.50 53.53 7.31
CA TYR F 48 -21.61 52.75 6.77
C TYR F 48 -21.70 52.98 5.26
N ARG F 49 -21.81 54.24 4.85
CA ARG F 49 -22.07 54.62 3.46
C ARG F 49 -21.02 54.03 2.52
N LEU F 50 -19.82 53.74 3.04
CA LEU F 50 -18.75 53.17 2.24
C LEU F 50 -18.70 51.64 2.39
N THR F 51 -19.40 51.09 3.39
CA THR F 51 -19.62 49.65 3.45
C THR F 51 -20.60 49.26 2.33
N VAL F 52 -21.58 50.14 2.04
CA VAL F 52 -22.61 49.92 1.03
C VAL F 52 -21.98 49.67 -0.35
N ILE F 53 -20.92 50.41 -0.67
CA ILE F 53 -20.35 50.46 -2.00
C ILE F 53 -19.39 49.30 -2.23
N ILE F 54 -18.47 49.07 -1.27
CA ILE F 54 -17.52 47.96 -1.28
C ILE F 54 -18.26 46.66 -1.54
N ASP F 55 -19.16 46.31 -0.61
CA ASP F 55 -19.93 45.07 -0.60
C ASP F 55 -20.48 44.79 -2.00
N ASP F 56 -21.17 45.78 -2.58
CA ASP F 56 -21.80 45.61 -3.87
C ASP F 56 -20.76 45.23 -4.91
N ARG F 57 -19.71 46.08 -5.01
CA ARG F 57 -18.60 45.82 -5.92
C ARG F 57 -18.10 44.39 -5.69
N TYR F 58 -17.95 43.99 -4.42
CA TYR F 58 -17.47 42.66 -4.03
C TYR F 58 -18.47 41.58 -4.43
N GLU F 59 -19.77 41.93 -4.38
CA GLU F 59 -20.84 40.99 -4.66
C GLU F 59 -20.97 40.80 -6.17
N SER F 60 -20.57 41.83 -6.93
CA SER F 60 -20.59 41.75 -8.39
C SER F 60 -19.38 40.96 -8.87
N LEU F 61 -18.26 41.13 -8.17
CA LEU F 61 -17.01 40.50 -8.56
C LEU F 61 -17.01 39.00 -8.28
N LYS F 62 -17.68 38.61 -7.19
CA LYS F 62 -17.88 37.23 -6.77
C LYS F 62 -18.79 36.55 -7.78
N ASN F 63 -19.89 37.22 -8.08
CA ASN F 63 -20.93 36.71 -8.96
C ASN F 63 -20.36 36.53 -10.38
N LEU F 64 -19.39 37.37 -10.76
CA LEU F 64 -18.73 37.18 -12.04
C LEU F 64 -17.76 36.01 -11.97
N ILE F 65 -16.93 35.94 -10.92
CA ILE F 65 -15.92 34.90 -10.80
C ILE F 65 -16.58 33.51 -10.70
N THR F 66 -17.67 33.42 -9.93
CA THR F 66 -18.42 32.17 -9.85
C THR F 66 -18.89 31.73 -11.23
N LEU F 67 -19.78 32.52 -11.85
CA LEU F 67 -20.30 32.26 -13.20
C LEU F 67 -19.18 31.84 -14.14
N ARG F 68 -18.14 32.69 -14.23
CA ARG F 68 -17.13 32.57 -15.28
C ARG F 68 -16.43 31.23 -15.15
N ALA F 69 -16.06 30.85 -13.92
CA ALA F 69 -15.41 29.58 -13.65
C ALA F 69 -16.33 28.40 -13.98
N ASP F 70 -17.64 28.58 -13.77
CA ASP F 70 -18.64 27.57 -14.10
C ASP F 70 -18.74 27.36 -15.60
N ARG F 71 -18.86 28.46 -16.35
CA ARG F 71 -18.89 28.40 -17.80
C ARG F 71 -17.67 27.64 -18.31
N LEU F 72 -16.51 27.96 -17.74
CA LEU F 72 -15.28 27.25 -18.05
C LEU F 72 -15.37 25.78 -17.64
N GLU F 73 -15.97 25.51 -16.48
CA GLU F 73 -16.12 24.13 -16.02
C GLU F 73 -17.07 23.37 -16.93
N MET F 74 -18.01 24.10 -17.56
CA MET F 74 -18.93 23.53 -18.53
C MET F 74 -18.17 23.09 -19.79
N ILE F 75 -17.41 24.01 -20.39
CA ILE F 75 -16.90 23.86 -21.75
C ILE F 75 -15.84 22.76 -21.81
N ILE F 76 -15.11 22.59 -20.71
CA ILE F 76 -14.18 21.47 -20.56
C ILE F 76 -14.98 20.15 -20.54
N ASN F 77 -16.05 20.11 -19.73
CA ASN F 77 -16.71 18.85 -19.40
C ASN F 77 -17.52 18.27 -20.55
N ASP F 78 -18.03 19.14 -21.43
CA ASP F 78 -18.67 18.67 -22.64
C ASP F 78 -17.57 18.25 -23.61
N ASN F 79 -16.59 19.14 -23.80
CA ASN F 79 -15.61 19.04 -24.87
C ASN F 79 -14.75 17.79 -24.66
N VAL F 80 -14.61 17.34 -23.40
CA VAL F 80 -13.85 16.14 -23.08
C VAL F 80 -14.59 14.94 -23.63
N SER F 81 -15.85 14.82 -23.21
CA SER F 81 -16.80 13.80 -23.63
C SER F 81 -16.75 13.59 -25.13
N THR F 82 -16.42 14.66 -25.87
CA THR F 82 -16.54 14.71 -27.32
C THR F 82 -15.77 13.59 -28.04
N ILE F 83 -14.63 13.12 -27.52
CA ILE F 83 -13.87 12.17 -28.34
C ILE F 83 -14.10 10.70 -27.96
N LEU F 84 -15.30 10.34 -27.46
CA LEU F 84 -15.32 9.18 -26.57
C LEU F 84 -16.34 8.11 -26.98
N ALA F 85 -17.29 7.81 -26.06
CA ALA F 85 -17.97 6.54 -25.90
C ALA F 85 -18.82 6.14 -27.12
N ARG F 86 -18.72 4.86 -27.47
CA ARG F 86 -19.21 4.33 -28.74
C ARG F 86 -20.21 3.22 -28.44
N ASP F 87 -21.37 3.21 -29.13
CA ASP F 87 -22.56 2.59 -28.56
C ASP F 87 -23.05 1.33 -29.27
N PHE F 88 -23.92 0.57 -28.54
CA PHE F 88 -24.62 -0.63 -28.99
C PHE F 88 -25.76 -0.27 -29.96
N ASN F 89 -25.61 -0.69 -31.22
CA ASN F 89 -26.60 -0.45 -32.27
C ASN F 89 -28.01 -0.86 -31.83
N ASN F 90 -28.99 -0.01 -32.21
CA ASN F 90 -30.40 -0.32 -32.06
C ASN F 90 -31.01 -0.55 -33.44
N LEU F 91 -32.12 -1.29 -33.47
CA LEU F 91 -32.74 -1.66 -34.73
C LEU F 91 -33.94 -0.76 -34.97
N THR F 92 -33.63 0.44 -35.46
CA THR F 92 -34.49 1.60 -35.46
C THR F 92 -35.12 1.74 -36.86
N LYS F 93 -34.27 1.71 -37.90
CA LYS F 93 -34.70 1.73 -39.29
C LYS F 93 -35.44 0.44 -39.64
N GLY F 94 -36.29 0.54 -40.68
CA GLY F 94 -36.86 -0.61 -41.37
C GLY F 94 -36.22 -0.72 -42.74
N LEU F 95 -36.65 -1.67 -43.55
CA LEU F 95 -35.98 -1.97 -44.80
C LEU F 95 -36.32 -0.91 -45.86
N CYS F 96 -35.31 -0.58 -46.67
CA CYS F 96 -35.50 0.17 -47.90
C CYS F 96 -36.41 -0.64 -48.84
N THR F 97 -37.16 0.08 -49.67
CA THR F 97 -38.09 -0.53 -50.60
C THR F 97 -37.29 -1.22 -51.69
N ILE F 98 -37.19 -2.55 -51.55
CA ILE F 98 -36.49 -3.36 -52.54
C ILE F 98 -37.34 -3.36 -53.82
N ASN F 99 -36.83 -2.65 -54.84
CA ASN F 99 -37.43 -2.69 -56.17
C ASN F 99 -36.49 -3.39 -57.14
N SER F 100 -35.21 -3.54 -56.74
CA SER F 100 -34.28 -4.46 -57.39
C SER F 100 -33.01 -4.68 -56.56
N TRP F 101 -31.92 -5.12 -57.23
CA TRP F 101 -30.72 -5.64 -56.58
C TRP F 101 -29.46 -5.36 -57.42
N HIS F 102 -28.40 -4.84 -56.75
CA HIS F 102 -27.15 -4.47 -57.42
C HIS F 102 -26.00 -5.37 -56.95
N ILE F 103 -24.97 -5.44 -57.77
CA ILE F 103 -23.74 -6.08 -57.30
C ILE F 103 -23.18 -5.32 -56.11
N TYR F 104 -22.99 -6.03 -54.99
CA TYR F 104 -22.28 -5.56 -53.82
C TYR F 104 -20.82 -6.07 -53.84
N GLY F 105 -20.64 -7.41 -53.92
CA GLY F 105 -19.34 -8.06 -53.81
C GLY F 105 -19.30 -9.53 -54.25
N LYS F 106 -18.11 -9.96 -54.74
CA LYS F 106 -17.84 -11.27 -55.32
C LYS F 106 -16.32 -11.54 -55.24
N ASP F 107 -15.89 -12.81 -55.05
CA ASP F 107 -14.45 -13.04 -54.92
C ASP F 107 -13.84 -13.84 -56.07
N ASN F 108 -14.63 -14.69 -56.72
CA ASN F 108 -13.98 -15.46 -57.77
C ASN F 108 -12.89 -16.29 -57.09
N ALA F 109 -13.23 -16.77 -55.90
CA ALA F 109 -12.33 -17.44 -54.98
C ALA F 109 -11.78 -18.67 -55.65
N VAL F 110 -12.54 -19.25 -56.57
CA VAL F 110 -12.13 -20.52 -57.16
C VAL F 110 -11.41 -20.22 -58.48
N ARG F 111 -11.82 -19.17 -59.19
CA ARG F 111 -11.17 -18.76 -60.43
C ARG F 111 -9.67 -18.56 -60.21
N ILE F 112 -9.35 -17.74 -59.21
CA ILE F 112 -8.04 -17.23 -58.87
C ILE F 112 -7.22 -18.37 -58.28
N GLY F 113 -7.69 -18.84 -57.11
CA GLY F 113 -7.02 -19.82 -56.27
C GLY F 113 -6.73 -21.13 -57.02
N GLU F 114 -6.70 -21.06 -58.35
CA GLU F 114 -6.25 -22.12 -59.24
C GLU F 114 -4.74 -22.05 -59.35
N ASP F 115 -4.19 -20.88 -58.99
CA ASP F 115 -2.83 -20.44 -59.28
C ASP F 115 -2.51 -19.39 -58.23
N SER F 116 -3.09 -19.60 -57.04
CA SER F 116 -2.79 -18.82 -55.85
C SER F 116 -3.19 -19.65 -54.65
N ASP F 117 -2.73 -19.22 -53.49
CA ASP F 117 -2.90 -19.97 -52.27
C ASP F 117 -4.26 -19.64 -51.67
N VAL F 118 -5.34 -19.97 -52.40
CA VAL F 118 -6.68 -19.73 -51.88
C VAL F 118 -7.13 -20.93 -51.06
N LEU F 119 -7.46 -20.67 -49.79
CA LEU F 119 -8.00 -21.70 -48.90
C LEU F 119 -9.23 -22.33 -49.51
N VAL F 120 -9.49 -23.59 -49.13
CA VAL F 120 -10.76 -24.26 -49.35
C VAL F 120 -11.70 -23.76 -48.25
N THR F 121 -12.97 -23.59 -48.61
CA THR F 121 -13.97 -23.17 -47.65
C THR F 121 -15.30 -23.76 -48.10
N ARG F 122 -16.31 -23.55 -47.24
CA ARG F 122 -17.69 -23.91 -47.52
C ARG F 122 -18.54 -23.16 -46.51
N GLU F 123 -19.81 -22.92 -46.88
CA GLU F 123 -20.71 -22.26 -45.96
C GLU F 123 -20.12 -20.88 -45.68
N PRO F 124 -20.05 -19.99 -46.69
CA PRO F 124 -19.56 -18.63 -46.47
C PRO F 124 -20.69 -17.81 -45.86
N TYR F 125 -20.48 -16.50 -45.80
CA TYR F 125 -21.50 -15.52 -45.52
C TYR F 125 -20.85 -14.14 -45.47
N VAL F 126 -21.65 -13.09 -45.17
CA VAL F 126 -21.08 -11.77 -44.96
C VAL F 126 -21.58 -11.17 -43.64
N SER F 127 -20.71 -10.38 -43.01
CA SER F 127 -21.10 -9.65 -41.82
C SER F 127 -20.23 -8.40 -41.69
N CYS F 128 -20.85 -7.28 -41.29
CA CYS F 128 -20.32 -5.94 -41.33
C CYS F 128 -20.01 -5.47 -39.93
N ASP F 129 -18.92 -4.71 -39.85
CA ASP F 129 -18.49 -3.97 -38.68
C ASP F 129 -18.86 -2.53 -38.92
N PRO F 130 -18.81 -1.65 -37.88
CA PRO F 130 -19.07 -0.24 -38.10
C PRO F 130 -18.18 0.37 -39.19
N ASP F 131 -17.00 -0.22 -39.47
CA ASP F 131 -16.09 0.48 -40.37
C ASP F 131 -15.67 -0.41 -41.54
N GLU F 132 -16.32 -1.55 -41.74
CA GLU F 132 -15.81 -2.55 -42.67
C GLU F 132 -16.71 -3.79 -42.64
N CYS F 133 -17.08 -4.31 -43.82
CA CYS F 133 -17.74 -5.61 -43.91
C CYS F 133 -16.79 -6.61 -44.56
N ARG F 134 -16.71 -7.81 -43.99
CA ARG F 134 -15.83 -8.88 -44.50
C ARG F 134 -16.67 -10.05 -44.98
N PHE F 135 -16.06 -10.87 -45.84
CA PHE F 135 -16.50 -12.24 -46.07
C PHE F 135 -16.15 -13.14 -44.89
N TYR F 136 -16.93 -14.20 -44.71
CA TYR F 136 -16.73 -15.17 -43.64
C TYR F 136 -16.98 -16.53 -44.25
N ALA F 137 -16.30 -17.57 -43.73
CA ALA F 137 -16.52 -18.94 -44.17
C ALA F 137 -15.82 -19.95 -43.24
N LEU F 138 -16.14 -21.23 -43.42
CA LEU F 138 -15.49 -22.31 -42.67
C LEU F 138 -14.38 -22.92 -43.52
N SER F 139 -13.15 -22.81 -43.05
CA SER F 139 -12.02 -23.22 -43.88
C SER F 139 -11.83 -24.74 -43.78
N GLN F 140 -11.01 -25.29 -44.68
CA GLN F 140 -10.84 -26.73 -44.74
C GLN F 140 -9.41 -27.11 -44.39
N GLY F 141 -8.55 -26.11 -44.09
CA GLY F 141 -7.21 -26.35 -43.58
C GLY F 141 -6.26 -26.79 -44.69
N THR F 142 -6.63 -26.50 -45.94
CA THR F 142 -5.85 -26.79 -47.14
C THR F 142 -6.05 -25.66 -48.15
N THR F 143 -5.28 -25.66 -49.25
CA THR F 143 -5.51 -24.72 -50.34
C THR F 143 -6.11 -25.50 -51.51
N ILE F 144 -6.71 -24.79 -52.46
CA ILE F 144 -7.52 -25.47 -53.46
C ILE F 144 -6.64 -26.46 -54.23
N ARG F 145 -5.38 -26.11 -54.47
CA ARG F 145 -4.48 -27.06 -55.11
C ARG F 145 -3.75 -27.93 -54.08
N GLY F 146 -3.82 -27.56 -52.80
CA GLY F 146 -3.29 -28.45 -51.78
C GLY F 146 -3.80 -29.87 -51.97
N LYS F 147 -2.87 -30.84 -52.10
CA LYS F 147 -3.19 -32.26 -52.01
C LYS F 147 -4.19 -32.53 -50.88
N HIS F 148 -4.09 -31.78 -49.77
CA HIS F 148 -4.96 -31.99 -48.62
C HIS F 148 -6.42 -31.67 -48.96
N SER F 149 -6.67 -31.05 -50.12
CA SER F 149 -8.03 -30.69 -50.53
C SER F 149 -8.80 -31.93 -50.99
N ASN F 150 -8.11 -33.07 -51.08
CA ASN F 150 -8.69 -34.37 -51.37
C ASN F 150 -9.52 -34.80 -50.16
N GLY F 151 -10.84 -34.97 -50.36
CA GLY F 151 -11.73 -35.38 -49.27
C GLY F 151 -12.44 -34.19 -48.62
N THR F 152 -12.46 -33.06 -49.33
CA THR F 152 -13.05 -31.86 -48.74
C THR F 152 -14.56 -31.83 -48.98
N ILE F 153 -15.13 -32.93 -49.49
CA ILE F 153 -16.58 -33.00 -49.51
C ILE F 153 -17.05 -33.15 -48.08
N HIS F 154 -16.13 -33.52 -47.19
CA HIS F 154 -16.53 -33.84 -45.82
C HIS F 154 -16.74 -32.54 -45.05
N ASP F 155 -17.56 -32.59 -43.99
CA ASP F 155 -18.18 -31.40 -43.43
C ASP F 155 -17.60 -31.05 -42.05
N ARG F 156 -17.09 -32.05 -41.33
CA ARG F 156 -16.73 -31.81 -39.93
C ARG F 156 -15.35 -32.40 -39.65
N SER F 157 -14.35 -31.55 -39.46
CA SER F 157 -12.97 -32.01 -39.29
C SER F 157 -12.22 -31.12 -38.30
N GLN F 158 -11.04 -31.61 -37.87
CA GLN F 158 -10.28 -30.94 -36.83
C GLN F 158 -9.62 -29.69 -37.42
N TYR F 159 -9.60 -29.60 -38.75
CA TYR F 159 -8.83 -28.56 -39.44
C TYR F 159 -9.66 -27.31 -39.78
N ARG F 160 -11.00 -27.43 -39.75
CA ARG F 160 -11.88 -26.37 -40.22
C ARG F 160 -11.87 -25.23 -39.20
N ALA F 161 -12.20 -24.01 -39.65
CA ALA F 161 -12.19 -22.86 -38.77
C ALA F 161 -13.01 -21.71 -39.38
N LEU F 162 -13.47 -20.78 -38.54
CA LEU F 162 -14.06 -19.56 -39.04
C LEU F 162 -12.92 -18.58 -39.35
N ILE F 163 -12.60 -18.46 -40.65
CA ILE F 163 -11.76 -17.39 -41.18
C ILE F 163 -12.65 -16.22 -41.56
N SER F 164 -12.01 -15.09 -41.91
CA SER F 164 -12.64 -13.92 -42.50
C SER F 164 -11.58 -13.07 -43.19
N TRP F 165 -12.02 -12.13 -44.04
CA TRP F 165 -11.12 -11.62 -45.06
C TRP F 165 -11.73 -10.46 -45.86
N PRO F 166 -10.91 -9.56 -46.47
CA PRO F 166 -11.41 -8.47 -47.29
C PRO F 166 -12.49 -8.82 -48.31
N LEU F 167 -13.54 -7.98 -48.32
CA LEU F 167 -14.75 -8.08 -49.13
C LEU F 167 -14.41 -8.00 -50.61
N SER F 168 -14.42 -9.16 -51.28
CA SER F 168 -14.32 -9.30 -52.72
C SER F 168 -12.91 -9.62 -53.19
N SER F 169 -12.03 -9.97 -52.25
CA SER F 169 -10.81 -10.64 -52.63
C SER F 169 -10.96 -12.11 -52.23
N PRO F 170 -10.14 -13.07 -52.72
CA PRO F 170 -10.46 -14.47 -52.47
C PRO F 170 -10.09 -14.58 -51.00
N PRO F 171 -10.31 -15.75 -50.36
CA PRO F 171 -9.72 -16.05 -49.07
C PRO F 171 -8.39 -16.72 -49.40
N THR F 172 -7.31 -15.97 -49.13
CA THR F 172 -5.97 -16.50 -49.23
C THR F 172 -5.60 -17.04 -47.86
N VAL F 173 -4.46 -17.74 -47.80
CA VAL F 173 -3.82 -18.17 -46.57
C VAL F 173 -3.26 -16.93 -45.88
N TYR F 174 -2.93 -15.91 -46.68
CA TYR F 174 -2.06 -14.88 -46.16
C TYR F 174 -2.80 -13.57 -45.94
N ASN F 175 -4.15 -13.59 -45.93
CA ASN F 175 -4.90 -12.34 -45.74
C ASN F 175 -6.14 -12.64 -44.89
N SER F 176 -6.28 -13.93 -44.56
CA SER F 176 -7.42 -14.44 -43.81
C SER F 176 -7.12 -14.39 -42.33
N ARG F 177 -8.11 -13.92 -41.58
CA ARG F 177 -8.06 -13.87 -40.13
C ARG F 177 -8.88 -15.06 -39.62
N VAL F 178 -8.20 -16.01 -39.02
CA VAL F 178 -8.93 -17.06 -38.33
C VAL F 178 -9.58 -16.42 -37.11
N GLU F 179 -10.89 -16.68 -36.93
CA GLU F 179 -11.62 -16.11 -35.80
C GLU F 179 -11.64 -17.12 -34.65
N CYS F 180 -12.06 -18.35 -34.97
CA CYS F 180 -12.25 -19.42 -33.99
C CYS F 180 -12.23 -20.80 -34.65
N ILE F 181 -11.96 -21.84 -33.86
CA ILE F 181 -11.75 -23.17 -34.41
C ILE F 181 -13.02 -23.99 -34.20
N GLY F 182 -13.52 -24.59 -35.28
CA GLY F 182 -14.64 -25.53 -35.26
C GLY F 182 -15.17 -25.79 -36.67
N TRP F 183 -16.34 -26.47 -36.78
CA TRP F 183 -16.91 -26.69 -38.10
C TRP F 183 -18.26 -25.99 -38.32
N SER F 184 -18.99 -25.68 -37.24
CA SER F 184 -20.25 -24.95 -37.35
C SER F 184 -20.02 -23.54 -36.81
N SER F 185 -20.66 -22.50 -37.40
CA SER F 185 -20.32 -21.12 -37.06
C SER F 185 -21.47 -20.13 -37.25
N THR F 186 -21.51 -19.14 -36.34
CA THR F 186 -22.18 -17.86 -36.53
C THR F 186 -21.25 -16.73 -36.06
N SER F 187 -21.62 -15.47 -36.39
CA SER F 187 -20.91 -14.27 -35.95
C SER F 187 -21.76 -13.02 -36.23
N CYS F 188 -21.70 -12.06 -35.31
CA CYS F 188 -22.34 -10.77 -35.52
C CYS F 188 -21.62 -9.70 -34.70
N HIS F 189 -21.65 -8.46 -35.24
CA HIS F 189 -21.18 -7.30 -34.52
C HIS F 189 -22.38 -6.65 -33.83
N ASP F 190 -22.18 -6.10 -32.64
CA ASP F 190 -23.27 -5.69 -31.79
C ASP F 190 -23.28 -4.16 -31.66
N GLY F 191 -22.14 -3.57 -32.02
CA GLY F 191 -22.02 -2.14 -32.17
C GLY F 191 -20.85 -1.62 -31.33
N LYS F 192 -20.66 -2.28 -30.19
CA LYS F 192 -19.49 -2.05 -29.35
C LYS F 192 -18.29 -2.84 -29.87
N THR F 193 -18.43 -4.17 -29.97
CA THR F 193 -17.38 -5.04 -30.50
C THR F 193 -18.02 -6.19 -31.29
N ARG F 194 -17.28 -7.29 -31.53
CA ARG F 194 -17.87 -8.41 -32.25
C ARG F 194 -17.94 -9.66 -31.36
N MET F 195 -18.73 -10.64 -31.79
CA MET F 195 -18.90 -11.92 -31.14
C MET F 195 -18.90 -12.97 -32.24
N SER F 196 -18.06 -14.01 -32.09
CA SER F 196 -18.18 -15.22 -32.91
C SER F 196 -18.50 -16.45 -32.07
N ILE F 197 -19.26 -17.36 -32.66
CA ILE F 197 -19.46 -18.68 -32.06
C ILE F 197 -18.94 -19.73 -33.03
N CYS F 198 -18.29 -20.75 -32.46
CA CYS F 198 -17.71 -21.84 -33.22
C CYS F 198 -18.06 -23.16 -32.53
N ILE F 199 -18.32 -24.20 -33.33
CA ILE F 199 -18.62 -25.51 -32.77
C ILE F 199 -17.53 -26.51 -33.21
N SER F 200 -17.01 -27.28 -32.26
CA SER F 200 -16.12 -28.40 -32.53
C SER F 200 -16.61 -29.70 -31.88
N GLY F 201 -15.95 -30.81 -32.28
CA GLY F 201 -16.04 -32.10 -31.61
C GLY F 201 -16.58 -33.20 -32.52
N PRO F 202 -16.48 -34.48 -32.09
CA PRO F 202 -17.09 -35.59 -32.83
C PRO F 202 -18.59 -35.43 -32.68
N ASN F 203 -19.36 -36.26 -33.39
CA ASN F 203 -20.80 -36.20 -33.44
C ASN F 203 -21.45 -36.19 -32.04
N ASN F 204 -21.05 -37.13 -31.19
CA ASN F 204 -21.72 -37.32 -29.91
C ASN F 204 -21.32 -36.24 -28.91
N ASN F 205 -20.37 -35.35 -29.25
CA ASN F 205 -19.64 -34.74 -28.15
C ASN F 205 -19.18 -33.32 -28.49
N ALA F 206 -19.92 -32.65 -29.38
CA ALA F 206 -19.52 -31.34 -29.84
C ALA F 206 -19.77 -30.32 -28.75
N SER F 207 -19.28 -29.08 -28.96
CA SER F 207 -19.49 -27.98 -28.03
C SER F 207 -19.09 -26.67 -28.69
N ALA F 208 -19.72 -25.56 -28.27
CA ALA F 208 -19.54 -24.29 -28.96
C ALA F 208 -18.78 -23.33 -28.07
N VAL F 209 -17.84 -22.55 -28.66
CA VAL F 209 -17.14 -21.50 -27.95
C VAL F 209 -17.53 -20.14 -28.52
N ILE F 210 -17.83 -19.21 -27.61
CA ILE F 210 -18.30 -17.88 -27.95
C ILE F 210 -17.20 -16.87 -27.61
N TRP F 211 -16.59 -16.33 -28.66
CA TRP F 211 -15.60 -15.28 -28.59
C TRP F 211 -16.33 -13.93 -28.63
N TYR F 212 -16.01 -13.07 -27.66
CA TYR F 212 -16.49 -11.71 -27.67
C TYR F 212 -15.32 -10.77 -27.42
N ASN F 213 -15.00 -10.01 -28.45
CA ASN F 213 -13.85 -9.11 -28.49
C ASN F 213 -12.57 -9.92 -28.70
N ARG F 214 -12.63 -10.84 -29.67
CA ARG F 214 -11.49 -11.60 -30.16
C ARG F 214 -10.84 -12.41 -29.03
N ARG F 215 -11.53 -12.45 -27.86
CA ARG F 215 -11.18 -13.23 -26.67
C ARG F 215 -12.28 -14.25 -26.34
N PRO F 216 -11.94 -15.53 -25.97
CA PRO F 216 -12.90 -16.51 -25.45
C PRO F 216 -13.70 -16.13 -24.20
N VAL F 217 -15.00 -16.46 -24.19
CA VAL F 217 -15.87 -15.97 -23.13
C VAL F 217 -16.71 -17.09 -22.50
N THR F 218 -17.59 -17.73 -23.28
CA THR F 218 -18.46 -18.78 -22.77
C THR F 218 -18.50 -19.95 -23.76
N GLU F 219 -18.38 -21.19 -23.24
CA GLU F 219 -18.54 -22.46 -23.95
C GLU F 219 -19.86 -23.14 -23.55
N ILE F 220 -20.47 -23.86 -24.50
CA ILE F 220 -21.79 -24.47 -24.36
C ILE F 220 -21.77 -25.90 -24.90
N ASN F 221 -22.01 -26.87 -24.01
CA ASN F 221 -21.90 -28.28 -24.32
C ASN F 221 -23.18 -28.81 -24.99
N THR F 222 -23.00 -29.68 -25.99
CA THR F 222 -24.07 -30.41 -26.65
C THR F 222 -25.12 -30.80 -25.62
N TRP F 223 -26.39 -30.89 -26.06
CA TRP F 223 -27.42 -31.22 -25.09
C TRP F 223 -28.22 -32.45 -25.51
N ALA F 224 -28.15 -32.81 -26.80
CA ALA F 224 -28.85 -34.00 -27.29
C ALA F 224 -27.84 -34.96 -27.88
N ARG F 225 -26.77 -34.38 -28.46
CA ARG F 225 -25.51 -35.03 -28.75
C ARG F 225 -25.54 -35.56 -30.17
N ASN F 226 -25.63 -34.63 -31.12
CA ASN F 226 -25.78 -35.04 -32.50
C ASN F 226 -25.62 -33.78 -33.33
N ILE F 227 -24.39 -33.60 -33.80
CA ILE F 227 -23.95 -32.50 -34.64
C ILE F 227 -24.63 -31.18 -34.23
N LEU F 228 -24.50 -30.86 -32.93
CA LEU F 228 -24.78 -29.51 -32.44
C LEU F 228 -24.28 -28.48 -33.44
N ARG F 229 -25.18 -27.58 -33.87
CA ARG F 229 -24.89 -26.69 -34.99
C ARG F 229 -25.78 -25.43 -34.99
N THR F 230 -25.48 -24.49 -35.90
CA THR F 230 -26.05 -23.16 -35.88
C THR F 230 -26.16 -22.60 -37.30
N GLN F 231 -26.15 -21.27 -37.41
CA GLN F 231 -26.78 -20.53 -38.48
C GLN F 231 -25.99 -20.59 -39.79
N GLU F 232 -24.64 -20.57 -39.70
CA GLU F 232 -23.79 -20.56 -40.88
C GLU F 232 -23.91 -19.23 -41.62
N SER F 233 -24.39 -18.20 -40.90
CA SER F 233 -24.56 -16.86 -41.45
C SER F 233 -24.73 -15.88 -40.29
N GLU F 234 -24.41 -14.60 -40.54
CA GLU F 234 -24.29 -13.60 -39.48
C GLU F 234 -25.49 -13.67 -38.56
N CYS F 235 -25.30 -13.18 -37.33
CA CYS F 235 -26.43 -12.84 -36.48
C CYS F 235 -26.59 -11.32 -36.35
N VAL F 236 -27.51 -10.94 -35.46
CA VAL F 236 -28.04 -9.59 -35.40
C VAL F 236 -28.26 -9.28 -33.93
N CYS F 237 -27.82 -8.08 -33.52
CA CYS F 237 -27.89 -7.58 -32.16
C CYS F 237 -28.71 -6.29 -32.11
N HIS F 238 -29.53 -6.20 -31.06
CA HIS F 238 -30.26 -5.02 -30.65
C HIS F 238 -29.80 -4.69 -29.23
N ASN F 239 -29.22 -3.48 -29.06
CA ASN F 239 -28.93 -2.98 -27.72
C ASN F 239 -28.08 -3.98 -26.94
N GLY F 240 -27.39 -4.88 -27.66
CA GLY F 240 -26.45 -5.78 -27.02
C GLY F 240 -26.82 -7.26 -27.10
N VAL F 241 -28.11 -7.58 -26.97
CA VAL F 241 -28.62 -8.94 -27.05
C VAL F 241 -28.51 -9.41 -28.50
N CYS F 242 -27.75 -10.51 -28.70
CA CYS F 242 -27.52 -11.14 -30.00
C CYS F 242 -27.96 -12.60 -29.93
N PRO F 243 -29.26 -12.87 -30.14
CA PRO F 243 -29.76 -14.23 -30.11
C PRO F 243 -29.23 -15.02 -31.30
N VAL F 244 -28.87 -16.28 -31.01
CA VAL F 244 -28.40 -17.25 -31.98
C VAL F 244 -29.42 -18.39 -31.96
N VAL F 245 -29.70 -18.96 -33.14
CA VAL F 245 -30.48 -20.19 -33.25
C VAL F 245 -29.51 -21.37 -33.33
N PHE F 246 -29.79 -22.42 -32.54
CA PHE F 246 -28.95 -23.61 -32.41
C PHE F 246 -29.80 -24.88 -32.50
N THR F 247 -29.39 -25.84 -33.34
CA THR F 247 -29.95 -27.19 -33.29
C THR F 247 -28.96 -28.16 -32.64
N ASP F 248 -29.45 -29.37 -32.32
CA ASP F 248 -28.70 -30.51 -31.80
C ASP F 248 -29.66 -31.69 -31.78
N GLY F 249 -29.35 -32.71 -32.59
CA GLY F 249 -30.20 -33.88 -32.78
C GLY F 249 -30.29 -34.28 -34.26
N SER F 250 -31.34 -35.03 -34.58
CA SER F 250 -31.42 -35.69 -35.88
C SER F 250 -31.38 -34.66 -37.00
N ALA F 251 -30.86 -35.05 -38.18
CA ALA F 251 -30.90 -34.16 -39.34
C ALA F 251 -32.37 -34.00 -39.78
N THR F 252 -33.21 -34.88 -39.24
CA THR F 252 -34.62 -34.91 -39.56
C THR F 252 -35.38 -35.34 -38.32
N GLY F 253 -36.54 -34.71 -38.09
CA GLY F 253 -37.52 -35.25 -37.17
C GLY F 253 -37.81 -34.29 -36.03
N PRO F 254 -37.94 -34.79 -34.80
CA PRO F 254 -37.56 -34.02 -33.61
C PRO F 254 -36.04 -33.94 -33.51
N ALA F 255 -35.53 -32.70 -33.51
CA ALA F 255 -34.23 -32.37 -32.97
C ALA F 255 -34.45 -31.41 -31.80
N GLU F 256 -33.47 -31.26 -30.92
CA GLU F 256 -33.65 -30.35 -29.80
C GLU F 256 -33.06 -29.01 -30.19
N THR F 257 -33.94 -28.06 -30.53
CA THR F 257 -33.58 -26.73 -30.94
C THR F 257 -33.66 -25.75 -29.76
N ARG F 258 -32.75 -24.77 -29.77
CA ARG F 258 -32.65 -23.80 -28.69
C ARG F 258 -32.25 -22.45 -29.27
N ILE F 259 -32.94 -21.38 -28.82
CA ILE F 259 -32.57 -20.00 -29.10
C ILE F 259 -31.82 -19.40 -27.89
N TYR F 260 -30.62 -18.85 -28.13
CA TYR F 260 -29.82 -18.27 -27.06
C TYR F 260 -29.90 -16.73 -27.07
N TYR F 261 -29.71 -16.12 -25.91
CA TYR F 261 -29.70 -14.67 -25.85
C TYR F 261 -28.35 -14.20 -25.30
N PHE F 262 -27.54 -13.61 -26.21
CA PHE F 262 -26.17 -13.23 -25.89
C PHE F 262 -26.09 -11.74 -25.55
N LYS F 263 -25.10 -11.41 -24.73
CA LYS F 263 -24.84 -10.04 -24.32
C LYS F 263 -23.41 -9.96 -23.79
N GLU F 264 -22.50 -9.54 -24.70
CA GLU F 264 -21.10 -9.38 -24.36
C GLU F 264 -20.49 -10.75 -24.06
N GLY F 265 -20.85 -11.73 -24.89
CA GLY F 265 -20.42 -13.12 -24.81
C GLY F 265 -21.18 -13.96 -23.77
N LYS F 266 -22.11 -13.38 -23.01
CA LYS F 266 -22.68 -14.07 -21.87
C LYS F 266 -24.11 -14.54 -22.14
N ILE F 267 -24.48 -15.69 -21.53
CA ILE F 267 -25.79 -16.30 -21.64
C ILE F 267 -26.75 -15.58 -20.70
N LEU F 268 -27.59 -14.69 -21.25
CA LEU F 268 -28.58 -14.03 -20.42
C LEU F 268 -29.82 -14.93 -20.31
N LYS F 269 -30.00 -15.79 -21.31
CA LYS F 269 -31.18 -16.60 -21.42
C LYS F 269 -31.14 -17.41 -22.70
N TRP F 270 -31.41 -18.71 -22.57
CA TRP F 270 -31.80 -19.55 -23.68
C TRP F 270 -33.22 -20.04 -23.42
N GLU F 271 -33.89 -20.34 -24.53
CA GLU F 271 -35.24 -20.84 -24.58
C GLU F 271 -35.25 -22.05 -25.50
N PRO F 272 -36.06 -23.10 -25.21
CA PRO F 272 -36.33 -24.16 -26.21
C PRO F 272 -37.29 -23.64 -27.27
N LEU F 273 -37.37 -24.33 -28.42
CA LEU F 273 -38.20 -23.91 -29.53
C LEU F 273 -39.69 -24.02 -29.18
N ALA F 274 -40.34 -22.84 -29.19
CA ALA F 274 -41.78 -22.70 -29.17
C ALA F 274 -42.25 -22.77 -30.62
N GLY F 275 -43.57 -22.80 -30.86
CA GLY F 275 -44.06 -22.67 -32.23
C GLY F 275 -44.34 -24.02 -32.90
N THR F 276 -44.58 -23.96 -34.22
CA THR F 276 -45.24 -24.96 -35.03
C THR F 276 -44.22 -25.68 -35.90
N ALA F 277 -43.10 -25.01 -36.13
CA ALA F 277 -41.99 -25.51 -36.95
C ALA F 277 -41.58 -26.89 -36.45
N LYS F 278 -41.18 -27.75 -37.41
CA LYS F 278 -41.05 -29.19 -37.20
C LYS F 278 -39.58 -29.59 -37.20
N HIS F 279 -38.78 -28.85 -37.96
CA HIS F 279 -37.34 -28.90 -37.82
C HIS F 279 -36.79 -27.53 -38.16
N ILE F 280 -35.54 -27.25 -37.72
CA ILE F 280 -34.86 -25.98 -37.96
C ILE F 280 -33.38 -26.23 -38.18
N GLU F 281 -32.86 -25.82 -39.35
CA GLU F 281 -31.43 -25.75 -39.54
C GLU F 281 -31.03 -24.36 -40.01
N GLU F 282 -29.73 -24.04 -39.82
CA GLU F 282 -29.03 -22.96 -40.48
C GLU F 282 -29.95 -21.76 -40.74
N CYS F 283 -30.45 -21.11 -39.65
CA CYS F 283 -31.27 -19.92 -39.79
C CYS F 283 -30.45 -18.73 -40.31
N SER F 284 -31.08 -17.98 -41.22
CA SER F 284 -30.51 -16.76 -41.73
C SER F 284 -31.42 -15.63 -41.29
N CYS F 285 -30.92 -14.79 -40.38
CA CYS F 285 -31.67 -13.75 -39.66
C CYS F 285 -31.34 -12.34 -40.17
N TYR F 286 -32.20 -11.37 -39.84
CA TYR F 286 -32.01 -9.96 -40.16
C TYR F 286 -32.71 -9.06 -39.15
N GLY F 287 -32.32 -7.78 -39.09
CA GLY F 287 -32.87 -6.84 -38.10
C GLY F 287 -33.53 -5.60 -38.72
N GLU F 288 -34.72 -5.25 -38.22
CA GLU F 288 -35.41 -4.05 -38.64
C GLU F 288 -36.55 -3.79 -37.65
N ARG F 289 -36.96 -2.52 -37.53
CA ARG F 289 -37.98 -2.04 -36.59
C ARG F 289 -37.98 -2.82 -35.26
N ALA F 290 -36.79 -3.14 -34.74
CA ALA F 290 -36.61 -3.78 -33.43
C ALA F 290 -37.14 -5.23 -33.37
N GLU F 291 -37.42 -5.83 -34.53
CA GLU F 291 -37.74 -7.25 -34.57
C GLU F 291 -36.73 -7.95 -35.46
N ILE F 292 -36.40 -9.21 -35.11
CA ILE F 292 -35.42 -10.01 -35.83
C ILE F 292 -36.17 -11.19 -36.45
N THR F 293 -35.86 -11.48 -37.72
CA THR F 293 -36.59 -12.48 -38.47
C THR F 293 -35.58 -13.44 -39.10
N CYS F 294 -35.67 -14.73 -38.75
CA CYS F 294 -34.77 -15.72 -39.31
C CYS F 294 -35.52 -16.72 -40.18
N THR F 295 -34.98 -16.97 -41.39
CA THR F 295 -35.53 -17.92 -42.32
C THR F 295 -34.56 -19.08 -42.46
N CYS F 296 -35.09 -20.27 -42.18
CA CYS F 296 -34.33 -21.49 -41.99
C CYS F 296 -34.82 -22.60 -42.92
N ARG F 297 -34.70 -23.85 -42.44
CA ARG F 297 -34.53 -25.04 -43.26
C ARG F 297 -34.94 -26.26 -42.42
N ASP F 298 -36.22 -26.63 -42.52
CA ASP F 298 -36.70 -27.89 -41.97
C ASP F 298 -36.63 -28.95 -43.06
N ASN F 299 -35.69 -29.89 -42.91
CA ASN F 299 -35.39 -30.90 -43.90
C ASN F 299 -36.62 -31.79 -44.06
N TRP F 300 -36.70 -32.76 -43.13
CA TRP F 300 -37.85 -33.60 -42.83
C TRP F 300 -38.99 -33.50 -43.84
N GLN F 301 -39.54 -32.31 -44.07
CA GLN F 301 -40.58 -32.18 -45.08
C GLN F 301 -40.46 -30.87 -45.84
N GLY F 302 -39.97 -29.83 -45.17
CA GLY F 302 -40.46 -28.47 -45.33
C GLY F 302 -39.91 -27.75 -46.55
N SER F 303 -40.72 -27.68 -47.61
CA SER F 303 -40.28 -27.01 -48.84
C SER F 303 -40.76 -25.54 -48.91
N ASN F 304 -41.66 -25.14 -48.00
CA ASN F 304 -41.73 -23.75 -47.57
C ASN F 304 -41.00 -23.66 -46.24
N ARG F 305 -40.06 -22.72 -46.15
CA ARG F 305 -39.19 -22.66 -44.99
C ARG F 305 -40.01 -22.25 -43.78
N PRO F 306 -39.69 -22.74 -42.56
CA PRO F 306 -40.21 -22.12 -41.35
C PRO F 306 -39.64 -20.71 -41.17
N VAL F 307 -40.14 -20.00 -40.16
CA VAL F 307 -39.63 -18.69 -39.80
C VAL F 307 -39.63 -18.57 -38.28
N ILE F 308 -38.54 -18.00 -37.73
CA ILE F 308 -38.47 -17.62 -36.32
C ILE F 308 -38.52 -16.09 -36.22
N ARG F 309 -39.25 -15.54 -35.23
CA ARG F 309 -39.22 -14.11 -35.03
C ARG F 309 -38.92 -13.75 -33.59
N ILE F 310 -37.79 -13.06 -33.39
CA ILE F 310 -37.25 -12.89 -32.05
C ILE F 310 -37.42 -11.45 -31.61
N ASP F 311 -38.09 -11.26 -30.47
CA ASP F 311 -38.14 -9.98 -29.78
C ASP F 311 -36.92 -9.91 -28.86
N PRO F 312 -35.86 -9.15 -29.25
CA PRO F 312 -34.58 -9.24 -28.55
C PRO F 312 -34.58 -8.54 -27.20
N VAL F 313 -35.53 -7.63 -26.98
CA VAL F 313 -35.66 -7.02 -25.66
C VAL F 313 -36.38 -7.99 -24.74
N ALA F 314 -37.59 -8.40 -25.12
CA ALA F 314 -38.37 -9.33 -24.30
C ALA F 314 -37.74 -10.73 -24.34
N MET F 315 -36.75 -10.90 -25.23
CA MET F 315 -35.89 -12.09 -25.35
C MET F 315 -36.71 -13.34 -25.66
N THR F 316 -37.77 -13.17 -26.46
CA THR F 316 -38.71 -14.22 -26.80
C THR F 316 -38.84 -14.31 -28.32
N HIS F 317 -39.14 -15.51 -28.80
CA HIS F 317 -39.21 -15.78 -30.22
C HIS F 317 -40.52 -16.52 -30.50
N THR F 318 -40.70 -16.89 -31.78
CA THR F 318 -41.93 -17.46 -32.27
C THR F 318 -41.62 -18.24 -33.55
N SER F 319 -42.34 -19.36 -33.76
CA SER F 319 -42.12 -20.17 -34.95
C SER F 319 -43.45 -20.50 -35.63
N GLN F 320 -43.39 -20.45 -36.97
CA GLN F 320 -44.48 -20.69 -37.89
C GLN F 320 -43.85 -21.01 -39.23
N TYR F 321 -44.68 -21.13 -40.29
CA TYR F 321 -44.17 -21.35 -41.62
C TYR F 321 -44.44 -20.14 -42.53
N ILE F 322 -44.05 -20.30 -43.79
CA ILE F 322 -44.40 -19.35 -44.84
C ILE F 322 -45.51 -20.01 -45.64
N CYS F 323 -46.74 -19.52 -45.43
CA CYS F 323 -47.92 -19.84 -46.22
C CYS F 323 -47.56 -20.04 -47.69
N SER F 324 -46.92 -19.01 -48.29
CA SER F 324 -46.71 -18.87 -49.73
C SER F 324 -46.51 -20.19 -50.47
N PRO F 325 -47.22 -20.42 -51.60
CA PRO F 325 -47.09 -21.65 -52.38
C PRO F 325 -45.85 -21.54 -53.25
N VAL F 326 -45.08 -20.47 -53.02
CA VAL F 326 -43.75 -20.37 -53.60
C VAL F 326 -42.73 -20.99 -52.64
N LEU F 327 -42.08 -22.03 -53.16
CA LEU F 327 -41.32 -22.96 -52.37
C LEU F 327 -39.86 -22.54 -52.43
N THR F 328 -39.21 -22.47 -51.26
CA THR F 328 -37.87 -21.93 -51.24
C THR F 328 -36.80 -23.00 -51.00
N ASP F 329 -37.16 -24.18 -50.47
CA ASP F 329 -36.13 -25.12 -50.04
C ASP F 329 -35.61 -25.88 -51.25
N ASN F 330 -34.50 -26.61 -51.04
CA ASN F 330 -33.89 -27.39 -52.11
C ASN F 330 -33.30 -28.69 -51.54
N PRO F 331 -33.76 -29.85 -52.06
CA PRO F 331 -34.66 -29.92 -53.20
C PRO F 331 -36.10 -29.67 -52.77
N ARG F 332 -36.95 -29.28 -53.73
CA ARG F 332 -38.34 -28.97 -53.43
C ARG F 332 -39.20 -29.64 -54.49
N PRO F 333 -40.51 -29.84 -54.23
CA PRO F 333 -41.45 -30.16 -55.31
C PRO F 333 -41.81 -28.89 -56.09
N ASN F 334 -42.45 -29.08 -57.25
CA ASN F 334 -42.98 -27.98 -58.05
C ASN F 334 -43.96 -27.14 -57.22
N ASP F 335 -44.46 -26.02 -57.77
CA ASP F 335 -45.20 -25.06 -56.97
C ASP F 335 -46.71 -25.24 -57.11
N PRO F 336 -47.45 -25.36 -55.98
CA PRO F 336 -48.91 -25.48 -56.02
C PRO F 336 -49.64 -24.15 -56.21
N THR F 337 -50.99 -24.22 -56.30
CA THR F 337 -51.85 -23.05 -56.30
C THR F 337 -52.01 -22.51 -54.88
N VAL F 338 -52.29 -23.40 -53.91
CA VAL F 338 -52.30 -22.99 -52.51
C VAL F 338 -51.09 -23.56 -51.77
N GLY F 339 -50.51 -22.76 -50.87
CA GLY F 339 -49.54 -23.25 -49.91
C GLY F 339 -50.20 -23.93 -48.71
N LYS F 340 -49.53 -23.86 -47.55
CA LYS F 340 -50.03 -24.29 -46.26
C LYS F 340 -49.27 -23.57 -45.15
N CYS F 341 -49.94 -23.32 -44.03
CA CYS F 341 -49.32 -22.75 -42.86
C CYS F 341 -49.75 -23.59 -41.64
N ASN F 342 -50.36 -24.74 -41.94
CA ASN F 342 -51.23 -25.47 -41.01
C ASN F 342 -50.69 -26.88 -40.74
N ASP F 343 -50.29 -27.58 -41.80
CA ASP F 343 -49.94 -28.98 -41.61
C ASP F 343 -48.43 -29.15 -41.45
N PRO F 344 -47.94 -29.88 -40.41
CA PRO F 344 -46.66 -30.57 -40.46
C PRO F 344 -46.70 -31.52 -41.66
N TYR F 345 -46.67 -30.93 -42.87
CA TYR F 345 -47.23 -31.48 -44.10
C TYR F 345 -46.30 -32.51 -44.72
N PRO F 346 -46.83 -33.60 -45.31
CA PRO F 346 -46.01 -34.50 -46.15
C PRO F 346 -45.60 -33.87 -47.48
N GLY F 347 -44.56 -33.02 -47.46
CA GLY F 347 -44.17 -32.16 -48.58
C GLY F 347 -42.67 -32.08 -48.88
N ASN F 348 -41.95 -33.20 -48.67
CA ASN F 348 -40.68 -33.55 -49.30
C ASN F 348 -39.57 -33.74 -48.26
N ASN F 349 -39.27 -35.01 -47.95
CA ASN F 349 -38.69 -35.42 -46.68
C ASN F 349 -37.16 -35.46 -46.72
N ASN F 350 -36.57 -34.81 -45.70
CA ASN F 350 -35.33 -35.25 -45.07
C ASN F 350 -34.11 -34.48 -45.56
N ASN F 351 -34.31 -33.60 -46.55
CA ASN F 351 -33.19 -32.95 -47.21
C ASN F 351 -33.49 -31.49 -47.46
N GLY F 352 -32.45 -30.66 -47.42
CA GLY F 352 -32.68 -29.25 -47.64
C GLY F 352 -31.39 -28.48 -47.78
N VAL F 353 -31.53 -27.14 -47.78
CA VAL F 353 -30.42 -26.24 -48.03
C VAL F 353 -30.66 -24.88 -47.38
N LYS F 354 -29.58 -24.13 -47.17
CA LYS F 354 -29.65 -22.87 -46.45
C LYS F 354 -30.24 -21.83 -47.40
N GLY F 355 -31.25 -21.12 -46.92
CA GLY F 355 -31.78 -19.99 -47.64
C GLY F 355 -32.08 -18.81 -46.72
N PHE F 356 -32.73 -17.81 -47.30
CA PHE F 356 -33.12 -16.60 -46.58
C PHE F 356 -34.38 -16.07 -47.23
N SER F 357 -34.83 -14.92 -46.71
CA SER F 357 -35.94 -14.18 -47.28
C SER F 357 -36.11 -12.91 -46.48
N TYR F 358 -36.48 -11.83 -47.17
CA TYR F 358 -36.88 -10.62 -46.48
C TYR F 358 -38.41 -10.59 -46.48
N LEU F 359 -39.00 -10.39 -45.29
CA LEU F 359 -40.44 -10.49 -45.15
C LEU F 359 -40.91 -9.26 -44.38
N ASP F 360 -41.74 -8.44 -45.05
CA ASP F 360 -41.86 -7.04 -44.68
C ASP F 360 -43.11 -6.41 -45.28
N GLY F 361 -43.92 -7.26 -45.94
CA GLY F 361 -45.30 -6.90 -46.25
C GLY F 361 -45.46 -6.77 -47.77
N VAL F 362 -45.81 -5.56 -48.22
CA VAL F 362 -45.76 -5.24 -49.64
C VAL F 362 -44.37 -5.50 -50.22
N ASN F 363 -43.35 -5.34 -49.37
CA ASN F 363 -41.94 -5.34 -49.74
C ASN F 363 -41.36 -6.72 -49.51
N THR F 364 -42.16 -7.78 -49.70
CA THR F 364 -41.71 -9.11 -49.29
C THR F 364 -40.96 -9.82 -50.41
N TRP F 365 -39.65 -9.89 -50.26
CA TRP F 365 -38.86 -10.57 -51.26
C TRP F 365 -38.45 -11.97 -50.78
N LEU F 366 -38.12 -12.85 -51.71
CA LEU F 366 -37.91 -14.26 -51.41
C LEU F 366 -36.67 -14.75 -52.16
N GLY F 367 -36.12 -15.87 -51.72
CA GLY F 367 -34.97 -16.45 -52.42
C GLY F 367 -35.03 -17.96 -52.49
N ARG F 368 -34.75 -18.47 -53.70
CA ARG F 368 -34.55 -19.89 -53.92
C ARG F 368 -33.61 -20.10 -55.10
N THR F 369 -32.98 -21.28 -55.17
CA THR F 369 -32.38 -21.83 -56.38
C THR F 369 -33.44 -21.93 -57.49
N ILE F 370 -33.02 -22.27 -58.72
CA ILE F 370 -34.01 -22.39 -59.80
C ILE F 370 -34.52 -23.82 -59.85
N SER F 371 -33.57 -24.75 -60.04
CA SER F 371 -33.86 -26.16 -60.13
C SER F 371 -34.55 -26.64 -58.86
N ILE F 372 -35.64 -27.39 -59.00
CA ILE F 372 -36.31 -27.99 -57.86
C ILE F 372 -35.45 -29.14 -57.37
N ALA F 373 -34.52 -29.59 -58.22
CA ALA F 373 -33.81 -30.87 -58.11
C ALA F 373 -32.51 -30.72 -57.33
N SER F 374 -31.62 -29.82 -57.78
CA SER F 374 -30.27 -29.74 -57.25
C SER F 374 -29.99 -28.32 -56.79
N ARG F 375 -28.74 -28.07 -56.40
CA ARG F 375 -28.29 -26.73 -56.04
C ARG F 375 -27.70 -26.04 -57.27
N SER F 376 -28.48 -26.01 -58.36
CA SER F 376 -28.08 -25.22 -59.53
C SER F 376 -28.89 -23.94 -59.60
N GLY F 377 -28.20 -22.85 -59.98
CA GLY F 377 -28.82 -21.54 -60.24
C GLY F 377 -29.53 -20.95 -59.02
N TYR F 378 -29.96 -19.69 -59.15
CA TYR F 378 -30.50 -18.90 -58.06
C TYR F 378 -31.38 -17.76 -58.59
N GLU F 379 -32.43 -17.36 -57.81
CA GLU F 379 -33.32 -16.27 -58.22
C GLU F 379 -34.06 -15.70 -57.04
N MET F 380 -34.39 -14.39 -57.13
CA MET F 380 -35.24 -13.68 -56.17
C MET F 380 -36.63 -13.48 -56.76
N LEU F 381 -37.64 -13.42 -55.89
CA LEU F 381 -39.01 -13.18 -56.33
C LEU F 381 -39.67 -12.24 -55.33
N LYS F 382 -40.23 -11.14 -55.84
CA LYS F 382 -41.17 -10.33 -55.09
C LYS F 382 -42.46 -11.15 -54.97
N VAL F 383 -42.65 -11.70 -53.76
CA VAL F 383 -43.83 -12.48 -53.45
C VAL F 383 -44.44 -11.81 -52.22
N PRO F 384 -45.39 -10.89 -52.45
CA PRO F 384 -45.91 -10.02 -51.39
C PRO F 384 -46.66 -10.81 -50.31
N ASN F 385 -46.50 -10.38 -49.07
CA ASN F 385 -47.24 -10.96 -47.95
C ASN F 385 -47.15 -12.48 -47.91
N ALA F 386 -46.11 -13.06 -48.55
CA ALA F 386 -45.87 -14.49 -48.66
C ALA F 386 -46.22 -15.23 -47.37
N LEU F 387 -45.93 -14.60 -46.24
CA LEU F 387 -45.85 -15.23 -44.93
C LEU F 387 -47.24 -15.57 -44.39
N THR F 388 -48.23 -14.76 -44.77
CA THR F 388 -49.55 -14.71 -44.16
C THR F 388 -50.63 -14.90 -45.22
N ASP F 389 -50.25 -15.51 -46.35
CA ASP F 389 -51.14 -15.65 -47.48
C ASP F 389 -50.70 -16.85 -48.34
N ASP F 390 -51.55 -17.89 -48.33
CA ASP F 390 -51.25 -19.17 -48.95
C ASP F 390 -51.59 -19.14 -50.43
N LYS F 391 -51.77 -17.92 -50.97
CA LYS F 391 -52.13 -17.73 -52.36
C LYS F 391 -51.13 -16.81 -53.08
N SER F 392 -50.13 -16.32 -52.32
CA SER F 392 -49.13 -15.35 -52.77
C SER F 392 -48.23 -15.92 -53.86
N LYS F 393 -47.97 -15.11 -54.89
CA LYS F 393 -47.20 -15.54 -56.04
C LYS F 393 -46.43 -14.33 -56.59
N PRO F 394 -45.50 -14.52 -57.57
CA PRO F 394 -44.49 -13.51 -57.91
C PRO F 394 -45.08 -12.34 -58.69
N THR F 395 -44.66 -11.13 -58.31
CA THR F 395 -45.03 -9.87 -58.96
C THR F 395 -43.89 -9.37 -59.84
N GLN F 396 -42.69 -9.91 -59.61
CA GLN F 396 -41.44 -9.41 -60.19
C GLN F 396 -40.27 -10.21 -59.62
N GLY F 397 -39.26 -10.51 -60.46
CA GLY F 397 -38.04 -11.13 -59.95
C GLY F 397 -36.78 -10.68 -60.69
N GLN F 398 -35.63 -11.20 -60.22
CA GLN F 398 -34.34 -10.88 -60.82
C GLN F 398 -33.44 -12.11 -60.80
N THR F 399 -33.15 -12.66 -61.99
CA THR F 399 -32.26 -13.81 -62.12
C THR F 399 -30.89 -13.42 -61.59
N ILE F 400 -30.39 -14.23 -60.65
CA ILE F 400 -29.09 -14.00 -60.05
C ILE F 400 -28.06 -14.91 -60.73
N VAL F 401 -28.20 -16.22 -60.51
CA VAL F 401 -27.31 -17.23 -61.03
C VAL F 401 -28.11 -18.14 -61.97
N LEU F 402 -27.58 -18.38 -63.15
CA LEU F 402 -28.30 -19.14 -64.15
C LEU F 402 -28.42 -20.59 -63.68
N ASN F 403 -29.52 -21.23 -64.09
CA ASN F 403 -29.80 -22.59 -63.65
C ASN F 403 -28.79 -23.52 -64.30
N THR F 404 -27.88 -22.95 -65.12
CA THR F 404 -26.88 -23.70 -65.85
C THR F 404 -25.51 -23.51 -65.21
N ASP F 405 -25.48 -22.97 -63.99
CA ASP F 405 -24.27 -22.84 -63.20
C ASP F 405 -24.64 -23.15 -61.76
N TRP F 406 -23.62 -23.46 -60.94
CA TRP F 406 -23.87 -23.98 -59.61
C TRP F 406 -24.14 -22.84 -58.65
N SER F 407 -24.77 -23.14 -57.51
CA SER F 407 -25.19 -22.17 -56.51
C SER F 407 -24.98 -22.80 -55.13
N GLY F 408 -26.03 -22.93 -54.32
CA GLY F 408 -25.98 -23.58 -53.00
C GLY F 408 -26.59 -22.72 -51.88
N TYR F 409 -26.00 -22.84 -50.68
CA TYR F 409 -26.35 -22.09 -49.47
C TYR F 409 -26.50 -20.62 -49.81
N SER F 410 -27.46 -19.96 -49.14
CA SER F 410 -27.68 -18.53 -49.22
C SER F 410 -28.09 -18.03 -47.84
N GLY F 411 -28.16 -16.71 -47.64
CA GLY F 411 -28.40 -16.18 -46.32
C GLY F 411 -28.41 -14.65 -46.28
N SER F 412 -29.07 -14.11 -45.25
CA SER F 412 -29.27 -12.69 -45.15
C SER F 412 -28.08 -12.03 -44.47
N PHE F 413 -27.84 -10.75 -44.79
CA PHE F 413 -27.06 -9.90 -43.92
C PHE F 413 -27.39 -8.44 -44.19
N MET F 414 -27.09 -7.57 -43.21
CA MET F 414 -27.34 -6.16 -43.38
C MET F 414 -26.22 -5.34 -42.72
N ASP F 415 -25.86 -4.22 -43.38
CA ASP F 415 -24.83 -3.31 -42.90
C ASP F 415 -25.47 -2.27 -41.98
N TYR F 416 -25.68 -2.68 -40.73
CA TYR F 416 -26.53 -1.96 -39.80
C TYR F 416 -26.06 -0.52 -39.56
N TRP F 417 -24.84 -0.20 -40.01
CA TRP F 417 -24.22 1.10 -39.75
C TRP F 417 -24.23 2.02 -40.98
N ALA F 418 -24.55 1.48 -42.16
CA ALA F 418 -24.85 2.31 -43.31
C ALA F 418 -25.77 3.43 -42.84
N GLU F 419 -25.33 4.68 -43.01
CA GLU F 419 -26.12 5.85 -42.65
C GLU F 419 -27.36 5.95 -43.55
N GLY F 420 -28.53 6.24 -42.94
CA GLY F 420 -29.72 6.47 -43.74
C GLY F 420 -31.04 6.44 -42.96
N GLU F 421 -32.12 6.27 -43.72
CA GLU F 421 -33.48 6.13 -43.22
C GLU F 421 -33.79 4.65 -43.03
N CYS F 422 -33.02 3.77 -43.70
CA CYS F 422 -33.43 2.37 -43.79
C CYS F 422 -32.25 1.46 -44.06
N TYR F 423 -32.40 0.16 -43.71
CA TYR F 423 -31.38 -0.87 -43.85
C TYR F 423 -31.52 -1.60 -45.18
N ARG F 424 -30.53 -1.40 -46.06
CA ARG F 424 -30.54 -1.92 -47.41
C ARG F 424 -30.27 -3.42 -47.34
N ALA F 425 -31.37 -4.17 -47.37
CA ALA F 425 -31.37 -5.62 -47.38
C ALA F 425 -30.29 -6.10 -48.35
N CYS F 426 -29.47 -7.07 -47.91
CA CYS F 426 -28.44 -7.70 -48.74
C CYS F 426 -28.46 -9.19 -48.41
N PHE F 427 -28.02 -10.00 -49.36
CA PHE F 427 -27.71 -11.40 -49.09
C PHE F 427 -26.46 -11.76 -49.88
N TYR F 428 -25.83 -12.86 -49.48
CA TYR F 428 -24.79 -13.53 -50.24
C TYR F 428 -25.31 -14.89 -50.70
N VAL F 429 -24.90 -15.27 -51.92
CA VAL F 429 -25.03 -16.63 -52.41
C VAL F 429 -23.66 -17.30 -52.45
N GLU F 430 -23.61 -18.55 -51.95
CA GLU F 430 -22.47 -19.46 -52.03
C GLU F 430 -22.55 -20.21 -53.36
N LEU F 431 -21.42 -20.24 -54.10
CA LEU F 431 -21.34 -20.95 -55.37
C LEU F 431 -20.44 -22.19 -55.20
N ILE F 432 -21.08 -23.35 -55.02
CA ILE F 432 -20.36 -24.62 -54.80
C ILE F 432 -19.80 -25.10 -56.13
N ARG F 433 -18.51 -25.41 -56.11
CA ARG F 433 -17.83 -26.16 -57.17
C ARG F 433 -17.23 -27.40 -56.50
N GLY F 434 -16.99 -28.47 -57.26
CA GLY F 434 -16.34 -29.62 -56.67
C GLY F 434 -17.31 -30.79 -56.46
N ARG F 435 -17.16 -31.50 -55.33
CA ARG F 435 -17.90 -32.73 -55.09
C ARG F 435 -19.25 -32.39 -54.45
N PRO F 436 -20.30 -33.21 -54.70
CA PRO F 436 -20.28 -34.38 -55.58
C PRO F 436 -20.70 -34.10 -57.02
N LYS F 437 -21.21 -32.87 -57.23
CA LYS F 437 -21.81 -32.46 -58.48
C LYS F 437 -20.74 -32.38 -59.56
N GLU F 438 -19.50 -32.42 -59.09
CA GLU F 438 -18.30 -32.46 -59.91
C GLU F 438 -17.31 -33.35 -59.16
N ASP F 439 -17.21 -34.61 -59.59
CA ASP F 439 -16.35 -35.57 -58.91
C ASP F 439 -15.21 -35.95 -59.84
N LYS F 440 -15.06 -35.19 -60.93
CA LYS F 440 -13.85 -35.21 -61.73
C LYS F 440 -12.69 -34.69 -60.88
N VAL F 441 -13.02 -33.81 -59.92
CA VAL F 441 -12.04 -33.31 -58.96
C VAL F 441 -12.35 -33.92 -57.59
N TRP F 442 -11.31 -33.97 -56.73
CA TRP F 442 -11.35 -34.59 -55.41
C TRP F 442 -11.74 -33.62 -54.30
N TRP F 443 -11.82 -32.32 -54.62
CA TRP F 443 -12.16 -31.31 -53.63
C TRP F 443 -13.56 -30.78 -53.90
N THR F 444 -14.14 -30.18 -52.86
CA THR F 444 -15.25 -29.27 -52.95
C THR F 444 -14.77 -27.94 -52.37
N SER F 445 -14.95 -26.86 -53.14
CA SER F 445 -14.83 -25.53 -52.59
C SER F 445 -16.12 -24.76 -52.86
N ASN F 446 -16.05 -23.44 -52.72
CA ASN F 446 -17.13 -22.54 -53.12
C ASN F 446 -16.50 -21.18 -53.41
N SER F 447 -17.06 -20.46 -54.39
CA SER F 447 -16.82 -19.03 -54.46
C SER F 447 -17.95 -18.34 -53.71
N ILE F 448 -18.06 -17.01 -53.91
CA ILE F 448 -19.05 -16.13 -53.29
C ILE F 448 -19.52 -15.09 -54.31
N VAL F 449 -20.84 -14.87 -54.37
CA VAL F 449 -21.47 -13.65 -54.89
C VAL F 449 -22.45 -13.11 -53.84
N SER F 450 -22.65 -11.77 -53.88
CA SER F 450 -23.32 -10.98 -52.85
C SER F 450 -23.95 -9.76 -53.52
N MET F 451 -25.13 -9.31 -53.05
CA MET F 451 -25.76 -8.12 -53.62
C MET F 451 -26.65 -7.41 -52.60
N CYS F 452 -26.86 -6.09 -52.78
CA CYS F 452 -27.80 -5.35 -51.94
C CYS F 452 -28.81 -4.63 -52.81
N SER F 453 -29.93 -4.25 -52.19
CA SER F 453 -31.11 -3.73 -52.88
C SER F 453 -30.88 -2.29 -53.32
N SER F 454 -31.55 -1.96 -54.44
CA SER F 454 -31.65 -0.64 -55.04
C SER F 454 -33.11 -0.23 -55.02
N THR F 455 -33.42 0.95 -54.47
CA THR F 455 -34.75 1.53 -54.60
C THR F 455 -35.05 1.79 -56.07
N GLU F 456 -34.13 1.39 -56.96
CA GLU F 456 -34.25 1.59 -58.39
C GLU F 456 -34.69 0.29 -59.06
N PHE F 457 -35.12 0.40 -60.33
CA PHE F 457 -35.45 -0.75 -61.14
C PHE F 457 -34.27 -1.05 -62.05
N LEU F 458 -33.18 -1.42 -61.40
CA LEU F 458 -31.91 -1.79 -61.99
C LEU F 458 -32.02 -3.05 -62.84
N GLY F 459 -31.36 -3.00 -64.02
CA GLY F 459 -31.19 -4.16 -64.88
C GLY F 459 -30.41 -5.25 -64.15
N GLN F 460 -30.42 -6.47 -64.72
CA GLN F 460 -29.97 -7.66 -64.02
C GLN F 460 -28.88 -8.36 -64.83
N TRP F 461 -27.86 -8.89 -64.13
CA TRP F 461 -26.88 -9.75 -64.79
C TRP F 461 -26.85 -11.12 -64.13
N ASP F 462 -26.08 -12.00 -64.76
CA ASP F 462 -25.91 -13.39 -64.38
C ASP F 462 -24.48 -13.56 -63.87
N TRP F 463 -24.36 -13.93 -62.59
CA TRP F 463 -23.11 -13.98 -61.84
C TRP F 463 -22.73 -15.42 -61.52
N PRO F 464 -21.94 -16.11 -62.38
CA PRO F 464 -21.38 -17.42 -62.00
C PRO F 464 -20.08 -17.29 -61.23
N ASP F 465 -19.68 -18.39 -60.58
CA ASP F 465 -18.37 -18.53 -59.96
C ASP F 465 -17.29 -18.21 -61.00
N GLY F 466 -17.42 -18.82 -62.17
CA GLY F 466 -16.60 -18.51 -63.33
C GLY F 466 -15.56 -19.61 -63.59
N ALA F 467 -15.37 -20.50 -62.60
CA ALA F 467 -14.34 -21.50 -62.70
C ALA F 467 -14.68 -22.49 -63.82
N LYS F 468 -13.67 -22.80 -64.65
CA LYS F 468 -13.73 -23.88 -65.63
C LYS F 468 -13.02 -25.08 -65.03
N ILE F 469 -13.79 -26.08 -64.59
CA ILE F 469 -13.33 -27.19 -63.77
C ILE F 469 -12.20 -27.96 -64.45
N GLU F 470 -12.18 -27.97 -65.80
CA GLU F 470 -11.18 -28.70 -66.57
C GLU F 470 -9.79 -28.40 -65.99
N TYR F 471 -9.43 -27.11 -66.05
CA TYR F 471 -8.17 -26.53 -65.60
C TYR F 471 -7.61 -27.21 -64.35
N PHE F 472 -8.47 -27.89 -63.59
CA PHE F 472 -8.07 -28.48 -62.32
C PHE F 472 -7.75 -29.94 -62.53
N LEU F 473 -8.40 -30.56 -63.52
CA LEU F 473 -8.09 -31.92 -63.89
C LEU F 473 -6.55 -32.04 -63.89
N ILE G 39 -18.33 70.45 8.59
CA ILE G 39 -18.54 69.19 9.36
C ILE G 39 -19.51 68.31 8.58
N ASN G 40 -20.48 68.96 7.92
CA ASN G 40 -21.61 68.24 7.33
C ASN G 40 -21.29 67.82 5.91
N GLU G 41 -20.69 68.74 5.13
CA GLU G 41 -20.47 68.55 3.70
C GLU G 41 -19.05 68.03 3.44
N THR G 42 -18.22 68.06 4.48
CA THR G 42 -16.87 67.52 4.45
C THR G 42 -16.97 66.02 4.18
N ALA G 43 -17.92 65.39 4.89
CA ALA G 43 -18.15 63.95 4.88
C ALA G 43 -18.72 63.48 3.54
N ASP G 44 -19.60 64.30 2.96
CA ASP G 44 -20.12 64.11 1.62
C ASP G 44 -18.94 64.00 0.65
N ASP G 45 -17.90 64.77 0.95
CA ASP G 45 -16.73 64.89 0.08
C ASP G 45 -15.82 63.67 0.26
N ILE G 46 -15.75 63.13 1.47
CA ILE G 46 -14.85 62.02 1.78
C ILE G 46 -15.47 60.71 1.30
N VAL G 47 -16.77 60.77 0.96
CA VAL G 47 -17.51 59.65 0.40
C VAL G 47 -17.27 59.59 -1.11
N TYR G 48 -17.54 60.69 -1.81
CA TYR G 48 -17.37 60.69 -3.26
C TYR G 48 -15.97 60.20 -3.61
N ARG G 49 -14.97 60.84 -2.99
CA ARG G 49 -13.56 60.70 -3.32
C ARG G 49 -13.14 59.23 -3.24
N LEU G 50 -13.51 58.57 -2.14
CA LEU G 50 -13.16 57.16 -1.96
C LEU G 50 -14.30 56.25 -2.43
N THR G 51 -15.15 56.74 -3.35
CA THR G 51 -15.98 55.91 -4.21
C THR G 51 -15.38 55.87 -5.62
N VAL G 52 -15.07 57.07 -6.16
CA VAL G 52 -14.52 57.18 -7.50
C VAL G 52 -13.42 56.16 -7.70
N ILE G 53 -12.61 55.95 -6.65
CA ILE G 53 -11.48 55.02 -6.65
C ILE G 53 -11.98 53.58 -6.85
N ILE G 54 -12.83 53.10 -5.92
CA ILE G 54 -13.20 51.69 -5.87
C ILE G 54 -14.19 51.33 -6.97
N ASP G 55 -14.82 52.34 -7.60
CA ASP G 55 -15.61 52.10 -8.81
C ASP G 55 -14.67 51.84 -9.97
N ASP G 56 -13.56 52.61 -10.03
CA ASP G 56 -12.57 52.51 -11.08
C ASP G 56 -11.87 51.15 -11.00
N ARG G 57 -11.57 50.72 -9.76
CA ARG G 57 -10.77 49.53 -9.48
C ARG G 57 -11.58 48.26 -9.70
N TYR G 58 -12.85 48.31 -9.26
CA TYR G 58 -13.84 47.34 -9.65
C TYR G 58 -13.76 47.15 -11.16
N GLU G 59 -14.01 48.25 -11.91
CA GLU G 59 -14.12 48.21 -13.36
C GLU G 59 -13.02 47.36 -13.96
N SER G 60 -11.80 47.57 -13.48
CA SER G 60 -10.60 46.98 -14.06
C SER G 60 -10.46 45.51 -13.65
N LEU G 61 -11.00 45.15 -12.47
CA LEU G 61 -11.08 43.77 -12.02
C LEU G 61 -12.08 43.01 -12.88
N LYS G 62 -13.27 43.60 -13.04
CA LYS G 62 -14.27 43.23 -14.03
C LYS G 62 -13.62 43.14 -15.41
N ASN G 63 -12.85 44.17 -15.79
CA ASN G 63 -12.29 44.27 -17.13
C ASN G 63 -11.19 43.23 -17.35
N LEU G 64 -10.50 42.81 -16.28
CA LEU G 64 -9.40 41.87 -16.42
C LEU G 64 -9.86 40.42 -16.19
N ILE G 65 -10.80 40.20 -15.25
CA ILE G 65 -11.39 38.88 -15.09
C ILE G 65 -11.95 38.42 -16.42
N THR G 66 -12.86 39.21 -16.99
CA THR G 66 -13.51 38.85 -18.24
C THR G 66 -12.49 38.72 -19.36
N LEU G 67 -11.51 39.64 -19.39
CA LEU G 67 -10.48 39.67 -20.42
C LEU G 67 -9.86 38.28 -20.64
N ARG G 68 -9.37 37.66 -19.56
CA ARG G 68 -8.59 36.42 -19.68
C ARG G 68 -9.50 35.20 -19.71
N ALA G 69 -10.69 35.33 -19.15
CA ALA G 69 -11.69 34.29 -19.18
C ALA G 69 -12.10 34.03 -20.64
N ASP G 70 -12.23 35.12 -21.39
CA ASP G 70 -12.60 35.11 -22.80
C ASP G 70 -11.46 34.49 -23.60
N ARG G 71 -10.25 34.60 -23.05
CA ARG G 71 -9.03 34.23 -23.75
C ARG G 71 -8.90 32.71 -23.66
N LEU G 72 -9.29 32.15 -22.50
CA LEU G 72 -9.22 30.72 -22.24
C LEU G 72 -10.29 29.98 -23.03
N GLU G 73 -11.51 30.53 -23.04
CA GLU G 73 -12.59 30.00 -23.86
C GLU G 73 -12.06 29.76 -25.28
N MET G 74 -11.30 30.72 -25.80
CA MET G 74 -10.79 30.66 -27.16
C MET G 74 -9.72 29.58 -27.27
N ILE G 75 -8.77 29.59 -26.34
CA ILE G 75 -7.65 28.66 -26.32
C ILE G 75 -8.16 27.23 -26.32
N ILE G 76 -9.00 26.90 -25.33
CA ILE G 76 -9.52 25.56 -25.10
C ILE G 76 -10.30 25.07 -26.32
N ASN G 77 -11.15 25.96 -26.84
CA ASN G 77 -12.09 25.63 -27.89
C ASN G 77 -11.34 25.42 -29.19
N ASP G 78 -10.38 26.31 -29.45
CA ASP G 78 -9.61 26.32 -30.67
C ASP G 78 -8.63 25.16 -30.65
N ASN G 79 -8.17 24.79 -29.44
CA ASN G 79 -7.40 23.56 -29.31
C ASN G 79 -8.34 22.36 -29.54
N VAL G 80 -9.44 22.24 -28.78
CA VAL G 80 -10.35 21.12 -28.93
C VAL G 80 -10.62 20.82 -30.40
N SER G 81 -10.85 21.88 -31.18
CA SER G 81 -11.14 21.76 -32.60
C SER G 81 -10.00 21.01 -33.30
N THR G 82 -8.77 21.51 -33.09
CA THR G 82 -7.57 21.00 -33.75
C THR G 82 -7.34 19.54 -33.35
N ILE G 83 -8.14 19.09 -32.35
CA ILE G 83 -8.12 17.74 -31.84
C ILE G 83 -9.05 16.82 -32.64
N LEU G 84 -9.69 17.34 -33.71
CA LEU G 84 -10.52 16.50 -34.58
C LEU G 84 -10.36 16.89 -36.06
N ALA G 85 -11.47 17.10 -36.78
CA ALA G 85 -11.51 17.87 -38.03
C ALA G 85 -11.80 17.00 -39.25
N ARG G 86 -11.53 17.54 -40.44
CA ARG G 86 -11.60 16.86 -41.74
C ARG G 86 -12.55 17.59 -42.69
N ASP G 87 -12.02 18.04 -43.84
CA ASP G 87 -12.75 18.92 -44.74
C ASP G 87 -12.36 18.65 -46.19
N PHE G 88 -13.29 18.91 -47.11
CA PHE G 88 -13.15 18.66 -48.53
C PHE G 88 -11.99 19.47 -49.13
N ASN G 89 -11.48 19.02 -50.28
CA ASN G 89 -10.47 19.79 -50.98
C ASN G 89 -11.11 20.72 -52.00
N ASN G 90 -10.50 21.90 -52.13
CA ASN G 90 -10.86 22.89 -53.12
C ASN G 90 -9.66 23.13 -54.00
N LEU G 91 -9.92 23.23 -55.31
CA LEU G 91 -8.96 23.49 -56.35
C LEU G 91 -8.51 24.95 -56.27
N THR G 92 -7.88 25.30 -55.13
CA THR G 92 -7.36 26.62 -54.81
C THR G 92 -6.04 26.89 -55.52
N LYS G 93 -5.51 25.94 -56.31
CA LYS G 93 -4.11 26.07 -56.69
C LYS G 93 -3.94 25.93 -58.20
N GLY G 94 -2.85 26.54 -58.69
CA GLY G 94 -2.47 26.46 -60.09
C GLY G 94 -1.56 25.26 -60.32
N LEU G 95 -1.32 24.97 -61.60
CA LEU G 95 -0.40 23.92 -62.01
C LEU G 95 1.01 24.48 -61.96
N CYS G 96 1.99 23.64 -61.59
CA CYS G 96 3.39 24.07 -61.61
C CYS G 96 3.97 24.01 -63.02
N THR G 97 5.01 24.81 -63.24
CA THR G 97 5.68 24.90 -64.53
C THR G 97 6.16 23.49 -64.94
N ILE G 98 5.55 22.94 -65.99
CA ILE G 98 6.06 21.73 -66.59
C ILE G 98 7.29 22.05 -67.42
N ASN G 99 8.45 21.88 -66.77
CA ASN G 99 9.71 22.05 -67.47
C ASN G 99 10.10 20.70 -68.09
N SER G 100 9.88 19.62 -67.32
CA SER G 100 9.96 18.24 -67.81
C SER G 100 9.22 17.24 -66.89
N TRP G 101 9.59 15.96 -66.97
CA TRP G 101 8.83 14.96 -66.21
C TRP G 101 9.77 14.03 -65.46
N HIS G 102 9.46 13.78 -64.19
CA HIS G 102 10.26 12.83 -63.44
C HIS G 102 9.48 11.55 -63.20
N ILE G 103 10.18 10.43 -63.31
CA ILE G 103 9.66 9.13 -62.94
C ILE G 103 9.09 9.23 -61.53
N TYR G 104 7.86 8.74 -61.40
CA TYR G 104 7.08 8.79 -60.17
C TYR G 104 6.83 7.37 -59.69
N GLY G 105 6.56 6.46 -60.63
CA GLY G 105 6.19 5.10 -60.27
C GLY G 105 6.34 4.10 -61.41
N LYS G 106 6.71 2.86 -61.04
CA LYS G 106 6.73 1.68 -61.91
C LYS G 106 6.44 0.44 -61.06
N ASP G 107 5.60 -0.45 -61.63
CA ASP G 107 5.12 -1.62 -60.90
C ASP G 107 5.62 -2.90 -61.50
N ASN G 108 6.01 -2.85 -62.78
CA ASN G 108 6.70 -3.95 -63.46
C ASN G 108 5.87 -5.24 -63.38
N ALA G 109 4.53 -5.09 -63.35
CA ALA G 109 3.60 -6.07 -62.84
C ALA G 109 3.65 -7.42 -63.56
N VAL G 110 4.09 -7.39 -64.82
CA VAL G 110 4.15 -8.56 -65.66
C VAL G 110 5.60 -9.04 -65.69
N ARG G 111 6.55 -8.13 -65.43
CA ARG G 111 7.87 -8.59 -65.05
C ARG G 111 7.68 -9.57 -63.91
N ILE G 112 7.20 -9.04 -62.77
CA ILE G 112 7.07 -9.74 -61.49
C ILE G 112 6.00 -10.84 -61.60
N GLY G 113 5.14 -10.74 -62.63
CA GLY G 113 3.95 -11.57 -62.74
C GLY G 113 4.29 -12.98 -63.19
N GLU G 114 5.56 -13.15 -63.58
CA GLU G 114 6.03 -14.34 -64.27
C GLU G 114 6.36 -15.42 -63.25
N ASP G 115 6.67 -15.05 -62.00
CA ASP G 115 6.82 -16.07 -60.97
C ASP G 115 6.18 -15.63 -59.65
N SER G 116 5.01 -15.00 -59.76
CA SER G 116 4.33 -14.47 -58.59
C SER G 116 2.84 -14.39 -58.89
N ASP G 117 2.03 -14.41 -57.83
CA ASP G 117 0.58 -14.42 -57.96
C ASP G 117 0.03 -13.01 -58.23
N VAL G 118 0.01 -12.61 -59.49
CA VAL G 118 -0.42 -11.25 -59.84
C VAL G 118 -1.67 -11.39 -60.70
N LEU G 119 -2.71 -10.57 -60.41
CA LEU G 119 -3.99 -10.61 -61.09
C LEU G 119 -3.84 -10.01 -62.48
N VAL G 120 -4.73 -10.39 -63.40
CA VAL G 120 -4.75 -9.84 -64.73
C VAL G 120 -5.55 -8.54 -64.67
N THR G 121 -4.92 -7.44 -65.11
CA THR G 121 -5.56 -6.14 -65.13
C THR G 121 -5.57 -5.60 -66.55
N ARG G 122 -6.36 -4.54 -66.75
CA ARG G 122 -6.20 -3.52 -67.78
C ARG G 122 -6.81 -2.21 -67.29
N GLU G 123 -6.92 -1.23 -68.19
CA GLU G 123 -7.60 0.03 -67.92
C GLU G 123 -7.17 0.53 -66.55
N PRO G 124 -5.86 0.67 -66.28
CA PRO G 124 -5.39 1.19 -64.99
C PRO G 124 -5.54 2.70 -64.92
N TYR G 125 -5.02 3.23 -63.81
CA TYR G 125 -4.93 4.64 -63.48
C TYR G 125 -4.25 4.75 -62.11
N VAL G 126 -4.24 5.95 -61.52
CA VAL G 126 -3.62 6.24 -60.24
C VAL G 126 -4.51 7.27 -59.54
N SER G 127 -4.58 7.26 -58.20
CA SER G 127 -5.37 8.26 -57.49
C SER G 127 -5.04 8.25 -56.00
N CYS G 128 -5.10 9.45 -55.42
CA CYS G 128 -4.45 9.73 -54.16
C CYS G 128 -5.49 9.99 -53.07
N ASP G 129 -5.15 9.56 -51.86
CA ASP G 129 -5.89 9.99 -50.69
C ASP G 129 -5.08 11.14 -50.10
N PRO G 130 -5.60 11.86 -49.08
CA PRO G 130 -4.79 12.82 -48.34
C PRO G 130 -3.44 12.21 -48.00
N ASP G 131 -3.46 11.04 -47.35
CA ASP G 131 -2.32 10.48 -46.63
C ASP G 131 -1.55 9.43 -47.44
N GLU G 132 -1.95 9.15 -48.70
CA GLU G 132 -1.32 8.07 -49.46
C GLU G 132 -1.89 8.01 -50.89
N CYS G 133 -1.02 7.86 -51.90
CA CYS G 133 -1.41 7.62 -53.28
C CYS G 133 -1.39 6.10 -53.56
N ARG G 134 -2.15 5.65 -54.58
CA ARG G 134 -2.26 4.23 -54.88
C ARG G 134 -2.52 3.98 -56.36
N PHE G 135 -2.11 2.79 -56.81
CA PHE G 135 -2.33 2.31 -58.17
C PHE G 135 -3.70 1.62 -58.20
N TYR G 136 -4.42 1.84 -59.32
CA TYR G 136 -5.78 1.39 -59.58
C TYR G 136 -5.81 0.73 -60.95
N ALA G 137 -6.80 -0.15 -61.17
CA ALA G 137 -7.05 -0.77 -62.47
C ALA G 137 -8.28 -1.68 -62.38
N LEU G 138 -8.68 -2.24 -63.54
CA LEU G 138 -9.72 -3.24 -63.61
C LEU G 138 -9.07 -4.64 -63.64
N SER G 139 -9.41 -5.43 -62.61
CA SER G 139 -8.97 -6.80 -62.52
C SER G 139 -9.78 -7.63 -63.51
N GLN G 140 -9.25 -8.80 -63.87
CA GLN G 140 -10.00 -9.80 -64.61
C GLN G 140 -10.01 -11.11 -63.81
N GLY G 141 -9.90 -10.99 -62.47
CA GLY G 141 -10.13 -12.00 -61.44
C GLY G 141 -9.53 -13.37 -61.76
N THR G 142 -8.33 -13.38 -62.35
CA THR G 142 -7.47 -14.55 -62.49
C THR G 142 -6.04 -14.02 -62.44
N THR G 143 -5.02 -14.89 -62.31
CA THR G 143 -3.64 -14.44 -62.45
C THR G 143 -3.27 -14.45 -63.92
N ILE G 144 -2.07 -13.93 -64.24
CA ILE G 144 -1.49 -14.08 -65.56
C ILE G 144 -1.11 -15.54 -65.72
N ARG G 145 -0.40 -16.05 -64.69
CA ARG G 145 0.12 -17.40 -64.68
C ARG G 145 -1.03 -18.38 -64.90
N GLY G 146 -1.81 -18.67 -63.84
CA GLY G 146 -3.09 -19.37 -63.87
C GLY G 146 -3.71 -19.54 -65.27
N LYS G 147 -4.30 -20.74 -65.47
CA LYS G 147 -4.89 -21.13 -66.74
C LYS G 147 -6.08 -20.25 -67.13
N HIS G 148 -6.82 -19.72 -66.14
CA HIS G 148 -7.93 -18.81 -66.37
C HIS G 148 -7.53 -17.52 -67.09
N SER G 149 -6.23 -17.24 -67.26
CA SER G 149 -5.82 -15.95 -67.83
C SER G 149 -6.17 -15.92 -69.32
N ASN G 150 -6.84 -16.98 -69.75
CA ASN G 150 -7.25 -17.17 -71.12
C ASN G 150 -8.54 -16.41 -71.41
N GLY G 151 -8.56 -15.69 -72.53
CA GLY G 151 -9.72 -14.91 -72.96
C GLY G 151 -9.74 -13.52 -72.33
N THR G 152 -8.65 -13.17 -71.65
CA THR G 152 -8.56 -11.92 -70.92
C THR G 152 -8.41 -10.72 -71.87
N ILE G 153 -8.62 -10.92 -73.18
CA ILE G 153 -8.68 -9.79 -74.09
C ILE G 153 -10.05 -9.14 -74.02
N HIS G 154 -10.98 -9.81 -73.32
CA HIS G 154 -12.39 -9.44 -73.27
C HIS G 154 -12.65 -8.57 -72.04
N ASP G 155 -13.12 -7.34 -72.29
CA ASP G 155 -13.14 -6.26 -71.30
C ASP G 155 -14.36 -6.36 -70.41
N ARG G 156 -15.20 -7.38 -70.65
CA ARG G 156 -16.54 -7.40 -70.10
C ARG G 156 -16.90 -8.78 -69.56
N SER G 157 -16.93 -8.88 -68.23
CA SER G 157 -17.09 -10.15 -67.55
C SER G 157 -17.51 -9.92 -66.09
N GLN G 158 -18.42 -10.79 -65.62
CA GLN G 158 -18.84 -10.83 -64.24
C GLN G 158 -17.63 -11.00 -63.33
N TYR G 159 -16.47 -11.23 -63.97
CA TYR G 159 -15.27 -11.67 -63.29
C TYR G 159 -14.33 -10.53 -62.97
N ARG G 160 -14.60 -9.35 -63.56
CA ARG G 160 -13.72 -8.18 -63.51
C ARG G 160 -14.12 -7.26 -62.37
N ALA G 161 -13.14 -6.59 -61.78
CA ALA G 161 -13.48 -5.71 -60.66
C ALA G 161 -12.40 -4.65 -60.44
N LEU G 162 -12.85 -3.45 -60.01
CA LEU G 162 -11.97 -2.33 -59.77
C LEU G 162 -11.18 -2.57 -58.49
N ILE G 163 -9.86 -2.59 -58.65
CA ILE G 163 -8.99 -2.80 -57.50
C ILE G 163 -8.20 -1.54 -57.22
N SER G 164 -7.42 -1.60 -56.13
CA SER G 164 -6.34 -0.67 -55.81
C SER G 164 -5.31 -1.42 -54.99
N TRP G 165 -4.06 -1.42 -55.47
CA TRP G 165 -2.92 -1.82 -54.66
C TRP G 165 -1.99 -0.63 -54.38
N PRO G 166 -1.13 -0.70 -53.34
CA PRO G 166 -0.19 0.38 -53.00
C PRO G 166 0.76 0.82 -54.12
N LEU G 167 1.39 2.00 -53.98
CA LEU G 167 2.10 2.62 -55.10
C LEU G 167 3.26 1.74 -55.54
N SER G 168 3.38 1.61 -56.87
CA SER G 168 4.45 0.90 -57.53
C SER G 168 4.43 -0.56 -57.14
N SER G 169 3.40 -0.91 -56.38
CA SER G 169 3.23 -2.31 -56.07
C SER G 169 2.73 -3.02 -57.31
N PRO G 170 2.72 -4.36 -57.31
CA PRO G 170 2.03 -5.10 -58.37
C PRO G 170 0.63 -5.46 -57.90
N PRO G 171 -0.34 -5.57 -58.86
CA PRO G 171 -1.68 -6.07 -58.55
C PRO G 171 -1.57 -7.57 -58.28
N THR G 172 -1.35 -7.89 -57.00
CA THR G 172 -1.23 -9.25 -56.51
C THR G 172 -2.52 -9.67 -55.84
N VAL G 173 -2.82 -10.98 -55.92
CA VAL G 173 -3.96 -11.56 -55.24
C VAL G 173 -4.05 -11.00 -53.82
N TYR G 174 -2.87 -10.81 -53.20
CA TYR G 174 -2.78 -10.76 -51.75
C TYR G 174 -2.57 -9.34 -51.30
N ASN G 175 -2.49 -8.36 -52.22
CA ASN G 175 -2.27 -6.97 -51.82
C ASN G 175 -3.26 -5.98 -52.44
N SER G 176 -4.03 -6.41 -53.44
CA SER G 176 -5.04 -5.57 -54.06
C SER G 176 -6.26 -5.43 -53.15
N ARG G 177 -6.80 -4.20 -53.05
CA ARG G 177 -8.12 -3.96 -52.48
C ARG G 177 -9.14 -3.87 -53.63
N VAL G 178 -10.30 -4.54 -53.51
CA VAL G 178 -11.32 -4.40 -54.54
C VAL G 178 -12.26 -3.31 -54.08
N GLU G 179 -12.32 -2.21 -54.85
CA GLU G 179 -13.08 -1.06 -54.42
C GLU G 179 -14.57 -1.26 -54.70
N CYS G 180 -14.91 -2.17 -55.64
CA CYS G 180 -16.26 -2.56 -56.08
C CYS G 180 -16.20 -3.51 -57.28
N ILE G 181 -17.33 -4.22 -57.54
CA ILE G 181 -17.41 -5.14 -58.66
C ILE G 181 -17.93 -4.41 -59.91
N GLY G 182 -17.10 -4.41 -60.97
CA GLY G 182 -17.57 -4.06 -62.29
C GLY G 182 -16.44 -4.06 -63.33
N TRP G 183 -16.78 -3.70 -64.60
CA TRP G 183 -15.88 -3.76 -65.75
C TRP G 183 -15.61 -2.39 -66.39
N SER G 184 -16.14 -1.30 -65.82
CA SER G 184 -15.83 0.06 -66.24
C SER G 184 -15.88 0.92 -64.97
N SER G 185 -15.05 1.97 -64.86
CA SER G 185 -14.96 2.57 -63.53
C SER G 185 -14.30 3.96 -63.49
N THR G 186 -14.55 4.66 -62.38
CA THR G 186 -13.77 5.76 -61.89
C THR G 186 -13.61 5.68 -60.37
N SER G 187 -12.67 6.47 -59.83
CA SER G 187 -12.58 6.76 -58.42
C SER G 187 -11.90 8.12 -58.21
N CYS G 188 -12.12 8.75 -57.03
CA CYS G 188 -11.56 10.05 -56.65
C CYS G 188 -11.84 10.37 -55.19
N HIS G 189 -10.91 11.08 -54.56
CA HIS G 189 -11.08 11.46 -53.17
C HIS G 189 -11.48 12.94 -53.07
N ASP G 190 -12.45 13.21 -52.18
CA ASP G 190 -13.12 14.49 -52.13
C ASP G 190 -12.45 15.30 -51.03
N GLY G 191 -11.44 14.71 -50.38
CA GLY G 191 -10.71 15.30 -49.26
C GLY G 191 -11.09 14.66 -47.93
N LYS G 192 -12.34 14.19 -47.86
CA LYS G 192 -12.92 13.68 -46.63
C LYS G 192 -12.82 12.16 -46.64
N THR G 193 -13.05 11.58 -47.82
CA THR G 193 -13.04 10.15 -48.10
C THR G 193 -13.08 10.00 -49.63
N ARG G 194 -13.34 8.78 -50.11
CA ARG G 194 -13.24 8.49 -51.53
C ARG G 194 -14.58 8.00 -52.02
N MET G 195 -14.73 8.07 -53.34
CA MET G 195 -15.90 7.57 -54.02
C MET G 195 -15.39 6.64 -55.11
N SER G 196 -16.12 5.56 -55.33
CA SER G 196 -15.82 4.71 -56.46
C SER G 196 -17.13 4.43 -57.16
N ILE G 197 -17.03 4.34 -58.48
CA ILE G 197 -18.12 3.96 -59.35
C ILE G 197 -17.65 2.71 -60.06
N CYS G 198 -18.52 1.70 -60.07
CA CYS G 198 -18.32 0.51 -60.88
C CYS G 198 -19.58 0.23 -61.72
N ILE G 199 -19.37 -0.12 -63.00
CA ILE G 199 -20.47 -0.48 -63.88
C ILE G 199 -20.33 -1.95 -64.27
N SER G 200 -21.45 -2.69 -64.11
CA SER G 200 -21.59 -4.10 -64.42
C SER G 200 -22.76 -4.32 -65.34
N GLY G 201 -22.77 -5.44 -66.06
CA GLY G 201 -23.98 -5.87 -66.73
C GLY G 201 -23.73 -6.42 -68.13
N PRO G 202 -24.83 -6.77 -68.82
CA PRO G 202 -24.79 -7.06 -70.26
C PRO G 202 -24.94 -5.74 -70.98
N ASN G 203 -24.70 -5.78 -72.28
CA ASN G 203 -24.54 -4.52 -73.00
C ASN G 203 -25.80 -3.67 -72.79
N ASN G 204 -26.97 -4.32 -72.91
CA ASN G 204 -28.27 -3.66 -73.01
C ASN G 204 -28.89 -3.33 -71.65
N ASN G 205 -28.20 -3.61 -70.54
CA ASN G 205 -28.85 -3.58 -69.24
C ASN G 205 -27.81 -3.29 -68.17
N ALA G 206 -26.71 -2.66 -68.59
CA ALA G 206 -25.67 -2.30 -67.63
C ALA G 206 -26.25 -1.37 -66.59
N SER G 207 -25.52 -1.19 -65.48
CA SER G 207 -25.92 -0.27 -64.43
C SER G 207 -24.75 -0.02 -63.49
N ALA G 208 -24.67 1.23 -62.98
CA ALA G 208 -23.57 1.73 -62.18
C ALA G 208 -23.96 1.91 -60.72
N VAL G 209 -23.09 1.40 -59.85
CA VAL G 209 -23.27 1.53 -58.41
C VAL G 209 -22.20 2.46 -57.88
N ILE G 210 -22.62 3.47 -57.12
CA ILE G 210 -21.73 4.51 -56.63
C ILE G 210 -21.58 4.21 -55.16
N TRP G 211 -20.35 4.31 -54.68
CA TRP G 211 -20.01 3.95 -53.32
C TRP G 211 -19.51 5.19 -52.60
N TYR G 212 -19.57 5.18 -51.28
CA TYR G 212 -19.05 6.31 -50.52
C TYR G 212 -18.75 5.82 -49.11
N ASN G 213 -17.54 6.14 -48.64
CA ASN G 213 -17.01 5.62 -47.37
C ASN G 213 -17.13 4.10 -47.36
N ARG G 214 -16.70 3.49 -48.48
CA ARG G 214 -16.52 2.05 -48.69
C ARG G 214 -17.85 1.33 -48.88
N ARG G 215 -18.97 2.08 -48.83
CA ARG G 215 -20.32 1.54 -48.93
C ARG G 215 -20.95 1.91 -50.28
N PRO G 216 -22.13 1.32 -50.69
CA PRO G 216 -22.92 1.85 -51.81
C PRO G 216 -23.92 2.91 -51.39
N VAL G 217 -24.29 3.79 -52.31
CA VAL G 217 -25.09 4.92 -51.84
C VAL G 217 -26.20 5.23 -52.84
N THR G 218 -25.92 4.93 -54.12
CA THR G 218 -26.82 5.23 -55.23
C THR G 218 -26.71 4.12 -56.28
N GLU G 219 -27.52 4.20 -57.33
CA GLU G 219 -27.40 3.36 -58.52
C GLU G 219 -27.96 4.14 -59.69
N ILE G 220 -27.48 3.86 -60.91
CA ILE G 220 -28.01 4.48 -62.11
C ILE G 220 -28.15 3.46 -63.24
N ASN G 221 -29.36 2.92 -63.39
CA ASN G 221 -29.70 2.05 -64.50
C ASN G 221 -29.23 2.67 -65.82
N THR G 222 -28.80 1.83 -66.77
CA THR G 222 -28.44 2.28 -68.11
C THR G 222 -29.54 3.20 -68.63
N TRP G 223 -29.17 4.10 -69.57
CA TRP G 223 -30.16 4.99 -70.15
C TRP G 223 -30.27 4.78 -71.66
N ALA G 224 -29.14 4.66 -72.35
CA ALA G 224 -29.20 4.47 -73.80
C ALA G 224 -29.21 3.00 -74.16
N ARG G 225 -28.97 2.12 -73.18
CA ARG G 225 -29.22 0.69 -73.27
C ARG G 225 -28.12 -0.08 -74.00
N ASN G 226 -27.01 0.57 -74.42
CA ASN G 226 -25.92 -0.20 -75.02
C ASN G 226 -24.54 0.17 -74.43
N ILE G 227 -24.09 -0.67 -73.48
CA ILE G 227 -22.86 -0.49 -72.71
C ILE G 227 -22.73 0.94 -72.20
N LEU G 228 -23.42 1.23 -71.10
CA LEU G 228 -23.04 2.29 -70.19
C LEU G 228 -21.53 2.15 -70.00
N ARG G 229 -20.82 3.25 -69.71
CA ARG G 229 -19.39 3.17 -69.41
C ARG G 229 -18.84 4.53 -68.96
N THR G 230 -17.66 4.53 -68.31
CA THR G 230 -17.17 5.74 -67.67
C THR G 230 -15.71 6.06 -68.01
N GLN G 231 -15.06 6.83 -67.10
CA GLN G 231 -13.77 7.52 -67.30
C GLN G 231 -12.57 6.56 -67.42
N GLU G 232 -12.47 5.54 -66.53
CA GLU G 232 -11.29 4.68 -66.45
C GLU G 232 -10.06 5.44 -65.92
N SER G 233 -10.31 6.45 -65.08
CA SER G 233 -9.25 7.29 -64.52
C SER G 233 -9.85 8.10 -63.36
N GLU G 234 -9.02 8.88 -62.65
CA GLU G 234 -9.52 9.48 -61.41
C GLU G 234 -10.40 10.66 -61.75
N CYS G 235 -11.53 10.78 -61.02
CA CYS G 235 -12.31 11.99 -61.08
C CYS G 235 -11.56 13.06 -60.31
N VAL G 236 -12.09 14.28 -60.34
CA VAL G 236 -11.66 15.37 -59.48
C VAL G 236 -12.89 15.85 -58.75
N CYS G 237 -12.69 16.20 -57.47
CA CYS G 237 -13.70 16.82 -56.63
C CYS G 237 -13.24 18.22 -56.22
N HIS G 238 -14.20 19.15 -56.12
CA HIS G 238 -14.00 20.46 -55.54
C HIS G 238 -15.15 20.79 -54.59
N ASN G 239 -14.83 20.83 -53.30
CA ASN G 239 -15.76 21.19 -52.25
C ASN G 239 -16.89 20.17 -52.14
N GLY G 240 -16.61 18.91 -52.47
CA GLY G 240 -17.60 17.86 -52.28
C GLY G 240 -18.27 17.47 -53.58
N VAL G 241 -18.31 18.39 -54.56
CA VAL G 241 -18.93 18.15 -55.86
C VAL G 241 -17.95 17.34 -56.70
N CYS G 242 -18.31 16.09 -57.01
CA CYS G 242 -17.46 15.28 -57.86
C CYS G 242 -18.18 15.05 -59.17
N PRO G 243 -17.83 15.82 -60.22
CA PRO G 243 -18.30 15.55 -61.57
C PRO G 243 -17.71 14.25 -62.12
N VAL G 244 -18.52 13.51 -62.89
CA VAL G 244 -18.08 12.31 -63.58
C VAL G 244 -18.76 12.33 -64.94
N VAL G 245 -18.12 11.72 -65.95
CA VAL G 245 -18.62 11.69 -67.32
C VAL G 245 -18.90 10.24 -67.69
N PHE G 246 -20.19 9.94 -67.91
CA PHE G 246 -20.60 8.64 -68.36
C PHE G 246 -20.89 8.73 -69.86
N THR G 247 -20.90 7.58 -70.54
CA THR G 247 -21.37 7.51 -71.91
C THR G 247 -22.15 6.22 -72.09
N ASP G 248 -23.28 6.34 -72.79
CA ASP G 248 -24.15 5.20 -73.08
C ASP G 248 -24.64 5.35 -74.52
N GLY G 249 -24.49 4.27 -75.28
CA GLY G 249 -24.85 4.28 -76.69
C GLY G 249 -23.68 3.82 -77.53
N SER G 250 -23.83 3.95 -78.86
CA SER G 250 -22.84 3.45 -79.80
C SER G 250 -21.44 3.93 -79.43
N ALA G 251 -20.43 3.18 -79.92
CA ALA G 251 -19.08 3.68 -80.07
C ALA G 251 -18.90 4.24 -81.49
N THR G 252 -19.85 3.94 -82.39
CA THR G 252 -19.68 4.10 -83.83
C THR G 252 -20.58 5.19 -84.40
N GLY G 253 -21.54 5.65 -83.59
CA GLY G 253 -22.45 6.72 -83.96
C GLY G 253 -22.68 7.64 -82.76
N PRO G 254 -23.90 8.20 -82.55
CA PRO G 254 -24.11 9.24 -81.55
C PRO G 254 -24.47 8.58 -80.22
N ALA G 255 -23.99 9.18 -79.13
CA ALA G 255 -24.15 8.56 -77.83
C ALA G 255 -24.92 9.48 -76.89
N GLU G 256 -25.10 9.07 -75.65
CA GLU G 256 -25.92 9.79 -74.71
C GLU G 256 -25.11 10.00 -73.45
N THR G 257 -24.20 10.96 -73.50
CA THR G 257 -23.21 11.24 -72.46
C THR G 257 -23.74 12.32 -71.53
N ARG G 258 -23.70 12.03 -70.23
CA ARG G 258 -24.22 12.89 -69.16
C ARG G 258 -23.06 13.22 -68.21
N ILE G 259 -23.01 14.47 -67.72
CA ILE G 259 -22.00 14.86 -66.74
C ILE G 259 -22.71 14.81 -65.39
N TYR G 260 -22.18 14.00 -64.46
CA TYR G 260 -22.83 13.77 -63.17
C TYR G 260 -22.10 14.49 -62.04
N TYR G 261 -22.80 15.40 -61.35
CA TYR G 261 -22.26 16.08 -60.18
C TYR G 261 -22.73 15.32 -58.94
N PHE G 262 -21.81 14.54 -58.36
CA PHE G 262 -22.02 13.74 -57.18
C PHE G 262 -21.45 14.44 -55.94
N LYS G 263 -22.10 14.20 -54.80
CA LYS G 263 -21.61 14.64 -53.51
C LYS G 263 -22.04 13.61 -52.46
N GLU G 264 -21.03 13.08 -51.76
CA GLU G 264 -21.28 12.03 -50.79
C GLU G 264 -22.13 10.95 -51.45
N GLY G 265 -21.94 10.82 -52.77
CA GLY G 265 -22.49 9.68 -53.48
C GLY G 265 -23.98 9.85 -53.78
N LYS G 266 -24.57 10.93 -53.26
CA LYS G 266 -25.93 11.35 -53.55
C LYS G 266 -25.86 12.21 -54.80
N ILE G 267 -26.62 11.84 -55.85
CA ILE G 267 -26.71 12.67 -57.05
C ILE G 267 -27.30 14.02 -56.66
N LEU G 268 -26.57 15.10 -57.01
CA LEU G 268 -27.04 16.48 -56.91
C LEU G 268 -27.63 16.94 -58.24
N LYS G 269 -26.91 16.67 -59.33
CA LYS G 269 -27.28 17.23 -60.62
C LYS G 269 -26.76 16.32 -61.71
N TRP G 270 -27.31 16.49 -62.92
CA TRP G 270 -26.70 15.93 -64.11
C TRP G 270 -27.21 16.73 -65.32
N GLU G 271 -26.27 17.14 -66.19
CA GLU G 271 -26.58 17.88 -67.40
C GLU G 271 -26.18 17.04 -68.61
N PRO G 272 -27.05 16.90 -69.63
CA PRO G 272 -26.65 16.18 -70.84
C PRO G 272 -25.54 17.04 -71.44
N LEU G 273 -24.62 16.37 -72.15
CA LEU G 273 -23.51 17.05 -72.78
C LEU G 273 -24.02 17.94 -73.90
N ALA G 274 -23.72 19.25 -73.78
CA ALA G 274 -23.76 20.16 -74.91
C ALA G 274 -22.33 20.50 -75.35
N GLY G 275 -22.18 21.52 -76.18
CA GLY G 275 -20.86 21.88 -76.69
C GLY G 275 -20.64 21.35 -78.11
N THR G 276 -19.41 21.51 -78.60
CA THR G 276 -19.17 21.29 -80.02
C THR G 276 -18.41 19.99 -80.24
N ALA G 277 -18.36 19.13 -79.20
CA ALA G 277 -17.70 17.83 -79.32
C ALA G 277 -18.72 16.73 -79.67
N LYS G 278 -18.42 15.95 -80.70
CA LYS G 278 -19.42 15.14 -81.37
C LYS G 278 -19.56 13.73 -80.76
N HIS G 279 -18.69 13.40 -79.80
CA HIS G 279 -18.72 12.10 -79.15
C HIS G 279 -17.78 12.11 -77.95
N ILE G 280 -18.08 11.29 -76.95
CA ILE G 280 -17.28 11.28 -75.73
C ILE G 280 -17.06 9.84 -75.24
N GLU G 281 -15.77 9.45 -75.18
CA GLU G 281 -15.29 8.26 -74.47
C GLU G 281 -14.28 8.65 -73.38
N GLU G 282 -13.60 7.63 -72.81
CA GLU G 282 -13.02 7.69 -71.49
C GLU G 282 -12.29 9.02 -71.26
N CYS G 283 -12.87 9.86 -70.39
CA CYS G 283 -12.29 11.17 -70.11
C CYS G 283 -11.23 11.04 -69.04
N SER G 284 -10.22 11.93 -69.05
CA SER G 284 -9.18 11.88 -68.06
C SER G 284 -8.76 13.28 -67.63
N CYS G 285 -9.03 13.60 -66.36
CA CYS G 285 -9.39 14.93 -65.90
C CYS G 285 -8.48 15.39 -64.76
N TYR G 286 -8.21 16.70 -64.72
CA TYR G 286 -7.56 17.36 -63.59
C TYR G 286 -8.33 18.64 -63.28
N GLY G 287 -8.14 19.20 -62.09
CA GLY G 287 -8.68 20.49 -61.72
C GLY G 287 -7.63 21.51 -61.28
N GLU G 288 -7.96 22.80 -61.40
CA GLU G 288 -7.22 23.93 -60.84
C GLU G 288 -8.15 25.14 -60.72
N ARG G 289 -8.02 25.85 -59.58
CA ARG G 289 -8.82 26.99 -59.22
C ARG G 289 -10.18 26.91 -59.92
N ALA G 290 -11.02 25.98 -59.44
CA ALA G 290 -12.45 25.92 -59.71
C ALA G 290 -12.68 25.56 -61.17
N GLU G 291 -11.91 24.60 -61.64
CA GLU G 291 -12.10 24.19 -63.02
C GLU G 291 -11.49 22.81 -63.20
N ILE G 292 -12.36 21.81 -63.30
CA ILE G 292 -12.01 20.49 -63.77
C ILE G 292 -11.93 20.57 -65.29
N THR G 293 -10.77 20.19 -65.84
CA THR G 293 -10.61 20.09 -67.28
C THR G 293 -10.41 18.63 -67.62
N CYS G 294 -11.05 18.12 -68.69
CA CYS G 294 -10.95 16.69 -68.98
C CYS G 294 -10.57 16.47 -70.43
N THR G 295 -9.59 15.58 -70.67
CA THR G 295 -9.28 15.24 -72.04
C THR G 295 -9.89 13.89 -72.33
N CYS G 296 -10.62 13.79 -73.45
CA CYS G 296 -11.51 12.65 -73.69
C CYS G 296 -11.16 12.01 -75.04
N ARG G 297 -11.85 10.91 -75.40
CA ARG G 297 -11.56 10.16 -76.61
C ARG G 297 -12.79 10.18 -77.53
N ASP G 298 -12.61 10.76 -78.71
CA ASP G 298 -13.65 10.69 -79.71
C ASP G 298 -13.38 9.42 -80.51
N ASN G 299 -14.18 8.38 -80.27
CA ASN G 299 -14.05 7.13 -81.00
C ASN G 299 -14.55 7.26 -82.44
N TRP G 300 -15.54 8.13 -82.63
CA TRP G 300 -16.32 8.20 -83.86
C TRP G 300 -15.47 8.74 -85.00
N GLN G 301 -15.43 10.07 -85.12
CA GLN G 301 -14.81 10.76 -86.24
C GLN G 301 -13.48 11.37 -85.77
N GLY G 302 -13.50 12.00 -84.59
CA GLY G 302 -12.41 12.85 -84.15
C GLY G 302 -11.13 12.09 -83.82
N SER G 303 -10.07 12.35 -84.62
CA SER G 303 -8.71 11.97 -84.27
C SER G 303 -8.02 13.09 -83.48
N ASN G 304 -8.77 14.15 -83.18
CA ASN G 304 -8.38 15.15 -82.20
C ASN G 304 -9.19 14.87 -80.94
N ARG G 305 -8.63 15.23 -79.79
CA ARG G 305 -9.24 14.88 -78.53
C ARG G 305 -10.24 15.95 -78.12
N PRO G 306 -11.50 15.58 -77.77
CA PRO G 306 -12.48 16.52 -77.22
C PRO G 306 -12.03 16.94 -75.83
N VAL G 307 -12.52 18.09 -75.36
CA VAL G 307 -12.13 18.64 -74.07
C VAL G 307 -13.34 19.24 -73.36
N ILE G 308 -13.45 18.95 -72.06
CA ILE G 308 -14.63 19.30 -71.27
C ILE G 308 -14.16 20.08 -70.05
N ARG G 309 -14.76 21.27 -69.86
CA ARG G 309 -14.38 22.16 -68.77
C ARG G 309 -15.55 22.35 -67.82
N ILE G 310 -15.37 21.90 -66.57
CA ILE G 310 -16.45 21.81 -65.60
C ILE G 310 -16.27 22.87 -64.49
N ASP G 311 -17.33 23.64 -64.26
CA ASP G 311 -17.47 24.55 -63.13
C ASP G 311 -18.21 23.78 -62.03
N PRO G 312 -17.49 23.21 -61.04
CA PRO G 312 -18.11 22.37 -60.02
C PRO G 312 -18.92 23.14 -58.98
N VAL G 313 -18.56 24.41 -58.75
CA VAL G 313 -19.28 25.24 -57.81
C VAL G 313 -20.71 25.46 -58.31
N ALA G 314 -20.87 25.80 -59.60
CA ALA G 314 -22.20 26.05 -60.13
C ALA G 314 -22.73 24.82 -60.85
N MET G 315 -21.87 23.84 -61.12
CA MET G 315 -22.31 22.60 -61.74
C MET G 315 -22.81 22.90 -63.16
N THR G 316 -21.84 23.14 -64.08
CA THR G 316 -22.05 23.27 -65.51
C THR G 316 -20.76 22.91 -66.23
N HIS G 317 -20.86 22.74 -67.55
CA HIS G 317 -19.76 22.23 -68.36
C HIS G 317 -19.80 22.88 -69.76
N THR G 318 -18.71 22.69 -70.51
CA THR G 318 -18.67 23.09 -71.92
C THR G 318 -17.76 22.10 -72.64
N SER G 319 -18.03 21.89 -73.92
CA SER G 319 -17.20 21.01 -74.73
C SER G 319 -16.76 21.69 -76.03
N GLN G 320 -15.50 21.47 -76.38
CA GLN G 320 -14.92 21.75 -77.68
C GLN G 320 -13.97 20.60 -77.99
N TYR G 321 -13.04 20.85 -78.94
CA TYR G 321 -11.88 20.01 -79.16
C TYR G 321 -10.60 20.82 -78.94
N ILE G 322 -9.48 20.12 -78.79
CA ILE G 322 -8.16 20.73 -78.86
C ILE G 322 -7.99 21.21 -80.28
N CYS G 323 -7.57 22.48 -80.42
CA CYS G 323 -7.35 23.14 -81.70
C CYS G 323 -6.07 22.66 -82.36
N SER G 324 -5.02 22.41 -81.58
CA SER G 324 -3.69 22.11 -82.11
C SER G 324 -3.74 21.06 -83.20
N PRO G 325 -2.92 21.18 -84.28
CA PRO G 325 -2.89 20.18 -85.36
C PRO G 325 -1.97 19.03 -84.98
N VAL G 326 -1.68 18.96 -83.67
CA VAL G 326 -0.80 17.94 -83.12
C VAL G 326 -1.71 16.85 -82.58
N LEU G 327 -2.00 15.86 -83.43
CA LEU G 327 -3.14 14.99 -83.14
C LEU G 327 -2.74 13.89 -82.17
N THR G 328 -3.54 13.72 -81.11
CA THR G 328 -3.17 12.89 -79.98
C THR G 328 -4.20 11.79 -79.66
N ASP G 329 -4.95 11.30 -80.68
CA ASP G 329 -5.75 10.08 -80.59
C ASP G 329 -4.95 8.95 -81.21
N ASN G 330 -5.33 7.70 -80.94
CA ASN G 330 -4.70 6.59 -81.65
C ASN G 330 -5.71 5.48 -81.98
N PRO G 331 -5.97 5.26 -83.27
CA PRO G 331 -5.11 5.73 -84.35
C PRO G 331 -5.65 7.03 -84.92
N ARG G 332 -4.80 7.67 -85.77
CA ARG G 332 -4.94 9.04 -86.21
C ARG G 332 -4.27 9.23 -87.57
N PRO G 333 -4.71 10.21 -88.40
CA PRO G 333 -3.95 10.56 -89.60
C PRO G 333 -2.60 11.15 -89.18
N ASN G 334 -1.82 11.58 -90.18
CA ASN G 334 -0.58 12.33 -89.97
C ASN G 334 -0.85 13.81 -89.69
N ASP G 335 0.05 14.45 -88.94
CA ASP G 335 -0.14 15.80 -88.45
C ASP G 335 -0.16 16.81 -89.61
N PRO G 336 -1.20 17.68 -89.72
CA PRO G 336 -1.20 18.75 -90.74
C PRO G 336 -0.50 20.02 -90.26
N THR G 337 -0.61 21.06 -91.11
CA THR G 337 -0.34 22.44 -90.73
C THR G 337 -1.40 22.91 -89.73
N VAL G 338 -2.67 22.90 -90.17
CA VAL G 338 -3.81 23.38 -89.40
C VAL G 338 -4.71 22.20 -89.00
N GLY G 339 -5.18 22.23 -87.74
CA GLY G 339 -6.16 21.30 -87.18
C GLY G 339 -7.26 22.00 -86.37
N LYS G 340 -8.40 21.31 -86.18
CA LYS G 340 -9.68 21.94 -85.91
C LYS G 340 -9.96 21.98 -84.41
N CYS G 341 -10.96 22.80 -84.03
CA CYS G 341 -11.26 23.24 -82.67
C CYS G 341 -12.61 22.76 -82.20
N ASN G 342 -13.59 22.76 -83.13
CA ASN G 342 -14.99 22.60 -82.78
C ASN G 342 -15.61 21.49 -83.62
N ASP G 343 -14.80 20.88 -84.48
CA ASP G 343 -15.31 19.77 -85.25
C ASP G 343 -14.27 18.66 -85.28
N PRO G 344 -14.71 17.38 -85.24
CA PRO G 344 -13.77 16.25 -85.27
C PRO G 344 -12.90 16.47 -86.50
N TYR G 345 -11.60 16.59 -86.27
CA TYR G 345 -10.62 16.44 -87.33
C TYR G 345 -10.75 15.04 -87.96
N PRO G 346 -10.93 14.92 -89.29
CA PRO G 346 -11.24 13.63 -89.90
C PRO G 346 -10.00 12.78 -90.11
N GLY G 347 -10.24 11.52 -90.50
CA GLY G 347 -9.22 10.63 -91.03
C GLY G 347 -9.45 9.18 -90.60
N ASN G 348 -9.59 8.99 -89.29
CA ASN G 348 -9.58 7.67 -88.70
C ASN G 348 -10.91 7.44 -87.98
N ASN G 349 -11.56 6.31 -88.31
CA ASN G 349 -12.94 6.09 -87.88
C ASN G 349 -13.01 5.03 -86.79
N ASN G 350 -13.89 5.31 -85.83
CA ASN G 350 -14.44 4.29 -84.95
C ASN G 350 -13.37 3.80 -83.97
N ASN G 351 -12.09 4.08 -84.27
CA ASN G 351 -10.99 3.61 -83.43
C ASN G 351 -10.56 4.72 -82.45
N GLY G 352 -9.77 4.36 -81.43
CA GLY G 352 -9.32 5.29 -80.42
C GLY G 352 -8.47 4.69 -79.30
N VAL G 353 -8.36 5.45 -78.20
CA VAL G 353 -7.50 5.11 -77.08
C VAL G 353 -7.76 6.10 -75.95
N LYS G 354 -7.39 5.73 -74.72
CA LYS G 354 -7.32 6.70 -73.64
C LYS G 354 -6.03 7.51 -73.75
N GLY G 355 -6.20 8.84 -73.70
CA GLY G 355 -5.08 9.75 -73.65
C GLY G 355 -5.43 10.87 -72.69
N PHE G 356 -4.49 11.81 -72.50
CA PHE G 356 -4.79 12.92 -71.60
C PHE G 356 -4.04 14.17 -72.06
N SER G 357 -4.40 15.32 -71.47
CA SER G 357 -3.65 16.55 -71.69
C SER G 357 -3.55 17.31 -70.39
N TYR G 358 -2.56 18.23 -70.33
CA TYR G 358 -2.55 19.32 -69.39
C TYR G 358 -2.53 20.63 -70.17
N LEU G 359 -3.57 21.46 -70.00
CA LEU G 359 -3.74 22.66 -70.83
C LEU G 359 -3.70 23.92 -69.95
N ASP G 360 -2.57 24.65 -69.97
CA ASP G 360 -2.34 25.78 -69.08
C ASP G 360 -1.64 26.93 -69.80
N GLY G 361 -2.15 27.30 -70.98
CA GLY G 361 -1.62 28.44 -71.69
C GLY G 361 -0.38 28.08 -72.53
N VAL G 362 0.77 28.68 -72.18
CA VAL G 362 2.06 28.23 -72.71
C VAL G 362 2.53 26.96 -71.99
N ASN G 363 2.08 26.80 -70.73
CA ASN G 363 2.42 25.69 -69.87
C ASN G 363 1.64 24.43 -70.27
N THR G 364 1.78 23.96 -71.50
CA THR G 364 0.74 23.08 -72.00
C THR G 364 1.34 21.83 -72.65
N TRP G 365 1.06 20.67 -72.08
CA TRP G 365 1.74 19.47 -72.54
C TRP G 365 0.73 18.38 -72.89
N LEU G 366 0.93 17.79 -74.07
CA LEU G 366 0.08 16.69 -74.52
C LEU G 366 0.77 15.35 -74.28
N GLY G 367 -0.04 14.28 -74.24
CA GLY G 367 0.46 12.92 -74.41
C GLY G 367 -0.06 12.33 -75.71
N ARG G 368 0.66 11.33 -76.24
CA ARG G 368 0.28 10.58 -77.43
C ARG G 368 1.32 9.50 -77.69
N THR G 369 0.84 8.32 -78.09
CA THR G 369 1.60 7.27 -78.76
C THR G 369 2.46 7.88 -79.86
N ILE G 370 3.59 7.25 -80.16
CA ILE G 370 4.48 7.78 -81.18
C ILE G 370 4.00 7.28 -82.53
N SER G 371 3.29 6.15 -82.51
CA SER G 371 2.72 5.54 -83.68
C SER G 371 1.42 6.25 -84.05
N ILE G 372 1.20 6.38 -85.35
CA ILE G 372 -0.11 6.79 -85.83
C ILE G 372 -0.92 5.52 -86.05
N ALA G 373 -0.22 4.39 -86.23
CA ALA G 373 -0.88 3.15 -86.56
C ALA G 373 -1.45 2.51 -85.30
N SER G 374 -0.64 2.45 -84.24
CA SER G 374 -0.89 1.49 -83.17
C SER G 374 -0.52 2.05 -81.80
N ARG G 375 -0.95 1.35 -80.73
CA ARG G 375 -0.71 1.75 -79.36
C ARG G 375 0.72 1.35 -78.93
N SER G 376 1.73 2.04 -79.49
CA SER G 376 3.12 1.68 -79.24
C SER G 376 3.97 2.93 -79.09
N GLY G 377 4.87 2.91 -78.09
CA GLY G 377 5.74 4.04 -77.84
C GLY G 377 4.94 5.26 -77.43
N TYR G 378 5.42 6.00 -76.43
CA TYR G 378 4.76 7.19 -75.89
C TYR G 378 5.68 8.41 -75.99
N GLU G 379 5.08 9.60 -75.87
CA GLU G 379 5.83 10.84 -75.74
C GLU G 379 4.92 11.94 -75.21
N MET G 380 5.56 12.88 -74.50
CA MET G 380 4.99 14.13 -74.04
C MET G 380 5.53 15.28 -74.91
N LEU G 381 4.65 16.23 -75.26
CA LEU G 381 4.97 17.31 -76.16
C LEU G 381 4.40 18.62 -75.61
N LYS G 382 5.30 19.60 -75.38
CA LYS G 382 4.96 20.96 -74.97
C LYS G 382 4.46 21.71 -76.19
N VAL G 383 3.16 21.95 -76.20
CA VAL G 383 2.48 22.57 -77.34
C VAL G 383 1.62 23.67 -76.75
N PRO G 384 2.11 24.92 -76.77
CA PRO G 384 1.51 26.01 -75.99
C PRO G 384 0.17 26.51 -76.54
N ASN G 385 -0.86 26.53 -75.69
CA ASN G 385 -2.21 26.97 -76.01
C ASN G 385 -2.79 26.11 -77.13
N ALA G 386 -2.50 24.80 -77.07
CA ALA G 386 -2.96 23.87 -78.08
C ALA G 386 -4.49 23.84 -78.12
N LEU G 387 -5.09 24.05 -76.94
CA LEU G 387 -6.53 24.16 -76.76
C LEU G 387 -7.05 25.24 -77.71
N THR G 388 -6.36 26.39 -77.72
CA THR G 388 -6.91 27.61 -78.32
C THR G 388 -6.15 28.05 -79.57
N ASP G 389 -5.22 27.23 -80.11
CA ASP G 389 -4.49 27.66 -81.30
C ASP G 389 -4.37 26.56 -82.36
N ASP G 390 -5.19 26.70 -83.42
CA ASP G 390 -5.45 25.65 -84.39
C ASP G 390 -4.29 25.42 -85.35
N LYS G 391 -3.12 25.96 -85.02
CA LYS G 391 -1.90 25.67 -85.77
C LYS G 391 -0.68 25.90 -84.86
N SER G 392 -0.88 25.72 -83.55
CA SER G 392 0.22 25.70 -82.62
C SER G 392 1.14 24.52 -82.94
N LYS G 393 2.37 24.54 -82.43
CA LYS G 393 3.31 23.46 -82.72
C LYS G 393 4.29 23.31 -81.56
N PRO G 394 4.95 22.14 -81.39
CA PRO G 394 5.69 21.85 -80.17
C PRO G 394 7.00 22.62 -80.08
N THR G 395 7.31 23.06 -78.86
CA THR G 395 8.54 23.78 -78.63
C THR G 395 9.42 23.07 -77.60
N GLN G 396 9.02 21.86 -77.17
CA GLN G 396 9.81 20.96 -76.34
C GLN G 396 9.20 19.55 -76.41
N GLY G 397 9.76 18.58 -75.68
CA GLY G 397 9.31 17.19 -75.76
C GLY G 397 10.01 16.26 -74.75
N GLN G 398 9.55 14.98 -74.67
CA GLN G 398 10.12 13.94 -73.82
C GLN G 398 9.51 12.56 -74.13
N THR G 399 10.37 11.57 -74.45
CA THR G 399 9.96 10.17 -74.63
C THR G 399 9.85 9.52 -73.26
N ILE G 400 8.88 8.60 -73.12
CA ILE G 400 8.66 7.85 -71.90
C ILE G 400 8.85 6.38 -72.25
N VAL G 401 8.31 6.06 -73.45
CA VAL G 401 8.28 4.74 -74.02
C VAL G 401 8.70 4.84 -75.49
N LEU G 402 9.52 3.89 -75.95
CA LEU G 402 9.98 3.93 -77.34
C LEU G 402 8.93 3.29 -78.25
N ASN G 403 8.95 3.67 -79.52
CA ASN G 403 7.93 3.24 -80.45
C ASN G 403 8.17 1.80 -80.86
N THR G 404 9.13 1.16 -80.18
CA THR G 404 9.42 -0.26 -80.39
C THR G 404 8.70 -1.04 -79.29
N ASP G 405 8.32 -0.32 -78.24
CA ASP G 405 7.65 -0.92 -77.11
C ASP G 405 6.19 -0.53 -77.06
N TRP G 406 5.47 -1.27 -76.20
CA TRP G 406 4.03 -1.26 -76.12
C TRP G 406 3.63 -0.33 -75.00
N SER G 407 2.82 0.68 -75.36
CA SER G 407 2.11 1.49 -74.41
C SER G 407 0.74 0.86 -74.20
N GLY G 408 -0.29 1.70 -74.12
CA GLY G 408 -1.68 1.33 -73.97
C GLY G 408 -2.50 2.58 -73.69
N TYR G 409 -3.24 2.56 -72.58
CA TYR G 409 -4.02 3.74 -72.22
C TYR G 409 -3.05 4.79 -71.66
N SER G 410 -3.60 5.93 -71.20
CA SER G 410 -2.76 6.91 -70.54
C SER G 410 -3.61 8.09 -70.11
N GLY G 411 -3.46 8.49 -68.84
CA GLY G 411 -4.42 9.38 -68.20
C GLY G 411 -3.80 10.15 -67.04
N SER G 412 -4.59 11.10 -66.52
CA SER G 412 -4.04 12.18 -65.73
C SER G 412 -4.37 11.98 -64.27
N PHE G 413 -3.42 12.36 -63.41
CA PHE G 413 -3.75 12.57 -62.01
C PHE G 413 -2.88 13.70 -61.52
N MET G 414 -3.12 14.17 -60.29
CA MET G 414 -2.11 14.89 -59.56
C MET G 414 -2.29 14.51 -58.10
N ASP G 415 -1.24 14.68 -57.28
CA ASP G 415 -1.42 14.73 -55.84
C ASP G 415 -2.10 16.04 -55.48
N TYR G 416 -3.31 15.93 -54.89
CA TYR G 416 -4.19 17.07 -54.61
C TYR G 416 -4.01 17.52 -53.17
N TRP G 417 -3.13 16.83 -52.42
CA TRP G 417 -2.93 17.16 -51.02
C TRP G 417 -1.47 17.46 -50.72
N ALA G 418 -0.59 17.36 -51.73
CA ALA G 418 0.85 17.58 -51.56
C ALA G 418 1.10 19.02 -51.10
N GLU G 419 2.30 19.26 -50.51
CA GLU G 419 2.65 20.56 -49.96
C GLU G 419 2.93 21.56 -51.10
N GLY G 420 3.12 22.83 -50.73
CA GLY G 420 3.52 23.84 -51.69
C GLY G 420 2.36 24.76 -52.07
N GLU G 421 2.46 25.39 -53.25
CA GLU G 421 1.55 26.44 -53.66
C GLU G 421 1.02 26.15 -55.06
N CYS G 422 1.40 25.00 -55.60
CA CYS G 422 0.95 24.63 -56.93
C CYS G 422 0.57 23.14 -56.95
N TYR G 423 -0.13 22.72 -58.01
CA TYR G 423 -0.42 21.31 -58.24
C TYR G 423 0.50 20.75 -59.33
N ARG G 424 1.39 19.80 -58.94
CA ARG G 424 2.27 19.11 -59.87
C ARG G 424 1.47 18.21 -60.80
N ALA G 425 1.50 18.50 -62.09
CA ALA G 425 0.90 17.65 -63.11
C ALA G 425 1.55 16.25 -63.12
N CYS G 426 0.70 15.21 -63.25
CA CYS G 426 1.10 13.80 -63.25
C CYS G 426 0.26 12.98 -64.23
N PHE G 427 0.89 11.96 -64.85
CA PHE G 427 0.22 11.03 -65.72
C PHE G 427 0.63 9.56 -65.46
N TYR G 428 -0.20 8.61 -65.93
CA TYR G 428 0.16 7.21 -65.99
C TYR G 428 0.13 6.75 -67.46
N VAL G 429 0.86 5.69 -67.79
CA VAL G 429 0.73 5.08 -69.10
C VAL G 429 0.61 3.59 -68.90
N GLU G 430 -0.52 3.04 -69.38
CA GLU G 430 -0.77 1.61 -69.33
C GLU G 430 0.17 1.01 -70.36
N LEU G 431 0.96 0.02 -69.94
CA LEU G 431 1.86 -0.71 -70.81
C LEU G 431 1.24 -2.08 -71.09
N ILE G 432 0.78 -2.27 -72.33
CA ILE G 432 -0.06 -3.42 -72.63
C ILE G 432 0.83 -4.51 -73.21
N ARG G 433 0.71 -5.70 -72.61
CA ARG G 433 1.33 -6.91 -73.10
C ARG G 433 0.24 -7.90 -73.48
N GLY G 434 0.64 -8.99 -74.15
CA GLY G 434 -0.31 -9.98 -74.60
C GLY G 434 -1.24 -9.44 -75.70
N ARG G 435 -2.38 -10.11 -75.85
CA ARG G 435 -3.28 -9.82 -76.96
C ARG G 435 -3.55 -8.32 -77.05
N PRO G 436 -3.81 -7.86 -78.28
CA PRO G 436 -3.83 -8.70 -79.47
C PRO G 436 -2.54 -8.83 -80.29
N LYS G 437 -1.46 -8.20 -79.84
CA LYS G 437 -0.31 -8.00 -80.71
C LYS G 437 0.82 -8.94 -80.31
N GLU G 438 0.59 -9.72 -79.25
CA GLU G 438 1.55 -10.71 -78.80
C GLU G 438 0.83 -12.04 -78.63
N ASP G 439 0.21 -12.49 -79.73
CA ASP G 439 -0.88 -13.44 -79.72
C ASP G 439 -0.37 -14.85 -79.35
N LYS G 440 0.95 -15.00 -79.23
CA LYS G 440 1.59 -16.24 -78.82
C LYS G 440 1.20 -16.63 -77.40
N VAL G 441 0.76 -15.65 -76.59
CA VAL G 441 0.24 -15.97 -75.27
C VAL G 441 -1.26 -15.67 -75.24
N TRP G 442 -1.99 -16.42 -74.40
CA TRP G 442 -3.45 -16.45 -74.48
C TRP G 442 -4.08 -15.35 -73.63
N TRP G 443 -3.30 -14.33 -73.24
CA TRP G 443 -3.80 -13.41 -72.23
C TRP G 443 -3.53 -11.95 -72.64
N THR G 444 -4.29 -11.03 -72.02
CA THR G 444 -4.14 -9.60 -72.23
C THR G 444 -3.97 -8.91 -70.88
N SER G 445 -2.91 -8.09 -70.75
CA SER G 445 -2.66 -7.50 -69.44
C SER G 445 -1.64 -6.35 -69.54
N ASN G 446 -1.07 -5.93 -68.40
CA ASN G 446 -0.32 -4.68 -68.44
C ASN G 446 0.48 -4.47 -67.17
N SER G 447 1.41 -3.50 -67.25
CA SER G 447 2.01 -2.85 -66.10
C SER G 447 1.69 -1.35 -66.15
N ILE G 448 2.26 -0.58 -65.20
CA ILE G 448 2.04 0.86 -65.10
C ILE G 448 3.40 1.56 -64.98
N VAL G 449 3.63 2.57 -65.80
CA VAL G 449 4.60 3.58 -65.41
C VAL G 449 3.83 4.87 -65.19
N SER G 450 4.21 5.64 -64.15
CA SER G 450 3.67 6.99 -63.99
C SER G 450 4.75 8.02 -63.70
N MET G 451 4.50 9.27 -64.14
CA MET G 451 5.46 10.37 -64.06
C MET G 451 4.78 11.63 -63.53
N CYS G 452 5.59 12.60 -63.05
CA CYS G 452 5.06 13.89 -62.62
C CYS G 452 5.97 15.02 -63.07
N SER G 453 5.38 16.23 -63.20
CA SER G 453 6.09 17.36 -63.76
C SER G 453 7.12 17.91 -62.78
N SER G 454 8.24 18.35 -63.37
CA SER G 454 9.42 18.90 -62.74
C SER G 454 9.65 20.31 -63.27
N THR G 455 9.92 21.28 -62.37
CA THR G 455 10.38 22.60 -62.82
C THR G 455 11.87 22.55 -63.22
N GLU G 456 12.43 21.35 -63.36
CA GLU G 456 13.80 21.12 -63.81
C GLU G 456 13.79 20.51 -65.20
N PHE G 457 14.90 20.68 -65.94
CA PHE G 457 14.99 20.20 -67.30
C PHE G 457 15.74 18.86 -67.33
N LEU G 458 15.17 17.85 -66.68
CA LEU G 458 15.83 16.59 -66.39
C LEU G 458 16.12 15.82 -67.68
N GLY G 459 16.80 14.68 -67.50
CA GLY G 459 17.07 13.73 -68.57
C GLY G 459 15.90 12.82 -68.84
N GLN G 460 15.74 12.44 -70.09
CA GLN G 460 14.73 11.45 -70.42
C GLN G 460 15.36 10.06 -70.34
N TRP G 461 14.65 9.13 -69.72
CA TRP G 461 15.00 7.75 -70.03
C TRP G 461 13.97 7.23 -71.02
N ASP G 462 13.74 5.92 -70.96
CA ASP G 462 12.53 5.33 -71.47
C ASP G 462 12.19 4.21 -70.50
N TRP G 463 10.97 3.71 -70.66
CA TRP G 463 10.29 2.92 -69.66
C TRP G 463 9.40 1.91 -70.39
N PRO G 464 9.99 0.92 -71.09
CA PRO G 464 9.21 -0.18 -71.67
C PRO G 464 8.55 -0.96 -70.53
N ASP G 465 7.57 -1.82 -70.85
CA ASP G 465 7.05 -2.71 -69.83
C ASP G 465 8.24 -3.28 -69.04
N GLY G 466 8.75 -4.45 -69.43
CA GLY G 466 9.96 -5.00 -68.82
C GLY G 466 10.22 -6.48 -69.13
N ALA G 467 9.57 -7.00 -70.16
CA ALA G 467 9.13 -8.38 -70.07
C ALA G 467 9.29 -9.12 -71.39
N LYS G 468 9.98 -10.26 -71.32
CA LYS G 468 10.12 -11.16 -72.44
C LYS G 468 8.90 -12.06 -72.44
N ILE G 469 8.13 -11.97 -73.53
CA ILE G 469 6.99 -12.83 -73.78
C ILE G 469 7.48 -14.28 -73.83
N GLU G 470 8.47 -14.59 -74.69
CA GLU G 470 9.08 -15.91 -74.78
C GLU G 470 8.93 -16.64 -73.44
N TYR G 471 9.38 -15.98 -72.39
CA TYR G 471 9.41 -16.55 -71.07
C TYR G 471 8.09 -17.23 -70.74
N PHE G 472 7.01 -16.72 -71.33
CA PHE G 472 5.65 -17.12 -71.00
C PHE G 472 5.29 -18.40 -71.74
N LEU G 473 5.93 -18.65 -72.89
CA LEU G 473 5.59 -19.79 -73.71
C LEU G 473 6.13 -21.09 -73.07
N ILE H 39 31.92 -40.19 112.49
CA ILE H 39 31.32 -40.62 111.18
C ILE H 39 29.83 -40.27 111.20
N ASN H 40 29.24 -40.30 112.42
CA ASN H 40 27.85 -39.96 112.64
C ASN H 40 27.72 -38.43 112.72
N GLU H 41 28.84 -37.74 112.44
CA GLU H 41 28.94 -36.29 112.40
C GLU H 41 29.90 -35.93 111.27
N THR H 42 30.81 -36.87 110.96
CA THR H 42 31.75 -36.73 109.86
C THR H 42 31.05 -36.94 108.52
N ALA H 43 30.05 -37.82 108.51
CA ALA H 43 29.23 -38.05 107.32
C ALA H 43 28.43 -36.78 106.97
N ASP H 44 27.75 -36.20 107.96
CA ASP H 44 27.12 -34.88 107.82
C ASP H 44 28.00 -33.92 107.04
N ASP H 45 29.26 -33.81 107.48
CA ASP H 45 30.26 -32.85 107.03
C ASP H 45 30.58 -33.01 105.54
N ILE H 46 30.64 -34.27 105.06
CA ILE H 46 30.86 -34.62 103.66
C ILE H 46 29.63 -34.25 102.82
N VAL H 47 28.41 -34.61 103.29
CA VAL H 47 27.19 -34.29 102.56
C VAL H 47 27.12 -32.76 102.44
N TYR H 48 27.50 -32.09 103.53
CA TYR H 48 27.34 -30.66 103.74
C TYR H 48 28.26 -29.92 102.77
N ARG H 49 29.51 -30.38 102.68
CA ARG H 49 30.59 -29.72 101.98
C ARG H 49 30.40 -29.82 100.46
N LEU H 50 29.93 -30.98 99.98
CA LEU H 50 29.73 -31.17 98.54
C LEU H 50 28.44 -30.51 98.08
N THR H 51 27.49 -30.32 99.01
CA THR H 51 26.28 -29.57 98.71
C THR H 51 26.67 -28.14 98.29
N VAL H 52 27.49 -27.51 99.15
CA VAL H 52 27.86 -26.11 99.03
C VAL H 52 28.54 -25.91 97.69
N ILE H 53 29.28 -26.94 97.25
CA ILE H 53 30.09 -26.90 96.04
C ILE H 53 29.20 -27.05 94.81
N ILE H 54 28.07 -27.74 95.00
CA ILE H 54 27.14 -28.01 93.92
C ILE H 54 26.26 -26.78 93.76
N ASP H 55 25.88 -26.20 94.90
CA ASP H 55 25.16 -24.95 94.93
C ASP H 55 26.00 -23.92 94.21
N ASP H 56 27.28 -23.87 94.59
CA ASP H 56 28.18 -22.87 94.02
C ASP H 56 28.18 -23.06 92.51
N ARG H 57 27.99 -24.31 92.07
CA ARG H 57 28.06 -24.63 90.66
C ARG H 57 26.72 -24.37 89.99
N TYR H 58 25.64 -24.83 90.64
CA TYR H 58 24.29 -24.66 90.12
C TYR H 58 24.03 -23.17 89.94
N GLU H 59 24.32 -22.41 90.99
CA GLU H 59 24.18 -20.97 91.01
C GLU H 59 24.83 -20.37 89.77
N SER H 60 26.12 -20.65 89.59
CA SER H 60 26.93 -20.13 88.50
C SER H 60 26.28 -20.39 87.14
N LEU H 61 25.79 -21.63 86.96
CA LEU H 61 25.14 -22.08 85.74
C LEU H 61 23.86 -21.29 85.50
N LYS H 62 22.95 -21.32 86.50
CA LYS H 62 21.70 -20.59 86.46
C LYS H 62 21.97 -19.12 86.11
N ASN H 63 23.07 -18.57 86.62
CA ASN H 63 23.25 -17.16 86.42
C ASN H 63 23.68 -16.90 84.98
N LEU H 64 24.71 -17.63 84.52
CA LEU H 64 25.23 -17.45 83.17
C LEU H 64 24.13 -17.73 82.14
N ILE H 65 23.38 -18.81 82.36
CA ILE H 65 22.24 -19.07 81.49
C ILE H 65 21.37 -17.81 81.46
N THR H 66 20.88 -17.39 82.64
CA THR H 66 19.99 -16.25 82.71
C THR H 66 20.62 -15.10 81.94
N LEU H 67 21.86 -14.75 82.31
CA LEU H 67 22.50 -13.53 81.84
C LEU H 67 22.93 -13.69 80.38
N ARG H 68 22.64 -14.84 79.77
CA ARG H 68 22.98 -15.07 78.38
C ARG H 68 21.72 -15.11 77.52
N ALA H 69 20.59 -15.46 78.16
CA ALA H 69 19.33 -15.58 77.45
C ALA H 69 18.71 -14.20 77.31
N ASP H 70 18.64 -13.49 78.44
CA ASP H 70 18.32 -12.08 78.47
C ASP H 70 18.97 -11.37 77.28
N ARG H 71 20.26 -11.05 77.41
CA ARG H 71 21.11 -10.60 76.31
C ARG H 71 20.46 -10.84 74.93
N LEU H 72 20.11 -12.10 74.60
CA LEU H 72 19.51 -12.50 73.32
C LEU H 72 18.05 -12.07 73.21
N GLU H 73 17.36 -11.88 74.34
CA GLU H 73 15.98 -11.43 74.30
C GLU H 73 15.97 -9.95 73.91
N MET H 74 16.77 -9.16 74.64
CA MET H 74 17.09 -7.78 74.30
C MET H 74 17.49 -7.72 72.84
N ILE H 75 18.70 -8.23 72.54
CA ILE H 75 19.31 -8.10 71.22
C ILE H 75 18.22 -8.16 70.14
N ILE H 76 17.60 -9.34 70.03
CA ILE H 76 16.60 -9.59 69.00
C ILE H 76 15.60 -8.45 69.02
N ASN H 77 14.97 -8.23 70.19
CA ASN H 77 13.90 -7.25 70.32
C ASN H 77 14.36 -5.90 69.77
N ASP H 78 15.63 -5.57 70.04
CA ASP H 78 16.16 -4.31 69.57
C ASP H 78 16.25 -4.38 68.06
N ASN H 79 17.06 -5.32 67.56
CA ASN H 79 17.34 -5.54 66.15
C ASN H 79 16.02 -5.70 65.36
N VAL H 80 14.96 -6.16 66.04
CA VAL H 80 13.65 -6.42 65.46
C VAL H 80 12.86 -5.13 65.26
N SER H 81 13.10 -4.16 66.14
CA SER H 81 12.48 -2.84 66.00
C SER H 81 13.14 -2.06 64.88
N THR H 82 14.34 -2.50 64.45
CA THR H 82 15.08 -1.87 63.37
C THR H 82 14.45 -2.23 62.03
N ILE H 83 13.59 -3.25 62.03
CA ILE H 83 12.91 -3.64 60.81
C ILE H 83 11.63 -2.82 60.60
N LEU H 84 11.06 -2.24 61.69
CA LEU H 84 9.86 -1.41 61.72
C LEU H 84 10.14 0.12 61.74
N ALA H 85 9.14 1.00 62.08
CA ALA H 85 9.16 2.37 61.57
C ALA H 85 8.38 3.45 62.37
N ARG H 86 7.78 4.42 61.65
CA ARG H 86 7.74 5.89 61.82
C ARG H 86 7.26 6.40 63.18
N ASP H 87 7.86 7.52 63.63
CA ASP H 87 7.50 8.22 64.88
C ASP H 87 6.87 9.58 64.58
N PHE H 88 6.17 10.17 65.56
CA PHE H 88 5.56 11.47 65.36
C PHE H 88 6.65 12.52 65.18
N ASN H 89 6.45 13.47 64.27
CA ASN H 89 7.39 14.57 64.11
C ASN H 89 7.27 15.56 65.27
N ASN H 90 8.44 15.93 65.81
CA ASN H 90 8.64 17.09 66.68
C ASN H 90 9.39 18.15 65.88
N LEU H 91 8.98 19.41 66.07
CA LEU H 91 9.70 20.56 65.53
C LEU H 91 10.90 20.81 66.43
N THR H 92 12.01 20.13 66.16
CA THR H 92 13.13 20.26 67.08
C THR H 92 14.18 21.23 66.55
N LYS H 93 13.92 21.86 65.38
CA LYS H 93 14.90 22.66 64.68
C LYS H 93 14.44 24.11 64.56
N GLY H 94 15.37 24.96 64.09
CA GLY H 94 15.11 26.37 63.86
C GLY H 94 15.17 26.67 62.37
N LEU H 95 14.87 27.91 62.00
CA LEU H 95 14.79 28.28 60.60
C LEU H 95 16.20 28.33 60.01
N CYS H 96 16.30 28.20 58.67
CA CYS H 96 17.56 28.48 57.97
C CYS H 96 17.66 29.99 57.74
N THR H 97 18.80 30.49 57.23
CA THR H 97 18.96 31.93 57.05
C THR H 97 18.49 32.31 55.65
N ILE H 98 17.48 33.18 55.58
CA ILE H 98 16.96 33.52 54.29
C ILE H 98 17.81 34.68 53.78
N ASN H 99 18.59 34.43 52.73
CA ASN H 99 19.34 35.48 52.05
C ASN H 99 18.80 35.64 50.64
N SER H 100 17.89 34.74 50.26
CA SER H 100 17.05 34.84 49.09
C SER H 100 16.26 33.55 48.93
N TRP H 101 15.48 33.46 47.85
CA TRP H 101 14.59 32.33 47.64
C TRP H 101 14.91 31.72 46.28
N HIS H 102 14.84 30.38 46.18
CA HIS H 102 15.20 29.69 44.95
C HIS H 102 13.94 29.05 44.41
N ILE H 103 13.93 28.69 43.12
CA ILE H 103 12.75 28.03 42.61
C ILE H 103 12.72 26.56 43.03
N TYR H 104 11.50 26.08 43.35
CA TYR H 104 11.15 24.79 43.94
C TYR H 104 10.23 24.02 42.99
N GLY H 105 9.04 24.57 42.71
CA GLY H 105 8.12 23.96 41.77
C GLY H 105 7.15 24.96 41.12
N LYS H 106 6.55 24.53 40.00
CA LYS H 106 5.63 25.36 39.25
C LYS H 106 4.86 24.45 38.29
N ASP H 107 3.53 24.64 38.21
CA ASP H 107 2.70 23.72 37.47
C ASP H 107 2.73 24.06 35.99
N ASN H 108 2.26 25.28 35.69
CA ASN H 108 1.99 25.76 34.34
C ASN H 108 0.59 25.32 33.93
N ALA H 109 -0.33 25.35 34.91
CA ALA H 109 -1.62 24.65 34.89
C ALA H 109 -2.55 25.23 33.85
N VAL H 110 -2.65 26.56 33.84
CA VAL H 110 -3.48 27.27 32.88
C VAL H 110 -2.85 27.15 31.48
N ARG H 111 -1.53 27.24 31.40
CA ARG H 111 -0.84 27.12 30.13
C ARG H 111 -1.14 25.75 29.48
N ILE H 112 -0.80 24.64 30.18
CA ILE H 112 -0.96 23.26 29.71
C ILE H 112 -2.43 22.95 29.51
N GLY H 113 -3.21 23.16 30.58
CA GLY H 113 -4.65 22.98 30.59
C GLY H 113 -5.37 23.98 29.69
N GLU H 114 -4.73 24.42 28.59
CA GLU H 114 -5.37 25.06 27.44
C GLU H 114 -5.77 23.97 26.45
N ASP H 115 -5.06 22.85 26.53
CA ASP H 115 -5.21 21.71 25.65
C ASP H 115 -4.89 20.46 26.46
N SER H 116 -5.73 20.19 27.48
CA SER H 116 -5.43 19.23 28.52
C SER H 116 -6.53 19.21 29.58
N ASP H 117 -6.86 18.01 30.05
CA ASP H 117 -8.03 17.79 30.89
C ASP H 117 -7.68 18.11 32.33
N VAL H 118 -7.34 19.39 32.57
CA VAL H 118 -6.84 19.89 33.84
C VAL H 118 -8.05 20.43 34.61
N LEU H 119 -8.05 20.34 35.95
CA LEU H 119 -9.22 20.70 36.72
C LEU H 119 -9.15 22.19 37.04
N VAL H 120 -10.33 22.81 37.18
CA VAL H 120 -10.36 24.20 37.57
C VAL H 120 -10.07 24.16 39.07
N THR H 121 -9.06 24.93 39.53
CA THR H 121 -8.74 25.03 40.95
C THR H 121 -8.68 26.47 41.42
N ARG H 122 -8.19 26.62 42.67
CA ARG H 122 -8.03 27.88 43.40
C ARG H 122 -7.76 27.53 44.87
N GLU H 123 -7.36 28.52 45.67
CA GLU H 123 -7.00 28.29 47.06
C GLU H 123 -5.97 27.15 47.16
N PRO H 124 -4.88 27.10 46.35
CA PRO H 124 -3.89 26.03 46.44
C PRO H 124 -3.04 26.08 47.70
N TYR H 125 -2.20 25.04 47.83
CA TYR H 125 -1.21 24.90 48.88
C TYR H 125 -0.34 23.68 48.65
N VAL H 126 0.68 23.53 49.50
CA VAL H 126 1.67 22.47 49.37
C VAL H 126 1.93 21.91 50.75
N SER H 127 1.88 20.56 50.86
CA SER H 127 2.15 19.84 52.09
C SER H 127 3.16 18.74 51.81
N CYS H 128 4.14 18.59 52.69
CA CYS H 128 5.05 17.45 52.58
C CYS H 128 4.56 16.33 53.49
N ASP H 129 4.58 15.13 52.93
CA ASP H 129 4.72 13.89 53.69
C ASP H 129 6.20 13.53 53.70
N PRO H 130 6.65 12.73 54.71
CA PRO H 130 8.05 12.30 54.84
C PRO H 130 8.75 11.67 53.64
N ASP H 131 8.19 11.82 52.43
CA ASP H 131 8.69 11.06 51.30
C ASP H 131 8.39 11.78 49.98
N GLU H 132 7.42 12.71 50.00
CA GLU H 132 7.03 13.43 48.80
C GLU H 132 6.36 14.75 49.19
N CYS H 133 6.58 15.79 48.37
CA CYS H 133 5.86 17.04 48.54
C CYS H 133 4.89 17.23 47.38
N ARG H 134 3.63 17.43 47.75
CA ARG H 134 2.48 17.37 46.85
C ARG H 134 1.82 18.73 46.82
N PHE H 135 1.46 19.20 45.62
CA PHE H 135 0.59 20.36 45.52
C PHE H 135 -0.81 19.90 45.90
N TYR H 136 -1.54 20.78 46.62
CA TYR H 136 -2.92 20.64 47.00
C TYR H 136 -3.65 21.92 46.55
N ALA H 137 -4.98 21.86 46.29
CA ALA H 137 -5.80 23.04 46.04
C ALA H 137 -7.26 22.73 46.36
N LEU H 138 -8.19 23.60 45.97
CA LEU H 138 -9.59 23.21 45.99
C LEU H 138 -10.07 23.01 44.56
N SER H 139 -10.58 21.79 44.29
CA SER H 139 -11.13 21.48 42.99
C SER H 139 -12.45 22.20 42.79
N GLN H 140 -12.92 22.27 41.53
CA GLN H 140 -14.19 22.91 41.29
C GLN H 140 -15.14 21.96 40.58
N GLY H 141 -14.60 20.84 40.08
CA GLY H 141 -15.40 19.72 39.63
C GLY H 141 -15.69 19.78 38.13
N THR H 142 -14.70 20.20 37.36
CA THR H 142 -14.77 20.36 35.91
C THR H 142 -13.36 20.69 35.42
N THR H 143 -13.10 20.48 34.12
CA THR H 143 -11.86 20.95 33.48
C THR H 143 -12.02 22.41 33.09
N ILE H 144 -10.96 23.02 32.55
CA ILE H 144 -10.95 24.47 32.36
C ILE H 144 -11.53 24.78 30.98
N ARG H 145 -11.60 23.75 30.13
CA ARG H 145 -12.23 23.94 28.83
C ARG H 145 -13.54 23.17 28.81
N GLY H 146 -13.88 22.54 29.95
CA GLY H 146 -15.23 22.05 30.17
C GLY H 146 -16.21 23.23 30.14
N LYS H 147 -17.36 23.04 29.47
CA LYS H 147 -18.34 24.12 29.50
C LYS H 147 -18.61 24.47 30.98
N HIS H 148 -18.55 23.43 31.83
CA HIS H 148 -18.77 23.49 33.27
C HIS H 148 -17.90 24.51 34.02
N SER H 149 -16.92 25.14 33.35
CA SER H 149 -16.17 26.15 34.08
C SER H 149 -16.97 27.45 34.16
N ASN H 150 -17.80 27.69 33.14
CA ASN H 150 -18.70 28.83 33.22
C ASN H 150 -19.07 29.04 34.70
N GLY H 151 -18.55 30.12 35.29
CA GLY H 151 -19.06 30.64 36.55
C GLY H 151 -18.36 30.04 37.77
N THR H 152 -17.10 29.58 37.59
CA THR H 152 -16.37 28.91 38.65
C THR H 152 -15.67 29.91 39.56
N ILE H 153 -15.91 31.20 39.30
CA ILE H 153 -15.44 32.25 40.18
C ILE H 153 -15.93 31.96 41.59
N HIS H 154 -17.19 31.47 41.74
CA HIS H 154 -17.84 31.24 43.03
C HIS H 154 -17.03 30.29 43.90
N ASP H 155 -17.12 30.48 45.22
CA ASP H 155 -16.21 29.81 46.13
C ASP H 155 -16.78 28.45 46.55
N ARG H 156 -18.02 28.44 47.04
CA ARG H 156 -18.61 27.28 47.69
C ARG H 156 -19.67 26.70 46.77
N SER H 157 -19.58 25.39 46.53
CA SER H 157 -20.47 24.65 45.65
C SER H 157 -20.36 23.17 46.01
N GLN H 158 -21.44 22.41 45.83
CA GLN H 158 -21.41 20.98 46.14
C GLN H 158 -20.27 20.28 45.38
N TYR H 159 -19.81 20.88 44.29
CA TYR H 159 -18.90 20.16 43.41
C TYR H 159 -17.45 20.52 43.67
N ARG H 160 -17.10 20.71 44.96
CA ARG H 160 -15.72 20.95 45.35
C ARG H 160 -15.18 19.82 46.26
N ALA H 161 -13.89 19.50 46.04
CA ALA H 161 -13.10 18.65 46.90
C ALA H 161 -11.68 19.21 46.97
N LEU H 162 -11.04 19.05 48.14
CA LEU H 162 -9.59 19.02 48.25
C LEU H 162 -9.09 17.82 47.45
N ILE H 163 -8.29 18.13 46.42
CA ILE H 163 -7.46 17.18 45.69
C ILE H 163 -6.00 17.36 46.14
N SER H 164 -5.09 16.62 45.50
CA SER H 164 -3.64 16.73 45.65
C SER H 164 -3.00 15.96 44.49
N TRP H 165 -1.77 16.36 44.12
CA TRP H 165 -1.06 15.85 42.96
C TRP H 165 0.47 16.08 43.08
N PRO H 166 1.32 15.55 42.17
CA PRO H 166 2.76 15.52 42.41
C PRO H 166 3.48 16.80 41.97
N LEU H 167 4.45 17.23 42.79
CA LEU H 167 5.03 18.56 42.73
C LEU H 167 5.38 18.93 41.28
N SER H 168 5.03 20.18 40.91
CA SER H 168 5.24 20.77 39.61
C SER H 168 4.34 20.21 38.50
N SER H 169 3.71 19.04 38.72
CA SER H 169 2.68 18.57 37.79
C SER H 169 1.43 19.44 37.94
N PRO H 170 0.46 19.45 37.00
CA PRO H 170 -0.72 20.30 37.11
C PRO H 170 -1.87 19.44 37.61
N PRO H 171 -2.96 20.05 38.16
CA PRO H 171 -4.08 19.29 38.69
C PRO H 171 -4.91 18.69 37.55
N THR H 172 -4.70 17.39 37.28
CA THR H 172 -5.32 16.74 36.14
C THR H 172 -6.30 15.67 36.60
N VAL H 173 -7.16 15.26 35.66
CA VAL H 173 -8.27 14.37 35.99
C VAL H 173 -7.71 13.05 36.49
N TYR H 174 -6.59 12.66 35.87
CA TYR H 174 -6.01 11.34 36.00
C TYR H 174 -4.71 11.39 36.80
N ASN H 175 -4.57 12.40 37.65
CA ASN H 175 -3.38 12.48 38.49
C ASN H 175 -3.83 12.96 39.87
N SER H 176 -4.92 13.71 39.88
CA SER H 176 -5.43 14.33 41.08
C SER H 176 -6.23 13.29 41.87
N ARG H 177 -5.63 12.88 42.98
CA ARG H 177 -6.33 12.10 43.99
C ARG H 177 -6.97 13.10 44.94
N VAL H 178 -8.03 12.66 45.64
CA VAL H 178 -8.95 13.47 46.44
C VAL H 178 -8.80 13.02 47.89
N GLU H 179 -8.88 13.96 48.86
CA GLU H 179 -8.77 13.59 50.27
C GLU H 179 -10.14 13.68 50.94
N CYS H 180 -10.82 14.83 50.75
CA CYS H 180 -12.18 15.02 51.24
C CYS H 180 -13.03 15.84 50.27
N ILE H 181 -14.23 16.22 50.72
CA ILE H 181 -15.22 16.87 49.88
C ILE H 181 -15.65 18.15 50.58
N GLY H 182 -15.67 19.23 49.82
CA GLY H 182 -16.04 20.51 50.38
C GLY H 182 -15.18 21.64 49.82
N TRP H 183 -15.39 22.83 50.38
CA TRP H 183 -14.99 24.05 49.70
C TRP H 183 -14.03 24.83 50.60
N SER H 184 -13.33 24.12 51.49
CA SER H 184 -12.47 24.72 52.49
C SER H 184 -11.69 23.62 53.20
N SER H 185 -10.40 23.86 53.49
CA SER H 185 -9.50 22.74 53.75
C SER H 185 -8.24 23.16 54.51
N THR H 186 -7.63 22.18 55.18
CA THR H 186 -6.24 22.16 55.61
C THR H 186 -5.78 20.71 55.75
N SER H 187 -4.46 20.44 55.61
CA SER H 187 -3.93 19.08 55.50
C SER H 187 -2.46 19.01 55.92
N CYS H 188 -2.15 18.15 56.91
CA CYS H 188 -0.79 18.04 57.43
C CYS H 188 -0.48 16.64 57.99
N HIS H 189 0.79 16.24 57.84
CA HIS H 189 1.36 14.99 58.28
C HIS H 189 2.07 15.18 59.62
N ASP H 190 1.81 14.27 60.56
CA ASP H 190 2.47 14.32 61.87
C ASP H 190 3.70 13.41 61.87
N GLY H 191 4.02 12.83 60.71
CA GLY H 191 5.22 12.04 60.65
C GLY H 191 4.90 10.56 60.68
N LYS H 192 3.82 10.22 61.41
CA LYS H 192 3.15 8.93 61.31
C LYS H 192 2.26 8.88 60.06
N THR H 193 1.42 9.92 59.83
CA THR H 193 0.45 9.91 58.73
C THR H 193 -0.19 11.29 58.58
N ARG H 194 -1.14 11.39 57.63
CA ARG H 194 -1.75 12.65 57.18
C ARG H 194 -3.10 12.95 57.86
N MET H 195 -3.41 14.26 57.93
CA MET H 195 -4.69 14.77 58.40
C MET H 195 -5.20 15.78 57.39
N SER H 196 -6.11 15.34 56.53
CA SER H 196 -6.85 16.27 55.68
C SER H 196 -8.14 16.72 56.37
N ILE H 197 -8.72 17.85 55.94
CA ILE H 197 -9.90 18.39 56.58
C ILE H 197 -10.75 19.13 55.56
N CYS H 198 -12.07 18.95 55.67
CA CYS H 198 -12.99 19.57 54.73
C CYS H 198 -14.28 19.98 55.44
N ILE H 199 -14.59 21.29 55.31
CA ILE H 199 -15.85 21.90 55.69
C ILE H 199 -16.75 21.87 54.46
N SER H 200 -17.91 21.24 54.60
CA SER H 200 -18.91 21.25 53.53
C SER H 200 -20.19 21.87 54.09
N GLY H 201 -21.09 22.25 53.19
CA GLY H 201 -22.46 22.57 53.58
C GLY H 201 -22.94 23.95 53.12
N PRO H 202 -24.19 24.33 53.47
CA PRO H 202 -24.69 25.68 53.21
C PRO H 202 -24.11 26.64 54.23
N ASN H 203 -23.96 27.90 53.80
CA ASN H 203 -23.53 29.02 54.63
C ASN H 203 -23.86 28.79 56.09
N ASN H 204 -25.17 28.58 56.37
CA ASN H 204 -25.73 28.66 57.71
C ASN H 204 -25.76 27.32 58.43
N ASN H 205 -24.97 26.32 57.97
CA ASN H 205 -25.14 24.97 58.48
C ASN H 205 -23.96 24.11 58.05
N ALA H 206 -22.75 24.68 58.08
CA ALA H 206 -21.63 23.90 57.55
C ALA H 206 -21.03 22.99 58.63
N SER H 207 -20.28 21.98 58.17
CA SER H 207 -19.52 21.11 59.05
C SER H 207 -18.12 20.89 58.51
N ALA H 208 -17.23 20.58 59.45
CA ALA H 208 -15.89 20.11 59.18
C ALA H 208 -15.87 18.64 59.56
N VAL H 209 -15.48 17.83 58.57
CA VAL H 209 -15.12 16.44 58.70
C VAL H 209 -13.60 16.41 58.68
N ILE H 210 -13.01 15.87 59.75
CA ILE H 210 -11.58 15.68 59.88
C ILE H 210 -11.25 14.21 59.59
N TRP H 211 -10.25 14.00 58.73
CA TRP H 211 -9.82 12.69 58.27
C TRP H 211 -8.49 12.36 58.95
N TYR H 212 -8.35 11.09 59.39
CA TYR H 212 -7.04 10.69 59.88
C TYR H 212 -6.61 9.34 59.30
N ASN H 213 -5.57 9.40 58.48
CA ASN H 213 -5.10 8.23 57.76
C ASN H 213 -6.13 7.84 56.71
N ARG H 214 -6.68 8.83 56.02
CA ARG H 214 -7.53 8.59 54.88
C ARG H 214 -8.91 8.06 55.29
N ARG H 215 -9.23 8.14 56.59
CA ARG H 215 -10.50 7.64 57.10
C ARG H 215 -11.16 8.72 57.94
N PRO H 216 -12.47 9.05 57.72
CA PRO H 216 -13.13 10.06 58.52
C PRO H 216 -13.08 9.59 59.97
N VAL H 217 -12.67 10.50 60.88
CA VAL H 217 -12.64 10.20 62.30
C VAL H 217 -13.65 11.08 63.04
N THR H 218 -13.48 12.41 62.98
CA THR H 218 -14.33 13.33 63.72
C THR H 218 -15.06 14.23 62.74
N GLU H 219 -16.16 14.84 63.21
CA GLU H 219 -16.93 15.80 62.44
C GLU H 219 -17.45 16.88 63.39
N ILE H 220 -17.22 18.15 63.04
CA ILE H 220 -17.64 19.29 63.85
C ILE H 220 -18.71 20.07 63.08
N ASN H 221 -19.50 20.85 63.80
CA ASN H 221 -20.65 21.53 63.22
C ASN H 221 -20.46 23.05 63.42
N THR H 222 -21.07 23.84 62.53
CA THR H 222 -21.10 25.29 62.69
C THR H 222 -21.41 25.68 64.13
N TRP H 223 -20.67 26.64 64.71
CA TRP H 223 -20.97 27.12 66.05
C TRP H 223 -21.59 28.52 66.00
N ALA H 224 -21.44 29.19 64.85
CA ALA H 224 -22.17 30.42 64.56
C ALA H 224 -22.70 30.39 63.13
N ARG H 225 -22.97 29.18 62.61
CA ARG H 225 -23.75 28.98 61.40
C ARG H 225 -23.62 30.15 60.45
N ASN H 226 -22.40 30.34 59.92
CA ASN H 226 -22.07 31.45 59.04
C ASN H 226 -20.71 31.17 58.40
N ILE H 227 -20.72 30.33 57.36
CA ILE H 227 -19.56 29.97 56.55
C ILE H 227 -18.40 29.54 57.45
N LEU H 228 -18.58 28.42 58.15
CA LEU H 228 -17.53 27.74 58.89
C LEU H 228 -16.36 27.50 57.94
N ARG H 229 -15.14 27.87 58.36
CA ARG H 229 -13.98 27.88 57.46
C ARG H 229 -12.66 27.87 58.23
N THR H 230 -11.58 27.60 57.47
CA THR H 230 -10.28 27.31 58.04
C THR H 230 -9.21 27.90 57.14
N GLN H 231 -8.11 27.13 57.01
CA GLN H 231 -6.79 27.69 56.80
C GLN H 231 -6.51 28.02 55.35
N GLU H 232 -6.99 27.17 54.44
CA GLU H 232 -6.66 27.23 53.02
C GLU H 232 -5.16 27.05 52.74
N SER H 233 -4.41 26.56 53.73
CA SER H 233 -3.05 26.07 53.55
C SER H 233 -2.79 24.92 54.51
N GLU H 234 -1.54 24.45 54.53
CA GLU H 234 -1.19 23.24 55.23
C GLU H 234 -1.05 23.55 56.71
N CYS H 235 -1.54 22.65 57.58
CA CYS H 235 -1.31 22.82 59.02
C CYS H 235 0.07 22.27 59.38
N VAL H 236 0.29 22.06 60.68
CA VAL H 236 1.61 21.79 61.24
C VAL H 236 1.44 21.08 62.57
N CYS H 237 2.20 19.96 62.75
CA CYS H 237 2.12 19.07 63.89
C CYS H 237 3.41 19.07 64.70
N HIS H 238 3.31 18.64 65.97
CA HIS H 238 4.46 18.54 66.85
C HIS H 238 4.17 17.42 67.84
N ASN H 239 4.93 16.34 67.73
CA ASN H 239 4.66 15.19 68.57
C ASN H 239 3.16 14.90 68.45
N GLY H 240 2.64 15.05 67.21
CA GLY H 240 1.34 14.51 66.83
C GLY H 240 0.15 15.34 67.32
N VAL H 241 0.38 16.39 68.14
CA VAL H 241 -0.65 17.42 68.23
C VAL H 241 -0.52 18.31 67.00
N CYS H 242 -1.67 18.62 66.37
CA CYS H 242 -1.76 19.26 65.07
C CYS H 242 -2.80 20.38 65.13
N PRO H 243 -2.42 21.61 65.57
CA PRO H 243 -3.38 22.72 65.71
C PRO H 243 -3.92 23.25 64.38
N VAL H 244 -5.23 23.52 64.35
CA VAL H 244 -5.85 24.09 63.16
C VAL H 244 -6.60 25.35 63.58
N VAL H 245 -6.64 26.36 62.69
CA VAL H 245 -7.29 27.62 63.04
C VAL H 245 -8.59 27.77 62.24
N PHE H 246 -9.71 28.02 62.93
CA PHE H 246 -10.99 28.10 62.23
C PHE H 246 -11.68 29.42 62.54
N THR H 247 -12.56 29.84 61.62
CA THR H 247 -13.52 30.90 61.84
C THR H 247 -14.92 30.46 61.42
N ASP H 248 -15.92 30.90 62.20
CA ASP H 248 -17.33 30.77 61.91
C ASP H 248 -18.04 32.06 62.36
N GLY H 249 -18.61 32.81 61.40
CA GLY H 249 -19.13 34.12 61.72
C GLY H 249 -18.95 35.14 60.58
N SER H 250 -19.06 36.42 60.94
CA SER H 250 -19.05 37.49 59.98
C SER H 250 -17.69 37.65 59.32
N ALA H 251 -17.71 37.78 57.99
CA ALA H 251 -16.54 38.23 57.25
C ALA H 251 -16.28 39.71 57.54
N THR H 252 -17.26 40.36 58.18
CA THR H 252 -17.31 41.81 58.16
C THR H 252 -17.44 42.34 59.58
N GLY H 253 -17.24 41.48 60.57
CA GLY H 253 -17.18 42.02 61.92
C GLY H 253 -16.56 41.07 62.92
N PRO H 254 -16.73 41.31 64.24
CA PRO H 254 -16.26 40.37 65.26
C PRO H 254 -16.85 38.99 64.98
N ALA H 255 -15.99 37.95 64.96
CA ALA H 255 -16.41 36.60 64.56
C ALA H 255 -15.89 35.54 65.53
N GLU H 256 -16.31 34.30 65.30
CA GLU H 256 -15.98 33.19 66.18
C GLU H 256 -14.85 32.34 65.60
N THR H 257 -13.63 32.71 66.00
CA THR H 257 -12.43 32.02 65.57
C THR H 257 -11.96 31.11 66.69
N ARG H 258 -11.54 29.91 66.29
CA ARG H 258 -11.22 28.84 67.23
C ARG H 258 -9.97 28.12 66.74
N ILE H 259 -9.12 27.77 67.72
CA ILE H 259 -7.94 26.92 67.57
C ILE H 259 -8.30 25.54 68.11
N TYR H 260 -8.43 24.54 67.21
CA TYR H 260 -8.63 23.16 67.61
C TYR H 260 -7.30 22.42 67.66
N TYR H 261 -7.09 21.67 68.76
CA TYR H 261 -5.88 20.88 68.97
C TYR H 261 -6.18 19.42 68.63
N PHE H 262 -5.50 18.90 67.60
CA PHE H 262 -5.79 17.59 67.03
C PHE H 262 -4.67 16.62 67.36
N LYS H 263 -4.97 15.33 67.15
CA LYS H 263 -4.07 14.19 67.30
C LYS H 263 -4.83 12.96 66.86
N GLU H 264 -4.35 12.31 65.80
CA GLU H 264 -4.95 11.12 65.24
C GLU H 264 -6.42 11.38 64.90
N GLY H 265 -6.76 12.65 64.64
CA GLY H 265 -8.09 13.02 64.20
C GLY H 265 -9.06 13.31 65.34
N LYS H 266 -8.55 13.49 66.58
CA LYS H 266 -9.37 13.61 67.78
C LYS H 266 -9.20 15.01 68.40
N ILE H 267 -10.28 15.50 69.02
CA ILE H 267 -10.25 16.81 69.62
C ILE H 267 -9.77 16.67 71.06
N LEU H 268 -8.48 16.95 71.30
CA LEU H 268 -7.91 16.88 72.64
C LEU H 268 -8.41 18.05 73.46
N LYS H 269 -8.51 19.20 72.77
CA LYS H 269 -8.91 20.47 73.34
C LYS H 269 -9.36 21.39 72.19
N TRP H 270 -10.07 22.48 72.53
CA TRP H 270 -10.25 23.57 71.59
C TRP H 270 -10.27 24.86 72.40
N GLU H 271 -9.79 25.92 71.77
CA GLU H 271 -9.79 27.26 72.36
C GLU H 271 -10.63 28.23 71.52
N PRO H 272 -11.11 29.33 72.13
CA PRO H 272 -11.45 30.56 71.39
C PRO H 272 -10.28 31.54 71.36
N LEU H 273 -10.23 32.30 70.27
CA LEU H 273 -9.20 33.31 70.06
C LEU H 273 -8.91 34.09 71.35
N ALA H 274 -7.64 34.46 71.48
CA ALA H 274 -7.12 35.31 72.55
C ALA H 274 -5.95 36.10 71.96
N GLY H 275 -5.42 37.03 72.76
CA GLY H 275 -4.48 38.00 72.22
C GLY H 275 -5.25 39.16 71.61
N THR H 276 -4.61 39.93 70.72
CA THR H 276 -5.14 41.23 70.33
C THR H 276 -5.58 41.23 68.86
N ALA H 277 -5.77 40.05 68.28
CA ALA H 277 -6.28 39.97 66.93
C ALA H 277 -7.80 40.04 66.95
N LYS H 278 -8.32 41.10 66.33
CA LYS H 278 -9.74 41.39 66.36
C LYS H 278 -10.46 40.51 65.33
N HIS H 279 -9.71 39.82 64.48
CA HIS H 279 -10.36 39.05 63.43
C HIS H 279 -9.37 38.17 62.69
N ILE H 280 -9.69 36.88 62.51
CA ILE H 280 -8.81 35.90 61.88
C ILE H 280 -9.49 35.13 60.74
N GLU H 281 -8.74 34.97 59.65
CA GLU H 281 -9.15 34.23 58.47
C GLU H 281 -7.88 33.65 57.85
N GLU H 282 -7.98 32.45 57.28
CA GLU H 282 -7.07 31.96 56.26
C GLU H 282 -5.59 31.96 56.69
N CYS H 283 -5.30 31.43 57.88
CA CYS H 283 -3.95 31.39 58.42
C CYS H 283 -2.95 30.63 57.55
N SER H 284 -1.71 31.14 57.51
CA SER H 284 -0.54 30.52 56.90
C SER H 284 0.50 30.22 58.00
N CYS H 285 0.68 28.92 58.30
CA CYS H 285 1.32 28.56 59.56
C CYS H 285 2.62 27.80 59.28
N TYR H 286 3.55 27.91 60.22
CA TYR H 286 4.85 27.29 60.06
C TYR H 286 5.39 26.94 61.43
N GLY H 287 6.10 25.81 61.56
CA GLY H 287 6.69 25.46 62.84
C GLY H 287 8.22 25.60 62.88
N GLU H 288 8.71 25.93 64.08
CA GLU H 288 10.14 25.92 64.39
C GLU H 288 10.26 25.95 65.91
N ARG H 289 11.23 25.20 66.44
CA ARG H 289 11.59 25.24 67.84
C ARG H 289 10.36 25.12 68.73
N ALA H 290 9.61 24.04 68.53
CA ALA H 290 8.43 23.69 69.31
C ALA H 290 7.45 24.87 69.48
N GLU H 291 7.23 25.65 68.42
CA GLU H 291 6.26 26.73 68.44
C GLU H 291 5.59 26.82 67.07
N ILE H 292 4.26 26.83 67.03
CA ILE H 292 3.68 27.03 65.72
C ILE H 292 3.39 28.51 65.57
N THR H 293 3.82 29.08 64.43
CA THR H 293 3.55 30.46 64.09
C THR H 293 2.79 30.57 62.77
N CYS H 294 1.68 31.32 62.85
CA CYS H 294 0.67 31.49 61.82
C CYS H 294 0.57 32.96 61.44
N THR H 295 0.32 33.23 60.16
CA THR H 295 0.09 34.58 59.66
C THR H 295 -1.23 34.56 58.90
N CYS H 296 -2.26 35.20 59.49
CA CYS H 296 -3.64 35.06 59.03
C CYS H 296 -4.02 36.33 58.30
N ARG H 297 -5.33 36.55 58.10
CA ARG H 297 -5.86 37.68 57.34
C ARG H 297 -6.99 38.32 58.11
N ASP H 298 -6.80 39.58 58.52
CA ASP H 298 -7.93 40.35 59.01
C ASP H 298 -8.76 40.79 57.81
N ASN H 299 -9.99 40.29 57.73
CA ASN H 299 -10.93 40.64 56.66
C ASN H 299 -11.70 41.90 57.05
N TRP H 300 -11.79 42.13 58.35
CA TRP H 300 -12.67 43.15 58.85
C TRP H 300 -11.96 44.48 58.61
N GLN H 301 -11.25 45.01 59.62
CA GLN H 301 -10.70 46.36 59.53
C GLN H 301 -9.19 46.40 59.24
N GLY H 302 -8.49 45.28 59.43
CA GLY H 302 -7.04 45.29 59.39
C GLY H 302 -6.48 45.27 57.97
N SER H 303 -5.32 45.94 57.81
CA SER H 303 -4.53 45.76 56.60
C SER H 303 -3.05 45.48 56.95
N ASN H 304 -2.77 45.30 58.24
CA ASN H 304 -1.61 44.55 58.69
C ASN H 304 -2.12 43.15 58.96
N ARG H 305 -1.24 42.16 58.86
CA ARG H 305 -1.64 40.77 59.09
C ARG H 305 -1.56 40.41 60.58
N PRO H 306 -2.70 39.98 61.18
CA PRO H 306 -2.71 39.33 62.50
C PRO H 306 -1.96 38.00 62.52
N VAL H 307 -1.62 37.52 63.71
CA VAL H 307 -0.60 36.51 63.94
C VAL H 307 -0.94 35.75 65.23
N ILE H 308 -1.22 34.45 65.07
CA ILE H 308 -1.45 33.52 66.15
C ILE H 308 -0.16 32.75 66.41
N ARG H 309 0.27 32.72 67.68
CA ARG H 309 1.41 31.94 68.15
C ARG H 309 0.90 30.87 69.10
N ILE H 310 1.16 29.60 68.77
CA ILE H 310 0.62 28.44 69.47
C ILE H 310 1.77 27.57 70.00
N ASP H 311 1.76 27.36 71.31
CA ASP H 311 2.54 26.30 71.91
C ASP H 311 1.80 24.97 71.79
N PRO H 312 2.24 24.06 70.89
CA PRO H 312 1.51 22.83 70.64
C PRO H 312 1.51 21.83 71.80
N VAL H 313 2.37 22.09 72.81
CA VAL H 313 2.58 21.12 73.86
C VAL H 313 1.70 21.49 75.06
N ALA H 314 1.83 22.75 75.48
CA ALA H 314 0.92 23.28 76.50
C ALA H 314 -0.43 23.57 75.86
N MET H 315 -0.47 23.50 74.52
CA MET H 315 -1.68 23.69 73.74
C MET H 315 -2.31 25.01 74.18
N THR H 316 -1.57 26.11 73.99
CA THR H 316 -2.03 27.43 74.40
C THR H 316 -1.43 28.47 73.46
N HIS H 317 -2.19 29.54 73.21
CA HIS H 317 -1.78 30.51 72.21
C HIS H 317 -1.99 31.96 72.66
N THR H 318 -1.53 32.88 71.79
CA THR H 318 -1.94 34.27 71.81
C THR H 318 -2.07 34.80 70.38
N SER H 319 -2.43 36.08 70.31
CA SER H 319 -2.45 36.78 69.04
C SER H 319 -1.90 38.19 69.21
N GLN H 320 -1.58 38.77 68.05
CA GLN H 320 -1.42 40.20 67.85
C GLN H 320 -1.33 40.44 66.34
N TYR H 321 -0.81 41.61 65.95
CA TYR H 321 -0.60 41.91 64.54
C TYR H 321 0.90 42.11 64.36
N ILE H 322 1.41 41.80 63.16
CA ILE H 322 2.69 42.30 62.68
C ILE H 322 2.72 43.82 62.86
N CYS H 323 3.68 44.29 63.68
CA CYS H 323 3.84 45.67 64.05
C CYS H 323 4.23 46.53 62.86
N SER H 324 5.01 45.94 61.93
CA SER H 324 5.70 46.65 60.87
C SER H 324 4.74 47.56 60.10
N PRO H 325 5.20 48.76 59.71
CA PRO H 325 4.43 49.61 58.80
C PRO H 325 4.65 49.15 57.37
N VAL H 326 5.36 48.00 57.22
CA VAL H 326 5.37 47.32 55.93
C VAL H 326 4.12 46.47 55.92
N LEU H 327 3.00 47.11 55.57
CA LEU H 327 1.68 46.50 55.55
C LEU H 327 1.70 45.50 54.39
N THR H 328 0.89 44.46 54.54
CA THR H 328 1.18 43.17 53.94
C THR H 328 -0.06 42.60 53.22
N ASP H 329 -1.26 42.94 53.72
CA ASP H 329 -2.55 42.54 53.15
C ASP H 329 -2.87 43.28 51.85
N ASN H 330 -4.04 42.93 51.27
CA ASN H 330 -4.49 43.48 49.99
C ASN H 330 -6.00 43.24 49.80
N PRO H 331 -6.73 44.30 49.41
CA PRO H 331 -6.23 45.67 49.36
C PRO H 331 -5.64 46.20 50.67
N ARG H 332 -4.83 47.27 50.55
CA ARG H 332 -4.08 47.82 51.66
C ARG H 332 -3.92 49.34 51.51
N PRO H 333 -3.79 50.10 52.62
CA PRO H 333 -3.48 51.51 52.51
C PRO H 333 -1.99 51.57 52.21
N ASN H 334 -1.53 52.69 51.66
CA ASN H 334 -0.13 52.97 51.40
C ASN H 334 0.64 52.78 52.70
N ASP H 335 1.89 52.27 52.59
CA ASP H 335 2.75 52.04 53.75
C ASP H 335 2.88 53.34 54.55
N PRO H 336 2.59 53.36 55.87
CA PRO H 336 2.95 54.51 56.71
C PRO H 336 4.40 54.46 57.22
N THR H 337 4.75 55.44 58.10
CA THR H 337 5.95 55.49 58.92
C THR H 337 5.88 54.47 60.07
N VAL H 338 4.83 54.54 60.90
CA VAL H 338 4.61 53.54 61.95
C VAL H 338 3.33 52.72 61.71
N GLY H 339 3.40 51.39 61.99
CA GLY H 339 2.28 50.46 62.00
C GLY H 339 1.81 50.12 63.42
N LYS H 340 0.77 49.27 63.53
CA LYS H 340 0.14 48.94 64.80
C LYS H 340 0.48 47.51 65.17
N CYS H 341 0.62 47.25 66.48
CA CYS H 341 1.07 45.97 67.01
C CYS H 341 -0.10 45.13 67.54
N ASN H 342 -1.00 45.76 68.33
CA ASN H 342 -2.09 45.08 69.03
C ASN H 342 -3.46 45.64 68.68
N ASP H 343 -3.71 45.97 67.40
CA ASP H 343 -5.01 46.38 66.86
C ASP H 343 -4.88 46.47 65.34
N PRO H 344 -5.97 46.36 64.54
CA PRO H 344 -5.85 46.46 63.07
C PRO H 344 -5.44 47.87 62.61
N TYR H 345 -4.77 47.92 61.44
CA TYR H 345 -4.33 49.18 60.86
C TYR H 345 -5.42 49.68 59.94
N PRO H 346 -5.95 50.90 60.14
CA PRO H 346 -7.13 51.34 59.40
C PRO H 346 -6.78 51.68 57.96
N GLY H 347 -7.74 51.49 57.06
CA GLY H 347 -7.55 51.85 55.68
C GLY H 347 -8.71 51.31 54.84
N ASN H 348 -8.82 49.97 54.83
CA ASN H 348 -9.70 49.22 53.96
C ASN H 348 -10.47 48.20 54.77
N ASN H 349 -11.77 48.47 54.96
CA ASN H 349 -12.64 47.53 55.65
C ASN H 349 -13.03 46.38 54.71
N ASN H 350 -13.30 45.23 55.33
CA ASN H 350 -14.14 44.14 54.82
C ASN H 350 -13.57 43.49 53.56
N ASN H 351 -12.25 43.26 53.55
CA ASN H 351 -11.53 42.72 52.40
C ASN H 351 -10.18 42.12 52.80
N GLY H 352 -9.63 41.26 51.94
CA GLY H 352 -8.34 40.69 52.26
C GLY H 352 -7.76 39.76 51.19
N VAL H 353 -6.59 39.19 51.50
CA VAL H 353 -6.10 38.03 50.80
C VAL H 353 -5.28 37.24 51.80
N LYS H 354 -5.30 35.91 51.67
CA LYS H 354 -4.55 35.01 52.52
C LYS H 354 -3.07 35.18 52.18
N GLY H 355 -2.25 35.40 53.21
CA GLY H 355 -0.81 35.51 53.06
C GLY H 355 -0.06 34.95 54.27
N PHE H 356 1.26 35.20 54.29
CA PHE H 356 2.17 34.50 55.19
C PHE H 356 3.37 35.41 55.49
N SER H 357 4.24 34.95 56.39
CA SER H 357 5.46 35.61 56.81
C SER H 357 6.26 34.59 57.60
N TYR H 358 7.59 34.79 57.63
CA TYR H 358 8.51 34.08 58.52
C TYR H 358 8.96 35.05 59.59
N LEU H 359 8.55 34.80 60.84
CA LEU H 359 8.80 35.77 61.91
C LEU H 359 9.85 35.22 62.88
N ASP H 360 11.12 35.56 62.60
CA ASP H 360 12.26 34.97 63.28
C ASP H 360 13.37 36.01 63.51
N GLY H 361 13.09 37.00 64.36
CA GLY H 361 14.08 38.02 64.70
C GLY H 361 14.58 38.80 63.49
N VAL H 362 15.89 38.78 63.28
CA VAL H 362 16.48 39.57 62.22
C VAL H 362 16.35 38.80 60.92
N ASN H 363 15.73 37.63 60.99
CA ASN H 363 15.60 36.72 59.86
C ASN H 363 14.13 36.70 59.44
N THR H 364 13.44 37.84 59.63
CA THR H 364 12.05 38.00 59.31
C THR H 364 11.90 38.41 57.84
N TRP H 365 10.92 37.83 57.16
CA TRP H 365 10.68 38.18 55.78
C TRP H 365 9.18 38.17 55.52
N LEU H 366 8.68 39.34 55.12
CA LEU H 366 7.28 39.55 54.79
C LEU H 366 7.03 39.32 53.29
N GLY H 367 5.88 38.68 52.95
CA GLY H 367 5.35 38.52 51.59
C GLY H 367 4.11 39.38 51.34
N ARG H 368 3.89 39.79 50.08
CA ARG H 368 2.79 40.68 49.76
C ARG H 368 2.70 40.94 48.26
N THR H 369 1.49 41.29 47.84
CA THR H 369 1.26 41.81 46.51
C THR H 369 2.01 43.12 46.36
N ILE H 370 2.37 43.44 45.12
CA ILE H 370 3.03 44.69 44.83
C ILE H 370 2.00 45.80 44.86
N SER H 371 0.83 45.56 44.26
CA SER H 371 -0.25 46.54 44.19
C SER H 371 -0.90 46.67 45.56
N ILE H 372 -1.54 47.82 45.80
CA ILE H 372 -2.16 48.06 47.09
C ILE H 372 -3.66 47.84 46.88
N ALA H 373 -4.00 47.79 45.57
CA ALA H 373 -5.32 47.95 45.00
C ALA H 373 -5.90 46.59 44.61
N SER H 374 -5.15 45.80 43.82
CA SER H 374 -5.60 44.46 43.44
C SER H 374 -4.63 43.34 43.86
N ARG H 375 -4.71 42.22 43.13
CA ARG H 375 -4.03 40.99 43.49
C ARG H 375 -2.93 40.71 42.47
N SER H 376 -1.98 41.64 42.36
CA SER H 376 -1.07 41.59 41.23
C SER H 376 0.36 41.85 41.67
N GLY H 377 1.31 41.33 40.90
CA GLY H 377 2.66 41.22 41.40
C GLY H 377 2.70 40.58 42.78
N TYR H 378 3.86 40.03 43.13
CA TYR H 378 4.09 39.46 44.46
C TYR H 378 5.58 39.57 44.76
N GLU H 379 5.90 39.72 46.05
CA GLU H 379 7.28 40.04 46.37
C GLU H 379 7.66 39.63 47.78
N MET H 380 8.96 39.46 48.02
CA MET H 380 9.40 39.17 49.38
C MET H 380 10.20 40.38 49.88
N LEU H 381 10.03 40.68 51.16
CA LEU H 381 10.81 41.75 51.76
C LEU H 381 11.42 41.24 53.07
N LYS H 382 12.66 41.71 53.34
CA LYS H 382 13.34 41.39 54.58
C LYS H 382 13.13 42.55 55.53
N VAL H 383 12.43 42.29 56.64
CA VAL H 383 12.04 43.38 57.53
C VAL H 383 12.46 43.05 58.97
N PRO H 384 13.74 43.26 59.32
CA PRO H 384 14.25 42.96 60.66
C PRO H 384 13.18 43.35 61.67
N ASN H 385 12.66 42.35 62.40
CA ASN H 385 11.78 42.56 63.54
C ASN H 385 10.42 43.17 63.17
N ALA H 386 9.84 42.72 62.05
CA ALA H 386 8.49 43.13 61.64
C ALA H 386 7.44 42.97 62.75
N LEU H 387 7.50 41.91 63.53
CA LEU H 387 6.47 41.56 64.50
C LEU H 387 6.48 42.42 65.77
N THR H 388 7.63 43.05 66.09
CA THR H 388 7.91 43.71 67.36
C THR H 388 8.28 45.18 67.17
N ASP H 389 8.79 45.50 65.98
CA ASP H 389 9.36 46.81 65.68
C ASP H 389 8.40 47.61 64.82
N ASP H 390 7.81 48.65 65.42
CA ASP H 390 6.70 49.34 64.78
C ASP H 390 7.19 50.46 63.86
N LYS H 391 8.38 50.29 63.31
CA LYS H 391 8.95 51.30 62.42
C LYS H 391 9.97 50.62 61.51
N SER H 392 9.95 49.28 61.48
CA SER H 392 10.85 48.48 60.67
C SER H 392 10.45 48.64 59.20
N LYS H 393 11.48 48.71 58.34
CA LYS H 393 11.32 48.91 56.91
C LYS H 393 12.20 47.87 56.23
N PRO H 394 12.10 47.62 54.91
CA PRO H 394 13.03 46.74 54.24
C PRO H 394 14.48 46.93 54.66
N THR H 395 15.24 45.82 54.60
CA THR H 395 16.68 45.82 54.43
C THR H 395 17.10 44.91 53.27
N GLN H 396 16.17 44.62 52.33
CA GLN H 396 16.40 43.72 51.21
C GLN H 396 15.10 43.04 50.78
N GLY H 397 15.06 42.46 49.56
CA GLY H 397 13.82 41.93 49.02
C GLY H 397 13.98 41.30 47.64
N GLN H 398 12.97 40.54 47.22
CA GLN H 398 13.06 39.80 45.97
C GLN H 398 11.68 39.80 45.28
N THR H 399 11.65 40.20 44.00
CA THR H 399 10.41 40.16 43.27
C THR H 399 10.10 38.73 42.88
N ILE H 400 8.94 38.22 43.34
CA ILE H 400 8.49 36.92 42.87
C ILE H 400 7.66 37.08 41.59
N VAL H 401 6.69 38.01 41.60
CA VAL H 401 5.78 38.15 40.46
C VAL H 401 5.63 39.62 40.15
N LEU H 402 5.81 40.00 38.88
CA LEU H 402 5.77 41.38 38.43
C LEU H 402 4.43 42.04 38.79
N ASN H 403 4.39 43.38 38.80
CA ASN H 403 3.11 44.01 39.15
C ASN H 403 2.21 44.05 37.92
N THR H 404 2.69 43.44 36.83
CA THR H 404 1.91 43.42 35.61
C THR H 404 1.40 42.01 35.36
N ASP H 405 1.38 41.21 36.44
CA ASP H 405 0.89 39.84 36.45
C ASP H 405 0.03 39.62 37.69
N TRP H 406 -0.88 38.63 37.61
CA TRP H 406 -1.82 38.37 38.69
C TRP H 406 -1.15 37.54 39.78
N SER H 407 -1.30 37.99 41.03
CA SER H 407 -1.00 37.08 42.12
C SER H 407 -2.31 36.56 42.70
N GLY H 408 -2.23 36.08 43.94
CA GLY H 408 -3.40 35.67 44.70
C GLY H 408 -3.00 35.24 46.11
N TYR H 409 -3.51 34.07 46.52
CA TYR H 409 -3.24 33.57 47.85
C TYR H 409 -1.81 33.07 47.91
N SER H 410 -1.24 33.09 49.12
CA SER H 410 0.08 32.55 49.33
C SER H 410 0.18 32.04 50.76
N GLY H 411 1.00 31.02 50.98
CA GLY H 411 1.00 30.40 52.29
C GLY H 411 2.31 29.70 52.59
N SER H 412 2.59 29.60 53.89
CA SER H 412 3.78 28.96 54.41
C SER H 412 3.68 27.44 54.27
N PHE H 413 4.76 26.83 53.79
CA PHE H 413 4.98 25.42 54.08
C PHE H 413 6.46 25.21 54.38
N MET H 414 6.79 24.01 54.80
CA MET H 414 8.16 23.63 55.08
C MET H 414 8.21 22.11 55.04
N ASP H 415 9.32 21.59 54.53
CA ASP H 415 9.59 20.16 54.44
C ASP H 415 10.25 19.65 55.71
N TYR H 416 9.47 19.42 56.78
CA TYR H 416 9.97 19.07 58.10
C TYR H 416 10.75 17.75 58.11
N TRP H 417 10.86 17.11 56.93
CA TRP H 417 11.55 15.83 56.87
C TRP H 417 12.74 15.94 55.93
N ALA H 418 13.33 17.14 55.90
CA ALA H 418 14.56 17.31 55.16
C ALA H 418 15.73 16.83 56.02
N GLU H 419 16.89 16.67 55.37
CA GLU H 419 18.16 16.40 56.01
C GLU H 419 18.85 17.71 56.35
N GLY H 420 19.25 17.90 57.62
CA GLY H 420 20.08 19.04 57.97
C GLY H 420 19.80 19.54 59.39
N GLU H 421 20.36 20.71 59.71
CA GLU H 421 20.32 21.28 61.05
C GLU H 421 19.36 22.49 61.10
N CYS H 422 18.50 22.61 60.07
CA CYS H 422 17.63 23.77 59.95
C CYS H 422 16.49 23.52 58.95
N TYR H 423 15.37 24.21 59.16
CA TYR H 423 14.15 24.07 58.36
C TYR H 423 14.15 25.10 57.22
N ARG H 424 14.09 24.61 55.99
CA ARG H 424 14.15 25.57 54.90
C ARG H 424 12.75 26.13 54.66
N ALA H 425 12.58 27.39 55.08
CA ALA H 425 11.51 28.33 54.75
C ALA H 425 11.17 28.20 53.28
N CYS H 426 9.94 27.77 52.99
CA CYS H 426 9.41 27.64 51.65
C CYS H 426 8.06 28.34 51.59
N PHE H 427 7.65 28.74 50.36
CA PHE H 427 6.28 29.20 50.15
C PHE H 427 5.88 29.05 48.69
N TYR H 428 4.56 29.15 48.45
CA TYR H 428 3.92 29.02 47.15
C TYR H 428 3.12 30.29 46.92
N VAL H 429 2.81 30.64 45.67
CA VAL H 429 1.87 31.72 45.39
C VAL H 429 0.85 31.18 44.41
N GLU H 430 -0.43 31.58 44.59
CA GLU H 430 -1.52 31.27 43.68
C GLU H 430 -1.50 32.28 42.55
N LEU H 431 -1.44 31.78 41.31
CA LEU H 431 -1.62 32.74 40.24
C LEU H 431 -3.04 32.64 39.70
N ILE H 432 -3.87 33.65 40.02
CA ILE H 432 -5.27 33.63 39.60
C ILE H 432 -5.43 34.17 38.18
N ARG H 433 -5.89 33.31 37.28
CA ARG H 433 -6.42 33.79 36.01
C ARG H 433 -7.95 33.74 36.02
N GLY H 434 -8.52 34.34 34.97
CA GLY H 434 -9.96 34.40 34.80
C GLY H 434 -10.56 35.58 35.56
N ARG H 435 -11.55 35.30 36.40
CA ARG H 435 -12.44 36.35 36.91
C ARG H 435 -12.10 36.64 38.37
N PRO H 436 -12.36 37.86 38.82
CA PRO H 436 -13.13 38.87 38.12
C PRO H 436 -12.32 39.77 37.21
N LYS H 437 -10.99 39.77 37.36
CA LYS H 437 -10.20 40.76 36.64
C LYS H 437 -10.09 40.35 35.18
N GLU H 438 -10.07 39.05 34.89
CA GLU H 438 -10.03 38.65 33.48
C GLU H 438 -11.38 38.08 33.06
N ASP H 439 -12.25 38.97 32.58
CA ASP H 439 -13.65 38.63 32.48
C ASP H 439 -14.04 38.32 31.04
N LYS H 440 -13.08 38.09 30.15
CA LYS H 440 -13.43 37.84 28.77
C LYS H 440 -13.54 36.33 28.59
N VAL H 441 -13.15 35.59 29.64
CA VAL H 441 -13.52 34.20 29.81
C VAL H 441 -14.64 34.11 30.85
N TRP H 442 -15.09 32.90 31.19
CA TRP H 442 -16.19 32.79 32.13
C TRP H 442 -15.76 32.08 33.43
N TRP H 443 -14.55 31.51 33.44
CA TRP H 443 -14.10 30.71 34.58
C TRP H 443 -13.20 31.53 35.51
N THR H 444 -12.69 30.86 36.53
CA THR H 444 -11.60 31.33 37.37
C THR H 444 -10.76 30.11 37.77
N SER H 445 -9.65 29.92 37.03
CA SER H 445 -8.62 28.96 37.42
C SER H 445 -7.42 29.70 37.97
N ASN H 446 -6.42 28.95 38.46
CA ASN H 446 -5.14 29.43 38.94
C ASN H 446 -4.04 28.48 38.44
N SER H 447 -2.78 28.89 38.54
CA SER H 447 -1.64 27.99 38.55
C SER H 447 -0.76 28.35 39.75
N ILE H 448 0.30 27.57 40.01
CA ILE H 448 1.08 27.69 41.24
C ILE H 448 2.54 28.10 40.94
N VAL H 449 3.12 28.86 41.87
CA VAL H 449 4.57 29.02 41.88
C VAL H 449 5.03 28.78 43.33
N SER H 450 6.18 28.12 43.51
CA SER H 450 6.69 27.98 44.87
C SER H 450 8.20 27.97 44.93
N MET H 451 8.70 28.66 45.98
CA MET H 451 10.11 28.96 46.24
C MET H 451 10.44 28.46 47.65
N CYS H 452 11.73 28.24 47.92
CA CYS H 452 12.20 27.95 49.26
C CYS H 452 13.43 28.83 49.53
N SER H 453 13.76 29.07 50.81
CA SER H 453 14.86 29.96 51.17
C SER H 453 16.24 29.37 50.83
N SER H 454 17.20 30.25 50.52
CA SER H 454 18.59 29.91 50.26
C SER H 454 19.50 30.66 51.23
N THR H 455 20.69 30.10 51.47
CA THR H 455 21.69 30.73 52.31
C THR H 455 22.59 31.58 51.41
N GLU H 456 22.40 31.48 50.10
CA GLU H 456 23.18 32.26 49.17
C GLU H 456 22.36 33.46 48.72
N PHE H 457 23.04 34.48 48.18
CA PHE H 457 22.34 35.63 47.65
C PHE H 457 22.07 35.43 46.16
N LEU H 458 21.04 34.65 45.86
CA LEU H 458 20.81 34.26 44.47
C LEU H 458 20.12 35.38 43.70
N GLY H 459 20.52 35.56 42.43
CA GLY H 459 19.85 36.54 41.56
C GLY H 459 18.38 36.20 41.32
N GLN H 460 17.61 37.14 40.76
CA GLN H 460 16.16 37.01 40.76
C GLN H 460 15.58 36.88 39.35
N TRP H 461 14.37 36.32 39.28
CA TRP H 461 13.59 36.29 38.05
C TRP H 461 12.13 36.61 38.39
N ASP H 462 11.27 36.55 37.38
CA ASP H 462 9.84 36.70 37.63
C ASP H 462 9.10 35.42 37.23
N TRP H 463 8.03 35.12 37.99
CA TRP H 463 7.28 33.88 37.86
C TRP H 463 5.81 34.15 37.57
N PRO H 464 5.43 34.34 36.29
CA PRO H 464 4.03 34.54 35.90
C PRO H 464 3.31 33.21 35.67
N ASP H 465 1.98 33.25 35.55
CA ASP H 465 1.29 32.04 35.14
C ASP H 465 1.69 31.68 33.70
N GLY H 466 1.53 32.60 32.76
CA GLY H 466 1.91 32.30 31.38
C GLY H 466 0.73 31.99 30.45
N ALA H 467 -0.47 31.75 31.00
CA ALA H 467 -1.64 31.69 30.14
C ALA H 467 -1.78 32.99 29.34
N LYS H 468 -2.05 32.81 28.04
CA LYS H 468 -2.43 33.87 27.14
C LYS H 468 -3.95 33.78 27.03
N ILE H 469 -4.63 34.70 27.74
CA ILE H 469 -6.07 34.65 27.96
C ILE H 469 -6.75 34.51 26.60
N GLU H 470 -6.16 35.15 25.60
CA GLU H 470 -6.76 35.36 24.29
C GLU H 470 -7.11 33.99 23.69
N TYR H 471 -6.27 32.99 24.02
CA TYR H 471 -6.20 31.70 23.35
C TYR H 471 -7.44 30.86 23.65
N PHE H 472 -8.08 31.17 24.78
CA PHE H 472 -9.33 30.50 25.14
C PHE H 472 -10.46 30.94 24.22
N LEU H 473 -10.59 32.26 24.02
CA LEU H 473 -11.72 32.88 23.35
C LEU H 473 -12.05 32.20 22.01
#